data_9P4K
#
_entry.id   9P4K
#
_cell.length_a   1.00
_cell.length_b   1.00
_cell.length_c   1.00
_cell.angle_alpha   90.00
_cell.angle_beta   90.00
_cell.angle_gamma   90.00
#
_symmetry.space_group_name_H-M   'P 1'
#
loop_
_entity.id
_entity.type
_entity.pdbx_description
1 polymer 'Retron Eco8 OLD nuclease'
2 polymer 'Retron Eco8 reverse transcriptase'
3 polymer msdDNA
4 polymer msrRNA
#
loop_
_entity_poly.entity_id
_entity_poly.type
_entity_poly.pdbx_seq_one_letter_code
_entity_poly.pdbx_strand_id
1 'polypeptide(L)'
;MTIESIRVKNLLSFDDVILRDFRDINCIIGRNNVGKSNLLKVIRYFYAKLENKKVIPLDFHTNYNAVGEITFTFDTTRIK
KIVTSRKNNGRFHKHIYNTLFKSSSVKLNFEELIARKNSTNKSFFSLTLTICKDDSVMWSVDDPKVRSLLATLYPFLYIE
TRHIDLYDWNPIWKLISNLNSFNFDDVDHDELVNFLDEKISSRKGDYKKYIDRVVSVIDTKPYTYKEKVINYIKVAIKGD
SFVNAGEELFTQSDGTNSNKFLETLLHLLITLTRTEFISPIVYIDEPEVGLHPKLAESFVSNLNKIYSKFKKTSELSGPG
RYKTPYPNIFYSTHSPSILKQTIKLFGKDQQVLHFSKKKDGSTRVNKINSTYSDERFLNIFSDNEARLFFSEYIVFVEGA
TELELFRNLSLLNLYPAFSLADIYDANEVILANINPGYSKASIPFVIIKDIDTLIDYSIKTEKFSLRPLFEKMIKELTKE
FDYYDTGFGRVRKEIDLFSDIQSSTKKHMDSGLFFKRFSLHNLSSRINKVSRKLNRYFMTTTIEGALINEQSLPYFFNWI
GDVILTQMTINNPNPDKFIEAMRRRYNIKSQVVPLFKSVFCIGLNHPVYSSAVDKQALRIKLSFLNYLKRKVYSDFNNEK
EIVLALRLAFGGKTETQYTLDKLRKDGEAELFREKIKNYKNNELFFLEPQMTKTSGWVTTFLNYTIEKITSEESDDDRIR
QKLSFIFPEIISIIEQASSSIEAEESSLTG
;
A,B,C,D
2 'polypeptide(L)'
;KTKKMILVDKVFYEKILSVESFKENIITQSAIPKISNKEVRLISSGSKIFYAINNTSPHSHVQLRLNRFFLSHIPLNSAA
KAFVRGGSYLKYLEPHIYGSSYCRLDISSFFNNISFDDVKQSLSPYIKDEYLIGTEQKLIDAILNSVGYESPIRKDKGMI
IPMGFRTSPAISNIVFRKMDLLIQDFCAKKGVIYSRYADDMLFSNPRESKLLMSDYFIDEISSLLSIMGFNINQSKYISR
EKEISINGYVIENKGGNGSIGTIRLSKSKLNTVLKVTHALAQNIPYKNICNKYIKVRLKEKNIKYESKKDEFEKKYYRDQ
LINYLGGYRSYLISLVKFHSEYKCVNSDFIIQINGILNDIQNHIQKIKKNRRLLEHHHHHH
;
E,F,G,H
3 'polydeoxyribonucleotide'
;(DC)(DA)(DA)(DG)(DA)(DC)(DC)(DA)(DA)(DT)(DC)(DT)(DT)(DT)(DA)(DC)(DA)(DC)(DT)(DC)
(DT)(DG)(DT)(DG)(DA)(DG)(DT)(DA)(DT)(DT)(DA)(DA)(DA)(DG)(DT)(DT)(DA)(DC)(DC)(DT)
(DA)(DT)(DA)(DG)(DC)(DG)(DC)(DC)(DA)(DA)(DG)(DT)(DG)(DC)(DG)(DC)(DA)(DA)(DA)(DG)
(DG)(DA)(DT)(DG)(DA)(DG)(DC)(DT)(DA)(DG)(DT)(DT)(DT)(DT)(DT)
;
O,P,M,N
4 'polyribonucleotide'
;AAGCUUCUUCUUCGAUAGAAGCUGAGGAGUCCAGUUUGACUGGAUAAGGUGUUCGCCAUCUCUAGCCUCAGUAAAAACUA
G
;
I,J,K,L
#
loop_
_chem_comp.id
_chem_comp.type
_chem_comp.name
_chem_comp.formula
A RNA linking ADENOSINE-5'-MONOPHOSPHATE 'C10 H14 N5 O7 P'
C RNA linking CYTIDINE-5'-MONOPHOSPHATE 'C9 H14 N3 O8 P'
DA DNA linking 2'-DEOXYADENOSINE-5'-MONOPHOSPHATE 'C10 H14 N5 O6 P'
DC DNA linking 2'-DEOXYCYTIDINE-5'-MONOPHOSPHATE 'C9 H14 N3 O7 P'
DG DNA linking 2'-DEOXYGUANOSINE-5'-MONOPHOSPHATE 'C10 H14 N5 O7 P'
DT DNA linking THYMIDINE-5'-MONOPHOSPHATE 'C10 H15 N2 O8 P'
G RNA linking GUANOSINE-5'-MONOPHOSPHATE 'C10 H14 N5 O8 P'
U RNA linking URIDINE-5'-MONOPHOSPHATE 'C9 H13 N2 O9 P'
#
# COMPACT_ATOMS: atom_id res chain seq x y z
N THR A 2 -13.63 -36.29 5.96
CA THR A 2 -13.83 -34.88 5.64
C THR A 2 -14.04 -34.69 4.14
N ILE A 3 -12.98 -34.86 3.37
CA ILE A 3 -13.00 -34.71 1.92
C ILE A 3 -12.29 -35.90 1.30
N GLU A 4 -12.81 -36.38 0.17
CA GLU A 4 -12.26 -37.55 -0.51
C GLU A 4 -11.63 -37.21 -1.85
N SER A 5 -12.36 -36.54 -2.75
CA SER A 5 -11.89 -36.31 -4.09
C SER A 5 -12.10 -34.86 -4.50
N ILE A 6 -11.16 -34.34 -5.28
CA ILE A 6 -11.28 -33.03 -5.93
C ILE A 6 -10.97 -33.21 -7.40
N ARG A 7 -11.96 -32.93 -8.26
CA ARG A 7 -11.82 -33.13 -9.70
C ARG A 7 -11.99 -31.80 -10.41
N VAL A 8 -11.01 -31.46 -11.25
CA VAL A 8 -11.03 -30.24 -12.04
C VAL A 8 -10.93 -30.63 -13.51
N LYS A 9 -11.89 -30.17 -14.31
CA LYS A 9 -11.93 -30.44 -15.73
C LYS A 9 -12.04 -29.14 -16.50
N ASN A 10 -11.10 -28.91 -17.43
CA ASN A 10 -11.13 -27.77 -18.35
C ASN A 10 -11.17 -26.44 -17.61
N LEU A 11 -10.24 -26.26 -16.67
CA LEU A 11 -10.10 -25.01 -15.94
C LEU A 11 -8.63 -24.78 -15.63
N LEU A 12 -8.15 -23.57 -15.93
CA LEU A 12 -6.77 -23.16 -15.68
C LEU A 12 -5.84 -24.13 -16.40
N SER A 13 -4.92 -24.80 -15.71
CA SER A 13 -4.00 -25.73 -16.33
C SER A 13 -4.41 -27.18 -16.13
N PHE A 14 -5.63 -27.43 -15.63
CA PHE A 14 -6.11 -28.78 -15.36
C PHE A 14 -7.02 -29.22 -16.49
N ASP A 15 -6.77 -30.39 -17.06
CA ASP A 15 -7.59 -30.95 -18.11
C ASP A 15 -8.62 -31.94 -17.57
N ASP A 16 -8.16 -33.01 -16.93
CA ASP A 16 -9.04 -34.00 -16.30
C ASP A 16 -8.44 -34.43 -14.97
N VAL A 17 -7.97 -33.46 -14.18
CA VAL A 17 -7.17 -33.77 -13.00
C VAL A 17 -8.07 -34.21 -11.85
N ILE A 18 -7.67 -35.27 -11.16
CA ILE A 18 -8.41 -35.79 -10.02
C ILE A 18 -7.43 -36.05 -8.89
N LEU A 19 -7.77 -35.59 -7.69
CA LEU A 19 -6.98 -35.79 -6.48
C LEU A 19 -7.82 -36.59 -5.49
N ARG A 20 -7.22 -37.63 -4.92
CA ARG A 20 -7.93 -38.55 -4.05
C ARG A 20 -6.97 -39.02 -2.95
N ASP A 21 -7.52 -39.78 -2.00
CA ASP A 21 -6.75 -40.40 -0.92
C ASP A 21 -6.01 -39.35 -0.09
N PHE A 22 -6.78 -38.50 0.58
CA PHE A 22 -6.24 -37.44 1.40
C PHE A 22 -6.00 -37.94 2.82
N ARG A 23 -4.80 -37.69 3.34
CA ARG A 23 -4.42 -38.07 4.69
C ARG A 23 -4.58 -36.88 5.62
N ASP A 24 -4.15 -37.06 6.88
CA ASP A 24 -4.21 -35.95 7.83
C ASP A 24 -3.25 -34.83 7.42
N ILE A 25 -2.05 -35.18 6.97
CA ILE A 25 -1.06 -34.22 6.50
C ILE A 25 -0.75 -34.53 5.04
N ASN A 26 -0.86 -33.51 4.19
CA ASN A 26 -0.59 -33.65 2.76
C ASN A 26 0.48 -32.64 2.36
N CYS A 27 1.55 -33.13 1.76
CA CYS A 27 2.68 -32.29 1.35
C CYS A 27 2.65 -32.16 -0.17
N ILE A 28 2.59 -30.93 -0.65
CA ILE A 28 2.55 -30.64 -2.09
C ILE A 28 3.91 -30.12 -2.51
N ILE A 29 4.59 -30.88 -3.36
CA ILE A 29 5.90 -30.51 -3.89
C ILE A 29 5.87 -30.64 -5.40
N GLY A 30 6.82 -29.98 -6.04
CA GLY A 30 6.95 -30.04 -7.48
C GLY A 30 7.57 -28.76 -8.01
N ARG A 31 8.12 -28.87 -9.22
CA ARG A 31 8.74 -27.73 -9.88
C ARG A 31 7.74 -26.84 -10.60
N ASN A 32 6.48 -27.26 -10.68
CA ASN A 32 5.42 -26.50 -11.36
C ASN A 32 4.63 -25.75 -10.29
N ASN A 33 5.07 -24.53 -9.98
CA ASN A 33 4.36 -23.71 -9.01
C ASN A 33 3.03 -23.21 -9.56
N VAL A 34 2.94 -23.07 -10.88
CA VAL A 34 1.68 -22.62 -11.50
C VAL A 34 0.57 -23.62 -11.23
N GLY A 35 0.89 -24.92 -11.24
CA GLY A 35 -0.12 -25.92 -10.93
C GLY A 35 -0.67 -25.80 -9.52
N LYS A 36 0.22 -25.61 -8.54
CA LYS A 36 -0.21 -25.44 -7.16
C LYS A 36 -1.04 -24.18 -7.01
N SER A 37 -0.61 -23.08 -7.63
CA SER A 37 -1.38 -21.84 -7.56
C SER A 37 -2.76 -22.01 -8.18
N ASN A 38 -2.83 -22.72 -9.31
CA ASN A 38 -4.12 -22.95 -9.97
C ASN A 38 -5.03 -23.83 -9.12
N LEU A 39 -4.47 -24.84 -8.46
CA LEU A 39 -5.28 -25.67 -7.57
C LEU A 39 -5.82 -24.85 -6.41
N LEU A 40 -4.98 -23.98 -5.83
CA LEU A 40 -5.44 -23.11 -4.76
C LEU A 40 -6.54 -22.17 -5.25
N LYS A 41 -6.38 -21.62 -6.46
CA LYS A 41 -7.40 -20.75 -7.02
C LYS A 41 -8.70 -21.50 -7.23
N VAL A 42 -8.63 -22.74 -7.70
CA VAL A 42 -9.83 -23.54 -7.91
C VAL A 42 -10.56 -23.78 -6.59
N ILE A 43 -9.81 -24.16 -5.55
CA ILE A 43 -10.42 -24.42 -4.25
C ILE A 43 -11.06 -23.16 -3.70
N ARG A 44 -10.35 -22.03 -3.79
CA ARG A 44 -10.88 -20.77 -3.25
C ARG A 44 -12.11 -20.32 -4.03
N TYR A 45 -12.10 -20.49 -5.35
CA TYR A 45 -13.28 -20.13 -6.16
C TYR A 45 -14.47 -21.00 -5.82
N PHE A 46 -14.25 -22.31 -5.64
CA PHE A 46 -15.33 -23.19 -5.26
C PHE A 46 -15.93 -22.81 -3.91
N TYR A 47 -15.07 -22.52 -2.93
CA TYR A 47 -15.57 -22.17 -1.61
C TYR A 47 -16.18 -20.77 -1.57
N ALA A 48 -15.77 -19.88 -2.47
CA ALA A 48 -16.42 -18.57 -2.55
C ALA A 48 -17.79 -18.68 -3.21
N LYS A 49 -17.92 -19.53 -4.22
CA LYS A 49 -19.22 -19.77 -4.83
C LYS A 49 -20.15 -20.52 -3.89
N LEU A 50 -19.60 -21.33 -2.98
CA LEU A 50 -20.42 -21.97 -1.97
C LEU A 50 -21.11 -20.94 -1.07
N GLU A 51 -20.38 -19.89 -0.68
CA GLU A 51 -20.90 -18.86 0.21
C GLU A 51 -21.58 -17.72 -0.54
N ASN A 52 -21.77 -17.87 -1.85
CA ASN A 52 -22.45 -16.87 -2.68
C ASN A 52 -21.71 -15.52 -2.63
N LYS A 53 -20.48 -15.53 -3.12
CA LYS A 53 -19.68 -14.33 -3.29
C LYS A 53 -19.50 -14.08 -4.78
N LYS A 54 -19.76 -12.84 -5.20
CA LYS A 54 -19.63 -12.47 -6.61
C LYS A 54 -18.16 -12.35 -6.95
N VAL A 55 -17.63 -13.33 -7.67
CA VAL A 55 -16.23 -13.37 -8.05
C VAL A 55 -16.12 -13.67 -9.55
N ILE A 56 -15.00 -13.29 -10.12
CA ILE A 56 -14.77 -13.50 -11.56
C ILE A 56 -14.61 -15.00 -11.82
N PRO A 57 -15.30 -15.57 -12.80
CA PRO A 57 -15.15 -17.00 -13.07
C PRO A 57 -13.77 -17.34 -13.61
N LEU A 58 -13.36 -18.58 -13.36
CA LEU A 58 -12.04 -19.05 -13.78
C LEU A 58 -11.99 -19.25 -15.29
N ASP A 59 -10.77 -19.17 -15.83
CA ASP A 59 -10.56 -19.33 -17.27
C ASP A 59 -10.51 -20.79 -17.64
N PHE A 60 -10.98 -21.09 -18.86
CA PHE A 60 -10.97 -22.46 -19.36
C PHE A 60 -9.58 -22.86 -19.83
N HIS A 61 -9.29 -24.15 -19.74
CA HIS A 61 -8.03 -24.67 -20.26
C HIS A 61 -7.96 -24.53 -21.77
N THR A 62 -9.05 -24.87 -22.47
CA THR A 62 -9.15 -24.66 -23.91
C THR A 62 -10.54 -24.15 -24.24
N ASN A 63 -10.60 -23.22 -25.19
CA ASN A 63 -11.88 -22.62 -25.57
C ASN A 63 -12.73 -23.52 -26.44
N TYR A 64 -12.20 -24.66 -26.89
CA TYR A 64 -12.98 -25.64 -27.62
C TYR A 64 -13.82 -26.52 -26.71
N ASN A 65 -13.98 -26.12 -25.45
CA ASN A 65 -14.86 -26.80 -24.50
C ASN A 65 -15.77 -25.76 -23.86
N ALA A 66 -17.07 -26.05 -23.81
CA ALA A 66 -18.06 -25.10 -23.33
C ALA A 66 -18.35 -25.25 -21.85
N VAL A 67 -17.75 -26.22 -21.17
CA VAL A 67 -18.05 -26.53 -19.78
C VAL A 67 -16.75 -26.67 -19.00
N GLY A 68 -16.72 -26.09 -17.79
CA GLY A 68 -15.64 -26.32 -16.85
C GLY A 68 -16.18 -26.83 -15.52
N GLU A 69 -15.73 -28.00 -15.08
CA GLU A 69 -16.29 -28.66 -13.92
C GLU A 69 -15.32 -28.63 -12.74
N ILE A 70 -15.86 -28.40 -11.55
CA ILE A 70 -15.14 -28.60 -10.30
C ILE A 70 -15.99 -29.52 -9.42
N THR A 71 -15.47 -30.71 -9.13
CA THR A 71 -16.21 -31.71 -8.39
C THR A 71 -15.58 -31.93 -7.03
N PHE A 72 -16.38 -31.81 -5.97
CA PHE A 72 -15.93 -32.03 -4.60
C PHE A 72 -16.75 -33.15 -3.98
N THR A 73 -16.05 -34.13 -3.43
CA THR A 73 -16.69 -35.24 -2.71
C THR A 73 -16.35 -35.12 -1.24
N PHE A 74 -17.37 -35.10 -0.39
CA PHE A 74 -17.21 -34.98 1.06
C PHE A 74 -17.60 -36.28 1.72
N ASP A 75 -16.77 -36.74 2.64
CA ASP A 75 -17.02 -37.99 3.37
C ASP A 75 -17.99 -37.68 4.51
N THR A 76 -19.28 -37.75 4.20
CA THR A 76 -20.32 -37.45 5.18
C THR A 76 -20.76 -38.74 5.88
N THR A 77 -19.83 -39.29 6.64
CA THR A 77 -20.08 -40.51 7.41
C THR A 77 -20.16 -40.24 8.91
N ARG A 78 -19.22 -39.48 9.46
CA ARG A 78 -19.26 -39.15 10.88
C ARG A 78 -20.45 -38.27 11.20
N ILE A 79 -20.68 -37.23 10.39
CA ILE A 79 -21.80 -36.32 10.64
C ILE A 79 -23.13 -37.05 10.46
N LYS A 80 -23.19 -37.98 9.50
CA LYS A 80 -24.40 -38.78 9.33
C LYS A 80 -24.68 -39.63 10.56
N LYS A 81 -23.64 -40.23 11.14
CA LYS A 81 -23.82 -41.00 12.37
C LYS A 81 -24.24 -40.11 13.53
N ILE A 82 -23.68 -38.90 13.60
CA ILE A 82 -24.04 -37.98 14.67
C ILE A 82 -25.51 -37.59 14.57
N VAL A 83 -25.97 -37.23 13.37
CA VAL A 83 -27.34 -36.76 13.22
C VAL A 83 -28.36 -37.90 13.22
N THR A 84 -27.94 -39.13 12.88
CA THR A 84 -28.86 -40.25 12.86
C THR A 84 -29.18 -40.74 14.26
N SER A 85 -28.25 -40.58 15.21
CA SER A 85 -28.43 -41.12 16.55
C SER A 85 -29.66 -40.52 17.22
N ARG A 86 -30.38 -41.37 17.97
CA ARG A 86 -31.61 -40.94 18.62
C ARG A 86 -31.35 -39.90 19.70
N LYS A 87 -30.18 -39.95 20.35
CA LYS A 87 -29.90 -39.03 21.44
C LYS A 87 -29.84 -37.59 20.97
N ASN A 88 -29.23 -37.34 19.80
CA ASN A 88 -29.09 -35.98 19.28
C ASN A 88 -30.37 -35.61 18.55
N ASN A 89 -31.11 -34.64 19.10
CA ASN A 89 -32.35 -34.18 18.49
C ASN A 89 -32.45 -32.66 18.51
N GLY A 90 -31.32 -31.97 18.41
CA GLY A 90 -31.31 -30.52 18.40
C GLY A 90 -31.75 -29.94 17.07
N ARG A 91 -31.87 -28.61 17.05
CA ARG A 91 -32.30 -27.92 15.84
C ARG A 91 -31.28 -28.09 14.72
N PHE A 92 -30.00 -27.93 15.03
CA PHE A 92 -28.97 -28.02 14.01
C PHE A 92 -28.83 -29.45 13.46
N HIS A 93 -28.95 -30.44 14.35
CA HIS A 93 -28.89 -31.84 13.90
C HIS A 93 -30.04 -32.17 12.97
N LYS A 94 -31.25 -31.73 13.33
CA LYS A 94 -32.41 -31.96 12.46
C LYS A 94 -32.25 -31.23 11.13
N HIS A 95 -31.71 -30.01 11.16
CA HIS A 95 -31.48 -29.28 9.92
C HIS A 95 -30.50 -30.03 9.02
N ILE A 96 -29.40 -30.52 9.60
CA ILE A 96 -28.41 -31.26 8.82
C ILE A 96 -29.02 -32.53 8.24
N TYR A 97 -29.82 -33.24 9.04
CA TYR A 97 -30.46 -34.46 8.54
C TYR A 97 -31.43 -34.15 7.41
N ASN A 98 -32.18 -33.05 7.54
CA ASN A 98 -33.19 -32.74 6.54
C ASN A 98 -32.56 -32.28 5.22
N THR A 99 -31.49 -31.50 5.29
CA THR A 99 -30.94 -30.92 4.07
C THR A 99 -29.94 -31.83 3.35
N LEU A 100 -29.36 -32.83 4.02
CA LEU A 100 -28.44 -33.77 3.36
C LEU A 100 -28.93 -35.21 3.38
N PHE A 101 -29.33 -35.73 4.54
CA PHE A 101 -29.61 -37.15 4.69
C PHE A 101 -31.11 -37.44 4.77
N LYS A 102 -31.90 -36.67 4.03
CA LYS A 102 -33.34 -36.90 3.94
C LYS A 102 -33.79 -37.23 2.52
N SER A 103 -33.21 -36.57 1.52
CA SER A 103 -33.56 -36.88 0.14
C SER A 103 -33.12 -38.30 -0.25
N SER A 104 -31.95 -38.72 0.22
CA SER A 104 -31.44 -40.05 -0.07
C SER A 104 -32.07 -41.13 0.79
N SER A 105 -32.82 -40.76 1.83
CA SER A 105 -33.44 -41.75 2.72
C SER A 105 -34.86 -42.09 2.29
N VAL A 106 -35.59 -41.15 1.71
CA VAL A 106 -36.95 -41.42 1.27
C VAL A 106 -36.98 -42.37 0.08
N LYS A 107 -35.89 -42.47 -0.67
CA LYS A 107 -35.79 -43.37 -1.82
C LYS A 107 -35.37 -44.77 -1.42
N LEU A 108 -35.06 -45.01 -0.15
CA LEU A 108 -34.63 -46.31 0.33
C LEU A 108 -35.65 -46.86 1.32
N ASN A 109 -35.95 -48.14 1.19
CA ASN A 109 -36.90 -48.78 2.09
C ASN A 109 -36.32 -48.88 3.50
N PHE A 110 -37.17 -48.59 4.50
CA PHE A 110 -36.71 -48.61 5.89
C PHE A 110 -36.53 -50.02 6.42
N GLU A 111 -37.28 -50.99 5.89
CA GLU A 111 -37.21 -52.34 6.44
C GLU A 111 -35.91 -53.04 6.08
N GLU A 112 -35.42 -52.85 4.86
CA GLU A 112 -34.24 -53.56 4.39
C GLU A 112 -33.07 -52.66 4.07
N LEU A 113 -33.27 -51.65 3.23
CA LEU A 113 -32.14 -50.83 2.76
C LEU A 113 -31.54 -50.01 3.89
N ILE A 114 -32.39 -49.36 4.70
CA ILE A 114 -31.89 -48.55 5.81
C ILE A 114 -31.19 -49.43 6.85
N ALA A 115 -31.73 -50.62 7.10
CA ALA A 115 -31.08 -51.55 8.02
C ALA A 115 -29.72 -52.00 7.50
N ARG A 116 -29.62 -52.26 6.19
CA ARG A 116 -28.35 -52.70 5.63
C ARG A 116 -27.32 -51.59 5.62
N LYS A 117 -27.73 -50.35 5.37
CA LYS A 117 -26.77 -49.25 5.30
C LYS A 117 -26.19 -48.90 6.66
N ASN A 118 -26.78 -49.39 7.76
CA ASN A 118 -26.27 -49.13 9.10
C ASN A 118 -25.16 -50.13 9.40
N SER A 119 -24.00 -49.88 8.80
CA SER A 119 -22.85 -50.77 8.94
C SER A 119 -21.59 -49.92 8.85
N THR A 120 -20.45 -50.58 8.63
CA THR A 120 -19.17 -49.89 8.53
C THR A 120 -18.97 -49.17 7.19
N ASN A 121 -19.90 -49.32 6.26
CA ASN A 121 -19.77 -48.67 4.96
C ASN A 121 -19.85 -47.15 5.11
N LYS A 122 -19.20 -46.46 4.18
CA LYS A 122 -19.10 -45.00 4.22
C LYS A 122 -20.04 -44.36 3.21
N SER A 123 -20.48 -43.16 3.51
CA SER A 123 -21.37 -42.37 2.66
C SER A 123 -20.64 -41.13 2.16
N PHE A 124 -20.86 -40.78 0.91
CA PHE A 124 -20.21 -39.64 0.29
C PHE A 124 -21.24 -38.70 -0.32
N PHE A 125 -20.89 -37.42 -0.37
CA PHE A 125 -21.74 -36.39 -0.96
C PHE A 125 -20.95 -35.69 -2.06
N SER A 126 -21.49 -35.69 -3.27
CA SER A 126 -20.81 -35.14 -4.43
C SER A 126 -21.49 -33.84 -4.85
N LEU A 127 -20.68 -32.79 -5.06
CA LEU A 127 -21.18 -31.50 -5.48
C LEU A 127 -20.33 -30.99 -6.63
N THR A 128 -20.99 -30.58 -7.72
CA THR A 128 -20.31 -30.17 -8.94
C THR A 128 -20.66 -28.72 -9.26
N LEU A 129 -19.63 -27.94 -9.58
CA LEU A 129 -19.78 -26.56 -10.01
C LEU A 129 -19.43 -26.50 -11.50
N THR A 130 -20.34 -25.94 -12.29
CA THR A 130 -20.19 -25.86 -13.74
C THR A 130 -20.07 -24.40 -14.16
N ILE A 131 -19.00 -24.08 -14.88
CA ILE A 131 -18.80 -22.77 -15.47
C ILE A 131 -19.03 -22.88 -16.97
N CYS A 132 -19.93 -22.04 -17.49
CA CYS A 132 -20.29 -22.03 -18.89
C CYS A 132 -19.55 -20.93 -19.63
N LYS A 133 -19.77 -20.84 -20.94
CA LYS A 133 -19.09 -19.84 -21.75
C LYS A 133 -19.56 -18.43 -21.44
N ASP A 134 -20.80 -18.27 -20.97
CA ASP A 134 -21.36 -16.97 -20.66
C ASP A 134 -21.17 -16.56 -19.21
N ASP A 135 -20.12 -17.05 -18.56
CA ASP A 135 -19.81 -16.71 -17.16
C ASP A 135 -20.97 -17.03 -16.23
N SER A 136 -21.61 -18.17 -16.46
CA SER A 136 -22.74 -18.62 -15.66
C SER A 136 -22.32 -19.83 -14.83
N VAL A 137 -22.83 -19.91 -13.61
CA VAL A 137 -22.48 -20.95 -12.65
C VAL A 137 -23.70 -21.83 -12.43
N MET A 138 -23.52 -23.14 -12.62
CA MET A 138 -24.55 -24.13 -12.39
C MET A 138 -24.13 -25.07 -11.29
N TRP A 139 -25.10 -25.55 -10.52
CA TRP A 139 -24.85 -26.47 -9.41
C TRP A 139 -25.65 -27.74 -9.58
N SER A 140 -25.10 -28.84 -9.08
CA SER A 140 -25.82 -30.11 -9.11
C SER A 140 -27.07 -30.06 -8.23
N VAL A 141 -26.97 -29.41 -7.07
CA VAL A 141 -28.11 -29.25 -6.17
C VAL A 141 -28.71 -27.87 -6.40
N ASP A 142 -30.03 -27.82 -6.60
CA ASP A 142 -30.72 -26.56 -6.88
C ASP A 142 -31.34 -25.99 -5.61
N ASP A 143 -30.50 -25.78 -4.60
CA ASP A 143 -30.94 -25.12 -3.37
C ASP A 143 -29.73 -24.61 -2.59
N PRO A 144 -29.71 -23.32 -2.23
CA PRO A 144 -28.55 -22.77 -1.53
C PRO A 144 -28.30 -23.36 -0.14
N LYS A 145 -29.29 -24.02 0.48
CA LYS A 145 -29.12 -24.49 1.85
C LYS A 145 -28.04 -25.56 1.95
N VAL A 146 -28.00 -26.50 1.01
CA VAL A 146 -26.97 -27.53 1.04
C VAL A 146 -25.58 -26.91 0.89
N ARG A 147 -25.43 -26.00 -0.07
CA ARG A 147 -24.13 -25.37 -0.29
C ARG A 147 -23.70 -24.57 0.93
N SER A 148 -24.61 -23.82 1.54
CA SER A 148 -24.26 -23.03 2.72
C SER A 148 -23.87 -23.93 3.89
N LEU A 149 -24.62 -25.01 4.10
CA LEU A 149 -24.28 -25.91 5.21
C LEU A 149 -22.95 -26.60 4.98
N LEU A 150 -22.68 -27.01 3.73
CA LEU A 150 -21.38 -27.61 3.44
C LEU A 150 -20.25 -26.60 3.65
N ALA A 151 -20.47 -25.35 3.27
CA ALA A 151 -19.45 -24.32 3.48
C ALA A 151 -19.20 -24.08 4.96
N THR A 152 -20.25 -24.06 5.77
CA THR A 152 -20.11 -23.81 7.20
C THR A 152 -19.80 -25.07 8.00
N LEU A 153 -19.74 -26.23 7.34
CA LEU A 153 -19.47 -27.49 8.01
C LEU A 153 -18.11 -28.07 7.68
N TYR A 154 -17.61 -27.83 6.46
CA TYR A 154 -16.27 -28.24 6.04
C TYR A 154 -15.54 -27.01 5.51
N PRO A 155 -15.20 -26.07 6.38
CA PRO A 155 -14.64 -24.79 5.92
C PRO A 155 -13.22 -24.95 5.39
N PHE A 156 -12.83 -23.99 4.57
CA PHE A 156 -11.49 -23.95 3.98
C PHE A 156 -10.78 -22.72 4.51
N LEU A 157 -9.60 -22.93 5.11
CA LEU A 157 -8.77 -21.85 5.62
C LEU A 157 -7.43 -21.86 4.90
N TYR A 158 -7.06 -20.71 4.34
CA TYR A 158 -5.82 -20.56 3.58
C TYR A 158 -4.88 -19.62 4.33
N ILE A 159 -3.65 -20.07 4.57
CA ILE A 159 -2.64 -19.28 5.25
C ILE A 159 -1.44 -19.15 4.33
N GLU A 160 -1.04 -17.91 4.05
CA GLU A 160 0.14 -17.61 3.26
C GLU A 160 1.17 -16.97 4.19
N THR A 161 2.34 -17.59 4.30
CA THR A 161 3.36 -17.13 5.23
C THR A 161 4.26 -16.06 4.62
N ARG A 162 4.49 -16.11 3.30
CA ARG A 162 5.33 -15.11 2.66
C ARG A 162 4.74 -13.72 2.79
N HIS A 163 3.43 -13.59 2.61
CA HIS A 163 2.71 -12.32 2.76
C HIS A 163 1.76 -12.47 3.94
N ILE A 164 2.27 -12.23 5.14
CA ILE A 164 1.49 -12.34 6.36
C ILE A 164 1.71 -11.08 7.19
N ASP A 165 0.71 -10.73 7.98
CA ASP A 165 0.75 -9.55 8.84
C ASP A 165 0.80 -10.01 10.29
N LEU A 166 1.84 -9.57 11.01
CA LEU A 166 1.97 -9.94 12.42
C LEU A 166 0.98 -9.20 13.31
N TYR A 167 0.59 -7.99 12.92
CA TYR A 167 -0.35 -7.20 13.69
C TYR A 167 -1.81 -7.51 13.36
N ASP A 168 -2.07 -8.39 12.40
CA ASP A 168 -3.43 -8.75 12.01
C ASP A 168 -3.74 -10.13 12.54
N TRP A 169 -4.86 -10.25 13.27
CA TRP A 169 -5.29 -11.51 13.86
C TRP A 169 -6.67 -11.93 13.34
N ASN A 170 -7.08 -11.43 12.17
CA ASN A 170 -8.42 -11.69 11.67
C ASN A 170 -8.71 -13.18 11.46
N PRO A 171 -7.83 -13.98 10.83
CA PRO A 171 -8.14 -15.42 10.74
C PRO A 171 -8.29 -16.09 12.09
N ILE A 172 -7.47 -15.71 13.08
CA ILE A 172 -7.55 -16.34 14.39
C ILE A 172 -8.88 -16.04 15.05
N TRP A 173 -9.30 -14.76 15.03
CA TRP A 173 -10.57 -14.40 15.65
C TRP A 173 -11.75 -15.01 14.91
N LYS A 174 -11.69 -15.05 13.58
CA LYS A 174 -12.76 -15.69 12.82
C LYS A 174 -12.88 -17.17 13.17
N LEU A 175 -11.74 -17.86 13.25
CA LEU A 175 -11.76 -19.28 13.59
C LEU A 175 -12.27 -19.51 15.01
N ILE A 176 -11.85 -18.66 15.95
CA ILE A 176 -12.31 -18.80 17.33
C ILE A 176 -13.82 -18.59 17.40
N SER A 177 -14.33 -17.57 16.71
CA SER A 177 -15.77 -17.32 16.73
C SER A 177 -16.54 -18.47 16.08
N ASN A 178 -16.01 -19.03 14.99
CA ASN A 178 -16.68 -20.13 14.32
C ASN A 178 -16.49 -21.47 15.03
N LEU A 179 -15.63 -21.54 16.04
CA LEU A 179 -15.41 -22.76 16.80
C LEU A 179 -15.79 -22.60 18.27
N ASN A 180 -16.93 -21.98 18.52
CA ASN A 180 -17.45 -21.81 19.87
C ASN A 180 -18.80 -22.49 19.99
N SER A 181 -19.00 -23.21 21.11
CA SER A 181 -20.25 -23.88 21.41
C SER A 181 -21.00 -23.20 22.54
N PHE A 182 -20.78 -21.89 22.70
CA PHE A 182 -21.38 -21.11 23.78
C PHE A 182 -22.38 -20.11 23.20
N ASN A 183 -23.53 -19.99 23.85
CA ASN A 183 -24.57 -19.06 23.43
C ASN A 183 -24.34 -17.73 24.14
N PHE A 184 -23.88 -16.73 23.39
CA PHE A 184 -23.57 -15.41 23.93
C PHE A 184 -24.78 -14.50 23.97
N ASP A 185 -25.94 -14.93 23.46
CA ASP A 185 -27.14 -14.12 23.51
C ASP A 185 -27.74 -14.03 24.91
N ASP A 186 -27.31 -14.87 25.84
CA ASP A 186 -27.82 -14.83 27.21
C ASP A 186 -27.13 -13.80 28.08
N VAL A 187 -26.06 -13.17 27.58
CA VAL A 187 -25.34 -12.16 28.35
C VAL A 187 -26.09 -10.83 28.24
N ASP A 188 -26.40 -10.24 29.40
CA ASP A 188 -27.11 -8.96 29.45
C ASP A 188 -26.09 -7.83 29.47
N HIS A 189 -26.17 -6.94 28.48
CA HIS A 189 -25.24 -5.83 28.39
C HIS A 189 -25.41 -4.87 29.58
N ASP A 190 -26.67 -4.60 29.95
CA ASP A 190 -26.92 -3.67 31.06
C ASP A 190 -26.35 -4.21 32.37
N GLU A 191 -26.51 -5.51 32.62
CA GLU A 191 -25.97 -6.08 33.85
C GLU A 191 -24.45 -6.01 33.87
N LEU A 192 -23.80 -6.27 32.74
CA LEU A 192 -22.35 -6.16 32.68
C LEU A 192 -21.88 -4.72 32.91
N VAL A 193 -22.59 -3.75 32.33
CA VAL A 193 -22.24 -2.36 32.53
C VAL A 193 -22.41 -1.96 33.99
N ASN A 194 -23.50 -2.43 34.62
CA ASN A 194 -23.71 -2.14 36.04
C ASN A 194 -22.62 -2.77 36.90
N PHE A 195 -22.23 -4.01 36.58
CA PHE A 195 -21.16 -4.66 37.32
C PHE A 195 -19.84 -3.91 37.19
N LEU A 196 -19.53 -3.44 35.98
CA LEU A 196 -18.32 -2.64 35.79
C LEU A 196 -18.40 -1.33 36.56
N ASP A 197 -19.56 -0.68 36.53
CA ASP A 197 -19.72 0.60 37.23
C ASP A 197 -19.58 0.44 38.73
N GLU A 198 -20.11 -0.67 39.29
CA GLU A 198 -20.02 -0.88 40.72
C GLU A 198 -18.57 -1.07 41.18
N LYS A 199 -17.71 -1.59 40.32
CA LYS A 199 -16.35 -1.96 40.69
C LYS A 199 -15.31 -1.16 39.90
N ILE A 200 -15.60 0.11 39.60
CA ILE A 200 -14.66 0.97 38.90
C ILE A 200 -14.26 2.18 39.74
N SER A 201 -15.22 2.78 40.44
CA SER A 201 -14.96 3.97 41.25
C SER A 201 -16.15 4.19 42.16
N SER A 202 -16.07 5.23 42.99
CA SER A 202 -17.17 5.61 43.86
C SER A 202 -18.26 6.32 43.05
N ARG A 203 -19.35 6.69 43.72
CA ARG A 203 -20.49 7.36 43.11
C ARG A 203 -21.05 6.51 41.96
N LYS A 204 -21.57 5.36 42.35
CA LYS A 204 -22.10 4.37 41.41
C LYS A 204 -23.05 5.01 40.41
N GLY A 205 -22.70 4.90 39.13
CA GLY A 205 -23.45 5.51 38.06
C GLY A 205 -22.63 6.42 37.17
N ASP A 206 -21.44 6.84 37.61
CA ASP A 206 -20.60 7.71 36.79
C ASP A 206 -20.14 7.00 35.52
N TYR A 207 -19.74 5.73 35.63
CA TYR A 207 -19.33 4.99 34.45
C TYR A 207 -20.51 4.76 33.51
N LYS A 208 -21.70 4.55 34.08
CA LYS A 208 -22.89 4.41 33.25
C LYS A 208 -23.15 5.68 32.47
N LYS A 209 -23.02 6.84 33.11
CA LYS A 209 -23.21 8.11 32.40
C LYS A 209 -22.14 8.31 31.33
N TYR A 210 -20.89 7.91 31.64
CA TYR A 210 -19.82 8.02 30.66
C TYR A 210 -20.11 7.18 29.42
N ILE A 211 -20.55 5.94 29.64
CA ILE A 211 -20.87 5.05 28.51
C ILE A 211 -22.07 5.59 27.74
N ASP A 212 -23.07 6.13 28.44
CA ASP A 212 -24.22 6.72 27.77
C ASP A 212 -23.81 7.88 26.89
N ARG A 213 -22.95 8.77 27.40
CA ARG A 213 -22.46 9.88 26.59
C ARG A 213 -21.68 9.39 25.38
N VAL A 214 -20.82 8.38 25.58
CA VAL A 214 -20.01 7.87 24.48
C VAL A 214 -20.91 7.28 23.38
N VAL A 215 -21.91 6.48 23.77
CA VAL A 215 -22.76 5.86 22.77
C VAL A 215 -23.68 6.88 22.12
N SER A 216 -24.06 7.93 22.86
CA SER A 216 -24.90 8.97 22.25
C SER A 216 -24.10 9.82 21.27
N VAL A 217 -22.80 10.00 21.51
CA VAL A 217 -21.98 10.78 20.58
C VAL A 217 -21.62 9.95 19.36
N ILE A 218 -21.18 8.71 19.55
CA ILE A 218 -20.72 7.90 18.43
C ILE A 218 -21.91 7.43 17.59
N ASP A 219 -22.79 6.63 18.19
CA ASP A 219 -24.05 6.20 17.57
C ASP A 219 -23.79 5.49 16.24
N THR A 220 -23.13 4.34 16.35
CA THR A 220 -22.83 3.49 15.21
C THR A 220 -23.76 2.27 15.27
N LYS A 221 -23.67 1.39 14.28
CA LYS A 221 -24.50 0.20 14.23
C LYS A 221 -24.15 -0.73 15.39
N PRO A 222 -25.14 -1.46 15.91
CA PRO A 222 -24.87 -2.37 17.03
C PRO A 222 -23.90 -3.47 16.64
N TYR A 223 -23.12 -3.92 17.62
CA TYR A 223 -22.18 -5.01 17.41
C TYR A 223 -22.92 -6.28 17.00
N THR A 224 -22.38 -6.96 15.99
CA THR A 224 -22.93 -8.24 15.57
C THR A 224 -22.50 -9.33 16.55
N TYR A 225 -22.97 -10.55 16.31
CA TYR A 225 -22.58 -11.67 17.16
C TYR A 225 -21.08 -11.94 17.06
N LYS A 226 -20.53 -11.86 15.85
CA LYS A 226 -19.10 -12.06 15.66
C LYS A 226 -18.29 -11.03 16.45
N GLU A 227 -18.66 -9.76 16.32
CA GLU A 227 -17.93 -8.71 17.03
C GLU A 227 -18.04 -8.88 18.53
N LYS A 228 -19.24 -9.22 19.02
CA LYS A 228 -19.43 -9.36 20.46
C LYS A 228 -18.63 -10.53 21.02
N VAL A 229 -18.62 -11.68 20.33
CA VAL A 229 -17.85 -12.81 20.82
C VAL A 229 -16.35 -12.53 20.73
N ILE A 230 -15.92 -11.82 19.69
CA ILE A 230 -14.51 -11.47 19.58
C ILE A 230 -14.09 -10.56 20.73
N ASN A 231 -14.91 -9.55 21.04
CA ASN A 231 -14.60 -8.65 22.15
C ASN A 231 -14.59 -9.39 23.49
N TYR A 232 -15.56 -10.29 23.69
CA TYR A 232 -15.60 -11.06 24.93
C TYR A 232 -14.37 -11.95 25.07
N ILE A 233 -13.94 -12.59 23.98
CA ILE A 233 -12.73 -13.40 24.02
C ILE A 233 -11.51 -12.54 24.31
N LYS A 234 -11.41 -11.38 23.65
CA LYS A 234 -10.25 -10.51 23.85
C LYS A 234 -10.16 -10.02 25.29
N VAL A 235 -11.29 -9.67 25.89
CA VAL A 235 -11.27 -9.22 27.29
C VAL A 235 -10.98 -10.40 28.21
N ALA A 236 -11.56 -11.57 27.93
CA ALA A 236 -11.38 -12.71 28.82
C ALA A 236 -9.93 -13.18 28.85
N ILE A 237 -9.25 -13.21 27.69
CA ILE A 237 -7.87 -13.65 27.65
C ILE A 237 -6.97 -12.60 28.31
N LYS A 238 -5.85 -13.08 28.86
CA LYS A 238 -4.94 -12.20 29.58
C LYS A 238 -4.03 -11.38 28.68
N GLY A 239 -3.96 -11.71 27.40
CA GLY A 239 -3.12 -10.96 26.48
C GLY A 239 -3.39 -11.35 25.05
N ASP A 240 -2.95 -10.47 24.14
CA ASP A 240 -3.09 -10.71 22.71
C ASP A 240 -2.05 -9.91 21.93
N SER A 258 6.01 -14.81 12.06
CA SER A 258 5.49 -15.62 10.97
C SER A 258 5.29 -17.07 11.39
N ASN A 259 6.38 -17.73 11.78
CA ASN A 259 6.30 -19.11 12.23
C ASN A 259 5.49 -19.23 13.51
N LYS A 260 5.69 -18.30 14.44
CA LYS A 260 4.96 -18.34 15.70
C LYS A 260 3.46 -18.18 15.48
N PHE A 261 3.07 -17.25 14.62
CA PHE A 261 1.66 -17.04 14.33
C PHE A 261 1.05 -18.28 13.70
N LEU A 262 1.74 -18.88 12.73
CA LEU A 262 1.22 -20.08 12.07
C LEU A 262 1.09 -21.23 13.07
N GLU A 263 2.11 -21.43 13.91
CA GLU A 263 2.05 -22.51 14.89
C GLU A 263 0.92 -22.30 15.88
N THR A 264 0.75 -21.06 16.36
CA THR A 264 -0.32 -20.79 17.31
C THR A 264 -1.68 -21.01 16.67
N LEU A 265 -1.87 -20.55 15.42
CA LEU A 265 -3.15 -20.74 14.76
C LEU A 265 -3.46 -22.21 14.56
N LEU A 266 -2.47 -22.99 14.11
CA LEU A 266 -2.69 -24.42 13.89
C LEU A 266 -2.98 -25.12 15.20
N HIS A 267 -2.26 -24.78 16.27
CA HIS A 267 -2.50 -25.42 17.55
C HIS A 267 -3.89 -25.10 18.08
N LEU A 268 -4.32 -23.84 17.99
CA LEU A 268 -5.64 -23.50 18.48
C LEU A 268 -6.73 -24.14 17.63
N LEU A 269 -6.49 -24.26 16.33
CA LEU A 269 -7.46 -24.92 15.46
C LEU A 269 -7.59 -26.40 15.82
N ILE A 270 -6.47 -27.08 16.08
CA ILE A 270 -6.54 -28.49 16.45
C ILE A 270 -7.18 -28.66 17.82
N THR A 271 -6.86 -27.76 18.76
CA THR A 271 -7.44 -27.84 20.09
C THR A 271 -8.94 -27.62 20.08
N LEU A 272 -9.41 -26.64 19.30
CA LEU A 272 -10.82 -26.28 19.31
C LEU A 272 -11.69 -27.20 18.47
N THR A 273 -11.10 -28.02 17.61
CA THR A 273 -11.87 -28.95 16.80
C THR A 273 -12.06 -30.31 17.46
N ARG A 274 -11.56 -30.47 18.69
CA ARG A 274 -11.73 -31.74 19.39
C ARG A 274 -13.18 -31.95 19.83
N THR A 275 -13.88 -30.88 20.17
CA THR A 275 -15.23 -30.97 20.71
C THR A 275 -16.29 -30.54 19.70
N GLU A 276 -15.93 -30.36 18.44
CA GLU A 276 -16.86 -29.93 17.40
C GLU A 276 -16.81 -30.90 16.23
N PHE A 277 -17.96 -31.09 15.59
CA PHE A 277 -18.05 -31.95 14.42
C PHE A 277 -17.57 -31.27 13.14
N ILE A 278 -17.25 -29.97 13.20
CA ILE A 278 -16.72 -29.28 12.04
C ILE A 278 -15.31 -29.79 11.76
N SER A 279 -15.05 -30.18 10.51
CA SER A 279 -13.76 -30.69 10.07
C SER A 279 -13.23 -29.78 8.98
N PRO A 280 -12.43 -28.78 9.32
CA PRO A 280 -11.94 -27.82 8.33
C PRO A 280 -10.84 -28.41 7.45
N ILE A 281 -10.55 -27.70 6.37
CA ILE A 281 -9.47 -28.03 5.45
C ILE A 281 -8.51 -26.84 5.42
N VAL A 282 -7.27 -27.08 5.80
CA VAL A 282 -6.26 -26.03 5.92
C VAL A 282 -5.28 -26.16 4.77
N TYR A 283 -4.93 -25.03 4.16
CA TYR A 283 -3.93 -24.99 3.10
C TYR A 283 -2.90 -23.93 3.47
N ILE A 284 -1.65 -24.35 3.69
CA ILE A 284 -0.57 -23.46 4.08
C ILE A 284 0.42 -23.39 2.94
N ASP A 285 0.71 -22.18 2.48
CA ASP A 285 1.60 -21.96 1.35
C ASP A 285 2.94 -21.47 1.87
N GLU A 286 4.00 -22.19 1.51
CA GLU A 286 5.39 -21.88 1.87
C GLU A 286 5.53 -21.70 3.38
N PRO A 287 5.45 -22.79 4.17
CA PRO A 287 5.61 -22.65 5.63
C PRO A 287 7.05 -22.41 6.08
N GLU A 288 8.02 -22.40 5.17
CA GLU A 288 9.43 -22.31 5.56
C GLU A 288 10.10 -21.02 5.12
N VAL A 289 9.34 -20.01 4.70
CA VAL A 289 9.95 -18.77 4.25
C VAL A 289 10.56 -18.03 5.42
N GLY A 290 11.84 -17.65 5.29
CA GLY A 290 12.54 -16.95 6.35
C GLY A 290 12.68 -17.76 7.63
N LEU A 291 12.88 -19.07 7.50
CA LEU A 291 13.02 -19.95 8.65
C LEU A 291 14.28 -20.77 8.54
N HIS A 292 14.97 -20.92 9.67
CA HIS A 292 16.09 -21.82 9.75
C HIS A 292 15.62 -23.25 9.58
N PRO A 293 16.45 -24.13 9.02
CA PRO A 293 16.04 -25.55 8.91
C PRO A 293 15.65 -26.16 10.25
N LYS A 294 16.37 -25.80 11.31
CA LYS A 294 15.98 -26.24 12.64
C LYS A 294 14.61 -25.70 13.02
N LEU A 295 14.29 -24.47 12.60
CA LEU A 295 12.98 -23.91 12.90
C LEU A 295 11.88 -24.67 12.17
N ALA A 296 12.10 -25.04 10.92
CA ALA A 296 11.11 -25.83 10.19
C ALA A 296 10.93 -27.21 10.82
N GLU A 297 12.04 -27.84 11.20
CA GLU A 297 11.95 -29.14 11.87
C GLU A 297 11.20 -29.03 13.19
N SER A 298 11.45 -27.96 13.95
CA SER A 298 10.74 -27.75 15.20
C SER A 298 9.25 -27.48 14.96
N PHE A 299 8.92 -26.78 13.87
CA PHE A 299 7.52 -26.57 13.53
C PHE A 299 6.82 -27.88 13.27
N VAL A 300 7.42 -28.74 12.45
CA VAL A 300 6.81 -30.04 12.16
C VAL A 300 6.75 -30.89 13.42
N SER A 301 7.78 -30.81 14.27
CA SER A 301 7.79 -31.58 15.50
C SER A 301 6.68 -31.14 16.46
N ASN A 302 6.47 -29.82 16.58
CA ASN A 302 5.39 -29.33 17.42
C ASN A 302 4.03 -29.71 16.86
N LEU A 303 3.88 -29.67 15.53
CA LEU A 303 2.63 -30.11 14.93
C LEU A 303 2.37 -31.58 15.23
N ASN A 304 3.39 -32.43 15.13
CA ASN A 304 3.21 -33.85 15.43
C ASN A 304 2.94 -34.08 16.92
N LYS A 305 3.57 -33.29 17.78
CA LYS A 305 3.33 -33.43 19.21
C LYS A 305 1.90 -33.07 19.58
N ILE A 306 1.39 -31.96 19.05
CA ILE A 306 0.01 -31.60 19.32
C ILE A 306 -0.96 -32.55 18.62
N TYR A 307 -0.54 -33.14 17.50
CA TYR A 307 -1.35 -34.17 16.85
C TYR A 307 -1.49 -35.41 17.72
N SER A 308 -0.39 -35.84 18.33
CA SER A 308 -0.38 -37.06 19.14
C SER A 308 -0.85 -36.84 20.57
N LYS A 309 -0.93 -35.58 21.02
CA LYS A 309 -1.41 -35.31 22.38
C LYS A 309 -2.90 -35.58 22.51
N PHE A 310 -3.64 -35.48 21.41
CA PHE A 310 -5.09 -35.63 21.41
C PHE A 310 -5.51 -36.85 20.61
N LYS A 311 -4.80 -37.96 20.81
CA LYS A 311 -5.11 -39.23 20.15
C LYS A 311 -5.49 -40.26 21.19
N LYS A 312 -6.63 -40.92 20.97
CA LYS A 312 -7.15 -41.96 21.86
C LYS A 312 -7.35 -43.22 21.02
N THR A 313 -6.33 -44.07 20.97
CA THR A 313 -6.37 -45.30 20.18
C THR A 313 -5.84 -46.45 21.01
N SER A 314 -6.48 -47.61 20.86
CA SER A 314 -6.08 -48.87 21.52
C SER A 314 -6.09 -48.63 23.04
N GLU A 315 -5.04 -49.00 23.76
CA GLU A 315 -5.03 -48.84 25.22
C GLU A 315 -4.87 -47.39 25.65
N LEU A 316 -4.43 -46.51 24.75
CA LEU A 316 -4.23 -45.11 25.11
C LEU A 316 -5.59 -44.44 25.31
N SER A 317 -5.86 -44.00 26.53
CA SER A 317 -7.12 -43.35 26.87
C SER A 317 -6.86 -42.36 28.01
N GLY A 318 -7.94 -41.89 28.63
CA GLY A 318 -7.83 -40.97 29.74
C GLY A 318 -8.30 -39.58 29.36
N PRO A 319 -8.32 -38.68 30.35
CA PRO A 319 -8.74 -37.30 30.05
C PRO A 319 -7.77 -36.60 29.11
N GLY A 320 -8.32 -35.70 28.30
CA GLY A 320 -7.53 -34.98 27.32
C GLY A 320 -7.28 -35.73 26.02
N ARG A 321 -7.81 -36.93 25.86
CA ARG A 321 -7.63 -37.73 24.66
C ARG A 321 -8.94 -37.76 23.89
N TYR A 322 -8.86 -37.50 22.58
CA TYR A 322 -10.03 -37.43 21.72
C TYR A 322 -9.84 -38.37 20.53
N LYS A 323 -10.94 -39.00 20.11
CA LYS A 323 -10.94 -39.87 18.95
C LYS A 323 -11.48 -39.20 17.70
N THR A 324 -11.74 -37.89 17.76
CA THR A 324 -12.28 -37.18 16.62
C THR A 324 -11.23 -37.12 15.50
N PRO A 325 -11.64 -37.28 14.24
CA PRO A 325 -10.69 -37.20 13.14
C PRO A 325 -10.08 -35.81 13.03
N TYR A 326 -8.81 -35.78 12.67
CA TYR A 326 -8.07 -34.52 12.55
C TYR A 326 -8.39 -33.84 11.22
N PRO A 327 -8.35 -32.51 11.19
CA PRO A 327 -8.58 -31.80 9.92
C PRO A 327 -7.47 -32.06 8.92
N ASN A 328 -7.84 -32.05 7.64
CA ASN A 328 -6.87 -32.22 6.58
C ASN A 328 -6.02 -30.96 6.43
N ILE A 329 -4.70 -31.15 6.35
CA ILE A 329 -3.75 -30.06 6.23
C ILE A 329 -2.92 -30.29 4.97
N PHE A 330 -2.82 -29.25 4.14
CA PHE A 330 -2.03 -29.27 2.92
C PHE A 330 -0.86 -28.30 3.05
N TYR A 331 0.31 -28.74 2.62
CA TYR A 331 1.54 -27.95 2.71
C TYR A 331 2.10 -27.72 1.31
N SER A 332 2.46 -26.48 1.03
CA SER A 332 3.17 -26.14 -0.20
C SER A 332 4.61 -25.82 0.19
N THR A 333 5.46 -26.84 0.21
CA THR A 333 6.81 -26.73 0.73
C THR A 333 7.84 -26.95 -0.37
N HIS A 334 8.92 -26.17 -0.30
CA HIS A 334 10.09 -26.36 -1.16
C HIS A 334 11.33 -26.76 -0.38
N SER A 335 11.17 -27.14 0.89
CA SER A 335 12.31 -27.44 1.75
C SER A 335 12.33 -28.91 2.11
N PRO A 336 13.46 -29.60 1.91
CA PRO A 336 13.54 -31.01 2.30
C PRO A 336 13.37 -31.24 3.79
N SER A 337 13.65 -30.25 4.63
CA SER A 337 13.56 -30.44 6.08
C SER A 337 12.12 -30.71 6.51
N ILE A 338 11.18 -29.90 6.03
CA ILE A 338 9.77 -30.10 6.37
C ILE A 338 9.31 -31.46 5.88
N LEU A 339 9.68 -31.83 4.66
CA LEU A 339 9.25 -33.10 4.10
C LEU A 339 9.79 -34.29 4.89
N LYS A 340 11.09 -34.25 5.23
CA LYS A 340 11.67 -35.37 5.96
C LYS A 340 11.09 -35.46 7.37
N GLN A 341 10.89 -34.33 8.04
CA GLN A 341 10.28 -34.38 9.37
C GLN A 341 8.85 -34.90 9.30
N THR A 342 8.07 -34.46 8.31
CA THR A 342 6.71 -34.95 8.14
C THR A 342 6.70 -36.45 7.94
N ILE A 343 7.55 -36.95 7.04
CA ILE A 343 7.63 -38.39 6.79
C ILE A 343 7.96 -39.13 8.08
N LYS A 344 9.12 -38.81 8.67
CA LYS A 344 9.61 -39.55 9.83
C LYS A 344 8.64 -39.49 11.01
N LEU A 345 7.90 -38.39 11.15
CA LEU A 345 7.04 -38.23 12.32
C LEU A 345 5.64 -38.81 12.12
N PHE A 346 5.09 -38.73 10.91
CA PHE A 346 3.73 -39.22 10.67
C PHE A 346 3.69 -40.63 10.10
N GLY A 347 4.44 -40.90 9.03
CA GLY A 347 4.40 -42.22 8.45
C GLY A 347 3.14 -42.51 7.65
N LYS A 348 2.27 -43.36 8.19
CA LYS A 348 1.05 -43.76 7.50
C LYS A 348 0.03 -42.63 7.40
N ASP A 349 0.18 -41.56 8.18
CA ASP A 349 -0.76 -40.45 8.19
C ASP A 349 -0.27 -39.26 7.37
N GLN A 350 0.45 -39.51 6.28
CA GLN A 350 0.91 -38.44 5.41
C GLN A 350 1.09 -38.98 4.00
N GLN A 351 1.09 -38.07 3.04
CA GLN A 351 1.35 -38.40 1.65
C GLN A 351 2.06 -37.24 0.99
N VAL A 352 2.76 -37.54 -0.10
CA VAL A 352 3.53 -36.56 -0.85
C VAL A 352 2.99 -36.50 -2.26
N LEU A 353 2.65 -35.29 -2.72
CA LEU A 353 2.06 -35.08 -4.03
C LEU A 353 3.05 -34.34 -4.92
N HIS A 354 3.32 -34.91 -6.09
CA HIS A 354 4.21 -34.32 -7.09
C HIS A 354 3.36 -33.82 -8.24
N PHE A 355 3.60 -32.57 -8.66
CA PHE A 355 2.75 -31.94 -9.66
C PHE A 355 3.27 -32.10 -11.08
N SER A 356 4.45 -31.56 -11.36
CA SER A 356 5.04 -31.61 -12.70
C SER A 356 4.07 -31.11 -13.78
N LYS A 357 4.31 -31.51 -15.02
CA LYS A 357 3.46 -31.11 -16.14
C LYS A 357 3.34 -32.28 -17.10
N LYS A 358 2.72 -32.04 -18.26
CA LYS A 358 2.55 -33.03 -19.31
C LYS A 358 3.32 -32.60 -20.56
N LYS A 359 3.19 -33.40 -21.62
CA LYS A 359 3.92 -33.12 -22.84
C LYS A 359 3.41 -31.86 -23.53
N ASP A 360 2.09 -31.75 -23.69
CA ASP A 360 1.49 -30.59 -24.32
C ASP A 360 1.34 -29.41 -23.37
N GLY A 361 1.54 -29.62 -22.07
CA GLY A 361 1.37 -28.59 -21.08
C GLY A 361 0.07 -28.72 -20.34
N SER A 362 0.11 -29.36 -19.17
CA SER A 362 -1.06 -29.61 -18.35
C SER A 362 -0.60 -30.14 -17.00
N THR A 363 -1.20 -29.63 -15.93
CA THR A 363 -0.79 -30.01 -14.59
C THR A 363 -1.16 -31.46 -14.31
N ARG A 364 -0.23 -32.19 -13.71
CA ARG A 364 -0.47 -33.53 -13.20
C ARG A 364 -0.46 -33.50 -11.67
N VAL A 365 -1.00 -34.56 -11.08
CA VAL A 365 -0.95 -34.77 -9.63
C VAL A 365 -0.72 -36.26 -9.40
N ASN A 366 0.47 -36.62 -8.94
CA ASN A 366 0.80 -38.00 -8.64
C ASN A 366 1.24 -38.13 -7.19
N LYS A 367 1.23 -39.36 -6.69
CA LYS A 367 1.62 -39.65 -5.32
C LYS A 367 2.99 -40.31 -5.31
N ILE A 368 3.90 -39.78 -4.50
CA ILE A 368 5.24 -40.35 -4.33
C ILE A 368 5.24 -41.18 -3.06
N ASN A 369 5.91 -42.32 -3.10
CA ASN A 369 5.97 -43.21 -1.95
C ASN A 369 6.61 -42.51 -0.76
N SER A 370 5.94 -42.57 0.39
CA SER A 370 6.45 -41.98 1.61
C SER A 370 6.32 -42.89 2.83
N THR A 371 5.60 -43.99 2.73
CA THR A 371 5.46 -44.95 3.82
C THR A 371 6.45 -46.09 3.62
N TYR A 372 7.27 -46.33 4.63
CA TYR A 372 8.32 -47.34 4.57
C TYR A 372 8.07 -48.39 5.64
N SER A 373 8.18 -49.66 5.25
CA SER A 373 7.97 -50.77 6.18
C SER A 373 9.18 -51.06 7.05
N ASP A 374 10.33 -50.45 6.76
CA ASP A 374 11.54 -50.63 7.54
C ASP A 374 11.69 -49.47 8.52
N GLU A 375 11.71 -49.79 9.82
CA GLU A 375 11.89 -48.75 10.83
C GLU A 375 13.30 -48.18 10.78
N ARG A 376 14.30 -49.01 10.43
CA ARG A 376 15.66 -48.51 10.31
C ARG A 376 15.76 -47.43 9.24
N PHE A 377 15.13 -47.65 8.09
CA PHE A 377 15.17 -46.63 7.03
C PHE A 377 14.46 -45.36 7.47
N LEU A 378 13.35 -45.51 8.21
CA LEU A 378 12.62 -44.34 8.69
C LEU A 378 13.45 -43.52 9.67
N ASN A 379 14.18 -44.18 10.57
CA ASN A 379 14.98 -43.45 11.54
C ASN A 379 16.22 -42.86 10.91
N ILE A 380 16.91 -43.62 10.05
CA ILE A 380 18.12 -43.14 9.39
C ILE A 380 17.82 -42.01 8.41
N PHE A 381 16.58 -41.92 7.93
CA PHE A 381 16.14 -40.93 6.94
C PHE A 381 16.72 -39.56 7.22
N SER A 382 17.43 -39.01 6.24
CA SER A 382 18.17 -37.76 6.41
C SER A 382 17.92 -36.89 5.18
N ASP A 383 18.72 -35.82 5.06
CA ASP A 383 18.54 -34.87 3.97
C ASP A 383 18.78 -35.49 2.61
N ASN A 384 19.71 -36.44 2.53
CA ASN A 384 20.00 -37.08 1.24
C ASN A 384 18.77 -37.84 0.73
N GLU A 385 18.08 -38.56 1.61
CA GLU A 385 16.86 -39.26 1.19
C GLU A 385 15.76 -38.29 0.83
N ALA A 386 15.62 -37.20 1.58
CA ALA A 386 14.60 -36.21 1.29
C ALA A 386 14.88 -35.42 0.01
N ARG A 387 16.13 -35.42 -0.45
CA ARG A 387 16.47 -34.72 -1.69
C ARG A 387 15.97 -35.45 -2.91
N LEU A 388 15.73 -36.77 -2.81
CA LEU A 388 15.27 -37.53 -3.97
C LEU A 388 13.87 -37.10 -4.40
N PHE A 389 13.05 -36.63 -3.45
CA PHE A 389 11.72 -36.15 -3.81
C PHE A 389 11.80 -34.92 -4.70
N PHE A 390 12.73 -34.01 -4.41
CA PHE A 390 12.93 -32.80 -5.21
C PHE A 390 13.94 -33.04 -6.33
N SER A 391 13.73 -34.08 -7.12
CA SER A 391 14.63 -34.45 -8.19
C SER A 391 13.86 -34.75 -9.45
N GLU A 392 14.51 -34.57 -10.60
CA GLU A 392 13.93 -34.89 -11.89
C GLU A 392 14.52 -36.13 -12.53
N TYR A 393 15.66 -36.61 -12.05
CA TYR A 393 16.24 -37.86 -12.54
C TYR A 393 17.21 -38.37 -11.50
N ILE A 394 16.97 -39.58 -11.01
CA ILE A 394 17.79 -40.20 -9.96
C ILE A 394 18.60 -41.33 -10.58
N VAL A 395 19.90 -41.34 -10.31
CA VAL A 395 20.79 -42.41 -10.72
C VAL A 395 21.14 -43.21 -9.47
N PHE A 396 20.68 -44.45 -9.41
CA PHE A 396 20.91 -45.31 -8.25
C PHE A 396 22.15 -46.15 -8.47
N VAL A 397 23.08 -46.10 -7.51
CA VAL A 397 24.34 -46.81 -7.61
C VAL A 397 24.60 -47.55 -6.31
N GLU A 398 25.30 -48.67 -6.41
CA GLU A 398 25.73 -49.45 -5.24
C GLU A 398 27.23 -49.34 -5.12
N GLY A 399 27.69 -48.48 -4.21
CA GLY A 399 29.11 -48.24 -4.05
C GLY A 399 29.46 -46.77 -3.98
N ALA A 400 30.43 -46.41 -3.13
CA ALA A 400 30.86 -45.03 -3.01
C ALA A 400 31.74 -44.60 -4.17
N THR A 401 32.40 -45.55 -4.84
CA THR A 401 33.22 -45.21 -6.00
C THR A 401 32.38 -44.63 -7.13
N GLU A 402 31.19 -45.20 -7.36
CA GLU A 402 30.28 -44.65 -8.36
C GLU A 402 29.79 -43.25 -7.96
N LEU A 403 29.56 -43.04 -6.66
CA LEU A 403 29.25 -41.69 -6.18
C LEU A 403 30.38 -40.71 -6.47
N GLU A 404 31.62 -41.14 -6.27
CA GLU A 404 32.76 -40.29 -6.57
C GLU A 404 32.83 -39.97 -8.05
N LEU A 405 32.59 -40.97 -8.90
CA LEU A 405 32.72 -40.78 -10.34
C LEU A 405 31.62 -39.88 -10.88
N PHE A 406 30.37 -40.15 -10.51
CA PHE A 406 29.24 -39.44 -11.10
C PHE A 406 29.02 -38.06 -10.50
N ARG A 407 29.67 -37.74 -9.38
CA ARG A 407 29.61 -36.40 -8.81
C ARG A 407 30.86 -35.59 -9.11
N ASN A 408 31.70 -36.05 -10.04
CA ASN A 408 32.94 -35.35 -10.36
C ASN A 408 32.61 -34.03 -11.06
N LEU A 409 33.08 -32.92 -10.49
CA LEU A 409 32.73 -31.60 -11.01
C LEU A 409 33.30 -31.39 -12.41
N SER A 410 34.53 -31.85 -12.65
CA SER A 410 35.15 -31.67 -13.96
C SER A 410 34.37 -32.40 -15.04
N LEU A 411 33.95 -33.63 -14.75
CA LEU A 411 33.16 -34.39 -15.72
C LEU A 411 31.79 -33.75 -15.95
N LEU A 412 31.14 -33.28 -14.88
CA LEU A 412 29.82 -32.67 -15.00
C LEU A 412 29.87 -31.32 -15.69
N ASN A 413 31.03 -30.66 -15.70
CA ASN A 413 31.13 -29.37 -16.38
C ASN A 413 30.92 -29.52 -17.87
N LEU A 414 31.44 -30.59 -18.46
CA LEU A 414 31.28 -30.84 -19.89
C LEU A 414 29.92 -31.44 -20.25
N TYR A 415 29.15 -31.90 -19.26
CA TYR A 415 27.84 -32.49 -19.49
C TYR A 415 26.83 -31.79 -18.59
N PRO A 416 26.37 -30.60 -18.98
CA PRO A 416 25.40 -29.88 -18.15
C PRO A 416 24.10 -30.63 -17.94
N ALA A 417 23.67 -31.42 -18.92
CA ALA A 417 22.39 -32.13 -18.79
C ALA A 417 22.42 -33.14 -17.66
N PHE A 418 23.54 -33.87 -17.53
CA PHE A 418 23.64 -34.87 -16.46
C PHE A 418 23.79 -34.23 -15.09
N SER A 419 24.16 -32.95 -15.02
CA SER A 419 24.23 -32.27 -13.74
C SER A 419 22.86 -32.07 -13.11
N LEU A 420 21.79 -32.16 -13.88
CA LEU A 420 20.44 -32.03 -13.37
C LEU A 420 19.94 -33.32 -12.72
N ALA A 421 20.66 -34.42 -12.86
CA ALA A 421 20.29 -35.70 -12.28
C ALA A 421 21.13 -35.97 -11.05
N ASP A 422 20.48 -36.35 -9.96
CA ASP A 422 21.19 -36.58 -8.70
C ASP A 422 21.44 -38.07 -8.49
N ILE A 423 22.57 -38.38 -7.87
CA ILE A 423 23.04 -39.75 -7.73
C ILE A 423 22.88 -40.18 -6.27
N TYR A 424 22.28 -41.34 -6.06
CA TYR A 424 22.03 -41.86 -4.72
C TYR A 424 22.63 -43.25 -4.58
N ASP A 425 23.23 -43.49 -3.41
CA ASP A 425 23.87 -44.77 -3.09
C ASP A 425 22.86 -45.63 -2.34
N ALA A 426 22.38 -46.69 -2.98
CA ALA A 426 21.36 -47.54 -2.39
C ALA A 426 21.62 -49.00 -2.74
N ASN A 427 21.43 -49.88 -1.76
CA ASN A 427 21.47 -51.31 -1.98
C ASN A 427 20.08 -51.78 -2.39
N GLU A 428 19.87 -53.10 -2.40
CA GLU A 428 18.57 -53.63 -2.79
C GLU A 428 17.50 -53.36 -1.73
N VAL A 429 17.89 -53.35 -0.45
CA VAL A 429 16.92 -53.07 0.61
C VAL A 429 16.45 -51.62 0.54
N ILE A 430 17.39 -50.68 0.34
CA ILE A 430 17.02 -49.28 0.23
C ILE A 430 16.17 -49.04 -1.01
N LEU A 431 16.51 -49.71 -2.11
CA LEU A 431 15.69 -49.59 -3.32
C LEU A 431 14.28 -50.12 -3.09
N ALA A 432 14.16 -51.25 -2.39
CA ALA A 432 12.85 -51.80 -2.10
C ALA A 432 12.04 -50.87 -1.21
N ASN A 433 12.68 -50.25 -0.22
CA ASN A 433 11.98 -49.33 0.67
C ASN A 433 11.54 -48.08 -0.09
N ILE A 434 12.44 -47.48 -0.87
CA ILE A 434 12.09 -46.27 -1.62
C ILE A 434 11.02 -46.59 -2.65
N ASN A 435 11.16 -47.72 -3.35
CA ASN A 435 10.24 -48.15 -4.40
C ASN A 435 10.16 -47.08 -5.49
N PRO A 436 11.23 -46.87 -6.26
CA PRO A 436 11.17 -45.85 -7.32
C PRO A 436 10.16 -46.16 -8.41
N GLY A 437 9.76 -47.43 -8.58
CA GLY A 437 8.81 -47.79 -9.61
C GLY A 437 7.41 -47.27 -9.36
N TYR A 438 7.09 -46.91 -8.12
CA TYR A 438 5.78 -46.32 -7.83
C TYR A 438 5.61 -45.00 -8.57
N SER A 439 6.65 -44.17 -8.60
CA SER A 439 6.63 -42.87 -9.26
C SER A 439 7.67 -42.90 -10.37
N LYS A 440 7.27 -43.38 -11.55
CA LYS A 440 8.15 -43.41 -12.71
C LYS A 440 7.98 -42.16 -13.57
N ALA A 441 6.74 -41.81 -13.90
CA ALA A 441 6.50 -40.62 -14.70
C ALA A 441 6.91 -39.36 -13.96
N SER A 442 6.63 -39.30 -12.66
CA SER A 442 6.99 -38.11 -11.87
C SER A 442 8.50 -37.98 -11.73
N ILE A 443 9.17 -39.07 -11.35
CA ILE A 443 10.62 -39.04 -11.16
C ILE A 443 11.25 -40.19 -11.92
N PRO A 444 11.72 -39.96 -13.15
CA PRO A 444 12.43 -41.02 -13.88
C PRO A 444 13.71 -41.39 -13.16
N PHE A 445 14.09 -42.67 -13.27
CA PHE A 445 15.25 -43.18 -12.55
C PHE A 445 15.90 -44.29 -13.35
N VAL A 446 17.18 -44.53 -13.04
CA VAL A 446 17.94 -45.64 -13.61
C VAL A 446 18.76 -46.26 -12.49
N ILE A 447 18.76 -47.58 -12.43
CA ILE A 447 19.51 -48.33 -11.43
C ILE A 447 20.72 -48.93 -12.12
N ILE A 448 21.91 -48.45 -11.76
CA ILE A 448 23.16 -48.89 -12.37
C ILE A 448 23.79 -49.94 -11.46
N LYS A 449 23.94 -51.15 -11.97
CA LYS A 449 24.52 -52.24 -11.20
C LYS A 449 25.57 -52.95 -12.04
N ASP A 450 26.25 -53.89 -11.40
CA ASP A 450 27.28 -54.71 -12.01
C ASP A 450 26.73 -56.07 -12.39
N ILE A 451 27.44 -56.75 -13.30
CA ILE A 451 26.97 -58.00 -13.89
C ILE A 451 27.11 -59.20 -12.97
N ASP A 452 27.61 -59.03 -11.75
CA ASP A 452 27.78 -60.20 -10.89
C ASP A 452 26.55 -60.45 -10.02
N THR A 453 25.55 -59.58 -10.09
CA THR A 453 24.29 -59.78 -9.40
C THR A 453 23.31 -60.59 -10.24
N LEU A 454 23.74 -61.05 -11.42
CA LEU A 454 22.93 -61.82 -12.33
C LEU A 454 23.54 -63.17 -12.64
N ILE A 455 24.84 -63.20 -12.94
CA ILE A 455 25.55 -64.42 -13.31
C ILE A 455 26.62 -64.71 -12.28
N ASP A 456 26.75 -65.98 -11.91
CA ASP A 456 27.75 -66.44 -10.96
C ASP A 456 28.65 -67.44 -11.67
N TYR A 457 29.96 -67.30 -11.49
CA TYR A 457 30.93 -68.17 -12.13
C TYR A 457 31.88 -68.74 -11.09
N SER A 458 32.33 -69.97 -11.33
CA SER A 458 33.25 -70.67 -10.46
C SER A 458 34.42 -71.21 -11.26
N ILE A 459 35.62 -71.12 -10.69
CA ILE A 459 36.81 -71.62 -11.37
C ILE A 459 36.94 -73.12 -11.18
N LYS A 460 36.65 -73.63 -9.98
CA LYS A 460 36.76 -75.06 -9.72
C LYS A 460 35.81 -75.86 -10.59
N THR A 461 34.56 -75.39 -10.73
CA THR A 461 33.55 -76.05 -11.54
C THR A 461 32.99 -75.05 -12.55
N GLU A 462 33.09 -75.38 -13.83
CA GLU A 462 32.51 -74.54 -14.88
C GLU A 462 31.00 -74.47 -14.73
N LYS A 463 30.47 -73.30 -14.38
CA LYS A 463 29.03 -73.16 -14.17
C LYS A 463 28.67 -71.68 -14.24
N PHE A 464 27.76 -71.33 -15.14
CA PHE A 464 27.20 -69.98 -15.22
C PHE A 464 25.86 -69.99 -14.50
N SER A 465 25.92 -69.99 -13.18
CA SER A 465 24.71 -70.04 -12.38
C SER A 465 23.96 -68.71 -12.46
N LEU A 466 22.66 -68.77 -12.21
CA LEU A 466 21.80 -67.60 -12.27
C LEU A 466 21.43 -67.16 -10.87
N ARG A 467 21.65 -65.88 -10.58
CA ARG A 467 21.33 -65.33 -9.28
C ARG A 467 19.81 -65.18 -9.12
N PRO A 468 19.32 -65.12 -7.88
CA PRO A 468 17.87 -64.97 -7.69
C PRO A 468 17.29 -63.71 -8.31
N LEU A 469 18.07 -62.62 -8.37
CA LEU A 469 17.59 -61.41 -9.02
C LEU A 469 17.35 -61.65 -10.51
N PHE A 470 18.27 -62.37 -11.16
CA PHE A 470 18.09 -62.67 -12.58
C PHE A 470 16.87 -63.53 -12.81
N GLU A 471 16.65 -64.52 -11.94
CA GLU A 471 15.47 -65.37 -12.05
C GLU A 471 14.19 -64.56 -11.84
N LYS A 472 14.21 -63.62 -10.90
CA LYS A 472 13.05 -62.76 -10.68
C LYS A 472 12.80 -61.89 -11.91
N MET A 473 13.86 -61.37 -12.54
CA MET A 473 13.69 -60.60 -13.76
C MET A 473 13.10 -61.46 -14.87
N ILE A 474 13.57 -62.70 -15.00
CA ILE A 474 13.03 -63.60 -16.02
C ILE A 474 11.55 -63.88 -15.76
N LYS A 475 11.18 -64.10 -14.50
CA LYS A 475 9.78 -64.34 -14.16
C LYS A 475 8.93 -63.11 -14.48
N GLU A 476 9.44 -61.91 -14.18
CA GLU A 476 8.70 -60.70 -14.49
C GLU A 476 8.52 -60.51 -15.99
N LEU A 477 9.55 -60.84 -16.77
CA LEU A 477 9.50 -60.69 -18.21
C LEU A 477 8.87 -61.87 -18.92
N THR A 478 8.44 -62.90 -18.18
CA THR A 478 7.79 -64.05 -18.80
C THR A 478 6.39 -63.65 -19.25
N LYS A 479 6.12 -63.80 -20.55
CA LYS A 479 4.87 -63.35 -21.15
C LYS A 479 3.80 -64.42 -21.01
N GLU A 480 3.40 -64.66 -19.76
CA GLU A 480 2.29 -65.54 -19.45
C GLU A 480 0.98 -64.77 -19.49
N PHE A 481 -0.11 -65.48 -19.78
CA PHE A 481 -1.44 -64.89 -19.87
C PHE A 481 -1.46 -63.76 -20.91
N ASP A 482 -0.85 -64.01 -22.06
CA ASP A 482 -0.68 -63.02 -23.10
C ASP A 482 -1.18 -63.58 -24.43
N TYR A 483 -1.33 -62.70 -25.41
CA TYR A 483 -1.77 -63.06 -26.75
C TYR A 483 -0.75 -62.57 -27.79
N TYR A 484 -1.12 -62.72 -29.07
CA TYR A 484 -0.21 -62.43 -30.18
C TYR A 484 -0.21 -60.92 -30.43
N ASP A 485 0.28 -60.50 -31.60
CA ASP A 485 0.39 -59.10 -31.99
C ASP A 485 1.37 -58.35 -31.11
N THR A 486 2.64 -58.77 -31.14
CA THR A 486 3.74 -58.05 -30.52
C THR A 486 4.48 -57.29 -31.61
N GLY A 487 4.73 -56.00 -31.36
CA GLY A 487 5.33 -55.13 -32.35
C GLY A 487 6.68 -55.60 -32.87
N PHE A 488 7.69 -55.57 -32.01
CA PHE A 488 9.03 -56.00 -32.40
C PHE A 488 9.75 -56.52 -31.17
N GLY A 489 10.79 -57.34 -31.42
CA GLY A 489 11.57 -57.90 -30.34
C GLY A 489 11.13 -59.29 -29.95
N ARG A 490 12.00 -60.28 -30.17
CA ARG A 490 11.70 -61.67 -29.81
C ARG A 490 11.96 -61.83 -28.31
N VAL A 491 11.02 -61.33 -27.52
CA VAL A 491 11.15 -61.37 -26.06
C VAL A 491 11.21 -62.80 -25.57
N ARG A 492 10.33 -63.67 -26.09
CA ARG A 492 10.32 -65.07 -25.65
C ARG A 492 11.63 -65.76 -25.98
N LYS A 493 12.18 -65.50 -27.17
CA LYS A 493 13.45 -66.10 -27.54
C LYS A 493 14.57 -65.63 -26.63
N GLU A 494 14.60 -64.33 -26.30
CA GLU A 494 15.62 -63.81 -25.40
C GLU A 494 15.50 -64.43 -24.02
N ILE A 495 14.27 -64.57 -23.51
CA ILE A 495 14.07 -65.19 -22.20
C ILE A 495 14.53 -66.64 -22.22
N ASP A 496 14.21 -67.38 -23.28
CA ASP A 496 14.64 -68.77 -23.38
C ASP A 496 16.16 -68.86 -23.42
N LEU A 497 16.81 -67.99 -24.20
CA LEU A 497 18.27 -68.02 -24.29
C LEU A 497 18.91 -67.68 -22.95
N PHE A 498 18.35 -66.70 -22.24
CA PHE A 498 18.85 -66.38 -20.90
C PHE A 498 18.64 -67.54 -19.94
N SER A 499 17.55 -68.29 -20.11
CA SER A 499 17.30 -69.44 -19.24
C SER A 499 18.28 -70.57 -19.51
N ASP A 500 18.60 -70.82 -20.78
CA ASP A 500 19.48 -71.93 -21.13
C ASP A 500 20.96 -71.57 -21.10
N ILE A 501 21.31 -70.32 -20.75
CA ILE A 501 22.72 -69.95 -20.66
C ILE A 501 23.41 -70.65 -19.51
N GLN A 502 22.66 -71.20 -18.57
CA GLN A 502 23.25 -71.98 -17.47
C GLN A 502 23.81 -73.28 -18.03
N SER A 503 25.13 -73.37 -18.11
CA SER A 503 25.79 -74.54 -18.69
C SER A 503 27.15 -74.71 -18.02
N SER A 504 28.00 -75.54 -18.63
CA SER A 504 29.34 -75.81 -18.15
C SER A 504 30.34 -75.63 -19.29
N THR A 505 30.23 -74.53 -20.01
CA THR A 505 31.05 -74.23 -21.17
C THR A 505 31.89 -72.98 -20.87
N LYS A 506 32.56 -72.48 -21.92
CA LYS A 506 33.45 -71.32 -21.81
C LYS A 506 34.59 -71.60 -20.82
N LYS A 507 35.43 -72.55 -21.21
CA LYS A 507 36.54 -72.99 -20.37
C LYS A 507 37.50 -71.84 -20.08
N HIS A 508 38.33 -72.03 -19.06
CA HIS A 508 39.23 -70.98 -18.60
C HIS A 508 40.32 -70.71 -19.63
N MET A 509 40.85 -69.48 -19.59
CA MET A 509 42.01 -69.10 -20.37
C MET A 509 42.94 -68.29 -19.49
N ASP A 510 44.24 -68.59 -19.57
CA ASP A 510 45.27 -67.94 -18.76
C ASP A 510 44.98 -68.10 -17.26
N SER A 511 44.66 -69.33 -16.87
CA SER A 511 44.48 -69.70 -15.47
C SER A 511 43.36 -68.90 -14.82
N GLY A 512 42.16 -69.04 -15.37
CA GLY A 512 40.98 -68.42 -14.79
C GLY A 512 41.01 -66.91 -14.76
N LEU A 513 41.50 -66.28 -15.83
CA LEU A 513 41.50 -64.83 -15.94
C LEU A 513 40.78 -64.31 -17.17
N PHE A 514 40.51 -65.16 -18.16
CA PHE A 514 39.81 -64.74 -19.36
C PHE A 514 38.94 -65.90 -19.83
N PHE A 515 38.15 -65.64 -20.87
CA PHE A 515 37.29 -66.63 -21.49
C PHE A 515 37.84 -66.98 -22.87
N LYS A 516 37.85 -68.27 -23.19
CA LYS A 516 38.43 -68.72 -24.45
C LYS A 516 37.66 -68.17 -25.63
N ARG A 517 36.33 -68.30 -25.62
CA ARG A 517 35.48 -67.81 -26.70
C ARG A 517 34.30 -66.98 -26.23
N PHE A 518 33.82 -67.17 -25.01
CA PHE A 518 32.69 -66.40 -24.52
C PHE A 518 33.05 -64.94 -24.33
N SER A 519 32.07 -64.07 -24.58
CA SER A 519 32.26 -62.63 -24.46
C SER A 519 31.15 -62.07 -23.57
N LEU A 520 31.54 -61.38 -22.50
CA LEU A 520 30.56 -60.75 -21.63
C LEU A 520 29.97 -59.48 -22.21
N HIS A 521 30.62 -58.88 -23.22
CA HIS A 521 30.11 -57.66 -23.81
C HIS A 521 28.75 -57.89 -24.48
N ASN A 522 28.63 -58.98 -25.26
CA ASN A 522 27.38 -59.27 -25.93
C ASN A 522 26.27 -59.61 -24.94
N LEU A 523 26.58 -60.38 -23.90
CA LEU A 523 25.59 -60.71 -22.90
C LEU A 523 25.13 -59.46 -22.15
N SER A 524 26.07 -58.57 -21.82
CA SER A 524 25.72 -57.32 -21.15
C SER A 524 24.84 -56.46 -22.06
N SER A 525 25.16 -56.40 -23.35
CA SER A 525 24.34 -55.63 -24.27
C SER A 525 22.93 -56.18 -24.37
N ARG A 526 22.81 -57.52 -24.44
CA ARG A 526 21.48 -58.14 -24.49
C ARG A 526 20.70 -57.87 -23.22
N ILE A 527 21.35 -57.98 -22.06
CA ILE A 527 20.67 -57.73 -20.79
C ILE A 527 20.21 -56.28 -20.71
N ASN A 528 21.06 -55.35 -21.13
CA ASN A 528 20.68 -53.93 -21.12
C ASN A 528 19.51 -53.68 -22.06
N LYS A 529 19.53 -54.28 -23.25
CA LYS A 529 18.43 -54.08 -24.19
C LYS A 529 17.12 -54.62 -23.61
N VAL A 530 17.18 -55.77 -22.93
CA VAL A 530 15.96 -56.33 -22.34
C VAL A 530 15.49 -55.48 -21.17
N SER A 531 16.41 -54.97 -20.35
CA SER A 531 16.07 -54.30 -19.11
C SER A 531 15.93 -52.78 -19.25
N ARG A 532 16.05 -52.25 -20.46
CA ARG A 532 15.75 -50.83 -20.68
C ARG A 532 14.36 -50.47 -20.15
N LYS A 533 13.38 -51.36 -20.38
CA LYS A 533 12.03 -51.11 -19.87
C LYS A 533 11.93 -51.27 -18.37
N LEU A 534 12.92 -51.90 -17.74
CA LEU A 534 12.95 -52.09 -16.29
C LEU A 534 13.71 -50.98 -15.57
N ASN A 535 14.18 -49.97 -16.29
CA ASN A 535 14.97 -48.88 -15.72
C ASN A 535 16.21 -49.40 -15.00
N ARG A 536 16.87 -50.39 -15.60
CA ARG A 536 18.08 -50.97 -15.04
C ARG A 536 19.16 -51.04 -16.10
N TYR A 537 20.40 -50.72 -15.69
CA TYR A 537 21.55 -50.79 -16.56
C TYR A 537 22.65 -51.58 -15.86
N PHE A 538 23.14 -52.61 -16.54
CA PHE A 538 24.15 -53.51 -15.99
C PHE A 538 25.46 -53.32 -16.75
N MET A 539 26.53 -53.07 -16.01
CA MET A 539 27.83 -52.83 -16.60
C MET A 539 28.57 -54.13 -16.85
N THR A 540 29.42 -54.13 -17.88
CA THR A 540 30.17 -55.33 -18.25
C THR A 540 31.12 -55.74 -17.12
N THR A 541 31.81 -54.78 -16.53
CA THR A 541 32.73 -55.01 -15.43
C THR A 541 32.42 -53.97 -14.36
N THR A 542 33.19 -53.95 -13.27
CA THR A 542 32.99 -52.96 -12.23
C THR A 542 33.42 -51.58 -12.72
N ILE A 543 33.26 -50.58 -11.86
CA ILE A 543 33.54 -49.21 -12.26
C ILE A 543 35.02 -49.01 -12.52
N GLU A 544 35.88 -49.79 -11.85
CA GLU A 544 37.31 -49.72 -12.14
C GLU A 544 37.60 -50.15 -13.57
N GLY A 545 36.93 -51.21 -14.04
CA GLY A 545 37.09 -51.63 -15.42
C GLY A 545 36.66 -50.56 -16.40
N ALA A 546 35.61 -49.81 -16.06
CA ALA A 546 35.18 -48.72 -16.92
C ALA A 546 36.16 -47.56 -16.89
N LEU A 547 36.85 -47.36 -15.76
CA LEU A 547 37.81 -46.26 -15.68
C LEU A 547 39.13 -46.61 -16.36
N ILE A 548 39.81 -47.64 -15.89
CA ILE A 548 41.10 -48.06 -16.44
C ILE A 548 40.86 -49.22 -17.40
N ASN A 549 41.03 -48.93 -18.70
CA ASN A 549 40.87 -49.95 -19.73
C ASN A 549 42.07 -49.92 -20.67
N GLU A 550 41.98 -50.68 -21.77
CA GLU A 550 43.09 -50.75 -22.71
C GLU A 550 43.33 -49.43 -23.43
N GLN A 551 42.35 -48.53 -23.43
CA GLN A 551 42.50 -47.25 -24.11
C GLN A 551 42.98 -46.13 -23.18
N SER A 552 42.79 -46.27 -21.88
CA SER A 552 43.18 -45.27 -20.91
C SER A 552 44.55 -45.53 -20.29
N LEU A 553 45.25 -46.57 -20.74
CA LEU A 553 46.58 -46.86 -20.20
C LEU A 553 47.56 -45.71 -20.38
N PRO A 554 47.66 -45.03 -21.53
CA PRO A 554 48.57 -43.86 -21.59
C PRO A 554 48.24 -42.81 -20.54
N TYR A 555 46.96 -42.54 -20.31
CA TYR A 555 46.58 -41.53 -19.35
C TYR A 555 46.83 -42.00 -17.93
N PHE A 556 46.61 -43.29 -17.65
CA PHE A 556 46.93 -43.82 -16.33
C PHE A 556 48.42 -43.77 -16.06
N PHE A 557 49.24 -44.08 -17.06
CA PHE A 557 50.70 -43.98 -16.91
C PHE A 557 51.13 -42.53 -16.71
N ASN A 558 50.51 -41.60 -17.43
CA ASN A 558 50.82 -40.19 -17.23
C ASN A 558 50.44 -39.75 -15.82
N TRP A 559 49.31 -40.23 -15.31
CA TRP A 559 48.93 -39.92 -13.93
C TRP A 559 49.92 -40.49 -12.94
N ILE A 560 50.40 -41.71 -13.17
CA ILE A 560 51.42 -42.30 -12.31
C ILE A 560 52.69 -41.46 -12.34
N GLY A 561 53.09 -41.02 -13.52
CA GLY A 561 54.27 -40.17 -13.64
C GLY A 561 54.10 -38.85 -12.92
N ASP A 562 52.93 -38.24 -13.03
CA ASP A 562 52.67 -36.98 -12.33
C ASP A 562 52.70 -37.19 -10.82
N VAL A 563 52.15 -38.31 -10.34
CA VAL A 563 52.20 -38.61 -8.91
C VAL A 563 53.65 -38.78 -8.45
N ILE A 564 54.46 -39.48 -9.24
CA ILE A 564 55.87 -39.61 -8.91
C ILE A 564 56.56 -38.26 -8.86
N LEU A 565 56.28 -37.40 -9.85
CA LEU A 565 56.95 -36.11 -9.94
C LEU A 565 56.58 -35.20 -8.78
N THR A 566 55.30 -35.16 -8.40
CA THR A 566 54.81 -34.19 -7.43
C THR A 566 54.19 -34.85 -6.21
N GLN A 567 54.71 -36.00 -5.79
CA GLN A 567 54.24 -36.67 -4.58
C GLN A 567 55.32 -36.81 -3.53
N MET A 568 56.48 -37.35 -3.89
CA MET A 568 57.53 -37.68 -2.93
C MET A 568 58.54 -36.54 -2.83
N THR A 569 59.13 -36.40 -1.64
CA THR A 569 60.17 -35.41 -1.39
C THR A 569 61.34 -36.04 -0.66
N ILE A 570 62.29 -35.22 -0.21
CA ILE A 570 63.48 -35.70 0.46
C ILE A 570 63.23 -35.71 1.97
N ASN A 571 63.40 -36.89 2.58
CA ASN A 571 63.19 -37.00 4.03
C ASN A 571 64.25 -36.22 4.80
N ASN A 572 65.51 -36.29 4.36
CA ASN A 572 66.59 -35.63 5.06
C ASN A 572 66.45 -34.11 4.93
N PRO A 573 66.73 -33.34 5.98
CA PRO A 573 66.68 -31.87 5.85
C PRO A 573 67.66 -31.33 4.84
N ASN A 574 68.81 -31.98 4.66
CA ASN A 574 69.79 -31.55 3.67
C ASN A 574 69.68 -32.44 2.44
N PRO A 575 69.15 -31.94 1.32
CA PRO A 575 68.96 -32.83 0.17
C PRO A 575 70.26 -33.17 -0.55
N ASP A 576 71.14 -32.20 -0.76
CA ASP A 576 72.34 -32.44 -1.55
C ASP A 576 73.27 -33.45 -0.88
N LYS A 577 73.52 -33.28 0.41
CA LYS A 577 74.41 -34.19 1.12
C LYS A 577 73.84 -35.60 1.16
N PHE A 578 72.54 -35.73 1.43
CA PHE A 578 71.92 -37.05 1.47
C PHE A 578 71.97 -37.72 0.11
N ILE A 579 71.67 -36.98 -0.96
CA ILE A 579 71.71 -37.54 -2.30
C ILE A 579 73.11 -37.99 -2.66
N GLU A 580 74.11 -37.16 -2.34
CA GLU A 580 75.49 -37.52 -2.63
C GLU A 580 75.92 -38.77 -1.86
N ALA A 581 75.54 -38.85 -0.58
CA ALA A 581 75.89 -40.01 0.21
C ALA A 581 75.25 -41.28 -0.33
N MET A 582 73.97 -41.20 -0.72
CA MET A 582 73.30 -42.38 -1.25
C MET A 582 73.86 -42.78 -2.61
N ARG A 583 74.24 -41.81 -3.45
CA ARG A 583 74.87 -42.13 -4.72
C ARG A 583 76.22 -42.80 -4.52
N ARG A 584 77.01 -42.31 -3.56
CA ARG A 584 78.30 -42.93 -3.29
C ARG A 584 78.16 -44.27 -2.57
N ARG A 585 77.03 -44.52 -1.93
CA ARG A 585 76.79 -45.78 -1.23
C ARG A 585 76.02 -46.79 -2.07
N TYR A 586 74.90 -46.36 -2.67
CA TYR A 586 74.07 -47.24 -3.48
C TYR A 586 74.31 -46.96 -4.96
N ASN A 587 74.35 -48.03 -5.75
CA ASN A 587 74.55 -47.89 -7.20
C ASN A 587 73.34 -47.22 -7.83
N ILE A 588 73.60 -46.38 -8.83
CA ILE A 588 72.52 -45.61 -9.47
C ILE A 588 71.73 -46.46 -10.47
N LYS A 589 72.28 -47.57 -10.93
CA LYS A 589 71.63 -48.40 -11.94
C LYS A 589 71.14 -49.73 -11.37
N SER A 590 72.04 -50.51 -10.76
CA SER A 590 71.63 -51.82 -10.23
C SER A 590 70.81 -51.66 -8.95
N GLN A 591 71.18 -50.72 -8.10
CA GLN A 591 70.51 -50.49 -6.82
C GLN A 591 69.65 -49.22 -6.86
N VAL A 592 69.00 -48.98 -8.01
CA VAL A 592 68.17 -47.79 -8.15
C VAL A 592 66.95 -47.87 -7.24
N VAL A 593 66.34 -49.05 -7.12
CA VAL A 593 65.15 -49.18 -6.29
C VAL A 593 65.45 -48.94 -4.81
N PRO A 594 66.49 -49.53 -4.21
CA PRO A 594 66.78 -49.18 -2.81
C PRO A 594 67.08 -47.71 -2.60
N LEU A 595 67.78 -47.07 -3.56
CA LEU A 595 68.06 -45.64 -3.43
C LEU A 595 66.77 -44.84 -3.48
N PHE A 596 65.85 -45.20 -4.39
CA PHE A 596 64.57 -44.50 -4.45
C PHE A 596 63.78 -44.68 -3.17
N LYS A 597 63.80 -45.89 -2.60
CA LYS A 597 63.08 -46.13 -1.36
C LYS A 597 63.69 -45.35 -0.19
N SER A 598 65.02 -45.26 -0.13
CA SER A 598 65.69 -44.62 0.99
C SER A 598 65.85 -43.11 0.82
N VAL A 599 65.55 -42.56 -0.34
CA VAL A 599 65.69 -41.13 -0.60
C VAL A 599 64.34 -40.44 -0.64
N PHE A 600 63.42 -40.91 -1.48
CA PHE A 600 62.14 -40.27 -1.67
C PHE A 600 61.11 -40.84 -0.69
N CYS A 601 60.38 -39.95 -0.02
CA CYS A 601 59.35 -40.34 0.93
C CYS A 601 58.10 -39.51 0.69
N ILE A 602 56.95 -40.10 1.01
CA ILE A 602 55.68 -39.42 0.81
C ILE A 602 55.56 -38.25 1.78
N GLY A 603 55.29 -37.06 1.25
CA GLY A 603 55.17 -35.87 2.07
C GLY A 603 54.25 -34.83 1.48
N LEU A 604 53.40 -34.22 2.31
CA LEU A 604 52.47 -33.20 1.82
C LEU A 604 53.23 -31.97 1.32
N ASN A 605 54.26 -31.54 2.05
CA ASN A 605 55.02 -30.37 1.66
C ASN A 605 56.00 -30.71 0.55
N HIS A 606 56.27 -29.73 -0.31
CA HIS A 606 57.18 -29.88 -1.44
C HIS A 606 58.19 -28.75 -1.42
N PRO A 607 59.26 -28.88 -0.62
CA PRO A 607 60.27 -27.83 -0.56
C PRO A 607 61.03 -27.69 -1.87
N VAL A 608 61.53 -26.49 -2.11
CA VAL A 608 62.29 -26.19 -3.33
C VAL A 608 63.77 -26.37 -3.02
N TYR A 609 64.44 -27.17 -3.87
CA TYR A 609 65.84 -27.50 -3.69
C TYR A 609 66.70 -26.65 -4.62
N SER A 610 68.00 -26.93 -4.64
CA SER A 610 68.91 -26.22 -5.52
C SER A 610 68.79 -26.72 -6.95
N SER A 611 69.41 -25.98 -7.87
CA SER A 611 69.31 -26.32 -9.29
C SER A 611 69.92 -27.69 -9.57
N ALA A 612 71.10 -27.95 -9.01
CA ALA A 612 71.73 -29.27 -9.19
C ALA A 612 70.90 -30.37 -8.52
N VAL A 613 70.38 -30.09 -7.33
CA VAL A 613 69.55 -31.08 -6.63
C VAL A 613 68.28 -31.35 -7.41
N ASP A 614 67.65 -30.29 -7.94
CA ASP A 614 66.43 -30.47 -8.74
C ASP A 614 66.72 -31.26 -10.00
N LYS A 615 67.85 -30.97 -10.67
CA LYS A 615 68.20 -31.73 -11.86
C LYS A 615 68.44 -33.19 -11.55
N GLN A 616 69.15 -33.47 -10.45
CA GLN A 616 69.39 -34.86 -10.06
C GLN A 616 68.08 -35.58 -9.73
N ALA A 617 67.19 -34.90 -9.01
CA ALA A 617 65.90 -35.52 -8.68
C ALA A 617 65.08 -35.79 -9.93
N LEU A 618 65.08 -34.84 -10.88
CA LEU A 618 64.34 -35.05 -12.13
C LEU A 618 64.93 -36.22 -12.92
N ARG A 619 66.26 -36.32 -12.96
CA ARG A 619 66.89 -37.44 -13.66
C ARG A 619 66.54 -38.77 -13.00
N ILE A 620 66.55 -38.81 -11.67
CA ILE A 620 66.21 -40.05 -10.96
C ILE A 620 64.76 -40.42 -11.22
N LYS A 621 63.85 -39.43 -11.19
CA LYS A 621 62.45 -39.72 -11.45
C LYS A 621 62.22 -40.22 -12.87
N LEU A 622 62.90 -39.61 -13.85
CA LEU A 622 62.77 -40.08 -15.23
C LEU A 622 63.32 -41.49 -15.38
N SER A 623 64.45 -41.79 -14.74
CA SER A 623 65.01 -43.13 -14.79
C SER A 623 64.05 -44.14 -14.16
N PHE A 624 63.43 -43.78 -13.03
CA PHE A 624 62.48 -44.67 -12.39
C PHE A 624 61.25 -44.91 -13.26
N LEU A 625 60.76 -43.85 -13.90
CA LEU A 625 59.63 -44.00 -14.81
C LEU A 625 59.96 -44.92 -15.97
N ASN A 626 61.14 -44.74 -16.58
CA ASN A 626 61.56 -45.62 -17.66
C ASN A 626 61.70 -47.05 -17.19
N TYR A 627 62.28 -47.25 -16.00
CA TYR A 627 62.45 -48.60 -15.47
C TYR A 627 61.12 -49.28 -15.24
N LEU A 628 60.16 -48.56 -14.64
CA LEU A 628 58.86 -49.17 -14.37
C LEU A 628 58.11 -49.47 -15.65
N LYS A 629 58.19 -48.56 -16.64
CA LYS A 629 57.53 -48.81 -17.92
C LYS A 629 58.12 -50.03 -18.61
N ARG A 630 59.46 -50.13 -18.63
CA ARG A 630 60.10 -51.28 -19.25
C ARG A 630 59.75 -52.57 -18.53
N LYS A 631 59.74 -52.54 -17.19
CA LYS A 631 59.43 -53.75 -16.43
C LYS A 631 57.99 -54.19 -16.65
N VAL A 632 57.05 -53.23 -16.71
CA VAL A 632 55.66 -53.57 -16.97
C VAL A 632 55.51 -54.17 -18.36
N TYR A 633 56.17 -53.58 -19.37
CA TYR A 633 56.05 -54.10 -20.73
C TYR A 633 56.69 -55.47 -20.87
N SER A 634 57.82 -55.71 -20.19
CA SER A 634 58.56 -56.95 -20.35
C SER A 634 58.14 -58.04 -19.36
N ASP A 635 57.26 -57.73 -18.40
CA ASP A 635 56.81 -58.72 -17.44
C ASP A 635 55.53 -59.40 -17.91
N PHE A 636 54.49 -58.60 -18.18
CA PHE A 636 53.22 -59.14 -18.65
C PHE A 636 53.29 -59.48 -20.13
N ASN A 637 52.32 -60.29 -20.57
CA ASN A 637 52.38 -60.85 -21.91
C ASN A 637 52.10 -59.78 -22.96
N ASN A 638 50.91 -59.19 -22.94
CA ASN A 638 50.51 -58.20 -23.93
C ASN A 638 49.86 -57.02 -23.22
N GLU A 639 49.31 -56.10 -23.99
CA GLU A 639 48.64 -54.92 -23.43
C GLU A 639 47.19 -55.22 -23.10
N LYS A 640 46.98 -56.34 -22.44
CA LYS A 640 45.70 -56.73 -21.85
C LYS A 640 45.83 -57.20 -20.42
N GLU A 641 46.93 -57.88 -20.08
CA GLU A 641 47.15 -58.32 -18.71
C GLU A 641 47.51 -57.15 -17.80
N ILE A 642 48.08 -56.08 -18.35
CA ILE A 642 48.34 -54.88 -17.56
C ILE A 642 47.03 -54.28 -17.06
N VAL A 643 46.02 -54.21 -17.94
CA VAL A 643 44.74 -53.64 -17.55
C VAL A 643 44.09 -54.47 -16.44
N LEU A 644 44.10 -55.80 -16.61
CA LEU A 644 43.52 -56.67 -15.60
C LEU A 644 44.28 -56.58 -14.28
N ALA A 645 45.61 -56.49 -14.34
CA ALA A 645 46.41 -56.35 -13.14
C ALA A 645 46.08 -55.06 -12.40
N LEU A 646 45.98 -53.95 -13.14
CA LEU A 646 45.64 -52.67 -12.51
C LEU A 646 44.23 -52.71 -11.95
N ARG A 647 43.29 -53.35 -12.66
CA ARG A 647 41.92 -53.43 -12.15
C ARG A 647 41.86 -54.19 -10.85
N LEU A 648 42.49 -55.36 -10.80
CA LEU A 648 42.48 -56.14 -9.56
C LEU A 648 43.28 -55.45 -8.46
N ALA A 649 44.24 -54.61 -8.83
CA ALA A 649 44.97 -53.85 -7.81
C ALA A 649 44.04 -52.89 -7.07
N PHE A 650 43.17 -52.20 -7.79
CA PHE A 650 42.23 -51.25 -7.18
C PHE A 650 40.89 -51.90 -6.88
N GLY A 651 40.92 -53.06 -6.23
CA GLY A 651 39.70 -53.72 -5.80
C GLY A 651 38.71 -54.03 -6.92
N GLY A 652 39.21 -54.43 -8.08
CA GLY A 652 38.38 -54.69 -9.23
C GLY A 652 38.06 -56.16 -9.42
N LYS A 653 37.57 -56.48 -10.62
CA LYS A 653 37.18 -57.83 -10.97
C LYS A 653 37.69 -58.17 -12.37
N THR A 654 37.83 -59.47 -12.62
CA THR A 654 38.17 -59.98 -13.93
C THR A 654 36.91 -60.41 -14.67
N GLU A 655 37.10 -60.97 -15.87
CA GLU A 655 35.95 -61.41 -16.66
C GLU A 655 35.30 -62.65 -16.10
N THR A 656 35.94 -63.36 -15.19
CA THR A 656 35.34 -64.50 -14.52
C THR A 656 34.64 -64.12 -13.22
N GLN A 657 34.51 -62.83 -12.94
CA GLN A 657 33.85 -62.33 -11.73
C GLN A 657 34.58 -62.82 -10.48
N TYR A 658 35.87 -62.51 -10.41
CA TYR A 658 36.69 -62.86 -9.27
C TYR A 658 37.56 -61.68 -8.87
N THR A 659 37.66 -61.44 -7.57
CA THR A 659 38.53 -60.40 -7.01
C THR A 659 39.80 -61.03 -6.47
N LEU A 660 40.73 -60.17 -6.05
CA LEU A 660 41.98 -60.66 -5.46
C LEU A 660 41.71 -61.42 -4.17
N ASP A 661 40.78 -60.92 -3.35
CA ASP A 661 40.44 -61.63 -2.11
C ASP A 661 39.79 -62.97 -2.42
N LYS A 662 38.89 -63.01 -3.39
CA LYS A 662 38.23 -64.26 -3.73
C LYS A 662 39.20 -65.24 -4.37
N LEU A 663 40.13 -64.74 -5.20
CA LEU A 663 41.17 -65.59 -5.76
C LEU A 663 42.07 -66.15 -4.66
N ARG A 664 42.39 -65.33 -3.66
CA ARG A 664 43.20 -65.81 -2.55
C ARG A 664 42.48 -66.89 -1.77
N LYS A 665 41.17 -66.70 -1.52
CA LYS A 665 40.40 -67.72 -0.84
C LYS A 665 40.27 -68.98 -1.68
N ASP A 666 40.31 -68.84 -3.01
CA ASP A 666 40.22 -69.99 -3.90
C ASP A 666 41.58 -70.60 -4.18
N GLY A 667 42.51 -69.80 -4.72
CA GLY A 667 43.86 -70.28 -4.98
C GLY A 667 44.17 -70.41 -6.45
N GLU A 668 43.59 -69.54 -7.27
CA GLU A 668 43.80 -69.55 -8.71
C GLU A 668 44.67 -68.39 -9.13
N ALA A 669 45.36 -68.55 -10.27
CA ALA A 669 46.26 -67.54 -10.80
C ALA A 669 47.31 -67.12 -9.78
N GLU A 670 47.99 -68.12 -9.21
CA GLU A 670 48.97 -67.87 -8.16
C GLU A 670 50.14 -67.04 -8.68
N LEU A 671 50.61 -67.33 -9.90
CA LEU A 671 51.73 -66.58 -10.45
C LEU A 671 51.39 -65.12 -10.65
N PHE A 672 50.19 -64.84 -11.16
CA PHE A 672 49.77 -63.46 -11.36
C PHE A 672 49.60 -62.74 -10.02
N ARG A 673 49.09 -63.45 -9.01
CA ARG A 673 48.99 -62.84 -7.68
C ARG A 673 50.35 -62.53 -7.10
N GLU A 674 51.33 -63.42 -7.31
CA GLU A 674 52.69 -63.14 -6.87
C GLU A 674 53.27 -61.94 -7.60
N LYS A 675 52.98 -61.80 -8.89
CA LYS A 675 53.41 -60.62 -9.63
C LYS A 675 52.81 -59.36 -9.05
N ILE A 676 51.51 -59.39 -8.72
CA ILE A 676 50.86 -58.23 -8.13
C ILE A 676 51.47 -57.88 -6.78
N LYS A 677 51.73 -58.91 -5.95
CA LYS A 677 52.32 -58.65 -4.64
C LYS A 677 53.72 -58.06 -4.77
N ASN A 678 54.51 -58.58 -5.71
CA ASN A 678 55.85 -58.03 -5.94
C ASN A 678 55.79 -56.59 -6.42
N TYR A 679 54.86 -56.29 -7.33
CA TYR A 679 54.73 -54.92 -7.83
C TYR A 679 54.30 -53.97 -6.71
N LYS A 680 53.36 -54.38 -5.88
CA LYS A 680 52.85 -53.51 -4.83
C LYS A 680 53.89 -53.29 -3.73
N ASN A 681 54.56 -54.36 -3.30
CA ASN A 681 55.50 -54.24 -2.19
C ASN A 681 56.85 -53.68 -2.60
N ASN A 682 57.25 -53.82 -3.86
CA ASN A 682 58.55 -53.37 -4.31
C ASN A 682 58.47 -52.25 -5.33
N GLU A 683 57.77 -52.45 -6.44
CA GLU A 683 57.78 -51.48 -7.53
C GLU A 683 56.91 -50.27 -7.21
N LEU A 684 55.60 -50.49 -7.04
CA LEU A 684 54.65 -49.43 -6.79
C LEU A 684 54.24 -49.47 -5.32
N PHE A 685 55.04 -48.83 -4.48
CA PHE A 685 54.75 -48.74 -3.05
C PHE A 685 54.20 -47.39 -2.64
N PHE A 686 54.47 -46.34 -3.42
CA PHE A 686 53.87 -45.03 -3.17
C PHE A 686 52.40 -44.99 -3.52
N LEU A 687 51.94 -45.86 -4.41
CA LEU A 687 50.54 -45.92 -4.82
C LEU A 687 49.73 -46.88 -3.96
N GLU A 688 50.37 -47.59 -3.03
CA GLU A 688 49.64 -48.53 -2.19
C GLU A 688 48.51 -47.89 -1.39
N PRO A 689 48.69 -46.72 -0.75
CA PRO A 689 47.54 -46.12 -0.03
C PRO A 689 46.40 -45.71 -0.94
N GLN A 690 46.63 -45.53 -2.23
CA GLN A 690 45.59 -45.12 -3.16
C GLN A 690 44.88 -46.30 -3.82
N MET A 691 45.23 -47.53 -3.45
CA MET A 691 44.61 -48.72 -4.03
C MET A 691 43.40 -49.20 -3.23
N THR A 692 42.74 -48.31 -2.51
CA THR A 692 41.52 -48.62 -1.78
C THR A 692 40.34 -47.94 -2.47
N LYS A 693 39.14 -48.50 -2.28
CA LYS A 693 37.95 -47.93 -2.89
C LYS A 693 37.66 -46.54 -2.33
N THR A 694 37.79 -46.38 -1.01
CA THR A 694 37.60 -45.07 -0.37
C THR A 694 38.92 -44.33 -0.22
N SER A 695 39.65 -44.17 -1.34
CA SER A 695 40.94 -43.49 -1.33
C SER A 695 40.97 -42.24 -2.20
N GLY A 696 39.93 -41.98 -2.98
CA GLY A 696 39.88 -40.78 -3.79
C GLY A 696 40.73 -40.81 -5.04
N TRP A 697 41.25 -41.99 -5.42
CA TRP A 697 42.04 -42.07 -6.65
C TRP A 697 41.19 -41.80 -7.89
N VAL A 698 39.90 -42.12 -7.83
CA VAL A 698 39.02 -41.90 -8.97
C VAL A 698 38.91 -40.41 -9.29
N THR A 699 38.71 -39.59 -8.25
CA THR A 699 38.57 -38.15 -8.47
C THR A 699 39.86 -37.56 -9.03
N THR A 700 41.01 -37.94 -8.46
CA THR A 700 42.29 -37.42 -8.94
C THR A 700 42.55 -37.84 -10.38
N PHE A 701 42.29 -39.11 -10.70
CA PHE A 701 42.54 -39.60 -12.05
C PHE A 701 41.61 -38.91 -13.05
N LEU A 702 40.33 -38.75 -12.70
CA LEU A 702 39.40 -38.07 -13.60
C LEU A 702 39.80 -36.61 -13.81
N ASN A 703 40.20 -35.93 -12.74
CA ASN A 703 40.61 -34.53 -12.87
C ASN A 703 41.86 -34.41 -13.75
N TYR A 704 42.83 -35.30 -13.55
CA TYR A 704 44.05 -35.23 -14.36
C TYR A 704 43.75 -35.53 -15.82
N THR A 705 42.88 -36.52 -16.09
CA THR A 705 42.54 -36.84 -17.46
C THR A 705 41.80 -35.68 -18.12
N ILE A 706 40.86 -35.06 -17.41
CA ILE A 706 40.13 -33.92 -17.96
C ILE A 706 41.08 -32.77 -18.26
N GLU A 707 42.00 -32.49 -17.33
CA GLU A 707 42.95 -31.40 -17.55
C GLU A 707 43.84 -31.69 -18.75
N LYS A 708 44.32 -32.93 -18.88
CA LYS A 708 45.18 -33.28 -20.00
C LYS A 708 44.45 -33.17 -21.34
N ILE A 709 43.19 -33.64 -21.38
CA ILE A 709 42.43 -33.57 -22.62
C ILE A 709 42.10 -32.12 -22.96
N THR A 710 41.82 -31.30 -21.95
CA THR A 710 41.58 -29.88 -22.20
C THR A 710 42.84 -29.21 -22.74
N SER A 711 44.00 -29.59 -22.20
CA SER A 711 45.25 -29.04 -22.70
C SER A 711 45.53 -29.45 -24.14
N GLU A 712 45.25 -30.71 -24.48
CA GLU A 712 45.56 -31.19 -25.83
C GLU A 712 44.59 -30.62 -26.86
N GLU A 713 43.31 -30.95 -26.74
CA GLU A 713 42.31 -30.46 -27.69
C GLU A 713 41.92 -29.02 -27.34
N SER A 714 41.12 -28.42 -28.22
CA SER A 714 40.69 -27.04 -28.09
C SER A 714 39.20 -26.90 -27.84
N ASP A 715 38.35 -27.48 -28.69
CA ASP A 715 36.92 -27.34 -28.56
C ASP A 715 36.36 -28.41 -27.62
N ASP A 716 35.23 -28.07 -26.98
CA ASP A 716 34.61 -28.98 -26.03
C ASP A 716 34.09 -30.25 -26.69
N ASP A 717 33.65 -30.15 -27.96
CA ASP A 717 33.19 -31.34 -28.66
C ASP A 717 34.31 -32.35 -28.84
N ARG A 718 35.51 -31.87 -29.15
CA ARG A 718 36.67 -32.77 -29.25
C ARG A 718 36.96 -33.42 -27.90
N ILE A 719 36.84 -32.66 -26.81
CA ILE A 719 37.05 -33.22 -25.48
C ILE A 719 36.04 -34.31 -25.19
N ARG A 720 34.77 -34.07 -25.53
CA ARG A 720 33.74 -35.08 -25.29
C ARG A 720 33.97 -36.32 -26.14
N GLN A 721 34.38 -36.15 -27.40
CA GLN A 721 34.68 -37.30 -28.24
C GLN A 721 35.87 -38.10 -27.68
N LYS A 722 36.90 -37.40 -27.19
CA LYS A 722 38.03 -38.08 -26.59
C LYS A 722 37.61 -38.85 -25.34
N LEU A 723 36.73 -38.25 -24.52
CA LEU A 723 36.23 -38.94 -23.34
C LEU A 723 35.42 -40.17 -23.73
N SER A 724 34.60 -40.06 -24.77
CA SER A 724 33.83 -41.21 -25.23
C SER A 724 34.75 -42.33 -25.72
N PHE A 725 35.83 -41.97 -26.42
CA PHE A 725 36.80 -42.98 -26.85
C PHE A 725 37.49 -43.61 -25.65
N ILE A 726 37.88 -42.81 -24.66
CA ILE A 726 38.63 -43.32 -23.52
C ILE A 726 37.70 -44.09 -22.57
N PHE A 727 36.55 -43.51 -22.25
CA PHE A 727 35.58 -44.11 -21.33
C PHE A 727 34.31 -44.41 -22.11
N PRO A 728 34.17 -45.62 -22.64
CA PRO A 728 32.96 -45.94 -23.42
C PRO A 728 31.71 -46.05 -22.55
N GLU A 729 31.81 -46.80 -21.45
CA GLU A 729 30.62 -47.10 -20.65
C GLU A 729 30.13 -45.88 -19.89
N ILE A 730 31.06 -45.12 -19.28
CA ILE A 730 30.67 -43.95 -18.50
C ILE A 730 30.01 -42.90 -19.40
N ILE A 731 30.64 -42.60 -20.53
CA ILE A 731 30.06 -41.63 -21.45
C ILE A 731 28.76 -42.15 -22.03
N SER A 732 28.66 -43.46 -22.27
CA SER A 732 27.43 -44.01 -22.80
C SER A 732 26.27 -43.83 -21.83
N ILE A 733 26.48 -44.16 -20.56
CA ILE A 733 25.40 -44.03 -19.58
C ILE A 733 25.07 -42.56 -19.34
N ILE A 734 26.09 -41.70 -19.31
CA ILE A 734 25.84 -40.27 -19.14
C ILE A 734 25.01 -39.73 -20.30
N GLU A 735 25.35 -40.12 -21.53
CA GLU A 735 24.60 -39.64 -22.69
C GLU A 735 23.19 -40.19 -22.70
N GLN A 736 23.00 -41.44 -22.28
CA GLN A 736 21.66 -42.01 -22.20
C GLN A 736 20.80 -41.25 -21.19
N ALA A 737 21.37 -40.97 -20.01
CA ALA A 737 20.65 -40.20 -19.00
C ALA A 737 20.33 -38.80 -19.49
N SER A 738 21.29 -38.16 -20.17
CA SER A 738 21.05 -36.82 -20.71
C SER A 738 19.96 -36.83 -21.77
N SER A 739 19.95 -37.86 -22.62
CA SER A 739 18.90 -37.97 -23.63
C SER A 739 17.54 -38.16 -22.98
N SER A 740 17.46 -38.98 -21.94
CA SER A 740 16.19 -39.15 -21.23
C SER A 740 15.74 -37.84 -20.60
N ILE A 741 16.67 -37.10 -19.98
CA ILE A 741 16.32 -35.84 -19.34
C ILE A 741 15.81 -34.84 -20.37
N GLU A 742 16.52 -34.72 -21.49
CA GLU A 742 16.10 -33.78 -22.53
C GLU A 742 14.82 -34.22 -23.24
N ALA A 743 14.52 -35.52 -23.22
CA ALA A 743 13.24 -35.98 -23.75
C ALA A 743 12.10 -35.68 -22.79
N GLU A 744 12.38 -35.68 -21.48
CA GLU A 744 11.34 -35.36 -20.50
C GLU A 744 11.71 -34.13 -19.69
N GLU A 745 12.18 -33.08 -20.37
CA GLU A 745 12.54 -31.84 -19.69
C GLU A 745 11.41 -30.83 -19.65
N SER A 746 10.53 -30.83 -20.66
CA SER A 746 9.43 -29.87 -20.68
C SER A 746 8.47 -30.10 -19.52
N SER A 747 8.15 -31.35 -19.23
CA SER A 747 7.21 -31.64 -18.15
C SER A 747 7.82 -31.36 -16.78
N LEU A 748 9.08 -31.75 -16.57
CA LEU A 748 9.74 -31.61 -15.28
C LEU A 748 10.52 -30.30 -15.18
N THR A 749 9.86 -29.18 -15.47
CA THR A 749 10.50 -27.88 -15.38
C THR A 749 9.41 -26.82 -15.30
N GLY A 750 9.52 -25.93 -14.32
CA GLY A 750 8.56 -24.85 -14.15
C GLY A 750 8.81 -23.68 -15.08
N THR B 2 36.47 -2.89 -2.55
CA THR B 2 37.16 -4.02 -1.95
C THR B 2 37.44 -3.78 -0.47
N ILE B 3 36.39 -3.92 0.36
CA ILE B 3 36.56 -3.75 1.79
C ILE B 3 37.30 -4.95 2.37
N GLU B 4 38.10 -4.70 3.41
CA GLU B 4 38.81 -5.75 4.11
C GLU B 4 38.48 -5.83 5.59
N SER B 5 37.82 -4.82 6.16
CA SER B 5 37.50 -4.83 7.57
C SER B 5 36.28 -3.95 7.84
N ILE B 6 35.33 -4.50 8.58
CA ILE B 6 34.17 -3.76 9.05
C ILE B 6 34.08 -3.93 10.56
N ARG B 7 34.17 -2.83 11.30
CA ARG B 7 34.16 -2.87 12.76
C ARG B 7 33.00 -2.06 13.29
N VAL B 8 32.21 -2.67 14.17
CA VAL B 8 31.06 -2.03 14.81
C VAL B 8 31.26 -2.10 16.32
N LYS B 9 31.15 -0.95 16.98
CA LYS B 9 31.31 -0.86 18.43
C LYS B 9 30.14 -0.10 19.01
N ASN B 10 29.40 -0.74 19.92
CA ASN B 10 28.34 -0.11 20.69
C ASN B 10 27.25 0.47 19.79
N LEU B 11 26.69 -0.39 18.95
CA LEU B 11 25.57 -0.01 18.08
C LEU B 11 24.67 -1.21 17.90
N LEU B 12 23.36 -1.00 18.07
CA LEU B 12 22.35 -2.04 17.90
C LEU B 12 22.65 -3.24 18.78
N SER B 13 23.07 -4.35 18.18
CA SER B 13 23.37 -5.58 18.91
C SER B 13 24.85 -5.93 18.88
N PHE B 14 25.70 -4.96 18.57
CA PHE B 14 27.14 -5.17 18.50
C PHE B 14 27.83 -4.41 19.63
N ASP B 15 28.66 -5.11 20.39
CA ASP B 15 29.50 -4.46 21.39
C ASP B 15 30.88 -4.14 20.82
N ASP B 16 31.57 -5.15 20.29
CA ASP B 16 32.81 -4.94 19.53
C ASP B 16 32.92 -6.11 18.56
N VAL B 17 32.53 -5.89 17.31
CA VAL B 17 32.50 -6.94 16.30
C VAL B 17 33.33 -6.48 15.11
N ILE B 18 34.28 -7.32 14.70
CA ILE B 18 35.18 -7.02 13.61
C ILE B 18 35.09 -8.14 12.56
N LEU B 19 34.88 -7.74 11.31
CA LEU B 19 34.78 -8.67 10.19
C LEU B 19 35.95 -8.42 9.26
N ARG B 20 36.64 -9.49 8.86
CA ARG B 20 37.84 -9.39 8.03
C ARG B 20 37.75 -10.47 6.96
N ASP B 21 38.89 -10.68 6.28
CA ASP B 21 39.12 -11.72 5.26
C ASP B 21 37.91 -11.96 4.39
N PHE B 22 37.40 -10.87 3.80
CA PHE B 22 36.26 -10.95 2.90
C PHE B 22 36.67 -11.57 1.57
N ARG B 23 35.79 -12.36 1.00
CA ARG B 23 36.04 -13.00 -0.28
C ARG B 23 34.92 -12.69 -1.27
N ASP B 24 34.93 -13.38 -2.42
CA ASP B 24 33.97 -13.06 -3.47
C ASP B 24 32.55 -13.48 -3.08
N ILE B 25 32.39 -14.65 -2.47
CA ILE B 25 31.08 -15.26 -2.32
C ILE B 25 30.78 -15.49 -0.83
N ASN B 26 31.21 -14.55 0.01
CA ASN B 26 30.92 -14.60 1.44
C ASN B 26 29.46 -14.91 1.71
N CYS B 27 29.23 -15.98 2.48
CA CYS B 27 27.90 -16.44 2.83
C CYS B 27 27.67 -16.28 4.33
N ILE B 28 26.44 -15.98 4.70
CA ILE B 28 26.07 -15.72 6.09
C ILE B 28 25.00 -16.71 6.51
N ILE B 29 25.26 -17.45 7.59
CA ILE B 29 24.28 -18.38 8.14
C ILE B 29 24.21 -18.16 9.64
N GLY B 30 23.12 -18.64 10.24
CA GLY B 30 22.93 -18.56 11.67
C GLY B 30 21.48 -18.38 12.02
N ARG B 31 21.14 -18.75 13.26
CA ARG B 31 19.78 -18.61 13.75
C ARG B 31 19.48 -17.20 14.27
N ASN B 32 20.50 -16.36 14.42
CA ASN B 32 20.31 -15.00 14.93
C ASN B 32 20.07 -14.07 13.75
N ASN B 33 18.82 -14.06 13.28
CA ASN B 33 18.45 -13.19 12.18
C ASN B 33 18.54 -11.71 12.56
N VAL B 34 18.34 -11.42 13.84
CA VAL B 34 18.46 -10.04 14.31
C VAL B 34 19.87 -9.51 14.07
N GLY B 35 20.87 -10.38 14.22
CA GLY B 35 22.24 -9.96 13.96
C GLY B 35 22.47 -9.61 12.50
N LYS B 36 21.95 -10.43 11.59
CA LYS B 36 22.08 -10.13 10.16
C LYS B 36 21.36 -8.83 9.82
N SER B 37 20.15 -8.64 10.36
CA SER B 37 19.42 -7.41 10.12
C SER B 37 20.19 -6.19 10.64
N ASN B 38 20.78 -6.32 11.83
CA ASN B 38 21.52 -5.21 12.41
C ASN B 38 22.77 -4.89 11.61
N LEU B 39 23.48 -5.93 11.13
CA LEU B 39 24.65 -5.69 10.28
C LEU B 39 24.26 -4.98 8.99
N LEU B 40 23.15 -5.42 8.37
CA LEU B 40 22.69 -4.78 7.15
C LEU B 40 22.30 -3.32 7.41
N LYS B 41 21.64 -3.07 8.55
CA LYS B 41 21.28 -1.71 8.92
C LYS B 41 22.53 -0.84 9.13
N VAL B 42 23.56 -1.41 9.75
CA VAL B 42 24.79 -0.65 9.98
C VAL B 42 25.43 -0.28 8.65
N ILE B 43 25.52 -1.25 7.73
CA ILE B 43 26.12 -0.98 6.42
C ILE B 43 25.32 0.07 5.66
N ARG B 44 23.99 -0.06 5.66
CA ARG B 44 23.16 0.88 4.93
C ARG B 44 23.23 2.28 5.55
N TYR B 45 23.29 2.37 6.88
CA TYR B 45 23.43 3.67 7.53
C TYR B 45 24.77 4.31 7.20
N PHE B 46 25.84 3.51 7.21
CA PHE B 46 27.16 4.05 6.87
C PHE B 46 27.18 4.58 5.44
N TYR B 47 26.62 3.83 4.50
CA TYR B 47 26.63 4.27 3.11
C TYR B 47 25.64 5.41 2.86
N ALA B 48 24.59 5.52 3.67
CA ALA B 48 23.70 6.68 3.55
C ALA B 48 24.38 7.93 4.07
N LYS B 49 25.10 7.83 5.19
CA LYS B 49 25.83 8.97 5.71
C LYS B 49 27.03 9.34 4.84
N LEU B 50 27.55 8.40 4.06
CA LEU B 50 28.58 8.75 3.08
C LEU B 50 28.04 9.71 2.04
N GLU B 51 26.79 9.52 1.62
CA GLU B 51 26.16 10.32 0.59
C GLU B 51 25.39 11.51 1.16
N ASN B 52 25.52 11.78 2.46
CA ASN B 52 24.87 12.89 3.13
C ASN B 52 23.35 12.84 2.98
N LYS B 53 22.77 11.79 3.55
CA LYS B 53 21.32 11.62 3.61
C LYS B 53 20.83 11.77 5.04
N LYS B 54 19.74 12.51 5.21
CA LYS B 54 19.14 12.72 6.52
C LYS B 54 18.46 11.44 6.97
N VAL B 55 19.14 10.68 7.85
CA VAL B 55 18.63 9.41 8.34
C VAL B 55 18.72 9.39 9.86
N ILE B 56 17.90 8.55 10.47
CA ILE B 56 17.87 8.42 11.93
C ILE B 56 19.14 7.72 12.38
N PRO B 57 19.85 8.24 13.39
CA PRO B 57 21.04 7.56 13.89
C PRO B 57 20.69 6.24 14.56
N LEU B 58 21.63 5.30 14.47
CA LEU B 58 21.42 3.97 15.04
C LEU B 58 21.49 4.02 16.56
N ASP B 59 20.73 3.14 17.21
CA ASP B 59 20.69 3.09 18.65
C ASP B 59 21.94 2.41 19.21
N PHE B 60 22.30 2.80 20.43
CA PHE B 60 23.47 2.24 21.08
C PHE B 60 23.15 0.88 21.71
N HIS B 61 24.17 0.03 21.77
CA HIS B 61 24.01 -1.25 22.46
C HIS B 61 23.74 -1.04 23.95
N THR B 62 24.48 -0.13 24.57
CA THR B 62 24.22 0.28 25.95
C THR B 62 24.40 1.78 26.06
N ASN B 63 23.65 2.38 26.98
CA ASN B 63 23.70 3.82 27.17
C ASN B 63 24.86 4.27 28.05
N TYR B 64 25.62 3.34 28.62
CA TYR B 64 26.81 3.67 29.40
C TYR B 64 28.03 3.93 28.52
N ASN B 65 27.84 4.08 27.22
CA ASN B 65 28.88 4.52 26.30
C ASN B 65 28.34 5.68 25.49
N ALA B 66 29.14 6.75 25.41
CA ALA B 66 28.73 7.96 24.70
C ALA B 66 29.16 7.97 23.24
N VAL B 67 29.73 6.87 22.74
CA VAL B 67 30.30 6.82 21.41
C VAL B 67 29.85 5.53 20.74
N GLY B 68 29.40 5.63 19.49
CA GLY B 68 29.15 4.46 18.67
C GLY B 68 29.93 4.54 17.36
N GLU B 69 30.83 3.58 17.14
CA GLU B 69 31.78 3.66 16.03
C GLU B 69 31.50 2.61 14.97
N ILE B 70 31.56 3.02 13.71
CA ILE B 70 31.54 2.13 12.55
C ILE B 70 32.81 2.40 11.76
N THR B 71 33.66 1.38 11.65
CA THR B 71 34.94 1.51 10.97
C THR B 71 34.95 0.68 9.70
N PHE B 72 35.27 1.31 8.58
CA PHE B 72 35.37 0.64 7.29
C PHE B 72 36.79 0.79 6.76
N THR B 73 37.42 -0.32 6.41
CA THR B 73 38.75 -0.33 5.83
C THR B 73 38.64 -0.80 4.38
N PHE B 74 39.14 0.00 3.46
CA PHE B 74 39.08 -0.28 2.03
C PHE B 74 40.47 -0.59 1.51
N ASP B 75 40.56 -1.62 0.68
CA ASP B 75 41.84 -2.03 0.08
C ASP B 75 42.05 -1.18 -1.16
N THR B 76 42.74 -0.05 -0.97
CA THR B 76 43.01 0.88 -2.08
C THR B 76 44.37 0.61 -2.70
N THR B 77 44.51 -0.60 -3.24
CA THR B 77 45.73 -1.02 -3.92
C THR B 77 45.59 -0.97 -5.43
N ARG B 78 44.50 -1.50 -5.96
CA ARG B 78 44.25 -1.41 -7.40
C ARG B 78 44.09 0.04 -7.84
N ILE B 79 43.32 0.82 -7.08
CA ILE B 79 43.07 2.22 -7.44
C ILE B 79 44.37 3.02 -7.39
N LYS B 80 45.18 2.79 -6.36
CA LYS B 80 46.46 3.49 -6.26
C LYS B 80 47.36 3.18 -7.44
N LYS B 81 47.41 1.91 -7.85
CA LYS B 81 48.23 1.54 -9.00
C LYS B 81 47.68 2.15 -10.29
N ILE B 82 46.36 2.22 -10.42
CA ILE B 82 45.75 2.82 -11.61
C ILE B 82 46.08 4.30 -11.71
N VAL B 83 45.95 5.02 -10.60
CA VAL B 83 46.14 6.47 -10.64
C VAL B 83 47.61 6.88 -10.56
N THR B 84 48.50 6.00 -10.10
CA THR B 84 49.91 6.33 -9.99
C THR B 84 50.60 6.30 -11.35
N SER B 85 50.14 5.44 -12.26
CA SER B 85 50.82 5.26 -13.54
C SER B 85 50.87 6.56 -14.33
N ARG B 86 51.97 6.76 -15.05
CA ARG B 86 52.18 8.00 -15.78
C ARG B 86 51.14 8.19 -16.88
N LYS B 87 50.77 7.12 -17.57
CA LYS B 87 49.84 7.22 -18.70
C LYS B 87 48.39 7.09 -18.25
N ASN B 88 48.00 7.88 -17.26
CA ASN B 88 46.61 7.97 -16.80
C ASN B 88 46.25 9.41 -16.47
N ASN B 89 46.63 10.34 -17.35
CA ASN B 89 46.37 11.76 -17.14
C ASN B 89 44.92 12.07 -17.50
N GLY B 90 44.04 11.82 -16.54
CA GLY B 90 42.63 12.11 -16.71
C GLY B 90 42.11 12.92 -15.54
N ARG B 91 40.98 13.59 -15.77
CA ARG B 91 40.40 14.44 -14.74
C ARG B 91 39.99 13.63 -13.52
N PHE B 92 39.32 12.49 -13.74
CA PHE B 92 38.88 11.67 -12.62
C PHE B 92 40.07 10.99 -11.93
N HIS B 93 41.07 10.59 -12.71
CA HIS B 93 42.27 9.99 -12.12
C HIS B 93 43.02 11.00 -11.25
N LYS B 94 43.13 12.25 -11.73
CA LYS B 94 43.74 13.29 -10.90
C LYS B 94 42.90 13.56 -9.65
N HIS B 95 41.57 13.58 -9.81
CA HIS B 95 40.71 13.79 -8.65
C HIS B 95 40.91 12.70 -7.60
N ILE B 96 41.07 11.45 -8.05
CA ILE B 96 41.36 10.36 -7.12
C ILE B 96 42.72 10.56 -6.48
N TYR B 97 43.75 10.86 -7.28
CA TYR B 97 45.06 11.15 -6.74
C TYR B 97 45.22 12.65 -6.44
N ASN B 98 44.19 13.20 -5.80
CA ASN B 98 44.27 14.51 -5.16
C ASN B 98 43.58 14.57 -3.81
N THR B 99 42.76 13.58 -3.47
CA THR B 99 42.04 13.56 -2.21
C THR B 99 42.34 12.34 -1.36
N LEU B 100 42.58 11.18 -1.96
CA LEU B 100 42.86 9.96 -1.20
C LEU B 100 44.36 9.74 -1.02
N PHE B 101 45.09 9.64 -2.12
CA PHE B 101 46.53 9.38 -2.07
C PHE B 101 47.32 10.67 -2.26
N LYS B 102 47.01 11.65 -1.42
CA LYS B 102 47.71 12.92 -1.47
C LYS B 102 48.31 13.31 -0.12
N SER B 103 47.61 13.06 0.98
CA SER B 103 48.12 13.43 2.29
C SER B 103 49.26 12.52 2.74
N SER B 104 49.27 11.28 2.27
CA SER B 104 50.27 10.30 2.68
C SER B 104 51.51 10.31 1.79
N SER B 105 51.58 11.21 0.81
CA SER B 105 52.72 11.28 -0.10
C SER B 105 53.49 12.58 -0.02
N VAL B 106 52.82 13.70 0.15
CA VAL B 106 53.51 14.99 0.18
C VAL B 106 54.25 15.24 1.48
N LYS B 107 53.90 14.54 2.56
CA LYS B 107 54.52 14.74 3.86
C LYS B 107 55.69 13.80 4.11
N LEU B 108 56.05 12.97 3.14
CA LEU B 108 57.15 12.03 3.29
C LEU B 108 58.33 12.46 2.43
N ASN B 109 59.50 11.91 2.76
CA ASN B 109 60.73 12.25 2.06
C ASN B 109 60.81 11.45 0.75
N PHE B 110 61.96 11.49 0.11
CA PHE B 110 62.19 10.81 -1.16
C PHE B 110 62.69 9.38 -0.98
N GLU B 111 62.40 8.74 0.15
CA GLU B 111 62.83 7.38 0.43
C GLU B 111 61.67 6.43 0.72
N GLU B 112 60.65 6.90 1.43
CA GLU B 112 59.54 6.03 1.81
C GLU B 112 58.77 5.53 0.60
N LEU B 113 58.53 6.40 -0.39
CA LEU B 113 57.74 6.01 -1.55
C LEU B 113 58.45 5.00 -2.43
N ILE B 114 59.79 4.99 -2.42
CA ILE B 114 60.53 4.04 -3.25
C ILE B 114 60.26 2.60 -2.82
N ALA B 115 59.84 2.38 -1.58
CA ALA B 115 59.49 1.05 -1.11
C ALA B 115 58.04 0.69 -1.39
N ARG B 116 57.25 1.61 -1.95
CA ARG B 116 55.86 1.35 -2.27
C ARG B 116 55.63 0.98 -3.73
N LYS B 117 56.71 0.87 -4.52
CA LYS B 117 56.60 0.54 -5.94
C LYS B 117 57.18 -0.84 -6.24
N ASN B 118 57.17 -1.74 -5.26
CA ASN B 118 57.67 -3.09 -5.43
C ASN B 118 56.59 -4.07 -5.88
N SER B 119 55.36 -3.60 -6.09
CA SER B 119 54.24 -4.43 -6.54
C SER B 119 53.98 -5.58 -5.57
N THR B 120 54.25 -5.37 -4.29
CA THR B 120 54.01 -6.39 -3.26
C THR B 120 53.26 -5.87 -2.05
N ASN B 121 53.25 -4.57 -1.80
CA ASN B 121 52.56 -4.01 -0.64
C ASN B 121 51.11 -3.69 -0.97
N LYS B 122 50.30 -3.59 0.08
CA LYS B 122 48.88 -3.28 -0.04
C LYS B 122 48.56 -2.03 0.77
N SER B 123 47.72 -1.17 0.21
CA SER B 123 47.36 0.09 0.82
C SER B 123 45.94 0.01 1.38
N PHE B 124 45.77 0.48 2.62
CA PHE B 124 44.48 0.44 3.29
C PHE B 124 44.04 1.85 3.66
N PHE B 125 42.75 2.12 3.49
CA PHE B 125 42.16 3.41 3.81
C PHE B 125 41.07 3.19 4.85
N SER B 126 41.22 3.80 6.02
CA SER B 126 40.30 3.61 7.14
C SER B 126 39.42 4.83 7.30
N LEU B 127 38.11 4.60 7.43
CA LEU B 127 37.15 5.66 7.64
C LEU B 127 36.25 5.28 8.81
N THR B 128 36.13 6.17 9.78
CA THR B 128 35.38 5.90 11.01
C THR B 128 34.23 6.89 11.14
N LEU B 129 33.05 6.36 11.43
CA LEU B 129 31.84 7.13 11.70
C LEU B 129 31.54 7.04 13.17
N THR B 130 31.47 8.18 13.85
CA THR B 130 31.20 8.23 15.28
C THR B 130 29.85 8.91 15.51
N ILE B 131 28.94 8.19 16.16
CA ILE B 131 27.66 8.71 16.61
C ILE B 131 27.80 9.08 18.08
N CYS B 132 27.51 10.33 18.41
CA CYS B 132 27.63 10.81 19.78
C CYS B 132 26.31 10.64 20.51
N LYS B 133 26.32 10.99 21.80
CA LYS B 133 25.12 10.81 22.62
C LYS B 133 24.01 11.78 22.23
N ASP B 134 24.36 12.93 21.67
CA ASP B 134 23.38 13.95 21.29
C ASP B 134 22.93 13.82 19.84
N ASP B 135 22.94 12.60 19.29
CA ASP B 135 22.50 12.34 17.92
C ASP B 135 23.30 13.16 16.91
N SER B 136 24.58 13.36 17.20
CA SER B 136 25.50 14.05 16.30
C SER B 136 26.52 13.06 15.78
N VAL B 137 26.77 13.11 14.47
CA VAL B 137 27.62 12.15 13.78
C VAL B 137 28.78 12.89 13.13
N MET B 138 29.99 12.40 13.34
CA MET B 138 31.16 12.99 12.71
C MET B 138 32.15 11.91 12.27
N TRP B 139 33.00 12.28 11.33
CA TRP B 139 33.91 11.36 10.66
C TRP B 139 35.35 11.62 11.09
N SER B 140 36.20 10.63 10.85
CA SER B 140 37.63 10.79 11.15
C SER B 140 38.27 11.83 10.24
N VAL B 141 37.92 11.84 8.96
CA VAL B 141 38.43 12.81 7.99
C VAL B 141 37.31 13.79 7.66
N ASP B 142 37.60 15.08 7.82
CA ASP B 142 36.62 16.13 7.58
C ASP B 142 36.77 16.67 6.16
N ASP B 143 36.37 15.84 5.21
CA ASP B 143 36.43 16.19 3.79
C ASP B 143 35.31 15.43 3.08
N PRO B 144 34.21 16.11 2.74
CA PRO B 144 33.11 15.44 2.03
C PRO B 144 33.52 14.85 0.70
N LYS B 145 34.52 15.44 0.04
CA LYS B 145 34.97 14.91 -1.25
C LYS B 145 35.52 13.51 -1.10
N VAL B 146 36.27 13.25 -0.03
CA VAL B 146 36.82 11.91 0.20
C VAL B 146 35.69 10.90 0.39
N ARG B 147 34.68 11.25 1.19
CA ARG B 147 33.56 10.35 1.43
C ARG B 147 32.79 10.09 0.15
N SER B 148 32.54 11.12 -0.65
CA SER B 148 31.83 10.95 -1.91
C SER B 148 32.62 10.07 -2.86
N LEU B 149 33.94 10.26 -2.94
CA LEU B 149 34.77 9.44 -3.81
C LEU B 149 34.78 7.99 -3.34
N LEU B 150 34.83 7.77 -2.03
CA LEU B 150 34.77 6.39 -1.52
C LEU B 150 33.43 5.74 -1.85
N ALA B 151 32.33 6.49 -1.72
CA ALA B 151 31.02 5.94 -2.06
C ALA B 151 30.94 5.60 -3.54
N THR B 152 31.49 6.46 -4.40
CA THR B 152 31.45 6.20 -5.83
C THR B 152 32.32 5.01 -6.21
N LEU B 153 33.52 4.93 -5.65
CA LEU B 153 34.46 3.87 -6.04
C LEU B 153 34.02 2.51 -5.52
N TYR B 154 33.42 2.47 -4.33
CA TYR B 154 33.03 1.22 -3.68
C TYR B 154 31.56 1.31 -3.28
N PRO B 155 30.65 1.26 -4.24
CA PRO B 155 29.23 1.39 -3.92
C PRO B 155 28.68 0.13 -3.26
N PHE B 156 27.57 0.30 -2.55
CA PHE B 156 26.89 -0.78 -1.87
C PHE B 156 25.51 -0.98 -2.49
N LEU B 157 25.20 -2.22 -2.86
CA LEU B 157 23.91 -2.58 -3.43
C LEU B 157 23.21 -3.57 -2.52
N TYR B 158 21.94 -3.30 -2.22
CA TYR B 158 21.11 -4.18 -1.41
C TYR B 158 19.97 -4.71 -2.28
N ILE B 159 19.86 -6.04 -2.35
CA ILE B 159 18.83 -6.70 -3.13
C ILE B 159 18.01 -7.56 -2.18
N GLU B 160 16.70 -7.32 -2.15
CA GLU B 160 15.77 -8.08 -1.33
C GLU B 160 14.89 -8.93 -2.23
N THR B 161 14.84 -10.23 -1.97
CA THR B 161 14.08 -11.15 -2.81
C THR B 161 12.69 -11.46 -2.24
N ARG B 162 12.55 -11.45 -0.91
CA ARG B 162 11.24 -11.69 -0.32
C ARG B 162 10.25 -10.60 -0.69
N HIS B 163 10.69 -9.35 -0.72
CA HIS B 163 9.89 -8.21 -1.14
C HIS B 163 10.59 -7.55 -2.32
N ILE B 164 10.31 -8.04 -3.53
CA ILE B 164 10.90 -7.52 -4.75
C ILE B 164 9.78 -7.20 -5.73
N ASP B 165 9.87 -6.04 -6.37
CA ASP B 165 8.90 -5.61 -7.38
C ASP B 165 9.43 -5.86 -8.78
N LEU B 166 8.73 -6.73 -9.52
CA LEU B 166 9.18 -7.08 -10.87
C LEU B 166 8.98 -5.94 -11.85
N TYR B 167 7.94 -5.13 -11.67
CA TYR B 167 7.68 -4.04 -12.61
C TYR B 167 8.79 -3.00 -12.60
N ASP B 168 9.29 -2.65 -11.41
CA ASP B 168 10.35 -1.66 -11.27
C ASP B 168 11.71 -2.32 -11.37
N TRP B 169 12.58 -1.79 -12.23
CA TRP B 169 13.93 -2.28 -12.42
C TRP B 169 14.96 -1.23 -12.02
N ASN B 170 14.72 -0.58 -10.87
CA ASN B 170 15.59 0.50 -10.42
C ASN B 170 17.05 0.09 -10.30
N PRO B 171 17.41 -1.03 -9.65
CA PRO B 171 18.84 -1.38 -9.59
C PRO B 171 19.49 -1.57 -10.95
N ILE B 172 18.77 -2.15 -11.90
CA ILE B 172 19.34 -2.37 -13.24
C ILE B 172 19.68 -1.05 -13.89
N TRP B 173 18.74 -0.11 -13.89
CA TRP B 173 18.98 1.17 -14.54
C TRP B 173 20.03 1.98 -13.79
N LYS B 174 20.06 1.89 -12.45
CA LYS B 174 21.10 2.56 -11.68
C LYS B 174 22.48 2.04 -12.04
N LEU B 175 22.61 0.71 -12.14
CA LEU B 175 23.90 0.13 -12.52
C LEU B 175 24.29 0.52 -13.94
N ILE B 176 23.32 0.52 -14.85
CA ILE B 176 23.60 0.90 -16.24
C ILE B 176 24.08 2.34 -16.32
N SER B 177 23.40 3.24 -15.60
CA SER B 177 23.78 4.65 -15.63
C SER B 177 25.14 4.88 -14.98
N ASN B 178 25.40 4.24 -13.84
CA ASN B 178 26.64 4.48 -13.13
C ASN B 178 27.83 3.81 -13.83
N LEU B 179 27.64 2.58 -14.31
CA LEU B 179 28.72 1.80 -14.93
C LEU B 179 28.63 1.96 -16.44
N ASN B 180 29.31 2.98 -16.96
CA ASN B 180 29.38 3.20 -18.40
C ASN B 180 30.70 3.90 -18.72
N SER B 181 31.10 3.80 -19.99
CA SER B 181 32.32 4.42 -20.48
C SER B 181 32.02 5.27 -21.72
N PHE B 182 30.82 5.86 -21.77
CA PHE B 182 30.40 6.69 -22.88
C PHE B 182 29.93 8.04 -22.36
N ASN B 183 30.21 9.09 -23.12
CA ASN B 183 29.78 10.45 -22.79
C ASN B 183 28.55 10.78 -23.62
N PHE B 184 27.43 11.03 -22.94
CA PHE B 184 26.17 11.33 -23.60
C PHE B 184 25.91 12.83 -23.75
N ASP B 185 26.83 13.68 -23.31
CA ASP B 185 26.64 15.12 -23.44
C ASP B 185 26.84 15.62 -24.86
N ASP B 186 27.52 14.83 -25.71
CA ASP B 186 27.77 15.24 -27.08
C ASP B 186 26.59 14.97 -28.00
N VAL B 187 25.56 14.26 -27.52
CA VAL B 187 24.41 13.94 -28.36
C VAL B 187 23.57 15.20 -28.56
N ASP B 188 23.29 15.53 -29.82
CA ASP B 188 22.47 16.68 -30.15
C ASP B 188 21.01 16.25 -30.21
N HIS B 189 20.19 16.80 -29.31
CA HIS B 189 18.77 16.45 -29.29
C HIS B 189 18.08 16.89 -30.57
N ASP B 190 18.43 18.07 -31.09
CA ASP B 190 17.84 18.55 -32.33
C ASP B 190 18.16 17.62 -33.49
N GLU B 191 19.41 17.13 -33.55
CA GLU B 191 19.79 16.21 -34.62
C GLU B 191 19.00 14.90 -34.53
N LEU B 192 18.81 14.38 -33.32
CA LEU B 192 18.03 13.16 -33.15
C LEU B 192 16.58 13.36 -33.55
N VAL B 193 15.98 14.49 -33.16
CA VAL B 193 14.61 14.77 -33.54
C VAL B 193 14.50 14.93 -35.06
N ASN B 194 15.47 15.58 -35.68
CA ASN B 194 15.47 15.72 -37.13
C ASN B 194 15.58 14.36 -37.82
N PHE B 195 16.43 13.48 -37.30
CA PHE B 195 16.54 12.13 -37.87
C PHE B 195 15.24 11.36 -37.73
N LEU B 196 14.59 11.46 -36.57
CA LEU B 196 13.31 10.78 -36.39
C LEU B 196 12.25 11.34 -37.33
N ASP B 197 12.23 12.66 -37.52
CA ASP B 197 11.29 13.27 -38.44
C ASP B 197 11.55 12.83 -39.87
N GLU B 198 12.83 12.74 -40.27
CA GLU B 198 13.15 12.29 -41.61
C GLU B 198 12.75 10.83 -41.81
N LYS B 199 12.86 10.01 -40.77
CA LYS B 199 12.46 8.61 -40.88
C LYS B 199 10.97 8.48 -41.18
N ILE B 200 10.14 9.28 -40.51
CA ILE B 200 8.69 9.25 -40.69
C ILE B 200 8.29 10.65 -41.14
N SER B 201 8.19 10.85 -42.45
CA SER B 201 7.88 12.16 -43.01
C SER B 201 7.00 11.99 -44.25
N SER B 202 5.72 12.33 -44.12
CA SER B 202 4.88 12.46 -45.31
C SER B 202 5.28 13.70 -46.12
N ARG B 203 5.73 14.75 -45.44
CA ARG B 203 6.27 15.94 -46.08
C ARG B 203 7.47 16.41 -45.28
N LYS B 204 8.27 17.28 -45.88
CA LYS B 204 9.47 17.78 -45.23
C LYS B 204 9.10 18.59 -44.01
N GLY B 205 9.53 18.13 -42.84
CA GLY B 205 9.27 18.84 -41.59
C GLY B 205 7.85 18.68 -41.09
N ASP B 206 7.47 17.44 -40.75
CA ASP B 206 6.13 17.15 -40.24
C ASP B 206 6.14 16.69 -38.78
N TYR B 207 7.11 15.87 -38.39
CA TYR B 207 7.21 15.41 -37.01
C TYR B 207 7.78 16.48 -36.09
N LYS B 208 8.50 17.46 -36.64
CA LYS B 208 9.09 18.52 -35.82
C LYS B 208 8.02 19.34 -35.13
N LYS B 209 6.96 19.71 -35.85
CA LYS B 209 5.91 20.53 -35.25
C LYS B 209 5.14 19.73 -34.19
N TYR B 210 4.92 18.44 -34.43
CA TYR B 210 4.28 17.61 -33.41
C TYR B 210 5.13 17.51 -32.16
N ILE B 211 6.44 17.32 -32.32
CA ILE B 211 7.33 17.27 -31.17
C ILE B 211 7.32 18.59 -30.41
N ASP B 212 7.34 19.70 -31.15
CA ASP B 212 7.32 21.02 -30.50
C ASP B 212 6.02 21.22 -29.72
N ARG B 213 4.89 20.82 -30.31
CA ARG B 213 3.61 20.95 -29.61
C ARG B 213 3.58 20.07 -28.36
N VAL B 214 4.07 18.84 -28.46
CA VAL B 214 4.08 17.95 -27.30
C VAL B 214 4.95 18.53 -26.19
N VAL B 215 6.14 19.03 -26.55
CA VAL B 215 7.02 19.61 -25.55
C VAL B 215 6.38 20.84 -24.91
N SER B 216 5.71 21.67 -25.70
CA SER B 216 5.06 22.85 -25.16
C SER B 216 3.93 22.48 -24.21
N VAL B 217 3.17 21.43 -24.53
CA VAL B 217 2.01 21.07 -23.71
C VAL B 217 2.37 20.23 -22.50
N ILE B 218 3.62 19.77 -22.39
CA ILE B 218 4.02 18.94 -21.26
C ILE B 218 5.30 19.50 -20.64
N ASP B 219 5.58 20.78 -20.93
CA ASP B 219 6.82 21.42 -20.49
C ASP B 219 7.02 21.27 -18.99
N THR B 220 8.12 20.60 -18.62
CA THR B 220 8.45 20.32 -17.23
C THR B 220 9.96 20.49 -17.07
N LYS B 221 10.49 20.00 -15.95
CA LYS B 221 11.92 20.13 -15.69
C LYS B 221 12.71 19.32 -16.73
N PRO B 222 13.87 19.82 -17.14
CA PRO B 222 14.68 19.08 -18.13
C PRO B 222 15.17 17.75 -17.60
N TYR B 223 15.40 16.82 -18.52
CA TYR B 223 15.92 15.51 -18.16
C TYR B 223 17.31 15.63 -17.56
N THR B 224 17.57 14.82 -16.55
CA THR B 224 18.92 14.72 -15.99
C THR B 224 19.75 13.76 -16.84
N TYR B 225 21.05 13.70 -16.53
CA TYR B 225 21.95 12.83 -17.27
C TYR B 225 21.55 11.36 -17.10
N LYS B 226 21.21 10.98 -15.86
CA LYS B 226 20.79 9.60 -15.61
C LYS B 226 19.52 9.25 -16.38
N GLU B 227 18.54 10.17 -16.39
CA GLU B 227 17.32 9.92 -17.14
C GLU B 227 17.60 9.81 -18.64
N LYS B 228 18.48 10.67 -19.17
CA LYS B 228 18.80 10.61 -20.59
C LYS B 228 19.48 9.29 -20.95
N VAL B 229 20.45 8.85 -20.14
CA VAL B 229 21.14 7.60 -20.46
C VAL B 229 20.19 6.42 -20.31
N ILE B 230 19.29 6.46 -19.32
CA ILE B 230 18.32 5.39 -19.16
C ILE B 230 17.41 5.31 -20.38
N ASN B 231 16.92 6.46 -20.86
CA ASN B 231 16.05 6.47 -22.03
C ASN B 231 16.79 5.98 -23.26
N TYR B 232 18.05 6.40 -23.44
CA TYR B 232 18.82 5.96 -24.59
C TYR B 232 19.07 4.45 -24.55
N ILE B 233 19.35 3.90 -23.36
CA ILE B 233 19.51 2.46 -23.23
C ILE B 233 18.20 1.75 -23.54
N LYS B 234 17.09 2.28 -23.03
CA LYS B 234 15.79 1.63 -23.25
C LYS B 234 15.43 1.59 -24.73
N VAL B 235 15.67 2.69 -25.46
CA VAL B 235 15.38 2.68 -26.89
C VAL B 235 16.42 1.90 -27.68
N ALA B 236 17.63 1.74 -27.13
CA ALA B 236 18.66 0.93 -27.80
C ALA B 236 18.41 -0.56 -27.64
N ILE B 237 17.89 -0.98 -26.49
CA ILE B 237 17.66 -2.41 -26.26
C ILE B 237 16.34 -2.84 -26.87
N LYS B 238 16.23 -4.14 -27.12
CA LYS B 238 15.05 -4.73 -27.74
C LYS B 238 14.11 -5.38 -26.74
N GLY B 239 14.40 -5.27 -25.44
CA GLY B 239 13.55 -5.87 -24.43
C GLY B 239 13.67 -5.21 -23.08
N ASP B 240 12.55 -5.11 -22.36
CA ASP B 240 12.53 -4.50 -21.04
C ASP B 240 12.40 -5.58 -19.97
N SER B 258 11.31 -13.88 -9.82
CA SER B 258 12.16 -13.62 -8.66
C SER B 258 13.60 -14.10 -8.92
N ASN B 259 13.76 -15.40 -9.12
CA ASN B 259 15.09 -15.95 -9.39
C ASN B 259 15.65 -15.41 -10.70
N LYS B 260 14.82 -15.35 -11.74
CA LYS B 260 15.28 -14.85 -13.03
C LYS B 260 15.69 -13.39 -12.95
N PHE B 261 14.91 -12.57 -12.24
CA PHE B 261 15.23 -11.16 -12.09
C PHE B 261 16.57 -10.97 -11.39
N LEU B 262 16.77 -11.66 -10.27
CA LEU B 262 18.01 -11.53 -9.52
C LEU B 262 19.19 -12.05 -10.32
N GLU B 263 19.01 -13.18 -11.02
CA GLU B 263 20.09 -13.73 -11.83
C GLU B 263 20.49 -12.77 -12.95
N THR B 264 19.49 -12.17 -13.62
CA THR B 264 19.80 -11.20 -14.67
C THR B 264 20.52 -9.99 -14.10
N LEU B 265 20.08 -9.51 -12.92
CA LEU B 265 20.75 -8.36 -12.31
C LEU B 265 22.19 -8.68 -11.95
N LEU B 266 22.43 -9.86 -11.38
CA LEU B 266 23.79 -10.25 -11.04
C LEU B 266 24.66 -10.41 -12.28
N HIS B 267 24.12 -11.00 -13.34
CA HIS B 267 24.88 -11.14 -14.57
C HIS B 267 25.22 -9.78 -15.17
N LEU B 268 24.25 -8.86 -15.16
CA LEU B 268 24.51 -7.52 -15.69
C LEU B 268 25.58 -6.82 -14.88
N LEU B 269 25.52 -6.93 -13.55
CA LEU B 269 26.51 -6.27 -12.71
C LEU B 269 27.90 -6.88 -12.92
N ILE B 270 27.98 -8.20 -13.06
CA ILE B 270 29.27 -8.84 -13.30
C ILE B 270 29.83 -8.43 -14.65
N THR B 271 28.98 -8.41 -15.69
CA THR B 271 29.45 -8.04 -17.03
C THR B 271 29.90 -6.59 -17.08
N LEU B 272 29.14 -5.69 -16.45
CA LEU B 272 29.52 -4.27 -16.44
C LEU B 272 30.84 -4.07 -15.72
N THR B 273 31.05 -4.76 -14.60
CA THR B 273 32.27 -4.59 -13.82
C THR B 273 33.40 -5.43 -14.41
N ARG B 274 33.64 -5.29 -15.71
CA ARG B 274 34.77 -5.93 -16.37
C ARG B 274 35.72 -4.94 -17.03
N THR B 275 35.26 -3.72 -17.31
CA THR B 275 36.10 -2.67 -17.88
C THR B 275 36.06 -1.42 -17.01
N GLU B 276 35.67 -1.56 -15.74
CA GLU B 276 35.60 -0.44 -14.82
C GLU B 276 36.38 -0.77 -13.56
N PHE B 277 37.00 0.26 -12.98
CA PHE B 277 37.71 0.16 -11.72
C PHE B 277 36.82 0.34 -10.51
N ILE B 278 35.53 0.60 -10.71
CA ILE B 278 34.57 0.61 -9.61
C ILE B 278 34.43 -0.80 -9.06
N SER B 279 34.47 -0.94 -7.73
CA SER B 279 34.36 -2.23 -7.05
C SER B 279 33.11 -2.24 -6.18
N PRO B 280 31.97 -2.67 -6.72
CA PRO B 280 30.74 -2.66 -5.94
C PRO B 280 30.74 -3.72 -4.84
N ILE B 281 29.84 -3.52 -3.88
CA ILE B 281 29.58 -4.48 -2.82
C ILE B 281 28.12 -4.86 -2.89
N VAL B 282 27.84 -6.16 -3.00
CA VAL B 282 26.49 -6.67 -3.21
C VAL B 282 26.05 -7.46 -1.99
N TYR B 283 24.90 -7.10 -1.43
CA TYR B 283 24.29 -7.83 -0.32
C TYR B 283 22.93 -8.34 -0.79
N ILE B 284 22.75 -9.65 -0.74
CA ILE B 284 21.50 -10.30 -1.15
C ILE B 284 20.93 -11.03 0.05
N ASP B 285 19.67 -10.76 0.37
CA ASP B 285 19.00 -11.33 1.53
C ASP B 285 18.00 -12.38 1.07
N GLU B 286 18.19 -13.61 1.54
CA GLU B 286 17.32 -14.76 1.25
C GLU B 286 17.13 -14.95 -0.25
N PRO B 287 18.16 -15.42 -0.98
CA PRO B 287 18.00 -15.64 -2.42
C PRO B 287 17.16 -16.85 -2.78
N GLU B 288 16.69 -17.64 -1.81
CA GLU B 288 16.01 -18.90 -2.10
C GLU B 288 14.53 -18.90 -1.71
N VAL B 289 13.96 -17.75 -1.38
CA VAL B 289 12.56 -17.72 -0.98
C VAL B 289 11.68 -18.06 -2.17
N GLY B 290 10.78 -19.03 -1.98
CA GLY B 290 9.91 -19.47 -3.07
C GLY B 290 10.65 -20.08 -4.23
N LEU B 291 11.70 -20.84 -3.96
CA LEU B 291 12.49 -21.47 -5.01
C LEU B 291 12.65 -22.96 -4.72
N HIS B 292 12.53 -23.76 -5.77
CA HIS B 292 12.83 -25.18 -5.67
C HIS B 292 14.32 -25.36 -5.39
N PRO B 293 14.72 -26.42 -4.67
CA PRO B 293 16.16 -26.64 -4.43
C PRO B 293 16.98 -26.71 -5.70
N LYS B 294 16.45 -27.33 -6.77
CA LYS B 294 17.14 -27.33 -8.04
C LYS B 294 17.30 -25.92 -8.58
N LEU B 295 16.31 -25.05 -8.35
CA LEU B 295 16.43 -23.66 -8.81
C LEU B 295 17.55 -22.93 -8.08
N ALA B 296 17.68 -23.14 -6.77
CA ALA B 296 18.77 -22.51 -6.03
C ALA B 296 20.13 -23.05 -6.49
N GLU B 297 20.23 -24.36 -6.68
CA GLU B 297 21.47 -24.95 -7.18
C GLU B 297 21.82 -24.40 -8.55
N SER B 298 20.83 -24.26 -9.43
CA SER B 298 21.07 -23.70 -10.75
C SER B 298 21.48 -22.24 -10.68
N PHE B 299 20.91 -21.49 -9.73
CA PHE B 299 21.32 -20.11 -9.54
C PHE B 299 22.79 -20.01 -9.14
N VAL B 300 23.21 -20.83 -8.17
CA VAL B 300 24.61 -20.81 -7.75
C VAL B 300 25.50 -21.27 -8.90
N SER B 301 25.04 -22.25 -9.68
CA SER B 301 25.82 -22.75 -10.81
C SER B 301 26.00 -21.67 -11.87
N ASN B 302 24.94 -20.92 -12.16
CA ASN B 302 25.03 -19.83 -13.13
C ASN B 302 25.95 -18.72 -12.62
N LEU B 303 25.89 -18.42 -11.32
CA LEU B 303 26.82 -17.44 -10.76
C LEU B 303 28.26 -17.92 -10.91
N ASN B 304 28.52 -19.20 -10.64
CA ASN B 304 29.87 -19.72 -10.81
C ASN B 304 30.31 -19.70 -12.26
N LYS B 305 29.37 -19.99 -13.18
CA LYS B 305 29.71 -19.96 -14.60
C LYS B 305 30.08 -18.56 -15.06
N ILE B 306 29.31 -17.55 -14.66
CA ILE B 306 29.64 -16.19 -15.05
C ILE B 306 30.91 -15.72 -14.34
N TYR B 307 31.17 -16.23 -13.13
CA TYR B 307 32.41 -15.92 -12.43
C TYR B 307 33.63 -16.49 -13.17
N SER B 308 33.52 -17.73 -13.66
CA SER B 308 34.65 -18.39 -14.29
C SER B 308 34.83 -18.02 -15.76
N LYS B 309 33.76 -17.57 -16.43
CA LYS B 309 33.88 -17.19 -17.84
C LYS B 309 34.80 -15.98 -18.01
N PHE B 310 34.74 -15.04 -17.06
CA PHE B 310 35.52 -13.81 -17.13
C PHE B 310 36.81 -13.91 -16.32
N LYS B 311 37.40 -15.09 -16.24
CA LYS B 311 38.65 -15.31 -15.52
C LYS B 311 39.70 -15.84 -16.48
N LYS B 312 40.88 -15.24 -16.45
CA LYS B 312 42.03 -15.69 -17.25
C LYS B 312 43.16 -16.09 -16.31
N THR B 313 43.65 -17.32 -16.46
CA THR B 313 44.70 -17.84 -15.60
C THR B 313 45.72 -18.56 -16.47
N SER B 314 46.92 -17.98 -16.57
CA SER B 314 48.04 -18.55 -17.31
C SER B 314 47.66 -18.94 -18.73
N GLU B 315 47.40 -20.23 -18.96
CA GLU B 315 47.07 -20.68 -20.31
C GLU B 315 45.74 -20.14 -20.79
N LEU B 316 44.83 -19.82 -19.86
CA LEU B 316 43.54 -19.25 -20.23
C LEU B 316 43.71 -17.77 -20.56
N SER B 317 43.45 -17.42 -21.81
CA SER B 317 43.59 -16.04 -22.26
C SER B 317 42.65 -15.82 -23.43
N GLY B 318 42.83 -14.70 -24.14
CA GLY B 318 42.02 -14.38 -25.29
C GLY B 318 40.97 -13.34 -24.96
N PRO B 319 40.23 -12.90 -25.97
CA PRO B 319 39.19 -11.89 -25.75
C PRO B 319 38.07 -12.44 -24.89
N GLY B 320 37.43 -11.53 -24.15
CA GLY B 320 36.31 -11.89 -23.29
C GLY B 320 36.68 -12.29 -21.87
N ARG B 321 37.97 -12.38 -21.55
CA ARG B 321 38.42 -12.75 -20.22
C ARG B 321 39.23 -11.61 -19.62
N TYR B 322 38.97 -11.32 -18.34
CA TYR B 322 39.57 -10.18 -17.67
C TYR B 322 40.22 -10.64 -16.37
N LYS B 323 41.20 -9.86 -15.91
CA LYS B 323 41.83 -10.09 -14.61
C LYS B 323 41.31 -9.14 -13.55
N THR B 324 40.25 -8.41 -13.83
CA THR B 324 39.70 -7.45 -12.88
C THR B 324 39.15 -8.19 -11.66
N PRO B 325 39.47 -7.76 -10.44
CA PRO B 325 38.91 -8.41 -9.25
C PRO B 325 37.40 -8.34 -9.24
N TYR B 326 36.77 -9.42 -8.77
CA TYR B 326 35.33 -9.53 -8.74
C TYR B 326 34.76 -8.80 -7.53
N PRO B 327 33.56 -8.24 -7.65
CA PRO B 327 32.93 -7.59 -6.49
C PRO B 327 32.58 -8.60 -5.42
N ASN B 328 32.60 -8.12 -4.17
CA ASN B 328 32.23 -8.96 -3.04
C ASN B 328 30.71 -9.16 -3.02
N ILE B 329 30.29 -10.40 -2.89
CA ILE B 329 28.87 -10.77 -2.86
C ILE B 329 28.56 -11.39 -1.51
N PHE B 330 27.56 -10.85 -0.83
CA PHE B 330 27.14 -11.34 0.48
C PHE B 330 25.79 -12.03 0.37
N TYR B 331 25.67 -13.19 0.99
CA TYR B 331 24.46 -13.99 0.97
C TYR B 331 23.94 -14.18 2.39
N SER B 332 22.61 -14.26 2.51
CA SER B 332 21.95 -14.57 3.78
C SER B 332 20.97 -15.72 3.48
N THR B 333 21.47 -16.95 3.57
CA THR B 333 20.74 -18.13 3.12
C THR B 333 20.43 -19.04 4.29
N HIS B 334 19.20 -19.56 4.32
CA HIS B 334 18.81 -20.60 5.24
C HIS B 334 18.69 -21.96 4.56
N SER B 335 18.99 -22.04 3.26
CA SER B 335 18.87 -23.27 2.50
C SER B 335 20.22 -23.96 2.40
N PRO B 336 20.33 -25.22 2.80
CA PRO B 336 21.61 -25.95 2.64
C PRO B 336 22.03 -26.12 1.19
N SER B 337 21.10 -26.01 0.24
CA SER B 337 21.45 -26.20 -1.17
C SER B 337 22.39 -25.11 -1.67
N ILE B 338 22.08 -23.84 -1.36
CA ILE B 338 22.92 -22.74 -1.80
C ILE B 338 24.31 -22.85 -1.18
N LEU B 339 24.38 -23.15 0.12
CA LEU B 339 25.67 -23.29 0.78
C LEU B 339 26.46 -24.46 0.20
N LYS B 340 25.79 -25.58 -0.06
CA LYS B 340 26.46 -26.73 -0.63
C LYS B 340 27.05 -26.42 -2.00
N GLN B 341 26.26 -25.77 -2.86
CA GLN B 341 26.76 -25.43 -4.19
C GLN B 341 27.87 -24.40 -4.12
N THR B 342 27.77 -23.44 -3.20
CA THR B 342 28.83 -22.45 -3.04
C THR B 342 30.13 -23.11 -2.61
N ILE B 343 30.06 -24.06 -1.68
CA ILE B 343 31.26 -24.75 -1.24
C ILE B 343 31.84 -25.60 -2.36
N LYS B 344 30.98 -26.33 -3.07
CA LYS B 344 31.47 -27.26 -4.09
C LYS B 344 32.09 -26.52 -5.27
N LEU B 345 31.45 -25.45 -5.73
CA LEU B 345 31.87 -24.79 -6.97
C LEU B 345 33.00 -23.79 -6.72
N PHE B 346 32.76 -22.79 -5.87
CA PHE B 346 33.74 -21.71 -5.70
C PHE B 346 34.99 -22.20 -5.01
N GLY B 347 34.86 -22.98 -3.95
CA GLY B 347 36.01 -23.54 -3.27
C GLY B 347 36.73 -22.56 -2.36
N LYS B 348 37.91 -22.10 -2.78
CA LYS B 348 38.72 -21.21 -1.97
C LYS B 348 38.25 -19.77 -2.04
N ASP B 349 37.33 -19.42 -2.95
CA ASP B 349 36.85 -18.06 -3.12
C ASP B 349 35.53 -17.83 -2.41
N GLN B 350 35.31 -18.46 -1.27
CA GLN B 350 34.09 -18.29 -0.50
C GLN B 350 34.38 -18.52 0.98
N GLN B 351 33.47 -18.04 1.81
CA GLN B 351 33.56 -18.26 3.25
C GLN B 351 32.16 -18.27 3.84
N VAL B 352 32.05 -18.88 5.01
CA VAL B 352 30.79 -19.00 5.73
C VAL B 352 30.94 -18.33 7.09
N LEU B 353 30.01 -17.43 7.41
CA LEU B 353 30.04 -16.68 8.66
C LEU B 353 28.83 -17.05 9.50
N HIS B 354 29.09 -17.62 10.68
CA HIS B 354 28.07 -17.97 11.64
C HIS B 354 28.01 -16.89 12.71
N PHE B 355 26.80 -16.40 13.01
CA PHE B 355 26.67 -15.28 13.94
C PHE B 355 26.43 -15.72 15.38
N SER B 356 25.33 -16.42 15.65
CA SER B 356 24.97 -16.83 17.00
C SER B 356 24.92 -15.64 17.95
N LYS B 357 24.98 -15.89 19.25
CA LYS B 357 24.93 -14.84 20.25
C LYS B 357 25.89 -15.17 21.38
N LYS B 358 25.94 -14.28 22.38
CA LYS B 358 26.75 -14.44 23.56
C LYS B 358 25.88 -14.74 24.77
N LYS B 359 26.53 -14.89 25.93
CA LYS B 359 25.80 -15.25 27.14
C LYS B 359 24.89 -14.10 27.60
N ASP B 360 25.44 -12.89 27.67
CA ASP B 360 24.64 -11.73 28.08
C ASP B 360 23.73 -11.24 26.97
N GLY B 361 24.01 -11.61 25.72
CA GLY B 361 23.23 -11.17 24.58
C GLY B 361 24.00 -10.18 23.73
N SER B 362 24.65 -10.68 22.69
CA SER B 362 25.46 -9.87 21.78
C SER B 362 25.87 -10.75 20.62
N THR B 363 25.80 -10.20 19.41
CA THR B 363 26.08 -10.99 18.23
C THR B 363 27.57 -11.26 18.10
N ARG B 364 27.90 -12.45 17.63
CA ARG B 364 29.27 -12.83 17.28
C ARG B 364 29.37 -13.02 15.78
N VAL B 365 30.60 -13.20 15.30
CA VAL B 365 30.85 -13.58 13.91
C VAL B 365 32.05 -14.51 13.90
N ASN B 366 31.85 -15.74 13.45
CA ASN B 366 32.93 -16.72 13.36
C ASN B 366 32.94 -17.36 11.98
N LYS B 367 34.15 -17.55 11.45
CA LYS B 367 34.30 -18.19 10.15
C LYS B 367 34.26 -19.70 10.33
N ILE B 368 33.35 -20.36 9.60
CA ILE B 368 33.25 -21.81 9.62
C ILE B 368 34.08 -22.38 8.48
N ASN B 369 34.72 -23.52 8.73
CA ASN B 369 35.58 -24.12 7.72
C ASN B 369 34.77 -24.52 6.50
N SER B 370 35.15 -23.99 5.33
CA SER B 370 34.48 -24.30 4.09
C SER B 370 35.43 -24.74 2.98
N THR B 371 36.74 -24.70 3.20
CA THR B 371 37.73 -25.13 2.23
C THR B 371 38.29 -26.47 2.66
N TYR B 372 38.29 -27.44 1.74
CA TYR B 372 38.73 -28.81 2.02
C TYR B 372 39.89 -29.16 1.10
N SER B 373 40.93 -29.77 1.67
CA SER B 373 42.10 -30.17 0.91
C SER B 373 41.90 -31.49 0.17
N ASP B 374 40.81 -32.20 0.43
CA ASP B 374 40.53 -33.47 -0.21
C ASP B 374 39.51 -33.25 -1.33
N GLU B 375 39.89 -33.61 -2.56
CA GLU B 375 38.99 -33.42 -3.69
C GLU B 375 37.82 -34.38 -3.66
N ARG B 376 38.03 -35.60 -3.16
CA ARG B 376 36.94 -36.56 -3.06
C ARG B 376 35.82 -36.04 -2.15
N PHE B 377 36.19 -35.48 -0.99
CA PHE B 377 35.19 -34.95 -0.08
C PHE B 377 34.43 -33.79 -0.69
N LEU B 378 35.12 -32.92 -1.43
CA LEU B 378 34.47 -31.80 -2.09
C LEU B 378 33.50 -32.29 -3.17
N ASN B 379 33.89 -33.33 -3.90
CA ASN B 379 33.04 -33.80 -4.99
C ASN B 379 31.83 -34.56 -4.48
N ILE B 380 31.98 -35.35 -3.42
CA ILE B 380 30.88 -36.14 -2.89
C ILE B 380 30.16 -35.35 -1.80
N PHE B 381 30.46 -34.06 -1.72
CA PHE B 381 29.77 -33.18 -0.77
C PHE B 381 28.27 -33.22 -1.01
N SER B 382 27.50 -33.42 0.06
CA SER B 382 26.08 -33.65 -0.09
C SER B 382 25.25 -32.81 0.88
N ASP B 383 23.95 -33.10 0.97
CA ASP B 383 23.06 -32.32 1.82
C ASP B 383 23.35 -32.50 3.30
N ASN B 384 23.83 -33.67 3.72
CA ASN B 384 24.16 -33.88 5.13
C ASN B 384 25.30 -32.97 5.57
N GLU B 385 26.34 -32.86 4.76
CA GLU B 385 27.48 -32.01 5.11
C GLU B 385 27.07 -30.54 5.18
N ALA B 386 26.21 -30.10 4.27
CA ALA B 386 25.69 -28.74 4.33
C ALA B 386 24.72 -28.57 5.49
N ARG B 387 24.10 -29.67 5.95
CA ARG B 387 23.21 -29.61 7.10
C ARG B 387 24.01 -29.48 8.39
N LEU B 388 25.26 -29.95 8.40
CA LEU B 388 26.06 -29.84 9.61
C LEU B 388 26.35 -28.39 9.98
N PHE B 389 26.38 -27.50 8.99
CA PHE B 389 26.65 -26.09 9.28
C PHE B 389 25.43 -25.38 9.87
N PHE B 390 24.22 -25.84 9.57
CA PHE B 390 23.01 -25.31 10.19
C PHE B 390 22.65 -26.10 11.44
N SER B 391 23.60 -26.21 12.36
CA SER B 391 23.45 -27.04 13.54
C SER B 391 23.92 -26.28 14.77
N GLU B 392 23.45 -26.73 15.94
CA GLU B 392 23.89 -26.19 17.21
C GLU B 392 24.66 -27.20 18.04
N TYR B 393 24.65 -28.48 17.67
CA TYR B 393 25.44 -29.49 18.35
C TYR B 393 25.55 -30.70 17.42
N ILE B 394 26.76 -31.13 17.12
CA ILE B 394 27.01 -32.24 16.22
C ILE B 394 27.66 -33.37 17.02
N VAL B 395 27.13 -34.57 16.88
CA VAL B 395 27.72 -35.76 17.48
C VAL B 395 28.31 -36.60 16.36
N PHE B 396 29.63 -36.73 16.37
CA PHE B 396 30.35 -37.46 15.33
C PHE B 396 30.56 -38.90 15.78
N VAL B 397 30.08 -39.84 14.96
CA VAL B 397 30.12 -41.25 15.28
C VAL B 397 30.76 -42.00 14.13
N GLU B 398 31.39 -43.13 14.44
CA GLU B 398 31.99 -44.01 13.44
C GLU B 398 31.19 -45.31 13.39
N GLY B 399 30.26 -45.41 12.45
CA GLY B 399 29.41 -46.58 12.37
C GLY B 399 27.95 -46.26 12.12
N ALA B 400 27.29 -47.10 11.32
CA ALA B 400 25.87 -46.95 11.07
C ALA B 400 25.02 -47.41 12.24
N THR B 401 25.55 -48.31 13.08
CA THR B 401 24.80 -48.72 14.28
C THR B 401 24.57 -47.53 15.21
N GLU B 402 25.55 -46.65 15.33
CA GLU B 402 25.37 -45.45 16.14
C GLU B 402 24.35 -44.51 15.49
N LEU B 403 24.33 -44.44 14.16
CA LEU B 403 23.30 -43.68 13.47
C LEU B 403 21.91 -44.23 13.78
N GLU B 404 21.77 -45.55 13.78
CA GLU B 404 20.49 -46.15 14.14
C GLU B 404 20.10 -45.84 15.59
N LEU B 405 21.07 -45.93 16.50
CA LEU B 405 20.77 -45.80 17.92
C LEU B 405 20.43 -44.36 18.29
N PHE B 406 21.21 -43.40 17.81
CA PHE B 406 21.05 -42.02 18.23
C PHE B 406 20.00 -41.26 17.42
N ARG B 407 19.50 -41.83 16.34
CA ARG B 407 18.39 -41.24 15.59
C ARG B 407 17.08 -41.96 15.84
N ASN B 408 17.01 -42.81 16.87
CA ASN B 408 15.80 -43.57 17.15
C ASN B 408 14.70 -42.63 17.63
N LEU B 409 13.58 -42.62 16.90
CA LEU B 409 12.49 -41.70 17.22
C LEU B 409 11.86 -42.03 18.57
N SER B 410 11.74 -43.32 18.89
CA SER B 410 11.12 -43.73 20.14
C SER B 410 11.95 -43.34 21.35
N LEU B 411 13.24 -43.03 21.16
CA LEU B 411 14.11 -42.59 22.25
C LEU B 411 14.24 -41.09 22.36
N LEU B 412 14.12 -40.37 21.24
CA LEU B 412 14.29 -38.92 21.27
C LEU B 412 13.09 -38.21 21.89
N ASN B 413 11.90 -38.81 21.83
CA ASN B 413 10.73 -38.15 22.40
C ASN B 413 10.80 -38.07 23.92
N LEU B 414 11.45 -39.05 24.57
CA LEU B 414 11.63 -39.01 26.00
C LEU B 414 12.71 -38.02 26.44
N TYR B 415 13.55 -37.58 25.51
CA TYR B 415 14.62 -36.62 25.79
C TYR B 415 14.49 -35.47 24.81
N PRO B 416 13.61 -34.50 25.08
CA PRO B 416 13.43 -33.39 24.14
C PRO B 416 14.53 -32.35 24.24
N ALA B 417 15.78 -32.82 24.34
CA ALA B 417 16.95 -31.96 24.24
C ALA B 417 18.05 -32.53 23.36
N PHE B 418 18.11 -33.85 23.17
CA PHE B 418 19.07 -34.45 22.26
C PHE B 418 18.61 -34.41 20.81
N SER B 419 17.32 -34.16 20.58
CA SER B 419 16.83 -34.02 19.22
C SER B 419 17.41 -32.78 18.54
N LEU B 420 17.76 -31.75 19.31
CA LEU B 420 18.39 -30.57 18.75
C LEU B 420 19.80 -30.85 18.24
N ALA B 421 20.39 -31.98 18.65
CA ALA B 421 21.70 -32.37 18.17
C ALA B 421 21.58 -33.25 16.93
N ASP B 422 22.51 -33.07 16.00
CA ASP B 422 22.53 -33.81 14.75
C ASP B 422 23.64 -34.85 14.78
N ILE B 423 23.31 -36.08 14.39
CA ILE B 423 24.23 -37.20 14.42
C ILE B 423 24.84 -37.35 13.04
N TYR B 424 26.17 -37.36 12.97
CA TYR B 424 26.86 -37.49 11.69
C TYR B 424 27.86 -38.63 11.77
N ASP B 425 27.82 -39.50 10.77
CA ASP B 425 28.75 -40.62 10.67
C ASP B 425 29.99 -40.18 9.89
N ALA B 426 31.13 -40.19 10.56
CA ALA B 426 32.37 -39.73 9.94
C ALA B 426 33.55 -40.50 10.52
N ASN B 427 34.50 -40.84 9.64
CA ASN B 427 35.75 -41.46 10.06
C ASN B 427 36.78 -40.39 10.38
N GLU B 428 38.04 -40.80 10.55
CA GLU B 428 39.09 -39.83 10.87
C GLU B 428 39.34 -38.87 9.71
N VAL B 429 39.30 -39.39 8.47
CA VAL B 429 39.57 -38.53 7.30
C VAL B 429 38.48 -37.47 7.15
N ILE B 430 37.22 -37.87 7.31
CA ILE B 430 36.12 -36.91 7.19
C ILE B 430 36.19 -35.88 8.31
N LEU B 431 36.54 -36.31 9.52
CA LEU B 431 36.70 -35.37 10.62
C LEU B 431 37.83 -34.38 10.35
N ALA B 432 38.95 -34.87 9.80
CA ALA B 432 40.05 -33.98 9.47
C ALA B 432 39.66 -32.98 8.40
N ASN B 433 38.91 -33.43 7.39
CA ASN B 433 38.46 -32.52 6.34
C ASN B 433 37.50 -31.46 6.89
N ILE B 434 36.51 -31.89 7.68
CA ILE B 434 35.56 -30.95 8.27
C ILE B 434 36.28 -30.02 9.25
N ASN B 435 37.17 -30.58 10.08
CA ASN B 435 37.90 -29.85 11.11
C ASN B 435 36.93 -29.14 12.04
N PRO B 436 36.18 -29.88 12.86
CA PRO B 436 35.23 -29.22 13.77
C PRO B 436 35.89 -28.32 14.80
N GLY B 437 37.18 -28.52 15.09
CA GLY B 437 37.85 -27.69 16.07
C GLY B 437 37.97 -26.24 15.66
N TYR B 438 37.96 -25.97 14.36
CA TYR B 438 38.00 -24.59 13.89
C TYR B 438 36.76 -23.82 14.32
N SER B 439 35.60 -24.45 14.25
CA SER B 439 34.34 -23.86 14.69
C SER B 439 33.92 -24.60 15.96
N LYS B 440 34.44 -24.13 17.09
CA LYS B 440 34.18 -24.75 18.40
C LYS B 440 33.21 -23.96 19.26
N ALA B 441 33.38 -22.64 19.34
CA ALA B 441 32.46 -21.79 20.09
C ALA B 441 31.17 -21.53 19.35
N SER B 442 31.11 -21.79 18.05
CA SER B 442 29.90 -21.59 17.25
C SER B 442 29.09 -22.87 17.15
N ILE B 443 29.74 -23.99 16.85
CA ILE B 443 29.06 -25.28 16.75
C ILE B 443 29.74 -26.27 17.67
N PRO B 444 29.28 -26.43 18.91
CA PRO B 444 29.86 -27.44 19.80
C PRO B 444 29.69 -28.83 19.22
N PHE B 445 30.69 -29.68 19.45
CA PHE B 445 30.70 -31.02 18.89
C PHE B 445 31.31 -31.99 19.87
N VAL B 446 30.92 -33.26 19.73
CA VAL B 446 31.50 -34.36 20.49
C VAL B 446 31.78 -35.50 19.52
N ILE B 447 32.98 -36.08 19.63
CA ILE B 447 33.39 -37.19 18.78
C ILE B 447 33.33 -38.45 19.63
N ILE B 448 32.40 -39.35 19.30
CA ILE B 448 32.21 -40.59 20.04
C ILE B 448 32.97 -41.69 19.31
N LYS B 449 33.92 -42.31 20.01
CA LYS B 449 34.71 -43.40 19.47
C LYS B 449 34.77 -44.52 20.49
N ASP B 450 35.40 -45.63 20.11
CA ASP B 450 35.57 -46.77 21.00
C ASP B 450 36.99 -46.83 21.52
N ILE B 451 37.16 -47.58 22.62
CA ILE B 451 38.47 -47.70 23.24
C ILE B 451 39.47 -48.37 22.30
N ASP B 452 38.99 -49.24 21.41
CA ASP B 452 39.87 -49.98 20.51
C ASP B 452 40.68 -49.06 19.61
N THR B 453 40.22 -47.82 19.38
CA THR B 453 40.98 -46.87 18.59
C THR B 453 42.12 -46.24 19.35
N LEU B 454 42.26 -46.52 20.65
CA LEU B 454 43.34 -45.99 21.46
C LEU B 454 44.35 -47.05 21.86
N ILE B 455 43.88 -48.21 22.30
CA ILE B 455 44.74 -49.29 22.78
C ILE B 455 44.36 -50.57 22.06
N ASP B 456 45.32 -51.49 21.97
CA ASP B 456 45.08 -52.79 21.36
C ASP B 456 45.76 -53.88 22.19
N TYR B 457 45.25 -55.10 22.04
CA TYR B 457 45.65 -56.25 22.84
C TYR B 457 45.93 -57.44 21.93
N SER B 458 46.88 -58.26 22.33
CA SER B 458 47.24 -59.47 21.60
C SER B 458 47.27 -60.66 22.53
N ILE B 459 46.57 -61.74 22.15
CA ILE B 459 46.58 -62.96 22.96
C ILE B 459 47.93 -63.65 22.85
N LYS B 460 48.47 -63.75 21.64
CA LYS B 460 49.75 -64.44 21.45
C LYS B 460 50.88 -63.74 22.21
N THR B 461 50.93 -62.42 22.12
CA THR B 461 51.89 -61.61 22.88
C THR B 461 51.07 -60.79 23.88
N GLU B 462 51.00 -61.27 25.12
CA GLU B 462 50.12 -60.70 26.13
C GLU B 462 50.70 -59.36 26.58
N LYS B 463 50.38 -58.32 25.82
CA LYS B 463 50.88 -56.98 26.09
C LYS B 463 49.96 -55.95 25.46
N PHE B 464 49.76 -54.84 26.15
CA PHE B 464 49.04 -53.72 25.57
C PHE B 464 49.90 -53.01 24.54
N SER B 465 49.24 -52.34 23.60
CA SER B 465 49.91 -51.49 22.64
C SER B 465 49.09 -50.22 22.48
N LEU B 466 49.79 -49.13 22.16
CA LEU B 466 49.18 -47.81 22.05
C LEU B 466 49.08 -47.43 20.58
N ARG B 467 47.87 -47.08 20.15
CA ARG B 467 47.66 -46.66 18.77
C ARG B 467 48.26 -45.28 18.54
N PRO B 468 48.57 -44.94 17.29
CA PRO B 468 49.12 -43.60 17.02
C PRO B 468 48.18 -42.47 17.39
N LEU B 469 46.86 -42.71 17.37
CA LEU B 469 45.92 -41.68 17.80
C LEU B 469 46.11 -41.33 19.27
N PHE B 470 46.27 -42.35 20.12
CA PHE B 470 46.44 -42.11 21.55
C PHE B 470 47.75 -41.38 21.82
N GLU B 471 48.82 -41.77 21.13
CA GLU B 471 50.10 -41.10 21.30
C GLU B 471 50.03 -39.65 20.82
N LYS B 472 49.32 -39.41 19.72
CA LYS B 472 49.13 -38.03 19.25
C LYS B 472 48.34 -37.20 20.26
N MET B 473 47.30 -37.80 20.85
CA MET B 473 46.53 -37.09 21.87
C MET B 473 47.40 -36.78 23.09
N ILE B 474 48.23 -37.74 23.50
CA ILE B 474 49.13 -37.50 24.62
C ILE B 474 50.11 -36.37 24.29
N LYS B 475 50.68 -36.39 23.08
CA LYS B 475 51.61 -35.35 22.67
C LYS B 475 50.93 -33.99 22.67
N GLU B 476 49.67 -33.93 22.24
CA GLU B 476 48.91 -32.70 22.28
C GLU B 476 48.67 -32.25 23.72
N LEU B 477 48.51 -33.20 24.64
CA LEU B 477 48.23 -32.89 26.04
C LEU B 477 49.47 -32.67 26.87
N THR B 478 50.67 -32.94 26.34
CA THR B 478 51.91 -32.68 27.07
C THR B 478 52.09 -31.16 27.18
N LYS B 479 51.82 -30.63 28.37
CA LYS B 479 51.88 -29.18 28.60
C LYS B 479 53.30 -28.79 28.96
N GLU B 480 54.17 -28.82 27.96
CA GLU B 480 55.52 -28.31 28.10
C GLU B 480 55.52 -26.80 27.85
N PHE B 481 56.68 -26.18 28.03
CA PHE B 481 56.84 -24.73 27.88
C PHE B 481 55.82 -23.99 28.75
N ASP B 482 55.71 -24.43 30.00
CA ASP B 482 54.68 -23.95 30.90
C ASP B 482 55.28 -23.64 32.26
N TYR B 483 54.64 -22.72 32.98
CA TYR B 483 55.04 -22.37 34.34
C TYR B 483 54.23 -23.18 35.35
N TYR B 484 54.35 -22.84 36.62
CA TYR B 484 53.67 -23.56 37.69
C TYR B 484 52.37 -22.84 38.04
N ASP B 485 51.25 -23.55 37.92
CA ASP B 485 49.95 -23.03 38.29
C ASP B 485 49.19 -24.06 39.11
N THR B 486 48.38 -23.57 40.04
CA THR B 486 47.61 -24.46 40.90
C THR B 486 46.57 -25.22 40.09
N GLY B 487 46.38 -26.50 40.43
CA GLY B 487 45.41 -27.34 39.77
C GLY B 487 45.94 -28.09 38.57
N PHE B 488 46.87 -27.50 37.82
CA PHE B 488 47.44 -28.13 36.62
C PHE B 488 48.69 -28.92 36.98
N GLY B 489 48.53 -29.85 37.92
CA GLY B 489 49.64 -30.69 38.35
C GLY B 489 49.39 -32.17 38.12
N ARG B 490 48.12 -32.56 38.10
CA ARG B 490 47.77 -33.97 37.90
C ARG B 490 47.76 -34.38 36.44
N VAL B 491 47.80 -33.41 35.51
CA VAL B 491 47.82 -33.74 34.09
C VAL B 491 49.10 -34.51 33.74
N ARG B 492 50.24 -34.06 34.28
CA ARG B 492 51.49 -34.77 34.02
C ARG B 492 51.46 -36.18 34.59
N LYS B 493 50.89 -36.36 35.78
CA LYS B 493 50.78 -37.70 36.37
C LYS B 493 49.87 -38.58 35.52
N GLU B 494 48.76 -38.04 35.04
CA GLU B 494 47.87 -38.83 34.18
C GLU B 494 48.57 -39.22 32.88
N ILE B 495 49.34 -38.30 32.31
CA ILE B 495 50.07 -38.60 31.08
C ILE B 495 51.10 -39.70 31.33
N ASP B 496 51.82 -39.61 32.46
CA ASP B 496 52.80 -40.63 32.78
C ASP B 496 52.15 -41.99 32.99
N LEU B 497 50.99 -42.02 33.65
CA LEU B 497 50.27 -43.28 33.83
C LEU B 497 49.80 -43.85 32.49
N PHE B 498 49.27 -42.99 31.61
CA PHE B 498 48.86 -43.46 30.29
C PHE B 498 50.05 -43.92 29.47
N SER B 499 51.24 -43.42 29.76
CA SER B 499 52.44 -43.93 29.10
C SER B 499 52.85 -45.29 29.67
N ASP B 500 52.77 -45.46 30.98
CA ASP B 500 53.30 -46.67 31.61
C ASP B 500 52.30 -47.82 31.65
N ILE B 501 51.04 -47.59 31.27
CA ILE B 501 50.08 -48.69 31.20
C ILE B 501 50.43 -49.64 30.06
N GLN B 502 51.49 -49.32 29.31
CA GLN B 502 51.96 -50.12 28.18
C GLN B 502 52.67 -51.43 28.63
N SER B 503 52.60 -51.76 29.92
CA SER B 503 53.24 -52.96 30.42
C SER B 503 52.50 -54.21 29.96
N SER B 504 53.19 -55.35 30.01
CA SER B 504 52.65 -56.62 29.58
C SER B 504 52.00 -57.41 30.72
N THR B 505 51.91 -56.83 31.91
CA THR B 505 51.36 -57.53 33.08
C THR B 505 49.85 -57.33 33.11
N LYS B 506 49.15 -58.16 32.34
CA LYS B 506 47.68 -58.14 32.31
C LYS B 506 47.22 -59.56 31.98
N LYS B 507 46.83 -60.31 33.02
CA LYS B 507 46.46 -61.70 32.84
C LYS B 507 45.00 -61.81 32.41
N HIS B 508 44.76 -62.66 31.42
CA HIS B 508 43.43 -62.88 30.87
C HIS B 508 42.97 -64.31 31.16
N MET B 509 41.76 -64.45 31.68
CA MET B 509 41.17 -65.74 31.96
C MET B 509 40.12 -66.08 30.90
N ASP B 510 39.57 -67.28 31.01
CA ASP B 510 38.53 -67.78 30.10
C ASP B 510 39.01 -67.75 28.65
N SER B 511 40.20 -68.30 28.42
CA SER B 511 40.79 -68.41 27.08
C SER B 511 40.91 -67.05 26.40
N GLY B 512 41.39 -66.08 27.16
CA GLY B 512 41.61 -64.74 26.61
C GLY B 512 40.36 -63.99 26.23
N LEU B 513 39.32 -64.03 27.06
CA LEU B 513 38.11 -63.26 26.84
C LEU B 513 37.90 -62.15 27.86
N PHE B 514 38.27 -62.37 29.11
CA PHE B 514 38.15 -61.36 30.16
C PHE B 514 39.53 -61.02 30.71
N PHE B 515 39.54 -60.16 31.73
CA PHE B 515 40.75 -59.75 32.41
C PHE B 515 40.67 -60.20 33.86
N LYS B 516 41.78 -60.78 34.36
CA LYS B 516 41.79 -61.30 35.71
C LYS B 516 41.65 -60.19 36.75
N ARG B 517 42.42 -59.11 36.61
CA ARG B 517 42.40 -58.04 37.58
C ARG B 517 42.11 -56.68 36.95
N PHE B 518 42.60 -56.46 35.73
CA PHE B 518 42.41 -55.17 35.08
C PHE B 518 40.94 -54.94 34.74
N SER B 519 40.51 -53.69 34.88
CA SER B 519 39.16 -53.27 34.55
C SER B 519 39.24 -52.13 33.55
N LEU B 520 38.63 -52.32 32.38
CA LEU B 520 38.62 -51.27 31.37
C LEU B 520 37.67 -50.13 31.70
N HIS B 521 36.76 -50.32 32.66
CA HIS B 521 35.84 -49.25 33.03
C HIS B 521 36.59 -48.06 33.62
N ASN B 522 37.51 -48.33 34.56
CA ASN B 522 38.27 -47.25 35.18
C ASN B 522 39.16 -46.54 34.17
N LEU B 523 39.83 -47.30 33.30
CA LEU B 523 40.68 -46.69 32.29
C LEU B 523 39.87 -45.84 31.33
N SER B 524 38.70 -46.33 30.91
CA SER B 524 37.84 -45.54 30.04
C SER B 524 37.34 -44.28 30.72
N SER B 525 37.01 -44.37 32.01
CA SER B 525 36.58 -43.19 32.75
C SER B 525 37.69 -42.15 32.83
N ARG B 526 38.92 -42.61 33.12
CA ARG B 526 40.04 -41.68 33.18
C ARG B 526 40.33 -41.05 31.83
N ILE B 527 40.25 -41.83 30.75
CA ILE B 527 40.48 -41.30 29.41
C ILE B 527 39.42 -40.27 29.07
N ASN B 528 38.15 -40.56 29.40
CA ASN B 528 37.08 -39.59 29.14
C ASN B 528 37.29 -38.32 29.95
N LYS B 529 37.70 -38.45 31.21
CA LYS B 529 37.96 -37.27 32.03
C LYS B 529 39.07 -36.41 31.45
N VAL B 530 40.14 -37.03 30.96
CA VAL B 530 41.26 -36.25 30.43
C VAL B 530 40.97 -35.73 29.02
N SER B 531 40.08 -36.37 28.27
CA SER B 531 39.80 -35.98 26.90
C SER B 531 38.51 -35.17 26.76
N ARG B 532 37.82 -34.89 27.86
CA ARG B 532 36.68 -33.98 27.82
C ARG B 532 37.05 -32.64 27.20
N LYS B 533 38.25 -32.14 27.50
CA LYS B 533 38.67 -30.85 26.96
C LYS B 533 38.95 -30.91 25.46
N LEU B 534 39.10 -32.10 24.90
CA LEU B 534 39.35 -32.27 23.47
C LEU B 534 38.09 -32.66 22.70
N ASN B 535 36.92 -32.56 23.34
CA ASN B 535 35.64 -32.88 22.69
C ASN B 535 35.61 -34.30 22.14
N ARG B 536 36.12 -35.24 22.93
CA ARG B 536 36.13 -36.65 22.55
C ARG B 536 35.61 -37.50 23.71
N TYR B 537 34.78 -38.49 23.37
CA TYR B 537 34.24 -39.43 24.33
C TYR B 537 34.51 -40.84 23.83
N PHE B 538 35.19 -41.65 24.64
CA PHE B 538 35.56 -43.00 24.29
C PHE B 538 34.75 -43.97 25.13
N MET B 539 34.05 -44.89 24.46
CA MET B 539 33.21 -45.86 25.15
C MET B 539 34.05 -47.02 25.67
N THR B 540 33.56 -47.66 26.73
CA THR B 540 34.26 -48.80 27.32
C THR B 540 34.31 -49.96 26.33
N THR B 541 33.20 -50.24 25.66
CA THR B 541 33.14 -51.32 24.68
C THR B 541 32.59 -50.79 23.36
N THR B 542 32.28 -51.69 22.43
CA THR B 542 31.71 -51.29 21.16
C THR B 542 30.27 -50.83 21.35
N ILE B 543 29.62 -50.45 20.24
CA ILE B 543 28.27 -49.93 20.32
C ILE B 543 27.29 -51.01 20.79
N GLU B 544 27.51 -52.27 20.38
CA GLU B 544 26.64 -53.35 20.83
C GLU B 544 26.81 -53.63 22.32
N GLY B 545 27.90 -53.19 22.93
CA GLY B 545 28.10 -53.41 24.36
C GLY B 545 27.09 -52.65 25.20
N ALA B 546 26.81 -51.41 24.83
CA ALA B 546 25.88 -50.59 25.61
C ALA B 546 24.45 -51.11 25.52
N LEU B 547 24.13 -51.90 24.50
CA LEU B 547 22.78 -52.44 24.33
C LEU B 547 22.63 -53.81 24.98
N ILE B 548 23.55 -54.71 24.69
CA ILE B 548 23.50 -56.08 25.23
C ILE B 548 24.39 -56.10 26.46
N ASN B 549 23.79 -55.87 27.62
CA ASN B 549 24.47 -55.97 28.90
C ASN B 549 23.64 -56.85 29.83
N GLU B 550 24.13 -57.01 31.07
CA GLU B 550 23.46 -57.89 32.02
C GLU B 550 22.05 -57.38 32.33
N GLN B 551 21.92 -56.09 32.64
CA GLN B 551 20.63 -55.54 33.02
C GLN B 551 19.63 -55.53 31.88
N SER B 552 20.10 -55.68 30.64
CA SER B 552 19.21 -55.81 29.48
C SER B 552 18.92 -57.25 29.09
N LEU B 553 19.44 -58.23 29.84
CA LEU B 553 19.17 -59.63 29.49
C LEU B 553 17.70 -60.00 29.51
N PRO B 554 16.89 -59.62 30.52
CA PRO B 554 15.47 -59.99 30.46
C PRO B 554 14.77 -59.43 29.24
N TYR B 555 14.82 -58.12 29.09
CA TYR B 555 14.16 -57.45 27.97
C TYR B 555 14.59 -58.03 26.64
N PHE B 556 15.91 -58.15 26.43
CA PHE B 556 16.42 -58.77 25.22
C PHE B 556 15.78 -60.14 24.99
N PHE B 557 15.76 -60.97 26.04
CA PHE B 557 15.12 -62.27 25.93
C PHE B 557 13.66 -62.11 25.50
N ASN B 558 12.94 -61.20 26.15
CA ASN B 558 11.55 -60.95 25.76
C ASN B 558 11.48 -60.58 24.28
N TRP B 559 12.42 -59.76 23.81
CA TRP B 559 12.47 -59.41 22.40
C TRP B 559 12.54 -60.66 21.54
N ILE B 560 13.43 -61.59 21.90
CA ILE B 560 13.51 -62.86 21.19
C ILE B 560 12.15 -63.53 21.20
N GLY B 561 11.52 -63.61 22.37
CA GLY B 561 10.19 -64.19 22.45
C GLY B 561 9.22 -63.50 21.52
N ASP B 562 9.29 -62.16 21.46
CA ASP B 562 8.43 -61.40 20.56
C ASP B 562 8.57 -61.92 19.13
N VAL B 563 9.82 -62.14 18.70
CA VAL B 563 10.05 -62.69 17.37
C VAL B 563 9.33 -64.03 17.23
N ILE B 564 9.51 -64.91 18.20
CA ILE B 564 8.90 -66.24 18.14
C ILE B 564 7.38 -66.12 18.10
N LEU B 565 6.84 -65.03 18.65
CA LEU B 565 5.41 -64.83 18.66
C LEU B 565 4.92 -64.02 17.46
N THR B 566 5.82 -63.32 16.76
CA THR B 566 5.39 -62.41 15.69
C THR B 566 5.96 -62.77 14.34
N GLN B 567 7.28 -62.92 14.21
CA GLN B 567 7.92 -62.96 12.91
C GLN B 567 7.95 -64.35 12.29
N MET B 568 7.49 -65.37 13.01
CA MET B 568 7.53 -66.75 12.52
C MET B 568 6.12 -67.32 12.56
N THR B 569 5.61 -67.70 11.39
CA THR B 569 4.23 -68.20 11.28
C THR B 569 4.23 -69.58 10.63
N ILE B 570 3.08 -70.25 10.72
CA ILE B 570 2.94 -71.58 10.15
C ILE B 570 3.01 -71.51 8.63
N ASN B 571 3.69 -72.48 8.03
CA ASN B 571 3.83 -72.47 6.57
C ASN B 571 2.65 -73.13 5.88
N ASN B 572 2.13 -74.21 6.46
CA ASN B 572 1.07 -74.96 5.81
C ASN B 572 -0.22 -74.14 5.77
N PRO B 573 -0.96 -74.16 4.66
CA PRO B 573 -2.24 -73.44 4.61
C PRO B 573 -3.24 -73.94 5.64
N ASN B 574 -3.23 -75.23 5.95
CA ASN B 574 -4.10 -75.79 6.98
C ASN B 574 -3.29 -76.00 8.24
N PRO B 575 -3.48 -75.19 9.29
CA PRO B 575 -2.62 -75.31 10.47
C PRO B 575 -2.95 -76.49 11.36
N ASP B 576 -4.24 -76.80 11.51
CA ASP B 576 -4.65 -77.87 12.42
C ASP B 576 -4.14 -79.23 11.95
N LYS B 577 -4.33 -79.54 10.65
CA LYS B 577 -3.89 -80.82 10.12
C LYS B 577 -2.37 -80.96 10.19
N PHE B 578 -1.65 -79.90 9.84
CA PHE B 578 -0.20 -79.95 9.88
C PHE B 578 0.31 -80.13 11.31
N ILE B 579 -0.29 -79.41 12.27
CA ILE B 579 0.11 -79.55 13.66
C ILE B 579 -0.17 -80.97 14.16
N GLU B 580 -1.33 -81.51 13.82
CA GLU B 580 -1.66 -82.87 14.25
C GLU B 580 -0.68 -83.89 13.65
N ALA B 581 -0.35 -83.72 12.37
CA ALA B 581 0.59 -84.63 11.72
C ALA B 581 1.97 -84.54 12.37
N MET B 582 2.42 -83.33 12.66
CA MET B 582 3.73 -83.17 13.31
C MET B 582 3.74 -83.77 14.70
N ARG B 583 2.65 -83.59 15.46
CA ARG B 583 2.58 -84.17 16.79
C ARG B 583 2.56 -85.69 16.74
N ARG B 584 1.83 -86.28 15.79
CA ARG B 584 1.79 -87.73 15.67
C ARG B 584 3.06 -88.30 15.06
N ARG B 585 3.87 -87.48 14.38
CA ARG B 585 5.11 -87.94 13.76
C ARG B 585 6.33 -87.60 14.61
N TYR B 586 6.47 -86.35 15.02
CA TYR B 586 7.61 -85.90 15.81
C TYR B 586 7.23 -85.80 17.28
N ASN B 587 8.14 -86.21 18.15
CA ASN B 587 7.89 -86.13 19.59
C ASN B 587 7.83 -84.68 20.05
N ILE B 588 6.90 -84.41 20.98
CA ILE B 588 6.70 -83.03 21.43
C ILE B 588 7.78 -82.57 22.41
N LYS B 589 8.51 -83.50 23.03
CA LYS B 589 9.49 -83.15 24.04
C LYS B 589 10.93 -83.39 23.55
N SER B 590 11.24 -84.59 23.10
CA SER B 590 12.61 -84.87 22.65
C SER B 590 12.90 -84.23 21.30
N GLN B 591 11.94 -84.28 20.38
CA GLN B 591 12.09 -83.73 19.04
C GLN B 591 11.38 -82.39 18.90
N VAL B 592 11.38 -81.57 19.95
CA VAL B 592 10.70 -80.28 19.90
C VAL B 592 11.39 -79.34 18.92
N VAL B 593 12.73 -79.34 18.90
CA VAL B 593 13.46 -78.43 18.01
C VAL B 593 13.21 -78.74 16.54
N PRO B 594 13.30 -79.99 16.06
CA PRO B 594 12.95 -80.24 14.65
C PRO B 594 11.52 -79.87 14.31
N LEU B 595 10.58 -80.11 15.21
CA LEU B 595 9.19 -79.75 14.96
C LEU B 595 9.03 -78.23 14.84
N PHE B 596 9.69 -77.48 15.74
CA PHE B 596 9.62 -76.03 15.67
C PHE B 596 10.25 -75.52 14.38
N LYS B 597 11.36 -76.12 13.96
CA LYS B 597 12.01 -75.70 12.71
C LYS B 597 11.14 -76.00 11.51
N SER B 598 10.47 -77.16 11.50
CA SER B 598 9.68 -77.57 10.34
C SER B 598 8.28 -76.97 10.32
N VAL B 599 7.81 -76.41 11.43
CA VAL B 599 6.45 -75.87 11.47
C VAL B 599 6.44 -74.37 11.18
N PHE B 600 7.26 -73.60 11.90
CA PHE B 600 7.25 -72.14 11.79
C PHE B 600 8.33 -71.67 10.83
N CYS B 601 7.96 -70.78 9.92
CA CYS B 601 8.88 -70.20 8.96
C CYS B 601 8.77 -68.69 8.97
N ILE B 602 9.44 -68.04 8.02
CA ILE B 602 9.44 -66.59 7.90
C ILE B 602 8.22 -66.14 7.11
N GLY B 603 7.41 -65.26 7.72
CA GLY B 603 6.24 -64.74 7.05
C GLY B 603 5.77 -63.42 7.65
N LEU B 604 5.58 -62.42 6.79
CA LEU B 604 5.11 -61.11 7.25
C LEU B 604 3.66 -61.16 7.71
N ASN B 605 2.83 -61.91 7.01
CA ASN B 605 1.42 -62.00 7.37
C ASN B 605 1.24 -62.77 8.67
N HIS B 606 0.17 -62.43 9.40
CA HIS B 606 -0.14 -63.06 10.68
C HIS B 606 -1.59 -63.53 10.65
N PRO B 607 -1.87 -64.64 9.98
CA PRO B 607 -3.25 -65.12 9.90
C PRO B 607 -3.75 -65.59 11.26
N VAL B 608 -5.07 -65.48 11.46
CA VAL B 608 -5.71 -65.90 12.69
C VAL B 608 -6.30 -67.28 12.48
N TYR B 609 -5.95 -68.21 13.36
CA TYR B 609 -6.39 -69.59 13.26
C TYR B 609 -7.51 -69.84 14.25
N SER B 610 -7.92 -71.11 14.39
CA SER B 610 -8.97 -71.47 15.32
C SER B 610 -8.48 -71.33 16.76
N SER B 611 -9.45 -71.36 17.69
CA SER B 611 -9.11 -71.19 19.11
C SER B 611 -8.19 -72.31 19.60
N ALA B 612 -8.51 -73.56 19.24
CA ALA B 612 -7.65 -74.68 19.63
C ALA B 612 -6.29 -74.57 18.95
N VAL B 613 -6.26 -74.18 17.68
CA VAL B 613 -4.98 -74.04 16.97
C VAL B 613 -4.17 -72.91 17.59
N ASP B 614 -4.82 -71.80 17.94
CA ASP B 614 -4.10 -70.70 18.59
C ASP B 614 -3.55 -71.13 19.95
N LYS B 615 -4.34 -71.88 20.72
CA LYS B 615 -3.86 -72.35 22.02
C LYS B 615 -2.67 -73.28 21.85
N GLN B 616 -2.74 -74.20 20.88
CA GLN B 616 -1.62 -75.11 20.64
C GLN B 616 -0.37 -74.35 20.21
N ALA B 617 -0.53 -73.36 19.33
CA ALA B 617 0.62 -72.57 18.89
C ALA B 617 1.23 -71.80 20.05
N LEU B 618 0.39 -71.20 20.89
CA LEU B 618 0.90 -70.47 22.05
C LEU B 618 1.64 -71.40 23.00
N ARG B 619 1.09 -72.61 23.23
CA ARG B 619 1.76 -73.57 24.09
C ARG B 619 3.11 -73.98 23.52
N ILE B 620 3.17 -74.22 22.20
CA ILE B 620 4.43 -74.59 21.57
C ILE B 620 5.44 -73.46 21.68
N LYS B 621 5.01 -72.22 21.46
CA LYS B 621 5.92 -71.08 21.56
C LYS B 621 6.44 -70.92 22.98
N LEU B 622 5.57 -71.06 23.98
CA LEU B 622 6.01 -70.96 25.37
C LEU B 622 6.98 -72.08 25.72
N SER B 623 6.70 -73.31 25.25
CA SER B 623 7.62 -74.42 25.51
C SER B 623 8.97 -74.17 24.88
N PHE B 624 9.00 -73.65 23.64
CA PHE B 624 10.26 -73.36 22.98
C PHE B 624 11.03 -72.26 23.71
N LEU B 625 10.32 -71.23 24.16
CA LEU B 625 10.98 -70.16 24.92
C LEU B 625 11.57 -70.69 26.22
N ASN B 626 10.81 -71.52 26.95
CA ASN B 626 11.33 -72.10 28.18
C ASN B 626 12.53 -72.99 27.90
N TYR B 627 12.48 -73.78 26.82
CA TYR B 627 13.59 -74.67 26.48
C TYR B 627 14.84 -73.86 26.18
N LEU B 628 14.71 -72.79 25.38
CA LEU B 628 15.89 -71.99 25.05
C LEU B 628 16.43 -71.28 26.28
N LYS B 629 15.55 -70.78 27.15
CA LYS B 629 16.00 -70.14 28.38
C LYS B 629 16.78 -71.12 29.26
N ARG B 630 16.24 -72.33 29.42
CA ARG B 630 16.91 -73.34 30.23
C ARG B 630 18.25 -73.73 29.63
N LYS B 631 18.29 -73.91 28.31
CA LYS B 631 19.56 -74.30 27.67
C LYS B 631 20.60 -73.19 27.80
N VAL B 632 20.18 -71.92 27.68
CA VAL B 632 21.11 -70.82 27.85
C VAL B 632 21.64 -70.77 29.28
N TYR B 633 20.75 -70.93 30.26
CA TYR B 633 21.19 -70.89 31.65
C TYR B 633 21.99 -72.11 32.05
N SER B 634 21.88 -73.22 31.32
CA SER B 634 22.62 -74.42 31.68
C SER B 634 23.98 -74.50 30.98
N ASP B 635 24.05 -74.13 29.71
CA ASP B 635 25.32 -74.20 28.98
C ASP B 635 26.33 -73.23 29.57
N PHE B 636 25.89 -72.02 29.91
CA PHE B 636 26.73 -71.02 30.54
C PHE B 636 26.25 -70.80 31.96
N ASN B 637 27.18 -70.79 32.91
CA ASN B 637 26.86 -70.81 34.33
C ASN B 637 27.05 -69.47 35.02
N ASN B 638 27.97 -68.63 34.56
CA ASN B 638 28.31 -67.41 35.27
C ASN B 638 27.29 -66.30 35.08
N GLU B 639 26.30 -66.47 34.21
CA GLU B 639 25.25 -65.51 33.89
C GLU B 639 25.79 -64.28 33.18
N LYS B 640 27.11 -64.19 32.99
CA LYS B 640 27.74 -63.08 32.26
C LYS B 640 28.32 -63.50 30.92
N GLU B 641 28.71 -64.77 30.77
CA GLU B 641 29.26 -65.23 29.50
C GLU B 641 28.22 -65.17 28.39
N ILE B 642 26.93 -65.26 28.75
CA ILE B 642 25.88 -65.14 27.76
C ILE B 642 25.86 -63.74 27.16
N VAL B 643 26.14 -62.72 27.98
CA VAL B 643 26.20 -61.36 27.46
C VAL B 643 27.30 -61.22 26.41
N LEU B 644 28.47 -61.78 26.71
CA LEU B 644 29.57 -61.73 25.74
C LEU B 644 29.22 -62.52 24.48
N ALA B 645 28.55 -63.66 24.64
CA ALA B 645 28.15 -64.46 23.48
C ALA B 645 27.20 -63.68 22.58
N LEU B 646 26.19 -63.04 23.18
CA LEU B 646 25.27 -62.23 22.40
C LEU B 646 25.98 -61.05 21.75
N ARG B 647 26.93 -60.45 22.46
CA ARG B 647 27.66 -59.31 21.92
C ARG B 647 28.46 -59.71 20.70
N LEU B 648 29.24 -60.80 20.80
CA LEU B 648 30.00 -61.29 19.66
C LEU B 648 29.09 -61.80 18.54
N ALA B 649 27.87 -62.22 18.86
CA ALA B 649 26.94 -62.63 17.81
C ALA B 649 26.60 -61.46 16.89
N PHE B 650 26.33 -60.29 17.47
CA PHE B 650 25.99 -59.11 16.68
C PHE B 650 27.23 -58.25 16.39
N GLY B 651 28.29 -58.87 15.91
CA GLY B 651 29.49 -58.15 15.52
C GLY B 651 30.11 -57.30 16.60
N GLY B 652 30.12 -57.79 17.84
CA GLY B 652 30.63 -57.05 18.97
C GLY B 652 32.07 -57.34 19.27
N LYS B 653 32.50 -56.94 20.47
CA LYS B 653 33.87 -57.15 20.91
C LYS B 653 33.86 -57.61 22.37
N THR B 654 34.95 -58.26 22.76
CA THR B 654 35.16 -58.68 24.14
C THR B 654 35.93 -57.59 24.89
N GLU B 655 36.18 -57.83 26.18
CA GLU B 655 37.05 -56.94 26.93
C GLU B 655 38.50 -57.02 26.50
N THR B 656 38.87 -58.04 25.73
CA THR B 656 40.20 -58.19 25.18
C THR B 656 40.33 -57.49 23.82
N GLN B 657 39.30 -56.77 23.40
CA GLN B 657 39.25 -56.09 22.11
C GLN B 657 39.47 -57.07 20.96
N TYR B 658 38.67 -58.14 20.94
CA TYR B 658 38.72 -59.15 19.90
C TYR B 658 37.30 -59.41 19.40
N THR B 659 37.13 -59.41 18.08
CA THR B 659 35.86 -59.76 17.48
C THR B 659 35.79 -61.25 17.22
N LEU B 660 34.60 -61.71 16.79
CA LEU B 660 34.42 -63.12 16.48
C LEU B 660 35.30 -63.54 15.31
N ASP B 661 35.36 -62.71 14.26
CA ASP B 661 36.22 -63.01 13.13
C ASP B 661 37.70 -62.97 13.52
N LYS B 662 38.10 -62.00 14.34
CA LYS B 662 39.48 -61.91 14.77
C LYS B 662 39.85 -63.10 15.67
N LEU B 663 38.93 -63.52 16.54
CA LEU B 663 39.16 -64.71 17.35
C LEU B 663 39.29 -65.95 16.47
N ARG B 664 38.44 -66.06 15.43
CA ARG B 664 38.53 -67.19 14.52
C ARG B 664 39.87 -67.22 13.80
N LYS B 665 40.33 -66.06 13.34
CA LYS B 665 41.62 -66.00 12.66
C LYS B 665 42.78 -66.27 13.61
N ASP B 666 42.65 -65.87 14.87
CA ASP B 666 43.71 -66.07 15.86
C ASP B 666 43.62 -67.42 16.56
N GLY B 667 42.55 -68.19 16.32
CA GLY B 667 42.42 -69.50 16.91
C GLY B 667 42.32 -69.47 18.43
N GLU B 668 41.51 -68.57 18.96
CA GLU B 668 41.31 -68.44 20.40
C GLU B 668 39.86 -68.74 20.75
N ALA B 669 39.66 -69.37 21.92
CA ALA B 669 38.34 -69.74 22.40
C ALA B 669 37.60 -70.61 21.38
N GLU B 670 38.22 -71.76 21.06
CA GLU B 670 37.64 -72.68 20.09
C GLU B 670 36.30 -73.22 20.58
N LEU B 671 36.20 -73.54 21.87
CA LEU B 671 34.95 -74.05 22.41
C LEU B 671 33.86 -72.98 22.35
N PHE B 672 34.22 -71.72 22.62
CA PHE B 672 33.25 -70.64 22.52
C PHE B 672 32.75 -70.46 21.09
N ARG B 673 33.65 -70.51 20.12
CA ARG B 673 33.22 -70.40 18.72
C ARG B 673 32.35 -71.58 18.32
N GLU B 674 32.67 -72.77 18.83
CA GLU B 674 31.83 -73.94 18.56
C GLU B 674 30.43 -73.76 19.14
N LYS B 675 30.34 -73.25 20.36
CA LYS B 675 29.02 -73.00 20.96
C LYS B 675 28.25 -71.94 20.16
N ILE B 676 28.94 -70.88 19.73
CA ILE B 676 28.28 -69.83 18.95
C ILE B 676 27.74 -70.42 17.65
N LYS B 677 28.55 -71.25 16.98
CA LYS B 677 28.11 -71.89 15.75
C LYS B 677 26.91 -72.80 16.01
N ASN B 678 26.93 -73.54 17.12
CA ASN B 678 25.81 -74.41 17.43
C ASN B 678 24.52 -73.62 17.64
N TYR B 679 24.58 -72.52 18.39
CA TYR B 679 23.38 -71.71 18.56
C TYR B 679 22.93 -71.07 17.26
N LYS B 680 23.87 -70.62 16.42
CA LYS B 680 23.48 -69.96 15.19
C LYS B 680 22.81 -70.94 14.22
N ASN B 681 23.41 -72.12 14.03
CA ASN B 681 22.94 -73.05 13.02
C ASN B 681 21.94 -74.08 13.55
N ASN B 682 21.67 -74.11 14.86
CA ASN B 682 20.79 -75.13 15.43
C ASN B 682 19.58 -74.55 16.13
N GLU B 683 19.77 -73.57 17.01
CA GLU B 683 18.70 -73.08 17.87
C GLU B 683 18.22 -71.69 17.48
N LEU B 684 19.12 -70.70 17.45
CA LEU B 684 18.76 -69.35 17.06
C LEU B 684 18.97 -69.12 15.56
N PHE B 685 18.39 -70.01 14.74
CA PHE B 685 18.54 -69.87 13.30
C PHE B 685 17.64 -68.78 12.73
N PHE B 686 16.51 -68.52 13.39
CA PHE B 686 15.60 -67.48 12.90
C PHE B 686 16.16 -66.08 13.09
N LEU B 687 17.07 -65.90 14.04
CA LEU B 687 17.70 -64.60 14.29
C LEU B 687 18.97 -64.40 13.46
N GLU B 688 19.37 -65.39 12.67
CA GLU B 688 20.55 -65.25 11.83
C GLU B 688 20.51 -64.03 10.91
N PRO B 689 19.41 -63.72 10.22
CA PRO B 689 19.40 -62.49 9.40
C PRO B 689 19.61 -61.22 10.21
N GLN B 690 19.20 -61.21 11.48
CA GLN B 690 19.32 -60.03 12.31
C GLN B 690 20.64 -59.97 13.09
N MET B 691 21.46 -61.01 13.02
CA MET B 691 22.73 -61.05 13.74
C MET B 691 23.86 -60.35 12.99
N THR B 692 23.54 -59.53 12.00
CA THR B 692 24.54 -58.77 11.26
C THR B 692 24.30 -57.28 11.45
N LYS B 693 25.33 -56.49 11.16
CA LYS B 693 25.20 -55.05 11.21
C LYS B 693 24.33 -54.55 10.05
N THR B 694 23.77 -53.36 10.23
CA THR B 694 22.85 -52.73 9.27
C THR B 694 21.61 -53.59 9.02
N SER B 695 21.26 -54.47 9.96
CA SER B 695 20.07 -55.29 9.84
C SER B 695 18.86 -54.70 10.55
N GLY B 696 19.01 -53.55 11.19
CA GLY B 696 17.91 -52.91 11.85
C GLY B 696 17.49 -53.51 13.18
N TRP B 697 18.28 -54.44 13.73
CA TRP B 697 17.92 -55.04 15.00
C TRP B 697 17.98 -54.03 16.14
N VAL B 698 18.86 -53.03 16.02
CA VAL B 698 18.97 -52.01 17.06
C VAL B 698 17.67 -51.23 17.19
N THR B 699 17.11 -50.82 16.06
CA THR B 699 15.87 -50.05 16.09
C THR B 699 14.73 -50.85 16.70
N THR B 700 14.59 -52.11 16.28
CA THR B 700 13.52 -52.96 16.81
C THR B 700 13.70 -53.19 18.30
N PHE B 701 14.94 -53.46 18.75
CA PHE B 701 15.17 -53.71 20.16
C PHE B 701 14.88 -52.48 21.00
N LEU B 702 15.34 -51.30 20.57
CA LEU B 702 15.03 -50.08 21.30
C LEU B 702 13.53 -49.81 21.34
N ASN B 703 12.85 -49.98 20.21
CA ASN B 703 11.40 -49.73 20.19
C ASN B 703 10.68 -50.67 21.14
N TYR B 704 11.03 -51.97 21.11
CA TYR B 704 10.37 -52.93 21.99
C TYR B 704 10.65 -52.63 23.45
N THR B 705 11.90 -52.30 23.79
CA THR B 705 12.24 -52.00 25.17
C THR B 705 11.51 -50.76 25.67
N ILE B 706 11.46 -49.72 24.84
CA ILE B 706 10.78 -48.48 25.26
C ILE B 706 9.28 -48.71 25.39
N GLU B 707 8.69 -49.48 24.48
CA GLU B 707 7.27 -49.78 24.60
C GLU B 707 6.97 -50.57 25.86
N LYS B 708 7.81 -51.56 26.18
CA LYS B 708 7.59 -52.35 27.39
C LYS B 708 7.74 -51.49 28.64
N ILE B 709 8.73 -50.60 28.66
CA ILE B 709 8.92 -49.75 29.83
C ILE B 709 7.76 -48.76 29.97
N THR B 710 7.27 -48.24 28.85
CA THR B 710 6.11 -47.36 28.89
C THR B 710 4.88 -48.10 29.40
N SER B 711 4.71 -49.36 28.99
CA SER B 711 3.60 -50.16 29.51
C SER B 711 3.74 -50.39 31.00
N GLU B 712 4.97 -50.64 31.48
CA GLU B 712 5.18 -50.90 32.90
C GLU B 712 5.11 -49.62 33.72
N GLU B 713 5.99 -48.66 33.44
CA GLU B 713 6.05 -47.43 34.20
C GLU B 713 5.16 -46.36 33.58
N SER B 714 4.46 -45.62 34.44
CA SER B 714 3.50 -44.62 33.98
C SER B 714 4.17 -43.27 33.71
N ASP B 715 4.82 -42.70 34.72
CA ASP B 715 5.45 -41.40 34.58
C ASP B 715 6.65 -41.48 33.65
N ASP B 716 6.88 -40.39 32.90
CA ASP B 716 8.01 -40.35 31.99
C ASP B 716 9.34 -40.32 32.72
N ASP B 717 9.38 -39.71 33.91
CA ASP B 717 10.60 -39.70 34.70
C ASP B 717 11.00 -41.12 35.10
N ARG B 718 10.02 -41.95 35.47
CA ARG B 718 10.31 -43.35 35.76
C ARG B 718 10.86 -44.07 34.54
N ILE B 719 10.30 -43.77 33.37
CA ILE B 719 10.79 -44.39 32.14
C ILE B 719 12.24 -44.00 31.87
N ARG B 720 12.56 -42.72 32.05
CA ARG B 720 13.93 -42.26 31.84
C ARG B 720 14.88 -42.88 32.86
N GLN B 721 14.44 -43.00 34.12
CA GLN B 721 15.28 -43.65 35.12
C GLN B 721 15.53 -45.11 34.79
N LYS B 722 14.49 -45.82 34.32
CA LYS B 722 14.65 -47.21 33.94
C LYS B 722 15.60 -47.33 32.74
N LEU B 723 15.48 -46.42 31.78
CA LEU B 723 16.39 -46.43 30.64
C LEU B 723 17.83 -46.17 31.07
N SER B 724 18.03 -45.26 32.02
CA SER B 724 19.36 -45.01 32.56
C SER B 724 19.90 -46.26 33.26
N PHE B 725 19.03 -46.98 33.97
CA PHE B 725 19.46 -48.21 34.63
C PHE B 725 19.87 -49.26 33.61
N ILE B 726 19.03 -49.51 32.60
CA ILE B 726 19.30 -50.58 31.64
C ILE B 726 20.42 -50.17 30.67
N PHE B 727 20.43 -48.91 30.24
CA PHE B 727 21.45 -48.41 29.32
C PHE B 727 22.20 -47.28 30.01
N PRO B 728 23.27 -47.58 30.76
CA PRO B 728 23.97 -46.49 31.46
C PRO B 728 24.78 -45.60 30.54
N GLU B 729 25.52 -46.18 29.60
CA GLU B 729 26.42 -45.38 28.77
C GLU B 729 25.65 -44.52 27.79
N ILE B 730 24.61 -45.07 27.15
CA ILE B 730 23.83 -44.32 26.17
C ILE B 730 23.14 -43.14 26.85
N ILE B 731 22.48 -43.39 27.98
CA ILE B 731 21.80 -42.31 28.69
C ILE B 731 22.79 -41.30 29.24
N SER B 732 23.97 -41.76 29.67
CA SER B 732 24.99 -40.83 30.14
C SER B 732 25.43 -39.89 29.01
N ILE B 733 25.65 -40.44 27.82
CA ILE B 733 26.04 -39.62 26.67
C ILE B 733 24.92 -38.65 26.32
N ILE B 734 23.67 -39.12 26.31
CA ILE B 734 22.55 -38.27 25.96
C ILE B 734 22.40 -37.13 26.96
N GLU B 735 22.54 -37.43 28.25
CA GLU B 735 22.42 -36.40 29.28
C GLU B 735 23.56 -35.40 29.20
N GLN B 736 24.78 -35.88 28.93
CA GLN B 736 25.91 -34.96 28.77
C GLN B 736 25.70 -34.03 27.58
N ALA B 737 25.24 -34.57 26.45
CA ALA B 737 24.97 -33.73 25.29
C ALA B 737 23.85 -32.75 25.57
N SER B 738 22.81 -33.18 26.28
CA SER B 738 21.71 -32.29 26.60
C SER B 738 22.16 -31.16 27.53
N SER B 739 23.01 -31.48 28.50
CA SER B 739 23.56 -30.45 29.37
C SER B 739 24.42 -29.46 28.59
N SER B 740 25.24 -29.97 27.65
CA SER B 740 26.05 -29.08 26.83
C SER B 740 25.18 -28.17 25.97
N ILE B 741 24.08 -28.71 25.44
CA ILE B 741 23.18 -27.91 24.61
C ILE B 741 22.50 -26.84 25.45
N GLU B 742 21.96 -27.23 26.61
CA GLU B 742 21.23 -26.29 27.45
C GLU B 742 22.13 -25.26 28.10
N ALA B 743 23.42 -25.55 28.24
CA ALA B 743 24.35 -24.54 28.75
C ALA B 743 24.47 -23.38 27.79
N GLU B 744 24.48 -23.66 26.48
CA GLU B 744 24.57 -22.63 25.45
C GLU B 744 23.26 -22.47 24.70
N GLU B 745 22.14 -22.80 25.35
CA GLU B 745 20.83 -22.67 24.70
C GLU B 745 20.50 -21.21 24.39
N SER B 746 20.82 -20.31 25.31
CA SER B 746 20.52 -18.89 25.10
C SER B 746 21.40 -18.25 24.04
N SER B 747 22.48 -18.92 23.62
CA SER B 747 23.38 -18.36 22.62
C SER B 747 23.03 -18.84 21.21
N LEU B 748 22.86 -20.15 21.04
CA LEU B 748 22.58 -20.73 19.73
C LEU B 748 21.07 -20.85 19.48
N THR B 749 20.35 -19.75 19.65
CA THR B 749 18.91 -19.73 19.43
C THR B 749 18.48 -18.31 19.08
N GLY B 750 17.68 -18.18 18.03
CA GLY B 750 17.20 -16.88 17.60
C GLY B 750 16.10 -16.32 18.50
N THR C 2 -19.95 12.92 -29.37
CA THR C 2 -20.56 11.97 -30.28
C THR C 2 -21.40 10.94 -29.54
N ILE C 3 -21.82 11.30 -28.33
CA ILE C 3 -22.69 10.47 -27.51
C ILE C 3 -23.89 11.31 -27.10
N GLU C 4 -25.09 10.76 -27.24
CA GLU C 4 -26.29 11.55 -26.99
C GLU C 4 -27.19 11.00 -25.88
N SER C 5 -27.17 9.70 -25.63
CA SER C 5 -28.07 9.11 -24.65
C SER C 5 -27.37 8.01 -23.87
N ILE C 6 -27.57 8.02 -22.56
CA ILE C 6 -27.12 6.95 -21.67
C ILE C 6 -28.31 6.54 -20.82
N ARG C 7 -28.76 5.29 -20.97
CA ARG C 7 -29.94 4.81 -20.26
C ARG C 7 -29.57 3.61 -19.39
N VAL C 8 -30.00 3.64 -18.13
CA VAL C 8 -29.75 2.57 -17.18
C VAL C 8 -31.09 2.14 -16.61
N LYS C 9 -31.34 0.83 -16.64
CA LYS C 9 -32.58 0.26 -16.11
C LYS C 9 -32.24 -0.89 -15.17
N ASN C 10 -32.65 -0.77 -13.92
CA ASN C 10 -32.52 -1.81 -12.89
C ASN C 10 -31.07 -2.23 -12.72
N LEU C 11 -30.25 -1.26 -12.31
CA LEU C 11 -28.85 -1.53 -11.98
C LEU C 11 -28.42 -0.55 -10.89
N LEU C 12 -27.79 -1.09 -9.85
CA LEU C 12 -27.30 -0.29 -8.72
C LEU C 12 -28.43 0.53 -8.10
N SER C 13 -28.38 1.85 -8.28
CA SER C 13 -29.36 2.76 -7.70
C SER C 13 -30.27 3.37 -8.76
N PHE C 14 -30.31 2.79 -9.96
CA PHE C 14 -31.11 3.31 -11.06
C PHE C 14 -32.26 2.36 -11.34
N ASP C 15 -33.48 2.91 -11.41
CA ASP C 15 -34.65 2.14 -11.83
C ASP C 15 -34.87 2.30 -13.33
N ASP C 16 -35.03 3.54 -13.80
CA ASP C 16 -35.05 3.85 -15.22
C ASP C 16 -34.58 5.29 -15.36
N VAL C 17 -33.30 5.48 -15.67
CA VAL C 17 -32.70 6.80 -15.74
C VAL C 17 -32.08 6.99 -17.11
N ILE C 18 -32.47 8.06 -17.79
CA ILE C 18 -31.95 8.40 -19.12
C ILE C 18 -31.32 9.78 -19.07
N LEU C 19 -30.08 9.87 -19.52
CA LEU C 19 -29.35 11.12 -19.63
C LEU C 19 -29.18 11.45 -21.10
N ARG C 20 -29.51 12.69 -21.47
CA ARG C 20 -29.58 13.11 -22.86
C ARG C 20 -29.01 14.51 -22.98
N ASP C 21 -29.15 15.09 -24.17
CA ASP C 21 -28.72 16.45 -24.51
C ASP C 21 -27.38 16.81 -23.86
N PHE C 22 -26.39 15.99 -24.16
CA PHE C 22 -25.05 16.21 -23.64
C PHE C 22 -24.40 17.43 -24.30
N ARG C 23 -23.60 18.14 -23.52
CA ARG C 23 -22.86 19.30 -23.98
C ARG C 23 -21.36 19.02 -23.87
N ASP C 24 -20.55 20.05 -24.14
CA ASP C 24 -19.11 19.89 -24.05
C ASP C 24 -18.61 19.89 -22.61
N ILE C 25 -19.22 20.69 -21.74
CA ILE C 25 -18.69 20.95 -20.41
C ILE C 25 -19.73 20.53 -19.37
N ASN C 26 -20.45 19.44 -19.65
CA ASN C 26 -21.44 18.92 -18.71
C ASN C 26 -20.87 18.82 -17.31
N CYS C 27 -21.58 19.41 -16.35
CA CYS C 27 -21.20 19.39 -14.94
C CYS C 27 -22.27 18.67 -14.13
N ILE C 28 -21.83 17.98 -13.09
CA ILE C 28 -22.71 17.18 -12.24
C ILE C 28 -22.60 17.68 -10.80
N ILE C 29 -23.75 18.02 -10.21
CA ILE C 29 -23.81 18.45 -8.82
C ILE C 29 -24.98 17.73 -8.16
N GLY C 30 -24.97 17.73 -6.83
CA GLY C 30 -26.06 17.16 -6.07
C GLY C 30 -25.56 16.56 -4.77
N ARG C 31 -26.49 16.37 -3.84
CA ARG C 31 -26.18 15.74 -2.56
C ARG C 31 -25.97 14.24 -2.68
N ASN C 32 -26.50 13.62 -3.74
CA ASN C 32 -26.47 12.16 -3.89
C ASN C 32 -25.15 11.77 -4.54
N ASN C 33 -24.11 11.66 -3.71
CA ASN C 33 -22.81 11.20 -4.20
C ASN C 33 -22.86 9.74 -4.64
N VAL C 34 -23.70 8.94 -3.98
CA VAL C 34 -23.85 7.54 -4.36
C VAL C 34 -24.36 7.42 -5.79
N GLY C 35 -25.26 8.33 -6.20
CA GLY C 35 -25.75 8.30 -7.57
C GLY C 35 -24.66 8.56 -8.58
N LYS C 36 -23.82 9.56 -8.33
CA LYS C 36 -22.70 9.85 -9.22
C LYS C 36 -21.72 8.68 -9.28
N SER C 37 -21.42 8.09 -8.13
CA SER C 37 -20.54 6.93 -8.09
C SER C 37 -21.12 5.77 -8.89
N ASN C 38 -22.43 5.53 -8.75
CA ASN C 38 -23.07 4.44 -9.48
C ASN C 38 -23.07 4.70 -10.98
N LEU C 39 -23.29 5.96 -11.39
CA LEU C 39 -23.23 6.29 -12.82
C LEU C 39 -21.84 6.05 -13.36
N LEU C 40 -20.81 6.46 -12.62
CA LEU C 40 -19.44 6.21 -13.04
C LEU C 40 -19.15 4.72 -13.14
N LYS C 41 -19.63 3.94 -12.16
CA LYS C 41 -19.45 2.49 -12.22
C LYS C 41 -20.14 1.89 -13.43
N VAL C 42 -21.34 2.36 -13.76
CA VAL C 42 -22.06 1.85 -14.92
C VAL C 42 -21.29 2.14 -16.20
N ILE C 43 -20.78 3.37 -16.34
CA ILE C 43 -20.02 3.72 -17.54
C ILE C 43 -18.75 2.88 -17.64
N ARG C 44 -18.03 2.73 -16.52
CA ARG C 44 -16.79 1.96 -16.53
C ARG C 44 -17.06 0.49 -16.85
N TYR C 45 -18.14 -0.08 -16.30
CA TYR C 45 -18.50 -1.46 -16.59
C TYR C 45 -18.85 -1.63 -18.06
N PHE C 46 -19.62 -0.68 -18.63
CA PHE C 46 -19.97 -0.78 -20.04
C PHE C 46 -18.75 -0.72 -20.93
N TYR C 47 -17.81 0.20 -20.63
CA TYR C 47 -16.62 0.30 -21.46
C TYR C 47 -15.63 -0.84 -21.21
N ALA C 48 -15.71 -1.49 -20.04
CA ALA C 48 -14.89 -2.69 -19.81
C ALA C 48 -15.45 -3.88 -20.57
N LYS C 49 -16.78 -4.00 -20.64
CA LYS C 49 -17.38 -5.08 -21.41
C LYS C 49 -17.24 -4.84 -22.91
N LEU C 50 -17.15 -3.58 -23.33
CA LEU C 50 -16.85 -3.29 -24.73
C LEU C 50 -15.47 -3.82 -25.12
N GLU C 51 -14.49 -3.66 -24.23
CA GLU C 51 -13.13 -4.11 -24.48
C GLU C 51 -12.93 -5.58 -24.14
N ASN C 52 -13.98 -6.29 -23.76
CA ASN C 52 -13.93 -7.72 -23.45
C ASN C 52 -12.98 -8.00 -22.29
N LYS C 53 -13.31 -7.41 -21.14
CA LYS C 53 -12.57 -7.61 -19.90
C LYS C 53 -13.45 -8.35 -18.90
N LYS C 54 -12.85 -9.28 -18.16
CA LYS C 54 -13.56 -10.06 -17.17
C LYS C 54 -13.74 -9.22 -15.91
N VAL C 55 -14.97 -8.75 -15.68
CA VAL C 55 -15.30 -7.93 -14.52
C VAL C 55 -16.55 -8.48 -13.86
N ILE C 56 -16.66 -8.23 -12.56
CA ILE C 56 -17.84 -8.69 -11.80
C ILE C 56 -19.07 -7.93 -12.27
N PRO C 57 -20.18 -8.60 -12.56
CA PRO C 57 -21.37 -7.89 -13.03
C PRO C 57 -21.97 -7.00 -11.95
N LEU C 58 -22.63 -5.94 -12.40
CA LEU C 58 -23.23 -4.98 -11.49
C LEU C 58 -24.45 -5.57 -10.79
N ASP C 59 -24.79 -4.98 -9.64
CA ASP C 59 -25.91 -5.44 -8.85
C ASP C 59 -27.21 -4.82 -9.33
N PHE C 60 -28.29 -5.58 -9.20
CA PHE C 60 -29.61 -5.11 -9.63
C PHE C 60 -30.21 -4.18 -8.58
N HIS C 61 -31.00 -3.22 -9.07
CA HIS C 61 -31.73 -2.34 -8.16
C HIS C 61 -32.77 -3.11 -7.36
N THR C 62 -33.50 -4.01 -8.03
CA THR C 62 -34.46 -4.88 -7.36
C THR C 62 -34.33 -6.28 -7.93
N ASN C 63 -34.44 -7.28 -7.05
CA ASN C 63 -34.35 -8.67 -7.48
C ASN C 63 -35.64 -9.21 -8.06
N TYR C 64 -36.72 -8.44 -8.03
CA TYR C 64 -37.97 -8.83 -8.66
C TYR C 64 -37.97 -8.54 -10.17
N ASN C 65 -36.81 -8.27 -10.74
CA ASN C 65 -36.64 -8.12 -12.17
C ASN C 65 -35.44 -8.96 -12.59
N ALA C 66 -35.57 -9.64 -13.72
CA ALA C 66 -34.55 -10.57 -14.19
C ALA C 66 -33.62 -9.94 -15.21
N VAL C 67 -33.75 -8.64 -15.46
CA VAL C 67 -32.97 -7.97 -16.50
C VAL C 67 -32.41 -6.67 -15.95
N GLY C 68 -31.11 -6.46 -16.17
CA GLY C 68 -30.50 -5.17 -15.87
C GLY C 68 -30.00 -4.64 -17.19
N GLU C 69 -30.40 -3.44 -17.60
CA GLU C 69 -30.05 -2.99 -18.94
C GLU C 69 -29.31 -1.66 -18.94
N ILE C 70 -28.44 -1.52 -19.94
CA ILE C 70 -27.69 -0.29 -20.19
C ILE C 70 -27.78 0.02 -21.68
N THR C 71 -28.23 1.22 -22.01
CA THR C 71 -28.35 1.65 -23.40
C THR C 71 -27.38 2.81 -23.63
N PHE C 72 -26.56 2.70 -24.67
CA PHE C 72 -25.66 3.76 -25.09
C PHE C 72 -25.98 4.14 -26.52
N THR C 73 -26.25 5.42 -26.76
CA THR C 73 -26.52 5.94 -28.09
C THR C 73 -25.40 6.88 -28.50
N PHE C 74 -24.73 6.55 -29.60
CA PHE C 74 -23.60 7.31 -30.11
C PHE C 74 -24.03 8.06 -31.38
N ASP C 75 -23.65 9.33 -31.46
CA ASP C 75 -23.91 10.14 -32.65
C ASP C 75 -22.78 9.90 -33.64
N THR C 76 -23.09 9.19 -34.73
CA THR C 76 -22.08 8.78 -35.70
C THR C 76 -22.20 9.54 -37.01
N THR C 77 -22.64 10.81 -36.94
CA THR C 77 -22.83 11.59 -38.17
C THR C 77 -21.49 11.94 -38.81
N ARG C 78 -20.53 12.42 -38.03
CA ARG C 78 -19.26 12.87 -38.60
C ARG C 78 -18.46 11.72 -39.17
N ILE C 79 -18.40 10.59 -38.45
CA ILE C 79 -17.66 9.45 -38.96
C ILE C 79 -18.33 8.87 -40.19
N LYS C 80 -19.66 8.90 -40.23
CA LYS C 80 -20.38 8.46 -41.43
C LYS C 80 -20.06 9.36 -42.62
N LYS C 81 -20.00 10.67 -42.39
CA LYS C 81 -19.64 11.59 -43.46
C LYS C 81 -18.22 11.36 -43.94
N ILE C 82 -17.32 11.05 -43.01
CA ILE C 82 -15.91 10.82 -43.37
C ILE C 82 -15.78 9.55 -44.22
N VAL C 83 -16.39 8.45 -43.76
CA VAL C 83 -16.20 7.17 -44.44
C VAL C 83 -16.94 7.12 -45.78
N THR C 84 -18.08 7.80 -45.88
CA THR C 84 -18.91 7.74 -47.07
C THR C 84 -18.48 8.80 -48.11
N SER C 85 -17.24 9.26 -48.05
CA SER C 85 -16.70 10.19 -49.02
C SER C 85 -15.81 9.45 -49.99
N ARG C 86 -15.99 9.72 -51.29
CA ARG C 86 -15.20 9.04 -52.31
C ARG C 86 -13.85 9.74 -52.50
N LYS C 87 -13.15 9.98 -51.39
CA LYS C 87 -11.82 10.58 -51.44
C LYS C 87 -10.80 9.90 -50.53
N ASN C 88 -11.23 9.16 -49.51
CA ASN C 88 -10.33 8.48 -48.58
C ASN C 88 -10.63 6.98 -48.54
N ASN C 89 -9.99 6.25 -49.45
CA ASN C 89 -10.17 4.80 -49.55
C ASN C 89 -9.14 4.05 -48.71
N GLY C 90 -9.03 4.43 -47.43
CA GLY C 90 -8.08 3.78 -46.54
C GLY C 90 -8.62 2.46 -46.00
N ARG C 91 -7.71 1.72 -45.36
CA ARG C 91 -8.10 0.43 -44.78
C ARG C 91 -9.01 0.64 -43.57
N PHE C 92 -8.66 1.58 -42.69
CA PHE C 92 -9.45 1.80 -41.49
C PHE C 92 -10.82 2.39 -41.83
N HIS C 93 -10.88 3.27 -42.84
CA HIS C 93 -12.15 3.82 -43.27
C HIS C 93 -13.07 2.75 -43.81
N LYS C 94 -12.54 1.85 -44.64
CA LYS C 94 -13.36 0.75 -45.15
C LYS C 94 -13.76 -0.19 -44.03
N HIS C 95 -12.89 -0.42 -43.05
CA HIS C 95 -13.24 -1.24 -41.90
C HIS C 95 -14.40 -0.63 -41.13
N ILE C 96 -14.35 0.68 -40.90
CA ILE C 96 -15.44 1.35 -40.19
C ILE C 96 -16.74 1.27 -41.00
N TYR C 97 -16.65 1.50 -42.31
CA TYR C 97 -17.84 1.44 -43.14
C TYR C 97 -18.47 0.05 -43.15
N ASN C 98 -17.64 -0.99 -43.22
CA ASN C 98 -18.16 -2.35 -43.26
C ASN C 98 -18.64 -2.83 -41.89
N THR C 99 -18.10 -2.27 -40.82
CA THR C 99 -18.41 -2.75 -39.47
C THR C 99 -19.69 -2.11 -38.93
N LEU C 100 -19.72 -0.79 -38.80
CA LEU C 100 -20.88 -0.12 -38.25
C LEU C 100 -21.97 0.07 -39.31
N PHE C 101 -21.58 0.51 -40.50
CA PHE C 101 -22.51 0.79 -41.57
C PHE C 101 -22.69 -0.45 -42.44
N LYS C 102 -23.27 -0.29 -43.64
CA LYS C 102 -23.68 -1.37 -44.53
C LYS C 102 -24.88 -2.10 -43.97
N SER C 103 -25.63 -2.78 -44.84
CA SER C 103 -26.91 -3.40 -44.49
C SER C 103 -27.86 -2.34 -43.92
N SER C 104 -28.87 -2.80 -43.17
CA SER C 104 -29.85 -1.91 -42.55
C SER C 104 -30.47 -0.97 -43.57
N SER C 105 -29.97 0.26 -43.66
CA SER C 105 -30.45 1.25 -44.62
C SER C 105 -29.63 1.25 -45.91
N VAL C 106 -28.67 0.34 -46.05
CA VAL C 106 -27.81 0.27 -47.22
C VAL C 106 -28.09 -1.06 -47.93
N LYS C 107 -28.37 -0.99 -49.23
CA LYS C 107 -28.65 -2.14 -50.09
C LYS C 107 -29.92 -2.88 -49.69
N LEU C 108 -30.75 -2.30 -48.82
CA LEU C 108 -32.01 -2.89 -48.42
C LEU C 108 -33.19 -2.00 -48.77
N ASN C 109 -32.99 -1.01 -49.63
CA ASN C 109 -34.05 -0.08 -50.02
C ASN C 109 -33.75 0.43 -51.42
N PHE C 110 -34.65 1.26 -51.94
CA PHE C 110 -34.50 1.79 -53.29
C PHE C 110 -33.36 2.82 -53.34
N GLU C 111 -32.91 3.08 -54.57
CA GLU C 111 -31.82 4.05 -54.76
C GLU C 111 -32.25 5.46 -54.39
N GLU C 112 -33.52 5.80 -54.58
CA GLU C 112 -33.99 7.13 -54.22
C GLU C 112 -33.87 7.36 -52.72
N LEU C 113 -34.20 6.35 -51.91
CA LEU C 113 -34.04 6.48 -50.47
C LEU C 113 -32.58 6.67 -50.08
N ILE C 114 -31.68 5.93 -50.74
CA ILE C 114 -30.25 6.05 -50.43
C ILE C 114 -29.74 7.44 -50.79
N ALA C 115 -30.16 7.96 -51.95
CA ALA C 115 -29.70 9.27 -52.38
C ALA C 115 -30.12 10.37 -51.42
N ARG C 116 -31.36 10.30 -50.92
CA ARG C 116 -31.87 11.29 -49.98
C ARG C 116 -31.65 10.91 -48.53
N LYS C 117 -30.98 9.79 -48.26
CA LYS C 117 -30.77 9.37 -46.88
C LYS C 117 -29.89 10.35 -46.12
N ASN C 118 -28.84 10.85 -46.75
CA ASN C 118 -27.86 11.73 -46.11
C ASN C 118 -27.81 13.09 -46.80
N SER C 119 -28.72 13.97 -46.40
CA SER C 119 -28.72 15.36 -46.84
C SER C 119 -28.46 16.32 -45.68
N THR C 120 -29.29 16.25 -44.63
CA THR C 120 -29.07 17.04 -43.43
C THR C 120 -29.36 16.27 -42.15
N ASN C 121 -29.72 14.99 -42.23
CA ASN C 121 -30.08 14.22 -41.06
C ASN C 121 -28.84 13.76 -40.30
N LYS C 122 -29.07 13.22 -39.10
CA LYS C 122 -28.01 12.72 -38.24
C LYS C 122 -28.29 11.27 -37.88
N SER C 123 -27.24 10.46 -37.84
CA SER C 123 -27.35 9.04 -37.61
C SER C 123 -26.97 8.69 -36.17
N PHE C 124 -27.68 7.72 -35.59
CA PHE C 124 -27.46 7.28 -34.23
C PHE C 124 -27.23 5.78 -34.21
N PHE C 125 -26.34 5.34 -33.33
CA PHE C 125 -26.04 3.93 -33.14
C PHE C 125 -26.37 3.56 -31.69
N SER C 126 -27.24 2.57 -31.52
CA SER C 126 -27.70 2.17 -30.19
C SER C 126 -27.11 0.81 -29.83
N LEU C 127 -26.53 0.71 -28.64
CA LEU C 127 -25.94 -0.52 -28.16
C LEU C 127 -26.49 -0.82 -26.77
N THR C 128 -26.93 -2.06 -26.57
CA THR C 128 -27.61 -2.48 -25.34
C THR C 128 -26.80 -3.60 -24.68
N LEU C 129 -26.52 -3.43 -23.40
CA LEU C 129 -25.91 -4.47 -22.57
C LEU C 129 -26.94 -4.94 -21.56
N THR C 130 -27.19 -6.25 -21.54
CA THR C 130 -28.18 -6.85 -20.65
C THR C 130 -27.50 -7.83 -19.72
N ILE C 131 -27.73 -7.66 -18.43
CA ILE C 131 -27.22 -8.54 -17.38
C ILE C 131 -28.39 -9.38 -16.87
N CYS C 132 -28.20 -10.70 -16.88
CA CYS C 132 -29.22 -11.64 -16.47
C CYS C 132 -28.98 -12.06 -15.02
N LYS C 133 -29.90 -12.87 -14.49
CA LYS C 133 -29.79 -13.31 -13.10
C LYS C 133 -28.59 -14.24 -12.89
N ASP C 134 -28.18 -14.97 -13.94
CA ASP C 134 -27.07 -15.91 -13.85
C ASP C 134 -25.74 -15.27 -14.21
N ASP C 135 -25.60 -13.95 -14.01
CA ASP C 135 -24.35 -13.23 -14.27
C ASP C 135 -23.89 -13.41 -15.72
N SER C 136 -24.84 -13.36 -16.64
CA SER C 136 -24.56 -13.49 -18.07
C SER C 136 -24.80 -12.15 -18.76
N VAL C 137 -23.95 -11.83 -19.73
CA VAL C 137 -24.00 -10.55 -20.44
C VAL C 137 -24.42 -10.83 -21.88
N MET C 138 -25.49 -10.16 -22.31
CA MET C 138 -25.98 -10.24 -23.68
C MET C 138 -25.85 -8.86 -24.33
N TRP C 139 -25.59 -8.86 -25.63
CA TRP C 139 -25.43 -7.64 -26.40
C TRP C 139 -26.51 -7.53 -27.47
N SER C 140 -26.89 -6.29 -27.78
CA SER C 140 -27.89 -6.06 -28.82
C SER C 140 -27.38 -6.54 -30.18
N VAL C 141 -26.10 -6.28 -30.48
CA VAL C 141 -25.48 -6.73 -31.71
C VAL C 141 -24.49 -7.84 -31.36
N ASP C 142 -24.57 -8.95 -32.08
CA ASP C 142 -23.69 -10.10 -31.84
C ASP C 142 -22.49 -10.06 -32.77
N ASP C 143 -21.68 -9.03 -32.61
CA ASP C 143 -20.48 -8.83 -33.43
C ASP C 143 -19.41 -8.17 -32.56
N PRO C 144 -18.40 -8.92 -32.13
CA PRO C 144 -17.34 -8.32 -31.31
C PRO C 144 -16.59 -7.20 -32.01
N LYS C 145 -16.51 -7.25 -33.34
CA LYS C 145 -15.81 -6.20 -34.07
C LYS C 145 -16.50 -4.85 -33.91
N VAL C 146 -17.84 -4.85 -33.91
CA VAL C 146 -18.59 -3.61 -33.72
C VAL C 146 -18.27 -3.02 -32.35
N ARG C 147 -18.29 -3.84 -31.31
CA ARG C 147 -18.01 -3.35 -29.96
C ARG C 147 -16.58 -2.84 -29.85
N SER C 148 -15.62 -3.57 -30.43
CA SER C 148 -14.23 -3.12 -30.38
C SER C 148 -14.05 -1.80 -31.11
N LEU C 149 -14.68 -1.65 -32.28
CA LEU C 149 -14.58 -0.40 -33.03
C LEU C 149 -15.21 0.76 -32.27
N LEU C 150 -16.35 0.52 -31.62
CA LEU C 150 -16.97 1.57 -30.82
C LEU C 150 -16.08 1.95 -29.65
N ALA C 151 -15.46 0.97 -29.00
CA ALA C 151 -14.60 1.25 -27.86
C ALA C 151 -13.36 2.04 -28.29
N THR C 152 -12.76 1.69 -29.42
CA THR C 152 -11.57 2.38 -29.90
C THR C 152 -11.89 3.66 -30.66
N LEU C 153 -13.17 3.93 -30.91
CA LEU C 153 -13.59 5.12 -31.65
C LEU C 153 -14.12 6.22 -30.75
N TYR C 154 -14.81 5.86 -29.67
CA TYR C 154 -15.34 6.80 -28.69
C TYR C 154 -14.86 6.38 -27.31
N PRO C 155 -13.57 6.54 -27.02
CA PRO C 155 -13.03 6.02 -25.76
C PRO C 155 -13.50 6.82 -24.56
N PHE C 156 -13.43 6.18 -23.40
CA PHE C 156 -13.81 6.77 -22.12
C PHE C 156 -12.57 6.93 -21.26
N LEU C 157 -12.32 8.15 -20.80
CA LEU C 157 -11.16 8.45 -19.95
C LEU C 157 -11.66 8.94 -18.60
N TYR C 158 -11.17 8.31 -17.53
CA TYR C 158 -11.56 8.66 -16.17
C TYR C 158 -10.33 9.17 -15.42
N ILE C 159 -10.43 10.37 -14.85
CA ILE C 159 -9.36 10.97 -14.08
C ILE C 159 -9.89 11.25 -12.68
N GLU C 160 -9.21 10.73 -11.67
CA GLU C 160 -9.58 10.92 -10.28
C GLU C 160 -8.49 11.77 -9.61
N THR C 161 -8.91 12.87 -8.99
CA THR C 161 -7.97 13.78 -8.33
C THR C 161 -7.86 13.53 -6.84
N ARG C 162 -8.89 12.94 -6.22
CA ARG C 162 -8.83 12.64 -4.79
C ARG C 162 -7.70 11.66 -4.48
N HIS C 163 -7.54 10.62 -5.29
CA HIS C 163 -6.48 9.63 -5.15
C HIS C 163 -5.76 9.57 -6.49
N ILE C 164 -4.75 10.42 -6.67
CA ILE C 164 -4.03 10.56 -7.92
C ILE C 164 -2.55 10.30 -7.65
N ASP C 165 -1.92 9.50 -8.51
CA ASP C 165 -0.49 9.21 -8.41
C ASP C 165 0.24 10.24 -9.26
N LEU C 166 0.86 11.22 -8.59
CA LEU C 166 1.61 12.25 -9.31
C LEU C 166 2.81 11.67 -10.03
N TYR C 167 3.53 10.75 -9.38
CA TYR C 167 4.71 10.15 -10.01
C TYR C 167 4.31 9.31 -11.23
N ASP C 168 3.23 8.55 -11.14
CA ASP C 168 2.81 7.69 -12.23
C ASP C 168 2.12 8.51 -13.31
N TRP C 169 2.58 8.36 -14.56
CA TRP C 169 2.04 9.08 -15.69
C TRP C 169 1.49 8.15 -16.76
N ASN C 170 1.04 6.96 -16.36
CA ASN C 170 0.51 6.00 -17.32
C ASN C 170 -0.65 6.52 -18.15
N PRO C 171 -1.66 7.20 -17.58
CA PRO C 171 -2.75 7.70 -18.44
C PRO C 171 -2.27 8.62 -19.56
N ILE C 172 -1.29 9.50 -19.27
CA ILE C 172 -0.81 10.42 -20.29
C ILE C 172 -0.17 9.66 -21.44
N TRP C 173 0.69 8.69 -21.12
CA TRP C 173 1.37 7.93 -22.16
C TRP C 173 0.39 7.08 -22.96
N LYS C 174 -0.58 6.46 -22.28
CA LYS C 174 -1.59 5.67 -22.99
C LYS C 174 -2.40 6.55 -23.93
N LEU C 175 -2.81 7.74 -23.47
CA LEU C 175 -3.59 8.63 -24.31
C LEU C 175 -2.79 9.12 -25.51
N ILE C 176 -1.52 9.47 -25.29
CA ILE C 176 -0.69 9.96 -26.40
C ILE C 176 -0.42 8.85 -27.40
N SER C 177 -0.12 7.64 -26.92
CA SER C 177 0.14 6.52 -27.83
C SER C 177 -1.10 6.16 -28.64
N ASN C 178 -2.28 6.18 -28.01
CA ASN C 178 -3.50 5.86 -28.73
C ASN C 178 -3.79 6.91 -29.80
N LEU C 179 -3.56 8.18 -29.50
CA LEU C 179 -3.86 9.27 -30.43
C LEU C 179 -2.56 9.71 -31.10
N ASN C 180 -2.28 9.12 -32.26
CA ASN C 180 -1.09 9.48 -33.03
C ASN C 180 -1.39 9.25 -34.51
N SER C 181 -0.61 9.94 -35.35
CA SER C 181 -0.76 9.84 -36.81
C SER C 181 0.55 9.48 -37.48
N PHE C 182 1.39 8.69 -36.80
CA PHE C 182 2.68 8.26 -37.32
C PHE C 182 2.81 6.75 -37.16
N ASN C 183 3.43 6.10 -38.14
CA ASN C 183 3.65 4.66 -38.12
C ASN C 183 5.13 4.41 -37.82
N PHE C 184 5.39 3.72 -36.71
CA PHE C 184 6.74 3.41 -36.29
C PHE C 184 7.16 1.99 -36.64
N ASP C 185 6.33 1.26 -37.38
CA ASP C 185 6.67 -0.11 -37.74
C ASP C 185 7.82 -0.16 -38.73
N ASP C 186 7.93 0.85 -39.60
CA ASP C 186 8.99 0.89 -40.61
C ASP C 186 10.31 1.43 -40.08
N VAL C 187 10.36 1.86 -38.83
CA VAL C 187 11.59 2.41 -38.25
C VAL C 187 12.53 1.25 -37.95
N ASP C 188 13.59 1.12 -38.76
CA ASP C 188 14.57 0.07 -38.54
C ASP C 188 15.51 0.42 -37.39
N HIS C 189 15.72 -0.55 -36.51
CA HIS C 189 16.50 -0.33 -35.29
C HIS C 189 18.01 -0.25 -35.57
N ASP C 190 18.49 -0.99 -36.57
CA ASP C 190 19.93 -1.03 -36.84
C ASP C 190 20.46 0.35 -37.23
N GLU C 191 19.72 1.08 -38.06
CA GLU C 191 20.15 2.42 -38.45
C GLU C 191 20.21 3.35 -37.25
N LEU C 192 19.21 3.28 -36.36
CA LEU C 192 19.23 4.13 -35.17
C LEU C 192 20.41 3.78 -34.27
N VAL C 193 20.69 2.50 -34.10
CA VAL C 193 21.83 2.08 -33.27
C VAL C 193 23.14 2.57 -33.88
N ASN C 194 23.29 2.45 -35.20
CA ASN C 194 24.49 2.92 -35.86
C ASN C 194 24.65 4.43 -35.73
N PHE C 195 23.54 5.17 -35.89
CA PHE C 195 23.60 6.62 -35.75
C PHE C 195 24.00 7.03 -34.35
N LEU C 196 23.45 6.36 -33.33
CA LEU C 196 23.82 6.69 -31.96
C LEU C 196 25.29 6.33 -31.69
N ASP C 197 25.74 5.18 -32.19
CA ASP C 197 27.12 4.76 -31.95
C ASP C 197 28.11 5.66 -32.67
N GLU C 198 27.72 6.23 -33.81
CA GLU C 198 28.64 7.10 -34.55
C GLU C 198 29.03 8.33 -33.75
N LYS C 199 28.18 8.79 -32.83
CA LYS C 199 28.44 10.01 -32.08
C LYS C 199 28.30 9.82 -30.58
N ILE C 200 28.34 8.57 -30.09
CA ILE C 200 28.32 8.32 -28.66
C ILE C 200 29.66 7.81 -28.13
N SER C 201 30.51 7.24 -28.98
CA SER C 201 31.77 6.65 -28.55
C SER C 201 32.89 7.10 -29.47
N SER C 202 34.10 7.15 -28.91
CA SER C 202 35.27 7.49 -29.71
C SER C 202 35.53 6.45 -30.79
N ARG C 203 35.38 5.17 -30.44
CA ARG C 203 35.56 4.07 -31.38
C ARG C 203 34.20 3.64 -31.92
N LYS C 204 34.12 3.50 -33.25
CA LYS C 204 32.86 3.14 -33.90
C LYS C 204 32.59 1.66 -33.71
N GLY C 205 31.64 1.33 -32.84
CA GLY C 205 31.27 -0.05 -32.62
C GLY C 205 31.18 -0.43 -31.16
N ASP C 206 31.70 0.41 -30.27
CA ASP C 206 31.65 0.11 -28.84
C ASP C 206 30.22 0.08 -28.32
N TYR C 207 29.39 1.03 -28.75
CA TYR C 207 28.01 1.07 -28.30
C TYR C 207 27.23 -0.15 -28.79
N LYS C 208 27.47 -0.55 -30.05
CA LYS C 208 26.76 -1.71 -30.60
C LYS C 208 27.09 -2.98 -29.82
N LYS C 209 28.38 -3.21 -29.57
CA LYS C 209 28.78 -4.41 -28.83
C LYS C 209 28.29 -4.35 -27.39
N TYR C 210 28.31 -3.16 -26.78
CA TYR C 210 27.77 -3.02 -25.43
C TYR C 210 26.28 -3.36 -25.39
N ILE C 211 25.52 -2.88 -26.37
CA ILE C 211 24.09 -3.13 -26.40
C ILE C 211 23.81 -4.62 -26.63
N ASP C 212 24.49 -5.24 -27.59
CA ASP C 212 24.23 -6.65 -27.86
C ASP C 212 24.74 -7.55 -26.74
N ARG C 213 25.71 -7.09 -25.95
CA ARG C 213 26.13 -7.85 -24.78
C ARG C 213 25.12 -7.70 -23.63
N VAL C 214 24.54 -6.51 -23.48
CA VAL C 214 23.54 -6.31 -22.44
C VAL C 214 22.27 -7.11 -22.76
N VAL C 215 21.80 -7.05 -24.01
CA VAL C 215 20.57 -7.72 -24.40
C VAL C 215 20.73 -9.22 -24.58
N SER C 216 21.96 -9.73 -24.55
CA SER C 216 22.18 -11.17 -24.73
C SER C 216 21.61 -12.00 -23.58
N VAL C 217 21.41 -11.40 -22.41
CA VAL C 217 20.92 -12.16 -21.26
C VAL C 217 19.66 -11.52 -20.67
N ILE C 218 19.35 -10.30 -21.09
CA ILE C 218 18.16 -9.60 -20.61
C ILE C 218 17.01 -9.72 -21.60
N ASP C 219 17.13 -10.60 -22.58
CA ASP C 219 16.09 -10.75 -23.60
C ASP C 219 14.77 -11.16 -22.97
N THR C 220 13.68 -10.56 -23.46
CA THR C 220 12.35 -10.81 -22.93
C THR C 220 11.36 -10.64 -24.08
N LYS C 221 10.09 -10.47 -23.75
CA LYS C 221 9.08 -10.32 -24.79
C LYS C 221 9.35 -9.06 -25.61
N PRO C 222 9.14 -9.09 -26.92
CA PRO C 222 9.43 -7.91 -27.75
C PRO C 222 8.54 -6.74 -27.40
N TYR C 223 9.06 -5.53 -27.62
CA TYR C 223 8.29 -4.32 -27.39
C TYR C 223 7.05 -4.29 -28.28
N THR C 224 5.94 -3.88 -27.69
CA THR C 224 4.72 -3.63 -28.45
C THR C 224 4.78 -2.23 -29.06
N TYR C 225 3.82 -1.95 -29.95
CA TYR C 225 3.81 -0.67 -30.65
C TYR C 225 3.66 0.49 -29.68
N LYS C 226 2.78 0.35 -28.68
CA LYS C 226 2.57 1.43 -27.73
C LYS C 226 3.84 1.73 -26.94
N GLU C 227 4.54 0.69 -26.48
CA GLU C 227 5.74 0.89 -25.68
C GLU C 227 6.85 1.57 -26.48
N LYS C 228 7.07 1.13 -27.73
CA LYS C 228 8.12 1.74 -28.54
C LYS C 228 7.75 3.17 -28.93
N VAL C 229 6.47 3.43 -29.18
CA VAL C 229 6.03 4.80 -29.44
C VAL C 229 6.30 5.69 -28.24
N ILE C 230 5.97 5.20 -27.05
CA ILE C 230 6.19 5.99 -25.83
C ILE C 230 7.68 6.24 -25.61
N ASN C 231 8.51 5.22 -25.85
CA ASN C 231 9.96 5.40 -25.69
C ASN C 231 10.50 6.43 -26.67
N TYR C 232 10.06 6.35 -27.93
CA TYR C 232 10.52 7.33 -28.92
C TYR C 232 10.06 8.73 -28.58
N ILE C 233 8.82 8.88 -28.08
CA ILE C 233 8.33 10.19 -27.68
C ILE C 233 9.14 10.72 -26.50
N LYS C 234 9.44 9.86 -25.52
CA LYS C 234 10.20 10.29 -24.36
C LYS C 234 11.60 10.74 -24.74
N VAL C 235 12.26 10.00 -25.63
CA VAL C 235 13.60 10.41 -26.06
C VAL C 235 13.55 11.55 -27.06
N ALA C 236 12.38 11.86 -27.63
CA ALA C 236 12.22 13.00 -28.52
C ALA C 236 11.79 14.27 -27.81
N ILE C 237 11.56 14.22 -26.50
CA ILE C 237 11.17 15.40 -25.74
C ILE C 237 12.22 15.68 -24.69
N LYS C 238 12.05 16.80 -23.95
CA LYS C 238 13.01 17.22 -22.95
C LYS C 238 12.39 17.32 -21.55
N GLY C 239 11.25 16.70 -21.33
CA GLY C 239 10.61 16.77 -20.03
C GLY C 239 9.54 15.71 -19.79
N ASP C 240 9.53 15.14 -18.60
CA ASP C 240 8.53 14.15 -18.24
C ASP C 240 7.84 14.51 -16.92
N SER C 258 -1.63 18.10 -8.91
CA SER C 258 -3.08 18.15 -8.84
C SER C 258 -3.65 18.98 -9.98
N ASN C 259 -3.71 20.30 -9.78
CA ASN C 259 -4.23 21.19 -10.82
C ASN C 259 -3.36 21.14 -12.07
N LYS C 260 -2.04 21.14 -11.89
CA LYS C 260 -1.14 21.10 -13.04
C LYS C 260 -1.33 19.82 -13.84
N PHE C 261 -1.50 18.69 -13.15
CA PHE C 261 -1.71 17.42 -13.84
C PHE C 261 -2.95 17.47 -14.73
N LEU C 262 -4.08 17.91 -14.17
CA LEU C 262 -5.31 17.98 -14.93
C LEU C 262 -5.19 18.97 -16.09
N GLU C 263 -4.61 20.14 -15.84
CA GLU C 263 -4.48 21.14 -16.90
C GLU C 263 -3.63 20.61 -18.04
N THR C 264 -2.49 19.98 -17.70
CA THR C 264 -1.60 19.44 -18.73
C THR C 264 -2.30 18.34 -19.52
N LEU C 265 -2.97 17.42 -18.84
CA LEU C 265 -3.59 16.29 -19.53
C LEU C 265 -4.71 16.78 -20.45
N LEU C 266 -5.58 17.66 -19.94
CA LEU C 266 -6.67 18.16 -20.78
C LEU C 266 -6.15 18.97 -21.94
N HIS C 267 -5.13 19.81 -21.71
CA HIS C 267 -4.58 20.62 -22.80
C HIS C 267 -3.98 19.73 -23.88
N LEU C 268 -3.19 18.73 -23.49
CA LEU C 268 -2.59 17.85 -24.49
C LEU C 268 -3.65 17.04 -25.22
N LEU C 269 -4.69 16.59 -24.50
CA LEU C 269 -5.75 15.82 -25.16
C LEU C 269 -6.51 16.67 -26.18
N ILE C 270 -6.84 17.91 -25.81
CA ILE C 270 -7.55 18.78 -26.74
C ILE C 270 -6.67 19.12 -27.94
N THR C 271 -5.37 19.33 -27.71
CA THR C 271 -4.48 19.57 -28.83
C THR C 271 -4.40 18.36 -29.76
N LEU C 272 -4.33 17.16 -29.18
CA LEU C 272 -4.25 15.95 -29.99
C LEU C 272 -5.52 15.72 -30.80
N THR C 273 -6.69 15.95 -30.19
CA THR C 273 -7.96 15.59 -30.82
C THR C 273 -8.39 16.55 -31.92
N ARG C 274 -7.51 17.44 -32.37
CA ARG C 274 -7.85 18.37 -33.44
C ARG C 274 -7.51 17.83 -34.82
N THR C 275 -6.81 16.70 -34.92
CA THR C 275 -6.39 16.14 -36.20
C THR C 275 -6.82 14.69 -36.34
N GLU C 276 -7.96 14.32 -35.76
CA GLU C 276 -8.44 12.95 -35.82
C GLU C 276 -9.94 12.93 -35.61
N PHE C 277 -10.56 11.82 -36.02
CA PHE C 277 -12.00 11.64 -35.88
C PHE C 277 -12.38 10.93 -34.59
N ILE C 278 -11.42 10.61 -33.73
CA ILE C 278 -11.73 10.00 -32.45
C ILE C 278 -12.30 11.05 -31.51
N SER C 279 -13.47 10.75 -30.93
CA SER C 279 -14.18 11.66 -30.02
C SER C 279 -14.26 11.01 -28.66
N PRO C 280 -13.32 11.28 -27.76
CA PRO C 280 -13.30 10.62 -26.45
C PRO C 280 -14.30 11.27 -25.49
N ILE C 281 -14.50 10.58 -24.37
CA ILE C 281 -15.31 11.07 -23.26
C ILE C 281 -14.42 11.18 -22.03
N VAL C 282 -14.44 12.35 -21.39
CA VAL C 282 -13.57 12.63 -20.25
C VAL C 282 -14.45 12.83 -19.01
N TYR C 283 -14.19 12.04 -17.98
CA TYR C 283 -14.87 12.17 -16.70
C TYR C 283 -13.84 12.56 -15.65
N ILE C 284 -14.05 13.70 -15.01
CA ILE C 284 -13.16 14.20 -13.97
C ILE C 284 -13.95 14.26 -12.67
N ASP C 285 -13.44 13.60 -11.63
CA ASP C 285 -14.11 13.52 -10.34
C ASP C 285 -13.40 14.43 -9.35
N GLU C 286 -14.15 15.37 -8.78
CA GLU C 286 -13.66 16.34 -7.79
C GLU C 286 -12.43 17.07 -8.29
N PRO C 287 -12.56 17.97 -9.26
CA PRO C 287 -11.40 18.73 -9.75
C PRO C 287 -10.91 19.83 -8.83
N GLU C 288 -11.44 19.94 -7.60
CA GLU C 288 -11.08 21.05 -6.72
C GLU C 288 -10.60 20.60 -5.34
N VAL C 289 -10.29 19.31 -5.16
CA VAL C 289 -9.83 18.86 -3.84
C VAL C 289 -8.45 19.42 -3.56
N GLY C 290 -8.30 20.05 -2.40
CA GLY C 290 -7.04 20.71 -2.06
C GLY C 290 -6.65 21.79 -3.02
N LEU C 291 -7.62 22.58 -3.48
CA LEU C 291 -7.41 23.59 -4.50
C LEU C 291 -8.01 24.91 -4.04
N HIS C 292 -7.25 25.99 -4.17
CA HIS C 292 -7.75 27.30 -3.83
C HIS C 292 -8.86 27.71 -4.80
N PRO C 293 -9.83 28.49 -4.34
CA PRO C 293 -10.89 28.95 -5.26
C PRO C 293 -10.35 29.69 -6.46
N LYS C 294 -9.32 30.51 -6.27
CA LYS C 294 -8.67 31.16 -7.39
C LYS C 294 -8.04 30.15 -8.33
N LEU C 295 -7.46 29.08 -7.77
CA LEU C 295 -6.86 28.05 -8.61
C LEU C 295 -7.92 27.30 -9.43
N ALA C 296 -9.08 27.02 -8.83
CA ALA C 296 -10.15 26.37 -9.59
C ALA C 296 -10.68 27.27 -10.69
N GLU C 297 -10.86 28.56 -10.38
CA GLU C 297 -11.29 29.51 -11.41
C GLU C 297 -10.26 29.61 -12.52
N SER C 298 -8.98 29.63 -12.18
CA SER C 298 -7.93 29.68 -13.20
C SER C 298 -7.90 28.41 -14.03
N PHE C 299 -8.19 27.26 -13.41
CA PHE C 299 -8.24 26.01 -14.17
C PHE C 299 -9.37 26.05 -15.20
N VAL C 300 -10.56 26.47 -14.77
CA VAL C 300 -11.67 26.56 -15.71
C VAL C 300 -11.39 27.61 -16.79
N SER C 301 -10.75 28.72 -16.42
CA SER C 301 -10.42 29.75 -17.39
C SER C 301 -9.41 29.25 -18.42
N ASN C 302 -8.40 28.50 -17.99
CA ASN C 302 -7.43 27.94 -18.92
C ASN C 302 -8.08 26.93 -19.84
N LEU C 303 -8.97 26.10 -19.31
CA LEU C 303 -9.68 25.15 -20.16
C LEU C 303 -10.54 25.86 -21.19
N ASN C 304 -11.22 26.94 -20.79
CA ASN C 304 -12.03 27.70 -21.74
C ASN C 304 -11.15 28.39 -22.78
N LYS C 305 -9.98 28.89 -22.37
CA LYS C 305 -9.09 29.55 -23.31
C LYS C 305 -8.57 28.58 -24.36
N ILE C 306 -8.15 27.38 -23.93
CA ILE C 306 -7.69 26.39 -24.91
C ILE C 306 -8.85 25.86 -25.73
N TYR C 307 -10.07 25.85 -25.16
CA TYR C 307 -11.25 25.44 -25.90
C TYR C 307 -11.56 26.42 -27.03
N SER C 308 -11.43 27.71 -26.76
CA SER C 308 -11.77 28.75 -27.73
C SER C 308 -10.62 29.13 -28.64
N LYS C 309 -9.40 28.73 -28.30
CA LYS C 309 -8.25 29.03 -29.17
C LYS C 309 -8.37 28.31 -30.51
N PHE C 310 -8.83 27.07 -30.49
CA PHE C 310 -8.92 26.26 -31.69
C PHE C 310 -10.25 26.43 -32.43
N LYS C 311 -11.19 27.16 -31.87
CA LYS C 311 -12.50 27.32 -32.50
C LYS C 311 -12.39 28.17 -33.76
N LYS C 312 -12.99 27.69 -34.85
CA LYS C 312 -12.96 28.36 -36.15
C LYS C 312 -14.39 28.75 -36.50
N THR C 313 -14.79 29.95 -36.09
CA THR C 313 -16.14 30.45 -36.35
C THR C 313 -16.06 31.88 -36.88
N SER C 314 -16.90 32.18 -37.86
CA SER C 314 -17.03 33.52 -38.46
C SER C 314 -15.66 33.92 -39.01
N GLU C 315 -15.16 35.13 -38.72
CA GLU C 315 -13.89 35.58 -39.27
C GLU C 315 -12.68 34.95 -38.60
N LEU C 316 -12.87 34.22 -37.50
CA LEU C 316 -11.75 33.59 -36.79
C LEU C 316 -11.31 32.36 -37.58
N SER C 317 -10.57 32.62 -38.65
CA SER C 317 -10.06 31.57 -39.53
C SER C 317 -8.57 31.78 -39.76
N GLY C 318 -7.86 30.66 -39.91
CA GLY C 318 -6.44 30.69 -40.14
C GLY C 318 -5.74 29.47 -39.58
N PRO C 319 -4.41 29.51 -39.54
CA PRO C 319 -3.67 28.38 -38.96
C PRO C 319 -3.98 28.22 -37.48
N GLY C 320 -4.01 26.96 -37.03
CA GLY C 320 -4.32 26.65 -35.65
C GLY C 320 -5.79 26.64 -35.31
N ARG C 321 -6.68 26.85 -36.29
CA ARG C 321 -8.12 26.86 -36.07
C ARG C 321 -8.71 25.58 -36.65
N TYR C 322 -9.54 24.90 -35.84
CA TYR C 322 -10.15 23.64 -36.25
C TYR C 322 -11.64 23.69 -35.99
N LYS C 323 -12.42 23.09 -36.89
CA LYS C 323 -13.86 22.99 -36.72
C LYS C 323 -14.29 21.63 -36.18
N THR C 324 -13.34 20.80 -35.78
CA THR C 324 -13.68 19.48 -35.26
C THR C 324 -14.41 19.62 -33.92
N PRO C 325 -15.41 18.79 -33.67
CA PRO C 325 -16.12 18.86 -32.38
C PRO C 325 -15.21 18.46 -31.23
N TYR C 326 -15.47 19.07 -30.09
CA TYR C 326 -14.69 18.86 -28.87
C TYR C 326 -15.19 17.65 -28.10
N PRO C 327 -14.31 16.96 -27.38
CA PRO C 327 -14.76 15.84 -26.55
C PRO C 327 -15.64 16.31 -25.40
N ASN C 328 -16.56 15.44 -25.00
CA ASN C 328 -17.43 15.74 -23.87
C ASN C 328 -16.66 15.63 -22.57
N ILE C 329 -16.75 16.66 -21.73
CA ILE C 329 -16.05 16.71 -20.45
C ILE C 329 -17.08 16.69 -19.34
N PHE C 330 -16.93 15.76 -18.41
CA PHE C 330 -17.84 15.60 -17.29
C PHE C 330 -17.18 16.02 -15.99
N TYR C 331 -17.89 16.82 -15.20
CA TYR C 331 -17.42 17.31 -13.91
C TYR C 331 -18.23 16.69 -12.78
N SER C 332 -17.56 16.48 -11.65
CA SER C 332 -18.21 16.10 -10.39
C SER C 332 -17.68 17.07 -9.36
N THR C 333 -18.32 18.23 -9.26
CA THR C 333 -17.82 19.34 -8.47
C THR C 333 -18.75 19.65 -7.31
N HIS C 334 -18.15 19.95 -6.16
CA HIS C 334 -18.88 20.44 -5.00
C HIS C 334 -18.54 21.89 -4.67
N SER C 335 -17.79 22.57 -5.55
CA SER C 335 -17.36 23.94 -5.31
C SER C 335 -18.13 24.89 -6.20
N PRO C 336 -18.72 25.96 -5.64
CA PRO C 336 -19.43 26.93 -6.48
C PRO C 336 -18.54 27.67 -7.45
N SER C 337 -17.22 27.72 -7.22
CA SER C 337 -16.32 28.47 -8.09
C SER C 337 -16.25 27.85 -9.49
N ILE C 338 -16.07 26.53 -9.55
CA ILE C 338 -15.99 25.85 -10.85
C ILE C 338 -17.29 26.01 -11.61
N LEU C 339 -18.42 25.83 -10.93
CA LEU C 339 -19.71 25.96 -11.59
C LEU C 339 -19.93 27.38 -12.09
N LYS C 340 -19.57 28.38 -11.27
CA LYS C 340 -19.71 29.77 -11.67
C LYS C 340 -18.87 30.08 -12.91
N GLN C 341 -17.62 29.62 -12.93
CA GLN C 341 -16.76 29.88 -14.07
C GLN C 341 -17.25 29.17 -15.32
N THR C 342 -17.73 27.94 -15.18
CA THR C 342 -18.27 27.22 -16.33
C THR C 342 -19.50 27.94 -16.89
N ILE C 343 -20.38 28.43 -16.01
CA ILE C 343 -21.56 29.14 -16.47
C ILE C 343 -21.17 30.44 -17.17
N LYS C 344 -20.22 31.19 -16.59
CA LYS C 344 -19.89 32.49 -17.14
C LYS C 344 -19.13 32.38 -18.46
N LEU C 345 -18.20 31.42 -18.55
CA LEU C 345 -17.32 31.37 -19.72
C LEU C 345 -17.95 30.60 -20.87
N PHE C 346 -18.32 29.34 -20.63
CA PHE C 346 -18.79 28.49 -21.72
C PHE C 346 -20.16 28.92 -22.22
N GLY C 347 -21.08 29.23 -21.31
CA GLY C 347 -22.40 29.69 -21.71
C GLY C 347 -23.30 28.59 -22.23
N LYS C 348 -23.58 28.61 -23.53
CA LYS C 348 -24.48 27.64 -24.14
C LYS C 348 -23.84 26.27 -24.29
N ASP C 349 -22.53 26.15 -24.13
CA ASP C 349 -21.82 24.88 -24.32
C ASP C 349 -21.61 24.14 -23.00
N GLN C 350 -22.52 24.30 -22.04
CA GLN C 350 -22.42 23.60 -20.77
C GLN C 350 -23.81 23.35 -20.23
N GLN C 351 -23.90 22.37 -19.33
CA GLN C 351 -25.15 22.07 -18.65
C GLN C 351 -24.86 21.61 -17.23
N VAL C 352 -25.86 21.72 -16.37
CA VAL C 352 -25.74 21.35 -14.97
C VAL C 352 -26.76 20.25 -14.68
N LEU C 353 -26.29 19.13 -14.14
CA LEU C 353 -27.12 17.97 -13.86
C LEU C 353 -27.21 17.78 -12.35
N HIS C 354 -28.43 17.90 -11.82
CA HIS C 354 -28.72 17.68 -10.40
C HIS C 354 -29.22 16.26 -10.23
N PHE C 355 -28.67 15.56 -9.24
CA PHE C 355 -28.98 14.15 -9.07
C PHE C 355 -30.12 13.92 -8.08
N SER C 356 -29.93 14.31 -6.81
CA SER C 356 -30.94 14.11 -5.77
C SER C 356 -31.40 12.66 -5.68
N LYS C 357 -32.57 12.44 -5.08
CA LYS C 357 -33.13 11.11 -4.92
C LYS C 357 -34.64 11.17 -5.06
N LYS C 358 -35.24 10.00 -5.27
CA LYS C 358 -36.69 9.88 -5.35
C LYS C 358 -37.27 9.53 -3.98
N LYS C 359 -38.59 9.40 -3.92
CA LYS C 359 -39.26 9.16 -2.64
C LYS C 359 -38.94 7.77 -2.11
N ASP C 360 -39.08 6.75 -2.95
CA ASP C 360 -38.82 5.38 -2.53
C ASP C 360 -37.34 5.07 -2.41
N GLY C 361 -36.47 5.92 -2.92
CA GLY C 361 -35.04 5.69 -2.90
C GLY C 361 -34.54 5.21 -4.24
N SER C 362 -34.01 6.14 -5.04
CA SER C 362 -33.53 5.86 -6.39
C SER C 362 -32.86 7.11 -6.92
N THR C 363 -31.85 6.90 -7.76
CA THR C 363 -31.12 8.04 -8.33
C THR C 363 -31.96 8.71 -9.40
N ARG C 364 -32.03 10.04 -9.34
CA ARG C 364 -32.69 10.85 -10.34
C ARG C 364 -31.65 11.71 -11.06
N VAL C 365 -32.01 12.19 -12.24
CA VAL C 365 -31.16 13.09 -13.02
C VAL C 365 -32.04 14.15 -13.64
N ASN C 366 -31.75 15.42 -13.34
CA ASN C 366 -32.48 16.54 -13.91
C ASN C 366 -31.51 17.61 -14.37
N LYS C 367 -31.96 18.48 -15.26
CA LYS C 367 -31.15 19.56 -15.80
C LYS C 367 -31.57 20.87 -15.16
N ILE C 368 -30.61 21.61 -14.61
CA ILE C 368 -30.84 22.92 -14.02
C ILE C 368 -30.44 23.98 -15.03
N ASN C 369 -31.26 25.04 -15.13
CA ASN C 369 -31.00 26.11 -16.07
C ASN C 369 -29.64 26.75 -15.81
N SER C 370 -28.83 26.87 -16.86
CA SER C 370 -27.52 27.48 -16.76
C SER C 370 -27.23 28.45 -17.88
N THR C 371 -28.13 28.64 -18.83
CA THR C 371 -27.97 29.59 -19.93
C THR C 371 -28.93 30.75 -19.73
N TYR C 372 -28.39 31.97 -19.75
CA TYR C 372 -29.16 33.17 -19.48
C TYR C 372 -29.13 34.07 -20.71
N SER C 373 -30.30 34.59 -21.09
CA SER C 373 -30.40 35.49 -22.24
C SER C 373 -29.93 36.90 -21.92
N ASP C 374 -29.79 37.24 -20.64
CA ASP C 374 -29.33 38.57 -20.23
C ASP C 374 -27.82 38.54 -20.05
N GLU C 375 -27.12 39.38 -20.81
CA GLU C 375 -25.66 39.43 -20.70
C GLU C 375 -25.22 40.07 -19.40
N ARG C 376 -26.00 41.03 -18.87
CA ARG C 376 -25.66 41.64 -17.60
C ARG C 376 -25.65 40.61 -16.48
N PHE C 377 -26.67 39.75 -16.43
CA PHE C 377 -26.73 38.73 -15.38
C PHE C 377 -25.56 37.78 -15.48
N LEU C 378 -25.17 37.40 -16.71
CA LEU C 378 -24.03 36.51 -16.88
C LEU C 378 -22.73 37.18 -16.45
N ASN C 379 -22.59 38.48 -16.72
CA ASN C 379 -21.36 39.18 -16.38
C ASN C 379 -21.25 39.47 -14.88
N ILE C 380 -22.38 39.75 -14.22
CA ILE C 380 -22.35 40.08 -12.80
C ILE C 380 -22.61 38.81 -11.98
N PHE C 381 -22.51 37.66 -12.64
CA PHE C 381 -22.71 36.39 -11.96
C PHE C 381 -21.70 36.25 -10.82
N SER C 382 -22.19 35.88 -9.63
CA SER C 382 -21.35 35.86 -8.45
C SER C 382 -21.49 34.57 -7.67
N ASP C 383 -20.94 34.54 -6.45
CA ASP C 383 -20.91 33.30 -5.67
C ASP C 383 -22.28 32.94 -5.13
N ASN C 384 -23.15 33.92 -4.89
CA ASN C 384 -24.48 33.61 -4.40
C ASN C 384 -25.32 32.87 -5.44
N GLU C 385 -25.24 33.31 -6.70
CA GLU C 385 -25.96 32.63 -7.78
C GLU C 385 -25.47 31.20 -7.95
N ALA C 386 -24.15 31.00 -7.87
CA ALA C 386 -23.61 29.64 -7.94
C ALA C 386 -24.04 28.81 -6.74
N ARG C 387 -24.10 29.42 -5.56
CA ARG C 387 -24.56 28.71 -4.36
C ARG C 387 -26.01 28.30 -4.48
N LEU C 388 -26.82 29.08 -5.20
CA LEU C 388 -28.21 28.71 -5.41
C LEU C 388 -28.35 27.34 -6.06
N PHE C 389 -27.37 26.94 -6.88
CA PHE C 389 -27.41 25.61 -7.49
C PHE C 389 -27.25 24.50 -6.46
N PHE C 390 -26.52 24.76 -5.36
CA PHE C 390 -26.27 23.77 -4.33
C PHE C 390 -27.26 23.89 -3.17
N SER C 391 -28.49 24.29 -3.45
CA SER C 391 -29.49 24.56 -2.43
C SER C 391 -30.65 23.58 -2.56
N GLU C 392 -31.16 23.14 -1.41
CA GLU C 392 -32.33 22.26 -1.39
C GLU C 392 -33.64 23.03 -1.24
N TYR C 393 -33.58 24.33 -0.97
CA TYR C 393 -34.79 25.15 -0.91
C TYR C 393 -34.37 26.61 -0.97
N ILE C 394 -34.95 27.35 -1.91
CA ILE C 394 -34.64 28.76 -2.12
C ILE C 394 -35.88 29.58 -1.82
N VAL C 395 -35.72 30.63 -1.02
CA VAL C 395 -36.78 31.60 -0.76
C VAL C 395 -36.40 32.89 -1.46
N PHE C 396 -37.20 33.28 -2.44
CA PHE C 396 -36.94 34.47 -3.24
C PHE C 396 -37.68 35.67 -2.66
N VAL C 397 -36.95 36.73 -2.38
CA VAL C 397 -37.50 37.92 -1.74
C VAL C 397 -37.29 39.10 -2.67
N GLU C 398 -37.65 40.31 -2.22
CA GLU C 398 -37.63 41.48 -3.06
C GLU C 398 -36.73 42.60 -2.57
N GLY C 399 -36.56 42.77 -1.26
CA GLY C 399 -35.74 43.82 -0.73
C GLY C 399 -34.70 43.27 0.24
N ALA C 400 -33.80 44.17 0.65
CA ALA C 400 -32.74 43.79 1.59
C ALA C 400 -33.29 43.55 2.99
N THR C 401 -34.42 44.17 3.33
CA THR C 401 -35.01 43.96 4.65
C THR C 401 -35.46 42.52 4.85
N GLU C 402 -35.85 41.84 3.78
CA GLU C 402 -36.24 40.44 3.89
C GLU C 402 -35.02 39.55 4.02
N LEU C 403 -33.93 39.89 3.32
CA LEU C 403 -32.67 39.19 3.54
C LEU C 403 -32.22 39.33 4.99
N GLU C 404 -32.36 40.53 5.55
CA GLU C 404 -31.99 40.76 6.95
C GLU C 404 -32.87 39.97 7.91
N LEU C 405 -34.17 39.90 7.62
CA LEU C 405 -35.08 39.22 8.54
C LEU C 405 -34.90 37.70 8.49
N PHE C 406 -34.81 37.14 7.27
CA PHE C 406 -34.78 35.69 7.15
C PHE C 406 -33.39 35.09 7.33
N ARG C 407 -32.35 35.90 7.41
CA ARG C 407 -31.01 35.44 7.73
C ARG C 407 -30.64 35.70 9.19
N ASN C 408 -31.59 36.05 10.03
CA ASN C 408 -31.32 36.34 11.43
C ASN C 408 -30.93 35.06 12.15
N LEU C 409 -29.71 35.02 12.67
CA LEU C 409 -29.20 33.81 13.31
C LEU C 409 -30.02 33.44 14.55
N SER C 410 -30.41 34.44 15.33
CA SER C 410 -31.18 34.18 16.53
C SER C 410 -32.53 33.55 16.21
N LEU C 411 -33.19 34.02 15.16
CA LEU C 411 -34.46 33.42 14.75
C LEU C 411 -34.24 32.02 14.19
N LEU C 412 -33.18 31.81 13.42
CA LEU C 412 -32.92 30.50 12.84
C LEU C 412 -32.50 29.47 13.87
N ASN C 413 -31.99 29.92 15.03
CA ASN C 413 -31.62 28.97 16.08
C ASN C 413 -32.83 28.22 16.61
N LEU C 414 -33.96 28.92 16.76
CA LEU C 414 -35.17 28.29 17.26
C LEU C 414 -35.88 27.44 16.22
N TYR C 415 -35.54 27.59 14.94
CA TYR C 415 -36.15 26.84 13.84
C TYR C 415 -35.05 26.17 13.04
N PRO C 416 -34.55 25.02 13.49
CA PRO C 416 -33.47 24.35 12.76
C PRO C 416 -33.97 23.53 11.59
N ALA C 417 -34.93 24.07 10.85
CA ALA C 417 -35.40 23.46 9.61
C ALA C 417 -35.39 24.48 8.48
N PHE C 418 -35.57 25.75 8.84
CA PHE C 418 -35.50 26.84 7.88
C PHE C 418 -34.07 27.27 7.58
N SER C 419 -33.11 26.86 8.40
CA SER C 419 -31.70 27.15 8.13
C SER C 419 -31.14 26.31 6.99
N LEU C 420 -31.87 25.29 6.55
CA LEU C 420 -31.47 24.49 5.40
C LEU C 420 -31.89 25.12 4.08
N ALA C 421 -32.58 26.25 4.12
CA ALA C 421 -33.03 26.96 2.94
C ALA C 421 -32.30 28.28 2.83
N ASP C 422 -31.88 28.63 1.62
CA ASP C 422 -31.14 29.87 1.39
C ASP C 422 -32.07 30.97 0.86
N ILE C 423 -31.78 32.20 1.27
CA ILE C 423 -32.59 33.36 0.94
C ILE C 423 -31.89 34.12 -0.18
N TYR C 424 -32.61 34.41 -1.26
CA TYR C 424 -32.02 35.14 -2.37
C TYR C 424 -32.90 36.32 -2.76
N ASP C 425 -32.27 37.42 -3.14
CA ASP C 425 -32.95 38.67 -3.48
C ASP C 425 -33.07 38.78 -5.00
N ALA C 426 -34.31 38.81 -5.50
CA ALA C 426 -34.57 38.93 -6.93
C ALA C 426 -35.65 39.96 -7.17
N ASN C 427 -35.60 40.60 -8.33
CA ASN C 427 -36.48 41.71 -8.67
C ASN C 427 -37.31 41.42 -9.92
N GLU C 428 -37.76 40.17 -10.05
CA GLU C 428 -38.69 39.74 -11.09
C GLU C 428 -38.02 39.72 -12.47
N VAL C 429 -36.80 40.21 -12.56
CA VAL C 429 -35.96 40.05 -13.74
C VAL C 429 -34.89 39.00 -13.52
N ILE C 430 -34.26 39.03 -12.35
CA ILE C 430 -33.37 37.94 -11.95
C ILE C 430 -34.16 36.63 -11.86
N LEU C 431 -35.41 36.70 -11.41
CA LEU C 431 -36.25 35.51 -11.41
C LEU C 431 -36.50 35.01 -12.82
N ALA C 432 -36.74 35.92 -13.76
CA ALA C 432 -36.94 35.53 -15.15
C ALA C 432 -35.69 34.88 -15.74
N ASN C 433 -34.51 35.43 -15.44
CA ASN C 433 -33.27 34.87 -15.95
C ASN C 433 -32.98 33.51 -15.34
N ILE C 434 -33.09 33.39 -14.02
CA ILE C 434 -32.84 32.12 -13.34
C ILE C 434 -33.83 31.06 -13.79
N ASN C 435 -35.11 31.43 -13.86
CA ASN C 435 -36.21 30.54 -14.21
C ASN C 435 -36.22 29.33 -13.26
N PRO C 436 -36.55 29.54 -11.99
CA PRO C 436 -36.57 28.40 -11.05
C PRO C 436 -37.62 27.36 -11.38
N GLY C 437 -38.64 27.71 -12.17
CA GLY C 437 -39.65 26.74 -12.55
C GLY C 437 -39.15 25.62 -13.43
N TYR C 438 -38.03 25.85 -14.14
CA TYR C 438 -37.45 24.78 -14.95
C TYR C 438 -36.99 23.62 -14.08
N SER C 439 -36.37 23.90 -12.95
CA SER C 439 -35.94 22.89 -11.99
C SER C 439 -36.77 23.07 -10.73
N LYS C 440 -37.95 22.45 -10.71
CA LYS C 440 -38.87 22.53 -9.58
C LYS C 440 -38.81 21.29 -8.70
N ALA C 441 -38.76 20.09 -9.29
CA ALA C 441 -38.64 18.88 -8.50
C ALA C 441 -37.24 18.69 -7.93
N SER C 442 -36.24 19.41 -8.47
CA SER C 442 -34.88 19.32 -7.95
C SER C 442 -34.63 20.34 -6.84
N ILE C 443 -34.97 21.60 -7.08
CA ILE C 443 -34.78 22.66 -6.09
C ILE C 443 -36.12 23.33 -5.84
N PRO C 444 -36.88 22.92 -4.81
CA PRO C 444 -38.13 23.61 -4.49
C PRO C 444 -37.86 25.05 -4.09
N PHE C 445 -38.81 25.92 -4.42
CA PHE C 445 -38.64 27.35 -4.17
C PHE C 445 -39.97 27.99 -3.86
N VAL C 446 -39.91 29.12 -3.17
CA VAL C 446 -41.07 29.96 -2.89
C VAL C 446 -40.68 31.42 -3.13
N ILE C 447 -41.54 32.16 -3.81
CA ILE C 447 -41.30 33.56 -4.12
C ILE C 447 -42.18 34.40 -3.19
N ILE C 448 -41.56 35.11 -2.26
CA ILE C 448 -42.28 35.95 -1.31
C ILE C 448 -42.38 37.35 -1.89
N LYS C 449 -43.61 37.83 -2.08
CA LYS C 449 -43.82 39.16 -2.65
C LYS C 449 -44.93 39.86 -1.87
N ASP C 450 -44.92 41.19 -1.97
CA ASP C 450 -45.95 42.01 -1.36
C ASP C 450 -47.18 42.09 -2.26
N ILE C 451 -48.33 42.35 -1.65
CA ILE C 451 -49.59 42.44 -2.39
C ILE C 451 -49.66 43.67 -3.28
N ASP C 452 -48.75 44.62 -3.12
CA ASP C 452 -48.70 45.77 -4.00
C ASP C 452 -48.41 45.36 -5.45
N THR C 453 -47.67 44.27 -5.63
CA THR C 453 -47.31 43.82 -6.97
C THR C 453 -48.49 43.25 -7.75
N LEU C 454 -49.64 43.05 -7.11
CA LEU C 454 -50.83 42.54 -7.76
C LEU C 454 -51.93 43.57 -7.91
N ILE C 455 -52.18 44.38 -6.88
CA ILE C 455 -53.29 45.31 -6.87
C ILE C 455 -52.78 46.71 -6.58
N ASP C 456 -53.55 47.71 -7.02
CA ASP C 456 -53.24 49.10 -6.77
C ASP C 456 -54.52 49.85 -6.43
N TYR C 457 -54.41 50.78 -5.50
CA TYR C 457 -55.53 51.58 -5.02
C TYR C 457 -55.18 53.05 -5.15
N SER C 458 -56.14 53.85 -5.59
CA SER C 458 -55.94 55.28 -5.82
C SER C 458 -56.70 56.08 -4.77
N ILE C 459 -56.08 57.17 -4.31
CA ILE C 459 -56.67 58.01 -3.28
C ILE C 459 -57.44 59.18 -3.89
N LYS C 460 -56.87 59.84 -4.90
CA LYS C 460 -57.56 60.96 -5.53
C LYS C 460 -58.87 60.52 -6.16
N THR C 461 -58.87 59.37 -6.84
CA THR C 461 -60.07 58.78 -7.41
C THR C 461 -60.29 57.41 -6.78
N GLU C 462 -61.55 57.11 -6.48
CA GLU C 462 -61.91 55.84 -5.85
C GLU C 462 -61.77 54.74 -6.91
N LYS C 463 -60.55 54.25 -7.06
CA LYS C 463 -60.22 53.26 -8.06
C LYS C 463 -59.38 52.15 -7.44
N PHE C 464 -59.70 50.91 -7.80
CA PHE C 464 -58.97 49.73 -7.36
C PHE C 464 -58.75 48.85 -8.59
N SER C 465 -57.51 48.80 -9.07
CA SER C 465 -57.20 48.09 -10.31
C SER C 465 -56.13 47.04 -10.07
N LEU C 466 -55.88 46.25 -11.10
CA LEU C 466 -55.00 45.09 -11.03
C LEU C 466 -53.74 45.32 -11.86
N ARG C 467 -52.61 44.84 -11.35
CA ARG C 467 -51.36 44.92 -12.08
C ARG C 467 -51.36 43.95 -13.26
N PRO C 468 -50.50 44.19 -14.25
CA PRO C 468 -50.35 43.20 -15.33
C PRO C 468 -49.86 41.85 -14.85
N LEU C 469 -49.13 41.81 -13.74
CA LEU C 469 -48.68 40.53 -13.20
C LEU C 469 -49.87 39.68 -12.74
N PHE C 470 -50.86 40.31 -12.09
CA PHE C 470 -52.03 39.56 -11.66
C PHE C 470 -52.82 39.04 -12.85
N GLU C 471 -52.94 39.87 -13.90
CA GLU C 471 -53.62 39.42 -15.12
C GLU C 471 -52.88 38.26 -15.76
N LYS C 472 -51.55 38.31 -15.78
CA LYS C 472 -50.76 37.21 -16.31
C LYS C 472 -50.96 35.94 -15.49
N MET C 473 -51.04 36.09 -14.16
CA MET C 473 -51.29 34.94 -13.31
C MET C 473 -52.66 34.34 -13.56
N ILE C 474 -53.66 35.20 -13.77
CA ILE C 474 -55.01 34.72 -14.10
C ILE C 474 -55.00 33.98 -15.43
N LYS C 475 -54.30 34.54 -16.43
CA LYS C 475 -54.22 33.88 -17.72
C LYS C 475 -53.54 32.53 -17.62
N GLU C 476 -52.47 32.45 -16.83
CA GLU C 476 -51.79 31.16 -16.61
C GLU C 476 -52.71 30.17 -15.92
N LEU C 477 -53.48 30.63 -14.94
CA LEU C 477 -54.40 29.78 -14.21
C LEU C 477 -55.76 29.66 -14.88
N THR C 478 -55.96 30.31 -16.02
CA THR C 478 -57.21 30.19 -16.78
C THR C 478 -57.25 28.81 -17.41
N LYS C 479 -57.91 27.87 -16.74
CA LYS C 479 -57.92 26.47 -17.14
C LYS C 479 -58.90 26.28 -18.30
N GLU C 480 -58.48 26.77 -19.47
CA GLU C 480 -59.21 26.56 -20.71
C GLU C 480 -58.82 25.23 -21.33
N PHE C 481 -59.58 24.82 -22.35
CA PHE C 481 -59.35 23.57 -23.08
C PHE C 481 -59.36 22.38 -22.14
N ASP C 482 -60.35 22.35 -21.24
CA ASP C 482 -60.42 21.34 -20.20
C ASP C 482 -61.81 20.72 -20.17
N TYR C 483 -61.86 19.46 -19.76
CA TYR C 483 -63.11 18.74 -19.55
C TYR C 483 -63.56 18.92 -18.10
N TYR C 484 -64.55 18.15 -17.66
CA TYR C 484 -65.02 18.24 -16.29
C TYR C 484 -64.20 17.32 -15.41
N ASP C 485 -63.71 17.86 -14.30
CA ASP C 485 -62.89 17.10 -13.36
C ASP C 485 -62.97 17.76 -11.99
N THR C 486 -62.38 17.09 -11.00
CA THR C 486 -62.33 17.65 -9.66
C THR C 486 -61.50 18.92 -9.61
N GLY C 487 -60.56 19.10 -10.53
CA GLY C 487 -59.80 20.34 -10.58
C GLY C 487 -60.65 21.53 -10.94
N PHE C 488 -61.58 21.35 -11.88
CA PHE C 488 -62.51 22.41 -12.24
C PHE C 488 -63.51 22.64 -11.10
N GLY C 489 -64.23 23.76 -11.19
CA GLY C 489 -65.15 24.13 -10.14
C GLY C 489 -64.76 25.42 -9.46
N ARG C 490 -64.26 25.31 -8.22
CA ARG C 490 -63.94 26.48 -7.43
C ARG C 490 -62.88 27.36 -8.08
N VAL C 491 -62.06 26.79 -8.96
CA VAL C 491 -61.00 27.59 -9.61
C VAL C 491 -61.62 28.68 -10.46
N ARG C 492 -62.63 28.34 -11.26
CA ARG C 492 -63.30 29.33 -12.10
C ARG C 492 -63.99 30.39 -11.25
N LYS C 493 -64.59 29.98 -10.12
CA LYS C 493 -65.21 30.95 -9.23
C LYS C 493 -64.17 31.91 -8.65
N GLU C 494 -63.00 31.39 -8.27
CA GLU C 494 -61.98 32.28 -7.74
C GLU C 494 -61.47 33.21 -8.83
N ILE C 495 -61.33 32.73 -10.06
CA ILE C 495 -60.84 33.57 -11.15
C ILE C 495 -61.83 34.68 -11.48
N ASP C 496 -63.11 34.35 -11.66
CA ASP C 496 -64.06 35.40 -12.02
C ASP C 496 -64.29 36.37 -10.85
N LEU C 497 -64.27 35.88 -9.61
CA LEU C 497 -64.39 36.79 -8.48
C LEU C 497 -63.18 37.71 -8.38
N PHE C 498 -61.97 37.20 -8.67
CA PHE C 498 -60.80 38.06 -8.70
C PHE C 498 -60.89 39.11 -9.79
N SER C 499 -61.46 38.73 -10.94
CA SER C 499 -61.74 39.73 -11.98
C SER C 499 -62.79 40.72 -11.52
N ASP C 500 -63.72 40.29 -10.66
CA ASP C 500 -64.83 41.14 -10.24
C ASP C 500 -64.38 42.29 -9.35
N ILE C 501 -63.36 42.08 -8.52
CA ILE C 501 -62.97 43.08 -7.52
C ILE C 501 -62.57 44.40 -8.16
N GLN C 502 -62.14 44.39 -9.42
CA GLN C 502 -61.82 45.63 -10.11
C GLN C 502 -63.09 46.48 -10.26
N SER C 503 -63.17 47.57 -9.51
CA SER C 503 -64.35 48.42 -9.50
C SER C 503 -63.98 49.75 -8.85
N SER C 504 -64.99 50.56 -8.58
CA SER C 504 -64.83 51.87 -7.93
C SER C 504 -65.52 51.89 -6.58
N THR C 505 -65.33 50.83 -5.80
CA THR C 505 -66.00 50.65 -4.51
C THR C 505 -64.94 50.46 -3.42
N LYS C 506 -65.40 50.03 -2.25
CA LYS C 506 -64.56 49.87 -1.06
C LYS C 506 -63.92 51.21 -0.67
N LYS C 507 -64.79 52.15 -0.28
CA LYS C 507 -64.35 53.49 0.07
C LYS C 507 -63.44 53.47 1.29
N HIS C 508 -62.54 54.44 1.35
CA HIS C 508 -61.54 54.53 2.40
C HIS C 508 -61.96 55.53 3.47
N MET C 509 -61.72 55.16 4.72
CA MET C 509 -61.99 56.03 5.86
C MET C 509 -60.68 56.60 6.40
N ASP C 510 -60.81 57.63 7.24
CA ASP C 510 -59.68 58.34 7.82
C ASP C 510 -58.77 58.91 6.74
N SER C 511 -59.38 59.42 5.67
CA SER C 511 -58.68 60.10 4.58
C SER C 511 -57.65 59.17 3.93
N GLY C 512 -58.16 58.08 3.34
CA GLY C 512 -57.32 57.16 2.60
C GLY C 512 -56.27 56.46 3.44
N LEU C 513 -56.64 56.02 4.64
CA LEU C 513 -55.73 55.29 5.52
C LEU C 513 -56.21 53.89 5.88
N PHE C 514 -57.53 53.65 5.89
CA PHE C 514 -58.05 52.34 6.22
C PHE C 514 -59.18 52.00 5.25
N PHE C 515 -59.87 50.89 5.53
CA PHE C 515 -60.98 50.37 4.74
C PHE C 515 -62.14 50.06 5.66
N LYS C 516 -63.31 50.65 5.38
CA LYS C 516 -64.51 50.29 6.12
C LYS C 516 -64.90 48.84 5.87
N ARG C 517 -64.83 48.40 4.61
CA ARG C 517 -65.03 47.00 4.25
C ARG C 517 -63.88 46.53 3.38
N PHE C 518 -63.98 45.34 2.81
CA PHE C 518 -62.96 44.79 1.92
C PHE C 518 -61.60 44.70 2.62
N SER C 519 -61.56 43.86 3.66
CA SER C 519 -60.32 43.63 4.38
C SER C 519 -59.33 42.90 3.49
N LEU C 520 -58.08 43.38 3.47
CA LEU C 520 -57.05 42.77 2.65
C LEU C 520 -56.60 41.40 3.17
N HIS C 521 -56.94 41.05 4.40
CA HIS C 521 -56.53 39.76 4.94
C HIS C 521 -57.18 38.61 4.17
N ASN C 522 -58.50 38.70 3.94
CA ASN C 522 -59.20 37.64 3.22
C ASN C 522 -58.73 37.54 1.78
N LEU C 523 -58.55 38.69 1.11
CA LEU C 523 -58.07 38.67 -0.27
C LEU C 523 -56.66 38.08 -0.35
N SER C 524 -55.79 38.43 0.59
CA SER C 524 -54.45 37.85 0.62
C SER C 524 -54.50 36.36 0.85
N SER C 525 -55.38 35.90 1.75
CA SER C 525 -55.51 34.47 1.99
C SER C 525 -55.99 33.74 0.75
N ARG C 526 -56.97 34.30 0.05
CA ARG C 526 -57.46 33.67 -1.18
C ARG C 526 -56.38 33.64 -2.25
N ILE C 527 -55.62 34.73 -2.40
CA ILE C 527 -54.55 34.76 -3.39
C ILE C 527 -53.48 33.73 -3.05
N ASN C 528 -53.11 33.62 -1.77
CA ASN C 528 -52.13 32.62 -1.38
C ASN C 528 -52.64 31.21 -1.64
N LYS C 529 -53.92 30.96 -1.35
CA LYS C 529 -54.48 29.63 -1.59
C LYS C 529 -54.45 29.29 -3.08
N VAL C 530 -54.79 30.24 -3.95
CA VAL C 530 -54.82 29.95 -5.37
C VAL C 530 -53.43 29.94 -5.99
N SER C 531 -52.44 30.59 -5.37
CA SER C 531 -51.10 30.69 -5.93
C SER C 531 -50.09 29.77 -5.28
N ARG C 532 -50.50 28.99 -4.28
CA ARG C 532 -49.59 27.98 -3.72
C ARG C 532 -49.09 27.03 -4.80
N LYS C 533 -49.95 26.69 -5.77
CA LYS C 533 -49.54 25.81 -6.86
C LYS C 533 -48.51 26.46 -7.77
N LEU C 534 -48.40 27.79 -7.74
CA LEU C 534 -47.42 28.51 -8.55
C LEU C 534 -46.17 28.87 -7.77
N ASN C 535 -46.03 28.35 -6.55
CA ASN C 535 -44.85 28.60 -5.70
C ASN C 535 -44.65 30.09 -5.43
N ARG C 536 -45.75 30.79 -5.16
CA ARG C 536 -45.71 32.20 -4.82
C ARG C 536 -46.52 32.44 -3.56
N TYR C 537 -46.00 33.31 -2.69
CA TYR C 537 -46.68 33.68 -1.45
C TYR C 537 -46.71 35.20 -1.37
N PHE C 538 -47.91 35.76 -1.22
CA PHE C 538 -48.12 37.20 -1.19
C PHE C 538 -48.51 37.62 0.22
N MET C 539 -47.78 38.60 0.76
CA MET C 539 -48.03 39.10 2.10
C MET C 539 -49.08 40.21 2.06
N THR C 540 -49.80 40.36 3.19
CA THR C 540 -50.84 41.37 3.27
C THR C 540 -50.25 42.78 3.13
N THR C 541 -49.16 43.04 3.82
CA THR C 541 -48.48 44.33 3.75
C THR C 541 -46.99 44.13 3.53
N THR C 542 -46.21 45.19 3.64
CA THR C 542 -44.76 45.08 3.51
C THR C 542 -44.19 44.34 4.71
N ILE C 543 -42.87 44.10 4.66
CA ILE C 543 -42.21 43.34 5.71
C ILE C 543 -42.25 44.09 7.03
N GLU C 544 -42.26 45.42 6.99
CA GLU C 544 -42.35 46.20 8.22
C GLU C 544 -43.67 45.94 8.93
N GLY C 545 -44.77 45.87 8.17
CA GLY C 545 -46.06 45.56 8.78
C GLY C 545 -46.08 44.22 9.47
N ALA C 546 -45.41 43.22 8.88
CA ALA C 546 -45.30 41.93 9.53
C ALA C 546 -44.44 42.02 10.78
N LEU C 547 -43.38 42.84 10.74
CA LEU C 547 -42.49 42.96 11.89
C LEU C 547 -43.18 43.59 13.08
N ILE C 548 -43.84 44.73 12.88
CA ILE C 548 -44.51 45.46 13.94
C ILE C 548 -46.01 45.45 13.66
N ASN C 549 -46.78 44.92 14.60
CA ASN C 549 -48.22 44.83 14.48
C ASN C 549 -48.83 45.14 15.85
N GLU C 550 -50.15 45.01 15.93
CA GLU C 550 -50.86 45.36 17.16
C GLU C 550 -50.41 44.51 18.34
N GLN C 551 -49.92 43.30 18.08
CA GLN C 551 -49.46 42.40 19.14
C GLN C 551 -48.03 42.66 19.56
N SER C 552 -47.29 43.49 18.83
CA SER C 552 -45.89 43.76 19.13
C SER C 552 -45.62 45.16 19.67
N LEU C 553 -46.66 45.93 19.98
CA LEU C 553 -46.43 47.26 20.55
C LEU C 553 -45.66 47.21 21.87
N PRO C 554 -45.98 46.34 22.84
CA PRO C 554 -45.16 46.32 24.06
C PRO C 554 -43.70 46.00 23.81
N TYR C 555 -43.41 45.08 22.89
CA TYR C 555 -42.02 44.72 22.61
C TYR C 555 -41.30 45.84 21.88
N PHE C 556 -41.99 46.51 20.95
CA PHE C 556 -41.37 47.66 20.27
C PHE C 556 -41.10 48.78 21.26
N PHE C 557 -42.03 49.01 22.20
CA PHE C 557 -41.82 50.03 23.22
C PHE C 557 -40.65 49.66 24.14
N ASN C 558 -40.53 48.37 24.49
CA ASN C 558 -39.39 47.95 25.30
C ASN C 558 -38.08 48.12 24.54
N TRP C 559 -38.08 47.86 23.24
CA TRP C 559 -36.88 48.09 22.43
C TRP C 559 -36.55 49.58 22.38
N ILE C 560 -37.56 50.44 22.25
CA ILE C 560 -37.33 51.88 22.28
C ILE C 560 -36.73 52.29 23.62
N GLY C 561 -37.25 51.73 24.72
CA GLY C 561 -36.69 52.02 26.02
C GLY C 561 -35.25 51.56 26.16
N ASP C 562 -34.94 50.38 25.62
CA ASP C 562 -33.56 49.89 25.67
C ASP C 562 -32.65 50.81 24.87
N VAL C 563 -33.10 51.28 23.72
CA VAL C 563 -32.30 52.20 22.91
C VAL C 563 -32.08 53.52 23.65
N ILE C 564 -33.12 54.03 24.31
CA ILE C 564 -32.99 55.30 25.02
C ILE C 564 -32.20 55.17 26.31
N LEU C 565 -32.08 53.96 26.84
CA LEU C 565 -31.33 53.74 28.08
C LEU C 565 -29.87 53.42 27.82
N THR C 566 -29.59 52.37 27.06
CA THR C 566 -28.24 51.84 26.89
C THR C 566 -27.59 52.27 25.58
N GLN C 567 -28.19 53.21 24.85
CA GLN C 567 -27.60 53.66 23.59
C GLN C 567 -27.65 55.19 23.51
N MET C 568 -27.51 55.87 24.65
CA MET C 568 -27.48 57.33 24.67
C MET C 568 -26.76 57.77 25.94
N THR C 569 -25.57 58.35 25.77
CA THR C 569 -24.74 58.79 26.88
C THR C 569 -24.84 60.31 27.03
N ILE C 570 -24.02 60.86 27.93
CA ILE C 570 -23.96 62.30 28.17
C ILE C 570 -22.80 62.87 27.35
N ASN C 571 -23.05 63.98 26.65
CA ASN C 571 -22.02 64.58 25.81
C ASN C 571 -20.84 65.06 26.66
N ASN C 572 -21.12 65.70 27.79
CA ASN C 572 -20.04 66.15 28.66
C ASN C 572 -19.43 64.95 29.39
N PRO C 573 -18.11 64.96 29.60
CA PRO C 573 -17.51 63.88 30.40
C PRO C 573 -18.05 63.80 31.80
N ASN C 574 -18.50 64.91 32.37
CA ASN C 574 -19.11 64.92 33.70
C ASN C 574 -20.60 65.19 33.59
N PRO C 575 -21.45 64.18 33.74
CA PRO C 575 -22.91 64.40 33.65
C PRO C 575 -23.46 65.30 34.75
N ASP C 576 -22.74 65.45 35.86
CA ASP C 576 -23.24 66.25 36.97
C ASP C 576 -23.43 67.71 36.56
N LYS C 577 -22.55 68.22 35.70
CA LYS C 577 -22.68 69.61 35.27
C LYS C 577 -24.00 69.84 34.53
N PHE C 578 -24.34 68.93 33.60
CA PHE C 578 -25.61 69.07 32.90
C PHE C 578 -26.79 68.78 33.80
N ILE C 579 -26.65 67.88 34.77
CA ILE C 579 -27.73 67.63 35.72
C ILE C 579 -28.03 68.89 36.51
N GLU C 580 -26.99 69.57 37.00
CA GLU C 580 -27.17 70.83 37.71
C GLU C 580 -27.75 71.90 36.79
N ALA C 581 -27.29 71.95 35.54
CA ALA C 581 -27.80 72.93 34.59
C ALA C 581 -29.29 72.75 34.34
N MET C 582 -29.74 71.50 34.17
CA MET C 582 -31.16 71.27 33.93
C MET C 582 -31.98 71.46 35.20
N ARG C 583 -31.40 71.17 36.37
CA ARG C 583 -32.12 71.43 37.61
C ARG C 583 -32.34 72.92 37.84
N ARG C 584 -31.32 73.74 37.55
CA ARG C 584 -31.42 75.17 37.78
C ARG C 584 -32.04 75.94 36.62
N ARG C 585 -32.16 75.33 35.44
CA ARG C 585 -32.67 76.02 34.27
C ARG C 585 -33.94 75.38 33.71
N TYR C 586 -33.92 74.07 33.46
CA TYR C 586 -35.04 73.40 32.83
C TYR C 586 -35.99 72.81 33.88
N ASN C 587 -37.02 72.15 33.40
CA ASN C 587 -38.01 71.49 34.27
C ASN C 587 -37.77 69.98 34.25
N ILE C 588 -38.07 69.34 35.37
CA ILE C 588 -37.86 67.89 35.49
C ILE C 588 -38.79 67.13 34.56
N LYS C 589 -40.03 67.59 34.42
CA LYS C 589 -41.03 66.90 33.60
C LYS C 589 -41.51 67.72 32.41
N SER C 590 -41.74 69.02 32.60
CA SER C 590 -42.30 69.83 31.51
C SER C 590 -41.29 70.06 30.39
N GLN C 591 -40.03 70.30 30.74
CA GLN C 591 -38.98 70.62 29.78
C GLN C 591 -37.95 69.50 29.67
N VAL C 592 -38.42 68.25 29.72
CA VAL C 592 -37.50 67.12 29.61
C VAL C 592 -37.13 66.86 28.16
N VAL C 593 -37.97 67.26 27.21
CA VAL C 593 -37.65 67.08 25.79
C VAL C 593 -36.41 67.87 25.38
N PRO C 594 -36.28 69.17 25.71
CA PRO C 594 -35.00 69.86 25.41
C PRO C 594 -33.82 69.23 26.12
N LEU C 595 -34.01 68.73 27.33
CA LEU C 595 -32.93 68.05 28.05
C LEU C 595 -32.45 66.82 27.28
N PHE C 596 -33.37 66.02 26.77
CA PHE C 596 -33.00 64.81 26.06
C PHE C 596 -32.46 65.12 24.67
N LYS C 597 -32.89 66.22 24.06
CA LYS C 597 -32.43 66.57 22.73
C LYS C 597 -31.16 67.42 22.73
N SER C 598 -30.73 67.91 23.89
CA SER C 598 -29.50 68.69 23.99
C SER C 598 -28.43 68.01 24.82
N VAL C 599 -28.76 67.64 26.07
CA VAL C 599 -27.76 67.04 26.95
C VAL C 599 -27.41 65.62 26.48
N PHE C 600 -28.42 64.83 26.14
CA PHE C 600 -28.21 63.42 25.82
C PHE C 600 -27.77 63.27 24.36
N CYS C 601 -26.74 62.45 24.14
CA CYS C 601 -26.24 62.15 22.81
C CYS C 601 -26.05 60.64 22.68
N ILE C 602 -26.13 60.14 21.45
CA ILE C 602 -26.03 58.71 21.22
C ILE C 602 -24.65 58.21 21.61
N GLY C 603 -24.62 57.13 22.38
CA GLY C 603 -23.37 56.53 22.81
C GLY C 603 -23.49 55.04 23.06
N LEU C 604 -22.60 54.25 22.44
CA LEU C 604 -22.69 52.81 22.54
C LEU C 604 -22.44 52.33 23.97
N ASN C 605 -21.42 52.88 24.63
CA ASN C 605 -21.03 52.44 25.97
C ASN C 605 -21.22 53.59 26.95
N HIS C 606 -21.87 53.31 28.07
CA HIS C 606 -22.09 54.31 29.11
C HIS C 606 -20.98 54.21 30.15
N PRO C 607 -20.17 55.24 30.34
CA PRO C 607 -19.16 55.20 31.40
C PRO C 607 -19.79 55.17 32.77
N VAL C 608 -19.06 54.57 33.73
CA VAL C 608 -19.58 54.43 35.08
C VAL C 608 -19.58 55.78 35.78
N TYR C 609 -20.72 56.14 36.37
CA TYR C 609 -20.89 57.38 37.10
C TYR C 609 -21.07 57.08 38.59
N SER C 610 -21.33 58.13 39.35
CA SER C 610 -21.57 57.97 40.78
C SER C 610 -22.94 57.36 41.04
N SER C 611 -23.13 56.86 42.26
CA SER C 611 -24.40 56.22 42.61
C SER C 611 -25.55 57.21 42.52
N ALA C 612 -25.37 58.42 43.09
CA ALA C 612 -26.41 59.43 43.01
C ALA C 612 -26.65 59.88 41.56
N VAL C 613 -25.57 60.04 40.79
CA VAL C 613 -25.71 60.43 39.39
C VAL C 613 -26.44 59.36 38.60
N ASP C 614 -26.08 58.09 38.83
CA ASP C 614 -26.75 56.99 38.14
C ASP C 614 -28.23 56.93 38.52
N LYS C 615 -28.54 57.11 39.81
CA LYS C 615 -29.93 57.10 40.23
C LYS C 615 -30.72 58.23 39.60
N GLN C 616 -30.15 59.44 39.56
CA GLN C 616 -30.83 60.57 38.94
C GLN C 616 -31.04 60.33 37.45
N ALA C 617 -30.03 59.80 36.76
CA ALA C 617 -30.16 59.54 35.33
C ALA C 617 -31.24 58.48 35.07
N LEU C 618 -31.26 57.42 35.89
CA LEU C 618 -32.29 56.40 35.73
C LEU C 618 -33.68 56.96 35.96
N ARG C 619 -33.83 57.80 37.00
CA ARG C 619 -35.13 58.41 37.28
C ARG C 619 -35.57 59.30 36.13
N ILE C 620 -34.65 60.10 35.58
CA ILE C 620 -34.99 60.98 34.47
C ILE C 620 -35.39 60.17 33.24
N LYS C 621 -34.65 59.10 32.95
CA LYS C 621 -34.96 58.26 31.80
C LYS C 621 -36.31 57.56 31.96
N LEU C 622 -36.61 57.08 33.17
CA LEU C 622 -37.91 56.47 33.41
C LEU C 622 -39.04 57.49 33.28
N SER C 623 -38.82 58.71 33.77
CA SER C 623 -39.82 59.76 33.61
C SER C 623 -40.06 60.09 32.15
N PHE C 624 -38.99 60.14 31.35
CA PHE C 624 -39.14 60.40 29.92
C PHE C 624 -39.85 59.25 29.22
N LEU C 625 -39.57 58.01 29.64
CA LEU C 625 -40.29 56.87 29.07
C LEU C 625 -41.78 56.94 29.38
N ASN C 626 -42.12 57.27 30.63
CA ASN C 626 -43.53 57.43 30.98
C ASN C 626 -44.17 58.57 30.20
N TYR C 627 -43.43 59.67 30.02
CA TYR C 627 -43.96 60.80 29.27
C TYR C 627 -44.25 60.41 27.82
N LEU C 628 -43.32 59.69 27.19
CA LEU C 628 -43.54 59.31 25.79
C LEU C 628 -44.66 58.28 25.69
N LYS C 629 -44.78 57.38 26.67
CA LYS C 629 -45.87 56.43 26.67
C LYS C 629 -47.22 57.13 26.74
N ARG C 630 -47.34 58.10 27.66
CA ARG C 630 -48.58 58.87 27.78
C ARG C 630 -48.83 59.67 26.51
N LYS C 631 -47.79 60.27 25.93
CA LYS C 631 -47.97 61.07 24.72
C LYS C 631 -48.44 60.22 23.56
N VAL C 632 -47.87 59.02 23.39
CA VAL C 632 -48.28 58.18 22.27
C VAL C 632 -49.69 57.62 22.49
N TYR C 633 -50.07 57.35 23.74
CA TYR C 633 -51.46 56.94 23.97
C TYR C 633 -52.46 58.08 23.92
N SER C 634 -52.01 59.33 24.07
CA SER C 634 -52.93 60.45 24.04
C SER C 634 -53.10 61.04 22.64
N ASP C 635 -52.01 61.17 21.88
CA ASP C 635 -52.11 61.72 20.54
C ASP C 635 -52.93 60.83 19.62
N PHE C 636 -52.72 59.51 19.71
CA PHE C 636 -53.50 58.54 18.95
C PHE C 636 -54.40 57.78 19.91
N ASN C 637 -55.66 57.60 19.52
CA ASN C 637 -56.69 57.08 20.42
C ASN C 637 -57.04 55.62 20.15
N ASN C 638 -57.15 55.22 18.88
CA ASN C 638 -57.66 53.90 18.55
C ASN C 638 -56.63 52.79 18.75
N GLU C 639 -55.38 53.14 19.06
CA GLU C 639 -54.29 52.18 19.27
C GLU C 639 -53.90 51.50 17.97
N LYS C 640 -54.66 51.75 16.90
CA LYS C 640 -54.31 51.27 15.57
C LYS C 640 -53.60 52.33 14.73
N GLU C 641 -53.70 53.60 15.12
CA GLU C 641 -52.92 54.64 14.45
C GLU C 641 -51.46 54.61 14.89
N ILE C 642 -51.18 54.11 16.10
CA ILE C 642 -49.80 54.02 16.57
C ILE C 642 -49.01 53.06 15.70
N VAL C 643 -49.57 51.88 15.44
CA VAL C 643 -48.86 50.88 14.66
C VAL C 643 -48.71 51.34 13.21
N LEU C 644 -49.74 52.02 12.67
CA LEU C 644 -49.62 52.56 11.32
C LEU C 644 -48.53 53.63 11.24
N ALA C 645 -48.46 54.49 12.26
CA ALA C 645 -47.41 55.52 12.29
C ALA C 645 -46.03 54.89 12.38
N LEU C 646 -45.88 53.86 13.21
CA LEU C 646 -44.60 53.17 13.32
C LEU C 646 -44.21 52.51 12.00
N ARG C 647 -45.18 51.86 11.33
CA ARG C 647 -44.89 51.23 10.05
C ARG C 647 -44.49 52.26 9.01
N LEU C 648 -45.20 53.38 8.96
CA LEU C 648 -44.88 54.43 8.00
C LEU C 648 -43.52 55.07 8.30
N ALA C 649 -43.14 55.13 9.58
CA ALA C 649 -41.86 55.72 9.93
C ALA C 649 -40.70 54.94 9.33
N PHE C 650 -40.77 53.60 9.38
CA PHE C 650 -39.71 52.76 8.85
C PHE C 650 -39.94 52.39 7.39
N GLY C 651 -40.22 53.39 6.56
CA GLY C 651 -40.35 53.18 5.13
C GLY C 651 -41.39 52.16 4.72
N GLY C 652 -42.42 51.96 5.54
CA GLY C 652 -43.42 50.94 5.28
C GLY C 652 -44.71 51.51 4.70
N LYS C 653 -45.72 50.66 4.65
CA LYS C 653 -47.03 51.02 4.12
C LYS C 653 -48.07 50.10 4.73
N THR C 654 -49.32 50.55 4.71
CA THR C 654 -50.42 49.75 5.23
C THR C 654 -51.70 50.15 4.54
N GLU C 655 -52.58 49.17 4.35
CA GLU C 655 -53.93 49.36 3.81
C GLU C 655 -53.89 49.86 2.37
N THR C 656 -54.07 51.18 2.18
CA THR C 656 -54.28 51.69 0.83
C THR C 656 -52.97 51.86 0.07
N GLN C 657 -52.11 50.85 0.12
CA GLN C 657 -50.83 50.82 -0.60
C GLN C 657 -50.14 52.18 -0.56
N TYR C 658 -50.08 52.77 0.63
CA TYR C 658 -49.73 54.17 0.80
C TYR C 658 -48.39 54.28 1.52
N THR C 659 -47.41 54.88 0.86
CA THR C 659 -46.11 55.17 1.43
C THR C 659 -45.94 56.68 1.55
N LEU C 660 -44.91 57.10 2.28
CA LEU C 660 -44.72 58.52 2.56
C LEU C 660 -44.48 59.31 1.28
N ASP C 661 -43.69 58.77 0.37
CA ASP C 661 -43.42 59.48 -0.88
C ASP C 661 -44.69 59.65 -1.70
N LYS C 662 -45.49 58.57 -1.83
CA LYS C 662 -46.74 58.67 -2.57
C LYS C 662 -47.74 59.59 -1.88
N LEU C 663 -47.84 59.51 -0.54
CA LEU C 663 -48.75 60.40 0.17
C LEU C 663 -48.35 61.86 0.01
N ARG C 664 -47.04 62.14 0.07
CA ARG C 664 -46.57 63.51 -0.10
C ARG C 664 -46.83 64.01 -1.51
N LYS C 665 -46.59 63.16 -2.52
CA LYS C 665 -46.76 63.59 -3.90
C LYS C 665 -48.24 63.82 -4.23
N ASP C 666 -49.10 62.88 -3.85
CA ASP C 666 -50.49 62.89 -4.26
C ASP C 666 -51.41 63.55 -3.23
N GLY C 667 -50.89 64.01 -2.10
CA GLY C 667 -51.71 64.60 -1.08
C GLY C 667 -52.45 63.56 -0.26
N GLU C 668 -52.53 63.76 1.05
CA GLU C 668 -53.07 62.74 1.93
C GLU C 668 -53.55 63.40 3.22
N ALA C 669 -53.76 62.59 4.25
CA ALA C 669 -54.20 63.09 5.55
C ALA C 669 -53.08 63.89 6.20
N GLU C 670 -53.09 65.21 6.02
CA GLU C 670 -52.00 66.04 6.51
C GLU C 670 -51.88 65.98 8.03
N LEU C 671 -52.97 65.66 8.73
CA LEU C 671 -52.88 65.54 10.18
C LEU C 671 -51.93 64.44 10.59
N PHE C 672 -52.09 63.25 10.01
CA PHE C 672 -51.22 62.12 10.34
C PHE C 672 -49.78 62.40 9.96
N ARG C 673 -49.56 62.98 8.77
CA ARG C 673 -48.20 63.28 8.33
C ARG C 673 -47.53 64.30 9.24
N GLU C 674 -48.26 65.33 9.65
CA GLU C 674 -47.69 66.33 10.55
C GLU C 674 -47.43 65.75 11.93
N LYS C 675 -48.30 64.85 12.40
CA LYS C 675 -48.02 64.16 13.66
C LYS C 675 -46.73 63.34 13.57
N ILE C 676 -46.56 62.61 12.46
CA ILE C 676 -45.36 61.80 12.28
C ILE C 676 -44.12 62.69 12.22
N LYS C 677 -44.20 63.80 11.48
CA LYS C 677 -43.07 64.70 11.35
C LYS C 677 -42.71 65.32 12.70
N ASN C 678 -43.72 65.73 13.47
CA ASN C 678 -43.46 66.29 14.80
C ASN C 678 -42.82 65.25 15.71
N TYR C 679 -43.32 64.01 15.68
CA TYR C 679 -42.72 62.96 16.51
C TYR C 679 -41.27 62.72 16.12
N LYS C 680 -40.99 62.68 14.82
CA LYS C 680 -39.63 62.41 14.36
C LYS C 680 -38.68 63.53 14.73
N ASN C 681 -39.05 64.79 14.41
CA ASN C 681 -38.15 65.91 14.58
C ASN C 681 -38.12 66.47 16.00
N ASN C 682 -39.05 66.05 16.87
CA ASN C 682 -39.15 66.63 18.20
C ASN C 682 -38.91 65.60 19.30
N GLU C 683 -39.61 64.47 19.27
CA GLU C 683 -39.59 63.52 20.37
C GLU C 683 -38.74 62.28 20.06
N LEU C 684 -39.01 61.61 18.94
CA LEU C 684 -38.21 60.47 18.53
C LEU C 684 -37.16 60.90 17.50
N PHE C 685 -36.17 61.65 18.00
CA PHE C 685 -35.10 62.14 17.15
C PHE C 685 -33.89 61.23 17.16
N PHE C 686 -33.65 60.52 18.27
CA PHE C 686 -32.55 59.56 18.31
C PHE C 686 -32.79 58.36 17.41
N LEU C 687 -34.06 58.07 17.08
CA LEU C 687 -34.40 56.96 16.23
C LEU C 687 -34.44 57.33 14.75
N GLU C 688 -34.15 58.58 14.41
CA GLU C 688 -34.11 58.98 13.01
C GLU C 688 -33.13 58.16 12.18
N PRO C 689 -31.89 57.88 12.63
CA PRO C 689 -31.04 56.98 11.83
C PRO C 689 -31.63 55.59 11.66
N GLN C 690 -32.39 55.10 12.65
CA GLN C 690 -33.01 53.79 12.56
C GLN C 690 -34.24 53.79 11.66
N MET C 691 -34.84 54.95 11.41
CA MET C 691 -36.06 55.02 10.62
C MET C 691 -35.76 55.04 9.12
N THR C 692 -35.02 54.04 8.66
CA THR C 692 -34.74 53.87 7.24
C THR C 692 -34.39 52.42 6.98
N LYS C 693 -34.61 51.98 5.75
CA LYS C 693 -34.22 50.63 5.37
C LYS C 693 -32.71 50.53 5.26
N THR C 694 -32.21 49.29 5.37
CA THR C 694 -30.78 49.01 5.40
C THR C 694 -30.08 49.77 6.53
N SER C 695 -30.73 49.84 7.68
CA SER C 695 -30.17 50.50 8.85
C SER C 695 -29.92 49.55 10.03
N GLY C 696 -30.31 48.29 9.91
CA GLY C 696 -30.03 47.32 10.95
C GLY C 696 -31.04 47.29 12.09
N TRP C 697 -32.14 48.03 11.99
CA TRP C 697 -33.14 48.02 13.06
C TRP C 697 -33.87 46.69 13.13
N VAL C 698 -34.01 46.01 11.99
CA VAL C 698 -34.68 44.71 11.98
C VAL C 698 -33.91 43.70 12.83
N THR C 699 -32.60 43.62 12.63
CA THR C 699 -31.79 42.67 13.37
C THR C 699 -31.81 42.97 14.87
N THR C 700 -31.66 44.25 15.22
CA THR C 700 -31.66 44.63 16.63
C THR C 700 -33.00 44.32 17.29
N PHE C 701 -34.09 44.66 16.61
CA PHE C 701 -35.42 44.40 17.18
C PHE C 701 -35.68 42.91 17.33
N LEU C 702 -35.31 42.11 16.31
CA LEU C 702 -35.52 40.67 16.41
C LEU C 702 -34.68 40.08 17.54
N ASN C 703 -33.42 40.50 17.66
CA ASN C 703 -32.56 39.97 18.72
C ASN C 703 -33.11 40.35 20.09
N TYR C 704 -33.56 41.60 20.26
CA TYR C 704 -34.12 42.02 21.55
C TYR C 704 -35.38 41.23 21.88
N THR C 705 -36.25 41.02 20.90
CA THR C 705 -37.48 40.27 21.15
C THR C 705 -37.17 38.82 21.52
N ILE C 706 -36.23 38.20 20.81
CA ILE C 706 -35.88 36.80 21.13
C ILE C 706 -35.26 36.73 22.52
N GLU C 707 -34.40 37.68 22.86
CA GLU C 707 -33.79 37.69 24.19
C GLU C 707 -34.83 37.84 25.28
N LYS C 708 -35.81 38.75 25.08
CA LYS C 708 -36.85 38.93 26.07
C LYS C 708 -37.71 37.68 26.22
N ILE C 709 -38.07 37.05 25.10
CA ILE C 709 -38.91 35.86 25.17
C ILE C 709 -38.16 34.71 25.83
N THR C 710 -36.86 34.59 25.56
CA THR C 710 -36.05 33.57 26.21
C THR C 710 -35.94 33.83 27.71
N SER C 711 -35.77 35.09 28.09
CA SER C 711 -35.68 35.43 29.50
C SER C 711 -37.00 35.13 30.23
N GLU C 712 -38.12 35.43 29.60
CA GLU C 712 -39.42 35.23 30.25
C GLU C 712 -39.82 33.75 30.26
N GLU C 713 -39.99 33.16 29.08
CA GLU C 713 -40.39 31.77 29.00
C GLU C 713 -39.19 30.86 29.29
N SER C 714 -39.48 29.56 29.42
CA SER C 714 -38.47 28.56 29.73
C SER C 714 -38.26 27.58 28.58
N ASP C 715 -39.31 26.91 28.14
CA ASP C 715 -39.19 25.92 27.07
C ASP C 715 -39.13 26.59 25.71
N ASP C 716 -38.46 25.93 24.77
CA ASP C 716 -38.35 26.45 23.42
C ASP C 716 -39.70 26.43 22.70
N ASP C 717 -40.55 25.45 23.03
CA ASP C 717 -41.88 25.41 22.43
C ASP C 717 -42.70 26.64 22.84
N ARG C 718 -42.57 27.07 24.09
CA ARG C 718 -43.22 28.29 24.53
C ARG C 718 -42.70 29.50 23.74
N ILE C 719 -41.40 29.54 23.47
CA ILE C 719 -40.82 30.63 22.70
C ILE C 719 -41.40 30.63 21.29
N ARG C 720 -41.51 29.45 20.68
CA ARG C 720 -42.06 29.37 19.33
C ARG C 720 -43.52 29.80 19.30
N GLN C 721 -44.30 29.38 20.31
CA GLN C 721 -45.70 29.80 20.38
C GLN C 721 -45.81 31.31 20.55
N LYS C 722 -44.96 31.90 21.40
CA LYS C 722 -44.97 33.35 21.57
C LYS C 722 -44.61 34.07 20.28
N LEU C 723 -43.61 33.54 19.55
CA LEU C 723 -43.25 34.13 18.27
C LEU C 723 -44.40 34.04 17.27
N SER C 724 -45.10 32.90 17.24
CA SER C 724 -46.24 32.75 16.35
C SER C 724 -47.34 33.74 16.71
N PHE C 725 -47.57 33.97 18.01
CA PHE C 725 -48.55 34.95 18.44
C PHE C 725 -48.14 36.36 18.04
N ILE C 726 -46.86 36.68 18.18
CA ILE C 726 -46.39 38.04 17.90
C ILE C 726 -46.24 38.28 16.41
N PHE C 727 -45.60 37.34 15.70
CA PHE C 727 -45.34 37.46 14.27
C PHE C 727 -46.13 36.39 13.52
N PRO C 728 -47.33 36.70 13.05
CA PRO C 728 -48.12 35.68 12.33
C PRO C 728 -47.53 35.32 10.98
N GLU C 729 -47.24 36.33 10.15
CA GLU C 729 -46.83 36.07 8.77
C GLU C 729 -45.45 35.43 8.71
N ILE C 730 -44.49 35.94 9.50
CA ILE C 730 -43.14 35.42 9.45
C ILE C 730 -43.11 33.95 9.91
N ILE C 731 -43.78 33.66 11.02
CA ILE C 731 -43.80 32.29 11.53
C ILE C 731 -44.57 31.38 10.58
N SER C 732 -45.62 31.90 9.95
CA SER C 732 -46.37 31.10 8.98
C SER C 732 -45.49 30.74 7.78
N ILE C 733 -44.74 31.70 7.25
CA ILE C 733 -43.85 31.42 6.13
C ILE C 733 -42.76 30.43 6.54
N ILE C 734 -42.20 30.61 7.74
CA ILE C 734 -41.15 29.71 8.20
C ILE C 734 -41.70 28.28 8.36
N GLU C 735 -42.90 28.16 8.92
CA GLU C 735 -43.49 26.83 9.11
C GLU C 735 -43.81 26.18 7.78
N GLN C 736 -44.34 26.93 6.82
CA GLN C 736 -44.63 26.36 5.50
C GLN C 736 -43.35 25.90 4.82
N ALA C 737 -42.28 26.71 4.88
CA ALA C 737 -41.01 26.32 4.28
C ALA C 737 -40.45 25.09 4.97
N SER C 738 -40.54 25.03 6.30
CA SER C 738 -40.03 23.87 7.04
C SER C 738 -40.80 22.61 6.68
N SER C 739 -42.13 22.72 6.55
CA SER C 739 -42.93 21.58 6.14
C SER C 739 -42.57 21.12 4.74
N SER C 740 -42.35 22.06 3.83
CA SER C 740 -41.94 21.70 2.47
C SER C 740 -40.58 21.02 2.47
N ILE C 741 -39.66 21.49 3.29
CA ILE C 741 -38.33 20.89 3.35
C ILE C 741 -38.40 19.48 3.94
N GLU C 742 -39.14 19.32 5.04
CA GLU C 742 -39.20 18.03 5.70
C GLU C 742 -40.00 17.00 4.91
N ALA C 743 -40.94 17.47 4.08
CA ALA C 743 -41.66 16.55 3.21
C ALA C 743 -40.71 15.89 2.21
N GLU C 744 -39.94 16.71 1.49
CA GLU C 744 -38.90 16.21 0.59
C GLU C 744 -37.54 16.18 1.28
N GLU C 745 -37.47 15.52 2.44
CA GLU C 745 -36.21 15.44 3.18
C GLU C 745 -35.40 14.22 2.79
N SER C 746 -36.06 13.07 2.58
CA SER C 746 -35.37 11.87 2.15
C SER C 746 -34.92 11.94 0.69
N SER C 747 -35.41 12.92 -0.07
CA SER C 747 -35.04 13.07 -1.47
C SER C 747 -33.81 13.95 -1.65
N LEU C 748 -33.81 15.12 -1.02
CA LEU C 748 -32.69 16.06 -1.12
C LEU C 748 -31.77 15.89 0.10
N THR C 749 -31.02 14.80 0.07
CA THR C 749 -30.10 14.49 1.16
C THR C 749 -29.01 13.57 0.64
N GLY C 750 -27.92 13.48 1.40
CA GLY C 750 -26.80 12.64 1.03
C GLY C 750 -26.91 11.23 1.57
N THR D 2 -3.56 25.45 25.96
CA THR D 2 -3.73 26.90 25.92
C THR D 2 -2.43 27.58 25.50
N ILE D 3 -1.92 27.19 24.32
CA ILE D 3 -0.71 27.80 23.78
C ILE D 3 -1.04 29.17 23.24
N GLU D 4 -0.26 30.18 23.64
CA GLU D 4 -0.51 31.56 23.24
C GLU D 4 0.49 32.10 22.24
N SER D 5 1.62 31.42 22.02
CA SER D 5 2.63 31.94 21.11
C SER D 5 3.44 30.78 20.53
N ILE D 6 3.63 30.81 19.22
CA ILE D 6 4.48 29.86 18.51
C ILE D 6 5.43 30.66 17.63
N ARG D 7 6.73 30.49 17.85
CA ARG D 7 7.75 31.25 17.13
C ARG D 7 8.71 30.29 16.44
N VAL D 8 8.95 30.50 15.16
CA VAL D 8 9.86 29.69 14.35
C VAL D 8 10.92 30.62 13.76
N LYS D 9 12.18 30.24 13.94
CA LYS D 9 13.31 31.02 13.44
C LYS D 9 14.24 30.12 12.65
N ASN D 10 14.39 30.41 11.36
CA ASN D 10 15.32 29.72 10.47
C ASN D 10 15.05 28.21 10.44
N LEU D 11 13.85 27.87 9.97
CA LEU D 11 13.48 26.47 9.77
C LEU D 11 12.49 26.39 8.62
N LEU D 12 12.74 25.45 7.71
CA LEU D 12 11.89 25.21 6.55
C LEU D 12 11.72 26.48 5.73
N SER D 13 10.54 27.11 5.81
CA SER D 13 10.25 28.32 5.06
C SER D 13 9.99 29.52 5.98
N PHE D 14 10.44 29.44 7.23
CA PHE D 14 10.26 30.52 8.19
C PHE D 14 11.62 31.15 8.51
N ASP D 15 11.70 32.47 8.38
CA ASP D 15 12.88 33.21 8.81
C ASP D 15 12.73 33.66 10.26
N ASP D 16 11.67 34.42 10.55
CA ASP D 16 11.30 34.76 11.93
C ASP D 16 9.80 34.99 11.93
N VAL D 17 9.04 33.96 12.28
CA VAL D 17 7.58 33.99 12.20
C VAL D 17 7.01 33.73 13.59
N ILE D 18 6.15 34.64 14.05
CA ILE D 18 5.54 34.55 15.37
C ILE D 18 4.02 34.57 15.20
N LEU D 19 3.35 33.60 15.82
CA LEU D 19 1.90 33.50 15.84
C LEU D 19 1.45 33.64 17.29
N ARG D 20 0.46 34.52 17.52
CA ARG D 20 0.00 34.79 18.87
C ARG D 20 -1.47 35.18 18.81
N ASP D 21 -2.05 35.38 20.00
CA ASP D 21 -3.45 35.81 20.15
C ASP D 21 -4.41 34.82 19.49
N PHE D 22 -4.37 33.58 19.98
CA PHE D 22 -5.21 32.54 19.44
C PHE D 22 -6.61 32.58 20.07
N ARG D 23 -7.58 32.06 19.33
CA ARG D 23 -8.96 31.96 19.77
C ARG D 23 -9.35 30.49 19.92
N ASP D 24 -10.63 30.27 20.25
CA ASP D 24 -11.13 28.90 20.33
C ASP D 24 -11.12 28.24 18.95
N ILE D 25 -11.49 28.98 17.91
CA ILE D 25 -11.48 28.49 16.54
C ILE D 25 -10.54 29.35 15.73
N ASN D 26 -9.60 28.72 15.03
CA ASN D 26 -8.65 29.41 14.18
C ASN D 26 -8.73 28.84 12.77
N CYS D 27 -8.90 29.72 11.79
CA CYS D 27 -9.02 29.33 10.39
C CYS D 27 -7.81 29.81 9.63
N ILE D 28 -7.13 28.88 8.95
CA ILE D 28 -5.92 29.17 8.19
C ILE D 28 -6.28 29.15 6.71
N ILE D 29 -6.11 30.30 6.05
CA ILE D 29 -6.37 30.42 4.62
C ILE D 29 -5.15 31.05 3.96
N GLY D 30 -5.04 30.85 2.67
CA GLY D 30 -3.95 31.42 1.90
C GLY D 30 -3.65 30.57 0.69
N ARG D 31 -2.98 31.20 -0.29
CA ARG D 31 -2.59 30.53 -1.51
C ARG D 31 -1.27 29.79 -1.40
N ASN D 32 -0.59 29.92 -0.26
CA ASN D 32 0.72 29.29 -0.04
C ASN D 32 0.51 28.08 0.85
N ASN D 33 0.23 26.93 0.22
CA ASN D 33 0.03 25.69 0.98
C ASN D 33 1.32 25.20 1.62
N VAL D 34 2.46 25.54 1.01
CA VAL D 34 3.75 25.11 1.55
C VAL D 34 3.95 25.69 2.95
N GLY D 35 3.48 26.92 3.18
CA GLY D 35 3.60 27.50 4.51
C GLY D 35 2.80 26.75 5.55
N LYS D 36 1.55 26.37 5.22
CA LYS D 36 0.74 25.60 6.15
C LYS D 36 1.38 24.24 6.42
N SER D 37 1.88 23.58 5.37
CA SER D 37 2.53 22.30 5.55
C SER D 37 3.76 22.43 6.44
N ASN D 38 4.57 23.48 6.24
CA ASN D 38 5.76 23.67 7.05
C ASN D 38 5.41 23.97 8.50
N LEU D 39 4.35 24.77 8.74
CA LEU D 39 3.93 25.02 10.11
C LEU D 39 3.48 23.75 10.79
N LEU D 40 2.72 22.92 10.07
CA LEU D 40 2.29 21.64 10.64
C LEU D 40 3.48 20.74 10.94
N LYS D 41 4.46 20.72 10.03
CA LYS D 41 5.68 19.93 10.26
C LYS D 41 6.43 20.43 11.49
N VAL D 42 6.50 21.75 11.66
CA VAL D 42 7.19 22.31 12.83
C VAL D 42 6.49 21.89 14.11
N ILE D 43 5.16 21.99 14.14
CA ILE D 43 4.42 21.63 15.34
C ILE D 43 4.58 20.14 15.64
N ARG D 44 4.47 19.29 14.62
CA ARG D 44 4.60 17.86 14.83
C ARG D 44 6.00 17.48 15.28
N TYR D 45 7.03 18.12 14.72
CA TYR D 45 8.40 17.86 15.14
C TYR D 45 8.62 18.29 16.58
N PHE D 46 8.09 19.45 16.96
CA PHE D 46 8.22 19.90 18.34
C PHE D 46 7.56 18.93 19.31
N TYR D 47 6.36 18.46 18.98
CA TYR D 47 5.66 17.54 19.86
C TYR D 47 6.25 16.14 19.84
N ALA D 48 6.94 15.76 18.76
CA ALA D 48 7.64 14.48 18.74
C ALA D 48 8.90 14.55 19.60
N LYS D 49 9.61 15.68 19.54
CA LYS D 49 10.79 15.84 20.39
C LYS D 49 10.40 16.02 21.85
N LEU D 50 9.18 16.51 22.13
CA LEU D 50 8.70 16.55 23.50
C LEU D 50 8.58 15.16 24.10
N GLU D 51 8.11 14.19 23.30
CA GLU D 51 7.87 12.83 23.75
C GLU D 51 9.06 11.91 23.51
N ASN D 52 10.23 12.47 23.18
CA ASN D 52 11.46 11.71 22.98
C ASN D 52 11.29 10.65 21.89
N LYS D 53 11.02 11.13 20.68
CA LYS D 53 10.93 10.29 19.49
C LYS D 53 12.06 10.66 18.54
N LYS D 54 12.75 9.64 18.02
CA LYS D 54 13.89 9.85 17.12
C LYS D 54 13.34 10.18 15.74
N VAL D 55 13.39 11.46 15.37
CA VAL D 55 12.92 11.93 14.08
C VAL D 55 14.01 12.81 13.46
N ILE D 56 13.98 12.89 12.13
CA ILE D 56 14.99 13.66 11.41
C ILE D 56 14.82 15.14 11.73
N PRO D 57 15.91 15.90 11.91
CA PRO D 57 15.77 17.33 12.18
C PRO D 57 15.23 18.07 10.97
N LEU D 58 14.56 19.19 11.25
CA LEU D 58 14.01 20.02 10.19
C LEU D 58 15.11 20.79 9.48
N ASP D 59 14.92 21.01 8.18
CA ASP D 59 15.92 21.71 7.38
C ASP D 59 15.91 23.21 7.71
N PHE D 60 17.09 23.81 7.70
CA PHE D 60 17.23 25.23 7.94
C PHE D 60 16.77 26.03 6.72
N HIS D 61 16.18 27.20 6.99
CA HIS D 61 15.81 28.10 5.91
C HIS D 61 17.03 28.61 5.17
N THR D 62 18.08 28.98 5.90
CA THR D 62 19.35 29.40 5.32
C THR D 62 20.48 28.73 6.09
N ASN D 63 21.53 28.35 5.35
CA ASN D 63 22.67 27.67 5.93
C ASN D 63 23.70 28.63 6.52
N TYR D 64 23.47 29.93 6.43
CA TYR D 64 24.36 30.92 7.03
C TYR D 64 24.01 31.20 8.49
N ASN D 65 23.05 30.48 9.06
CA ASN D 65 22.77 30.49 10.48
C ASN D 65 22.95 29.09 11.04
N ALA D 66 23.58 29.00 12.21
CA ALA D 66 23.89 27.73 12.83
C ALA D 66 22.85 27.29 13.85
N VAL D 67 21.75 28.02 13.98
CA VAL D 67 20.74 27.75 15.00
C VAL D 67 19.37 27.80 14.35
N GLY D 68 18.56 26.77 14.62
CA GLY D 68 17.15 26.81 14.27
C GLY D 68 16.28 26.70 15.51
N GLU D 69 15.44 27.69 15.77
CA GLU D 69 14.72 27.80 17.02
C GLU D 69 13.22 27.62 16.82
N ILE D 70 12.60 26.86 17.72
CA ILE D 70 11.16 26.75 17.83
C ILE D 70 10.77 27.11 19.25
N THR D 71 9.99 28.17 19.41
CA THR D 71 9.61 28.67 20.72
C THR D 71 8.12 28.51 20.92
N PHE D 72 7.73 27.88 22.02
CA PHE D 72 6.34 27.65 22.37
C PHE D 72 6.06 28.27 23.74
N THR D 73 5.01 29.07 23.81
CA THR D 73 4.58 29.70 25.05
C THR D 73 3.23 29.13 25.46
N PHE D 74 3.16 28.57 26.67
CA PHE D 74 1.98 27.92 27.19
C PHE D 74 1.38 28.79 28.29
N ASP D 75 0.07 29.01 28.23
CA ASP D 75 -0.65 29.73 29.28
C ASP D 75 -0.98 28.74 30.39
N THR D 76 -0.39 28.95 31.56
CA THR D 76 -0.53 28.02 32.68
C THR D 76 -1.32 28.61 33.83
N THR D 77 -2.18 29.60 33.56
CA THR D 77 -2.95 30.24 34.63
C THR D 77 -3.94 29.27 35.25
N ARG D 78 -4.70 28.56 34.41
CA ARG D 78 -5.71 27.63 34.92
C ARG D 78 -5.07 26.50 35.71
N ILE D 79 -4.00 25.91 35.18
CA ILE D 79 -3.37 24.79 35.87
C ILE D 79 -2.70 25.25 37.16
N LYS D 80 -2.12 26.45 37.16
CA LYS D 80 -1.54 27.00 38.39
C LYS D 80 -2.63 27.22 39.44
N LYS D 81 -3.77 27.75 39.03
CA LYS D 81 -4.87 27.94 39.97
C LYS D 81 -5.37 26.61 40.52
N ILE D 82 -5.44 25.59 39.67
CA ILE D 82 -5.92 24.28 40.10
C ILE D 82 -4.95 23.66 41.10
N VAL D 83 -3.65 23.72 40.79
CA VAL D 83 -2.65 23.06 41.63
C VAL D 83 -2.28 23.88 42.86
N THR D 84 -2.63 25.16 42.90
CA THR D 84 -2.30 26.00 44.05
C THR D 84 -3.24 25.77 45.23
N SER D 85 -4.48 25.38 44.96
CA SER D 85 -5.46 25.21 46.03
C SER D 85 -4.96 24.22 47.08
N ARG D 86 -5.20 24.57 48.36
CA ARG D 86 -4.71 23.75 49.47
C ARG D 86 -5.45 22.43 49.62
N LYS D 87 -6.59 22.25 48.95
CA LYS D 87 -7.37 21.03 49.04
C LYS D 87 -7.18 20.10 47.85
N ASN D 88 -6.05 20.20 47.16
CA ASN D 88 -5.71 19.35 46.03
C ASN D 88 -4.36 18.68 46.26
N ASN D 89 -4.19 18.12 47.46
CA ASN D 89 -2.97 17.43 47.85
C ASN D 89 -2.99 15.98 47.34
N GLY D 90 -3.02 15.83 46.03
CA GLY D 90 -3.03 14.53 45.39
C GLY D 90 -1.63 14.10 45.00
N ARG D 91 -1.55 13.25 43.97
CA ARG D 91 -0.27 12.79 43.47
C ARG D 91 0.13 13.46 42.17
N PHE D 92 -0.79 13.58 41.22
CA PHE D 92 -0.48 14.24 39.95
C PHE D 92 -0.36 15.74 40.13
N HIS D 93 -1.22 16.33 40.97
CA HIS D 93 -1.15 17.78 41.21
C HIS D 93 0.16 18.17 41.88
N LYS D 94 0.59 17.38 42.87
CA LYS D 94 1.88 17.65 43.52
C LYS D 94 3.01 17.53 42.52
N HIS D 95 2.94 16.55 41.62
CA HIS D 95 3.96 16.42 40.58
C HIS D 95 4.00 17.65 39.69
N ILE D 96 2.82 18.17 39.31
CA ILE D 96 2.78 19.38 38.49
C ILE D 96 3.40 20.56 39.24
N TYR D 97 3.06 20.70 40.52
CA TYR D 97 3.61 21.80 41.30
C TYR D 97 5.12 21.70 41.42
N ASN D 98 5.64 20.48 41.63
CA ASN D 98 7.07 20.31 41.81
C ASN D 98 7.84 20.55 40.52
N THR D 99 7.35 20.01 39.39
CA THR D 99 8.12 20.11 38.15
C THR D 99 7.76 21.31 37.29
N LEU D 100 6.77 22.10 37.66
CA LEU D 100 6.40 23.22 36.80
C LEU D 100 6.32 24.54 37.55
N PHE D 101 5.87 24.55 38.79
CA PHE D 101 5.65 25.78 39.57
C PHE D 101 6.45 25.77 40.86
N LYS D 102 7.68 25.26 40.80
CA LYS D 102 8.57 25.30 41.95
C LYS D 102 9.89 26.01 41.68
N SER D 103 10.42 25.93 40.46
CA SER D 103 11.64 26.66 40.13
C SER D 103 11.42 28.17 40.23
N SER D 104 10.27 28.65 39.76
CA SER D 104 9.92 30.05 39.92
C SER D 104 9.49 30.40 41.33
N SER D 105 9.03 29.41 42.11
CA SER D 105 8.58 29.70 43.47
C SER D 105 9.74 29.95 44.41
N VAL D 106 10.82 29.16 44.28
CA VAL D 106 11.98 29.35 45.16
C VAL D 106 12.66 30.68 44.88
N LYS D 107 12.68 31.12 43.63
CA LYS D 107 13.25 32.42 43.28
C LYS D 107 12.30 33.57 43.58
N LEU D 108 11.06 33.29 43.94
CA LEU D 108 10.05 34.30 44.27
C LEU D 108 9.36 33.92 45.59
N ASN D 109 10.17 33.59 46.60
CA ASN D 109 9.67 33.12 47.87
C ASN D 109 9.37 34.25 48.85
N PHE D 110 9.52 35.50 48.45
CA PHE D 110 9.25 36.62 49.33
C PHE D 110 7.79 36.62 49.75
N GLU D 111 7.55 36.80 51.05
CA GLU D 111 6.18 36.77 51.57
C GLU D 111 5.34 37.92 51.03
N GLU D 112 5.94 39.12 50.95
CA GLU D 112 5.20 40.27 50.45
C GLU D 112 5.03 40.25 48.94
N LEU D 113 5.98 39.67 48.22
CA LEU D 113 5.95 39.71 46.76
C LEU D 113 4.93 38.75 46.17
N ILE D 114 4.69 37.60 46.81
CA ILE D 114 3.71 36.64 46.30
C ILE D 114 2.30 37.18 46.35
N ALA D 115 2.03 38.19 47.18
CA ALA D 115 0.69 38.78 47.24
C ALA D 115 0.32 39.42 45.90
N ARG D 116 1.28 40.09 45.26
CA ARG D 116 1.03 40.71 43.97
C ARG D 116 0.84 39.70 42.85
N LYS D 117 1.19 38.43 43.08
CA LYS D 117 1.08 37.40 42.07
C LYS D 117 -0.37 36.95 41.93
N ASN D 118 -0.58 35.85 41.19
CA ASN D 118 -1.86 35.23 40.87
C ASN D 118 -2.99 36.25 40.70
N SER D 119 -4.04 36.16 41.51
CA SER D 119 -5.18 37.06 41.44
C SER D 119 -5.76 37.10 40.02
N THR D 120 -5.53 38.19 39.31
CA THR D 120 -6.01 38.35 37.94
C THR D 120 -4.88 38.32 36.92
N ASN D 121 -3.65 38.04 37.35
CA ASN D 121 -2.52 38.00 36.44
C ASN D 121 -2.47 36.66 35.70
N LYS D 122 -1.62 36.60 34.68
CA LYS D 122 -1.49 35.42 33.84
C LYS D 122 -0.05 34.92 33.89
N SER D 123 0.10 33.59 33.96
CA SER D 123 1.40 32.95 34.02
C SER D 123 1.69 32.26 32.70
N PHE D 124 2.91 32.45 32.19
CA PHE D 124 3.33 31.89 30.91
C PHE D 124 4.58 31.04 31.11
N PHE D 125 4.68 29.96 30.35
CA PHE D 125 5.84 29.07 30.36
C PHE D 125 6.39 28.98 28.95
N SER D 126 7.66 29.36 28.79
CA SER D 126 8.30 29.41 27.48
C SER D 126 9.29 28.25 27.35
N LEU D 127 9.18 27.50 26.25
CA LEU D 127 10.07 26.39 25.98
C LEU D 127 10.63 26.54 24.58
N THR D 128 11.96 26.48 24.46
CA THR D 128 12.65 26.70 23.19
C THR D 128 13.43 25.46 22.81
N LEU D 129 13.24 25.00 21.58
CA LEU D 129 13.98 23.89 20.99
C LEU D 129 14.97 24.46 19.98
N THR D 130 16.24 24.11 20.13
CA THR D 130 17.30 24.61 19.28
C THR D 130 17.95 23.45 18.55
N ILE D 131 18.02 23.56 17.22
CA ILE D 131 18.66 22.59 16.35
C ILE D 131 19.97 23.20 15.85
N CYS D 132 21.05 22.44 15.99
CA CYS D 132 22.37 22.88 15.59
C CYS D 132 22.72 22.31 14.21
N LYS D 133 23.88 22.71 13.69
CA LYS D 133 24.29 22.27 12.37
C LYS D 133 24.58 20.77 12.35
N ASP D 134 25.00 20.20 13.48
CA ASP D 134 25.34 18.78 13.57
C ASP D 134 24.15 17.92 13.98
N ASP D 135 22.93 18.36 13.67
CA ASP D 135 21.68 17.66 13.97
C ASP D 135 21.42 17.51 15.46
N SER D 136 22.19 18.21 16.30
CA SER D 136 21.97 18.15 17.73
C SER D 136 20.81 19.06 18.12
N VAL D 137 19.90 18.55 18.94
CA VAL D 137 18.72 19.27 19.38
C VAL D 137 18.75 19.36 20.90
N MET D 138 18.62 20.57 21.42
CA MET D 138 18.59 20.76 22.86
C MET D 138 17.57 21.83 23.25
N TRP D 139 17.11 21.73 24.49
CA TRP D 139 16.02 22.54 25.01
C TRP D 139 16.56 23.63 25.94
N SER D 140 15.67 24.54 26.33
CA SER D 140 15.99 25.56 27.31
C SER D 140 15.85 25.08 28.74
N VAL D 141 15.23 23.93 28.96
CA VAL D 141 15.12 23.31 30.27
C VAL D 141 15.74 21.92 30.21
N ASP D 142 16.62 21.61 31.15
CA ASP D 142 17.29 20.32 31.21
C ASP D 142 16.54 19.37 32.15
N ASP D 143 15.28 19.12 31.82
CA ASP D 143 14.44 18.25 32.64
C ASP D 143 13.41 17.55 31.76
N PRO D 144 13.58 16.26 31.49
CA PRO D 144 12.57 15.53 30.71
C PRO D 144 11.20 15.51 31.36
N LYS D 145 11.13 15.64 32.69
CA LYS D 145 9.83 15.66 33.37
C LYS D 145 9.00 16.86 32.93
N VAL D 146 9.63 18.02 32.76
CA VAL D 146 8.90 19.20 32.32
C VAL D 146 8.34 18.98 30.92
N ARG D 147 9.15 18.43 30.01
CA ARG D 147 8.68 18.17 28.65
C ARG D 147 7.53 17.17 28.64
N SER D 148 7.65 16.10 29.43
CA SER D 148 6.59 15.10 29.48
C SER D 148 5.31 15.69 30.05
N LEU D 149 5.41 16.52 31.08
CA LEU D 149 4.22 17.15 31.65
C LEU D 149 3.57 18.10 30.66
N LEU D 150 4.38 18.87 29.93
CA LEU D 150 3.82 19.76 28.92
C LEU D 150 3.14 18.97 27.80
N ALA D 151 3.73 17.84 27.41
CA ALA D 151 3.13 17.00 26.38
C ALA D 151 1.79 16.41 26.86
N THR D 152 1.73 15.97 28.11
CA THR D 152 0.52 15.34 28.61
C THR D 152 -0.54 16.34 29.08
N LEU D 153 -0.17 17.61 29.23
CA LEU D 153 -1.13 18.65 29.61
C LEU D 153 -1.63 19.46 28.44
N TYR D 154 -0.85 19.59 27.38
CA TYR D 154 -1.24 20.31 26.17
C TYR D 154 -0.98 19.42 24.95
N PRO D 155 -1.72 18.33 24.81
CA PRO D 155 -1.48 17.41 23.69
C PRO D 155 -1.88 18.02 22.36
N PHE D 156 -1.25 17.51 21.31
CA PHE D 156 -1.51 17.97 19.94
C PHE D 156 -2.12 16.83 19.14
N LEU D 157 -3.20 17.11 18.43
CA LEU D 157 -3.87 16.16 17.58
C LEU D 157 -3.93 16.69 16.15
N TYR D 158 -3.70 15.81 15.18
CA TYR D 158 -3.74 16.15 13.77
C TYR D 158 -4.73 15.22 13.06
N ILE D 159 -5.64 15.81 12.29
CA ILE D 159 -6.66 15.07 11.57
C ILE D 159 -6.58 15.44 10.10
N GLU D 160 -6.21 14.48 9.27
CA GLU D 160 -6.14 14.65 7.81
C GLU D 160 -7.38 14.00 7.21
N THR D 161 -8.34 14.84 6.79
CA THR D 161 -9.58 14.30 6.25
C THR D 161 -9.38 13.71 4.86
N ARG D 162 -8.47 14.27 4.07
CA ARG D 162 -8.25 13.78 2.71
C ARG D 162 -7.71 12.36 2.71
N HIS D 163 -6.81 12.04 3.63
CA HIS D 163 -6.19 10.72 3.72
C HIS D 163 -6.61 9.98 5.00
N ILE D 164 -7.89 10.09 5.35
CA ILE D 164 -8.42 9.40 6.53
C ILE D 164 -8.93 8.03 6.11
N ASP D 165 -8.95 7.10 7.06
CA ASP D 165 -9.45 5.75 6.85
C ASP D 165 -10.65 5.51 7.74
N LEU D 166 -11.72 4.95 7.18
CA LEU D 166 -12.93 4.65 7.93
C LEU D 166 -12.90 3.30 8.63
N TYR D 167 -11.85 2.51 8.40
CA TYR D 167 -11.75 1.18 9.00
C TYR D 167 -11.00 1.17 10.33
N ASP D 168 -10.52 2.32 10.79
CA ASP D 168 -9.80 2.42 12.05
C ASP D 168 -10.27 3.64 12.81
N TRP D 169 -10.15 3.58 14.13
CA TRP D 169 -10.56 4.65 15.04
C TRP D 169 -9.42 4.99 15.99
N ASN D 170 -8.21 5.09 15.45
CA ASN D 170 -7.03 5.30 16.30
C ASN D 170 -7.11 6.59 17.14
N PRO D 171 -7.41 7.76 16.57
CA PRO D 171 -7.49 8.96 17.43
C PRO D 171 -8.56 8.85 18.49
N ILE D 172 -9.71 8.22 18.17
CA ILE D 172 -10.79 8.11 19.14
C ILE D 172 -10.37 7.24 20.31
N TRP D 173 -9.80 6.06 20.03
CA TRP D 173 -9.39 5.18 21.13
C TRP D 173 -8.22 5.76 21.90
N LYS D 174 -7.31 6.49 21.22
CA LYS D 174 -6.23 7.15 21.93
C LYS D 174 -6.78 8.20 22.90
N LEU D 175 -7.74 9.00 22.44
CA LEU D 175 -8.35 10.00 23.32
C LEU D 175 -9.09 9.35 24.48
N ILE D 176 -9.82 8.26 24.21
CA ILE D 176 -10.56 7.59 25.26
C ILE D 176 -9.60 7.03 26.31
N SER D 177 -8.51 6.40 25.87
CA SER D 177 -7.57 5.81 26.82
C SER D 177 -6.84 6.89 27.61
N ASN D 178 -6.39 7.95 26.94
CA ASN D 178 -5.61 8.98 27.64
C ASN D 178 -6.48 9.86 28.51
N LEU D 179 -7.67 10.21 28.03
CA LEU D 179 -8.55 11.14 28.73
C LEU D 179 -9.59 10.35 29.53
N ASN D 180 -9.22 9.97 30.74
CA ASN D 180 -10.12 9.26 31.65
C ASN D 180 -9.80 9.69 33.07
N SER D 181 -10.80 9.59 33.95
CA SER D 181 -10.65 9.90 35.36
C SER D 181 -10.88 8.68 36.23
N PHE D 182 -10.87 7.48 35.65
CA PHE D 182 -11.09 6.24 36.37
C PHE D 182 -9.77 5.53 36.61
N ASN D 183 -9.83 4.38 37.28
CA ASN D 183 -8.66 3.57 37.61
C ASN D 183 -8.93 2.10 37.24
N PHE D 184 -8.72 1.78 35.96
CA PHE D 184 -8.98 0.43 35.46
C PHE D 184 -7.91 -0.54 35.93
N ASP D 185 -7.77 -0.67 37.23
CA ASP D 185 -6.82 -1.56 37.90
C ASP D 185 -7.50 -2.35 39.01
N ASP D 186 -8.41 -1.74 39.75
CA ASP D 186 -9.22 -2.47 40.73
C ASP D 186 -9.95 -3.64 40.07
N VAL D 187 -10.54 -3.41 38.89
CA VAL D 187 -11.11 -4.50 38.12
C VAL D 187 -10.06 -5.56 37.87
N ASP D 188 -10.40 -6.81 38.19
CA ASP D 188 -9.50 -7.95 38.05
C ASP D 188 -10.09 -8.95 37.06
N HIS D 189 -9.20 -9.49 36.22
CA HIS D 189 -9.62 -10.42 35.16
C HIS D 189 -10.38 -11.62 35.70
N ASP D 190 -9.94 -12.16 36.84
CA ASP D 190 -10.56 -13.37 37.38
C ASP D 190 -12.07 -13.22 37.55
N GLU D 191 -12.52 -12.14 38.20
CA GLU D 191 -13.94 -11.98 38.47
C GLU D 191 -14.73 -11.77 37.19
N LEU D 192 -14.20 -10.92 36.28
CA LEU D 192 -14.79 -10.78 34.95
C LEU D 192 -15.09 -12.14 34.34
N VAL D 193 -14.08 -13.01 34.29
CA VAL D 193 -14.24 -14.32 33.66
C VAL D 193 -15.29 -15.11 34.42
N ASN D 194 -15.06 -15.32 35.73
CA ASN D 194 -16.02 -16.02 36.59
C ASN D 194 -17.46 -15.64 36.29
N PHE D 195 -17.75 -14.34 36.21
CA PHE D 195 -19.09 -13.88 35.91
C PHE D 195 -19.52 -14.27 34.51
N LEU D 196 -18.63 -14.13 33.52
CA LEU D 196 -18.99 -14.51 32.16
C LEU D 196 -19.31 -16.00 32.08
N ASP D 197 -18.51 -16.83 32.76
CA ASP D 197 -18.76 -18.26 32.81
C ASP D 197 -20.09 -18.58 33.48
N GLU D 198 -20.39 -17.89 34.58
CA GLU D 198 -21.64 -18.12 35.28
C GLU D 198 -22.85 -17.71 34.43
N LYS D 199 -22.69 -16.72 33.57
CA LYS D 199 -23.83 -16.18 32.82
C LYS D 199 -23.89 -16.65 31.38
N ILE D 200 -22.89 -17.38 30.88
CA ILE D 200 -22.85 -17.68 29.45
C ILE D 200 -23.74 -18.87 29.08
N SER D 201 -23.40 -20.08 29.55
CA SER D 201 -24.13 -21.29 29.18
C SER D 201 -23.55 -22.51 29.90
N SER D 202 -24.18 -23.66 29.68
CA SER D 202 -23.67 -24.98 30.08
C SER D 202 -23.51 -24.98 31.61
N ARG D 203 -22.47 -25.64 32.13
CA ARG D 203 -22.28 -25.79 33.57
C ARG D 203 -21.35 -24.69 34.08
N LYS D 204 -20.91 -24.83 35.33
CA LYS D 204 -20.01 -23.86 35.95
C LYS D 204 -18.56 -24.26 35.67
N GLY D 205 -17.75 -23.29 35.25
CA GLY D 205 -16.34 -23.50 35.01
C GLY D 205 -15.97 -23.92 33.60
N ASP D 206 -16.95 -24.20 32.73
CA ASP D 206 -16.62 -24.62 31.38
C ASP D 206 -15.98 -23.48 30.58
N TYR D 207 -16.58 -22.29 30.63
CA TYR D 207 -16.02 -21.14 29.92
C TYR D 207 -14.68 -20.74 30.51
N LYS D 208 -14.53 -20.85 31.83
CA LYS D 208 -13.24 -20.57 32.46
C LYS D 208 -12.16 -21.53 31.97
N LYS D 209 -12.50 -22.83 31.87
CA LYS D 209 -11.55 -23.79 31.33
C LYS D 209 -11.21 -23.48 29.88
N TYR D 210 -12.22 -23.09 29.09
CA TYR D 210 -11.97 -22.74 27.69
C TYR D 210 -11.01 -21.56 27.59
N ILE D 211 -11.25 -20.50 28.38
CA ILE D 211 -10.37 -19.33 28.34
C ILE D 211 -8.97 -19.69 28.82
N ASP D 212 -8.87 -20.50 29.87
CA ASP D 212 -7.56 -20.88 30.38
C ASP D 212 -6.79 -21.69 29.35
N ARG D 213 -7.45 -22.63 28.68
CA ARG D 213 -6.74 -23.46 27.70
C ARG D 213 -6.40 -22.66 26.44
N VAL D 214 -7.19 -21.63 26.12
CA VAL D 214 -6.81 -20.76 25.02
C VAL D 214 -5.60 -19.91 25.39
N VAL D 215 -5.58 -19.37 26.60
CA VAL D 215 -4.48 -18.49 27.02
C VAL D 215 -3.19 -19.28 27.17
N SER D 216 -3.27 -20.49 27.73
CA SER D 216 -2.06 -21.26 28.01
C SER D 216 -1.32 -21.69 26.75
N VAL D 217 -1.95 -21.60 25.59
CA VAL D 217 -1.34 -22.09 24.35
C VAL D 217 -1.19 -20.98 23.32
N ILE D 218 -1.22 -19.72 23.75
CA ILE D 218 -1.10 -18.60 22.84
C ILE D 218 0.17 -17.79 23.07
N ASP D 219 0.69 -17.77 24.30
CA ASP D 219 1.95 -17.10 24.64
C ASP D 219 1.95 -15.64 24.19
N THR D 220 1.04 -14.87 24.77
CA THR D 220 0.87 -13.47 24.45
C THR D 220 1.16 -12.62 25.68
N LYS D 221 1.83 -11.49 25.47
CA LYS D 221 2.11 -10.58 26.56
C LYS D 221 0.82 -9.92 27.03
N PRO D 222 0.74 -9.56 28.32
CA PRO D 222 -0.49 -8.93 28.83
C PRO D 222 -0.71 -7.57 28.22
N TYR D 223 -1.97 -7.16 28.17
CA TYR D 223 -2.33 -5.88 27.60
C TYR D 223 -1.74 -4.74 28.44
N THR D 224 -1.44 -3.63 27.77
CA THR D 224 -1.12 -2.40 28.46
C THR D 224 -2.39 -1.75 29.00
N TYR D 225 -2.20 -0.70 29.80
CA TYR D 225 -3.36 -0.01 30.39
C TYR D 225 -4.24 0.59 29.30
N LYS D 226 -3.63 1.21 28.30
CA LYS D 226 -4.41 1.80 27.22
C LYS D 226 -5.20 0.74 26.45
N GLU D 227 -4.55 -0.38 26.12
CA GLU D 227 -5.25 -1.44 25.41
C GLU D 227 -6.37 -2.03 26.26
N LYS D 228 -6.12 -2.21 27.56
CA LYS D 228 -7.14 -2.78 28.43
C LYS D 228 -8.35 -1.85 28.54
N VAL D 229 -8.12 -0.55 28.70
CA VAL D 229 -9.25 0.37 28.80
C VAL D 229 -9.97 0.48 27.46
N ILE D 230 -9.23 0.38 26.35
CA ILE D 230 -9.89 0.40 25.03
C ILE D 230 -10.80 -0.82 24.89
N ASN D 231 -10.32 -1.99 25.30
CA ASN D 231 -11.16 -3.20 25.23
C ASN D 231 -12.38 -3.07 26.13
N TYR D 232 -12.19 -2.54 27.35
CA TYR D 232 -13.32 -2.35 28.25
C TYR D 232 -14.35 -1.39 27.67
N ILE D 233 -13.90 -0.30 27.07
CA ILE D 233 -14.82 0.64 26.44
C ILE D 233 -15.54 -0.01 25.27
N LYS D 234 -14.81 -0.76 24.44
CA LYS D 234 -15.43 -1.43 23.30
C LYS D 234 -16.52 -2.39 23.74
N VAL D 235 -16.26 -3.17 24.80
CA VAL D 235 -17.28 -4.08 25.31
C VAL D 235 -18.45 -3.32 25.90
N ALA D 236 -18.16 -2.24 26.64
CA ALA D 236 -19.22 -1.51 27.34
C ALA D 236 -20.11 -0.70 26.42
N ILE D 237 -19.68 -0.43 25.19
CA ILE D 237 -20.47 0.36 24.26
C ILE D 237 -21.17 -0.58 23.29
N LYS D 238 -22.16 -0.02 22.58
CA LYS D 238 -22.95 -0.79 21.63
C LYS D 238 -22.74 -0.32 20.19
N GLY D 239 -21.61 0.33 19.92
CA GLY D 239 -21.33 0.81 18.57
C GLY D 239 -19.85 0.71 18.26
N ASP D 240 -19.55 0.64 16.97
CA ASP D 240 -18.18 0.54 16.50
C ASP D 240 -17.62 1.92 16.17
N SER D 258 -16.58 10.60 6.06
CA SER D 258 -15.51 11.54 6.38
C SER D 258 -16.01 12.63 7.32
N ASN D 259 -17.09 13.31 6.93
CA ASN D 259 -17.65 14.37 7.77
C ASN D 259 -18.18 13.81 9.08
N LYS D 260 -18.88 12.67 9.02
CA LYS D 260 -19.41 12.07 10.24
C LYS D 260 -18.29 11.65 11.18
N PHE D 261 -17.22 11.08 10.63
CA PHE D 261 -16.08 10.67 11.45
C PHE D 261 -15.46 11.87 12.16
N LEU D 262 -15.27 12.97 11.42
CA LEU D 262 -14.68 14.17 12.00
C LEU D 262 -15.59 14.77 13.08
N GLU D 263 -16.90 14.83 12.80
CA GLU D 263 -17.83 15.38 13.77
C GLU D 263 -17.85 14.54 15.04
N THR D 264 -17.86 13.22 14.90
CA THR D 264 -17.86 12.35 16.08
C THR D 264 -16.57 12.51 16.87
N LEU D 265 -15.43 12.61 16.18
CA LEU D 265 -14.17 12.78 16.89
C LEU D 265 -14.14 14.08 17.67
N LEU D 266 -14.57 15.19 17.04
CA LEU D 266 -14.58 16.46 17.74
C LEU D 266 -15.56 16.47 18.91
N HIS D 267 -16.75 15.89 18.72
CA HIS D 267 -17.72 15.85 19.81
C HIS D 267 -17.20 15.02 20.98
N LEU D 268 -16.59 13.87 20.69
CA LEU D 268 -16.02 13.05 21.75
C LEU D 268 -14.91 13.80 22.48
N LEU D 269 -14.03 14.47 21.73
CA LEU D 269 -12.93 15.18 22.35
C LEU D 269 -13.43 16.32 23.25
N ILE D 270 -14.42 17.07 22.77
CA ILE D 270 -14.96 18.16 23.59
C ILE D 270 -15.60 17.61 24.85
N THR D 271 -16.41 16.56 24.70
CA THR D 271 -17.10 15.99 25.85
C THR D 271 -16.09 15.47 26.88
N LEU D 272 -15.02 14.83 26.42
CA LEU D 272 -14.01 14.34 27.35
C LEU D 272 -13.25 15.49 28.00
N THR D 273 -12.93 16.53 27.23
CA THR D 273 -12.18 17.66 27.74
C THR D 273 -13.03 18.68 28.50
N ARG D 274 -14.30 18.38 28.75
CA ARG D 274 -15.11 19.26 29.59
C ARG D 274 -15.02 18.94 31.07
N THR D 275 -14.39 17.84 31.45
CA THR D 275 -14.26 17.45 32.86
C THR D 275 -12.81 17.23 33.27
N GLU D 276 -11.86 17.75 32.49
CA GLU D 276 -10.44 17.57 32.77
C GLU D 276 -9.70 18.87 32.49
N PHE D 277 -8.57 19.07 33.18
CA PHE D 277 -7.76 20.25 32.99
C PHE D 277 -6.83 20.14 31.79
N ILE D 278 -6.81 18.98 31.11
CA ILE D 278 -6.06 18.86 29.87
C ILE D 278 -6.73 19.67 28.78
N SER D 279 -5.95 20.54 28.12
CA SER D 279 -6.45 21.41 27.06
C SER D 279 -5.70 21.08 25.78
N PRO D 280 -6.23 20.18 24.96
CA PRO D 280 -5.53 19.79 23.74
C PRO D 280 -5.64 20.86 22.66
N ILE D 281 -4.90 20.64 21.58
CA ILE D 281 -4.91 21.52 20.41
C ILE D 281 -5.09 20.66 19.18
N VAL D 282 -6.16 20.93 18.42
CA VAL D 282 -6.53 20.13 17.26
C VAL D 282 -6.14 20.90 16.00
N TYR D 283 -5.65 20.17 15.01
CA TYR D 283 -5.34 20.73 13.70
C TYR D 283 -6.00 19.86 12.64
N ILE D 284 -7.00 20.39 11.96
CA ILE D 284 -7.75 19.65 10.95
C ILE D 284 -7.36 20.22 9.59
N ASP D 285 -6.82 19.35 8.73
CA ASP D 285 -6.38 19.74 7.40
C ASP D 285 -7.44 19.36 6.39
N GLU D 286 -7.89 20.35 5.61
CA GLU D 286 -8.91 20.18 4.58
C GLU D 286 -10.17 19.52 5.14
N PRO D 287 -10.96 20.23 5.96
CA PRO D 287 -12.19 19.64 6.50
C PRO D 287 -13.34 19.58 5.49
N GLU D 288 -13.13 19.98 4.24
CA GLU D 288 -14.22 20.06 3.27
C GLU D 288 -14.01 19.17 2.04
N VAL D 289 -13.03 18.27 2.07
CA VAL D 289 -12.78 17.43 0.90
C VAL D 289 -13.93 16.45 0.70
N GLY D 290 -14.47 16.42 -0.52
CA GLY D 290 -15.57 15.52 -0.82
C GLY D 290 -16.83 15.83 -0.03
N LEU D 291 -17.11 17.11 0.19
CA LEU D 291 -18.28 17.51 0.95
C LEU D 291 -19.07 18.56 0.18
N HIS D 292 -20.39 18.42 0.23
CA HIS D 292 -21.28 19.46 -0.30
C HIS D 292 -21.14 20.72 0.55
N PRO D 293 -21.31 21.91 -0.06
CA PRO D 293 -21.26 23.14 0.75
C PRO D 293 -22.23 23.12 1.92
N LYS D 294 -23.43 22.57 1.71
CA LYS D 294 -24.36 22.38 2.81
C LYS D 294 -23.77 21.50 3.89
N LEU D 295 -23.01 20.47 3.49
CA LEU D 295 -22.42 19.57 4.47
C LEU D 295 -21.34 20.28 5.30
N ALA D 296 -20.53 21.13 4.65
CA ALA D 296 -19.53 21.89 5.40
C ALA D 296 -20.18 22.88 6.35
N GLU D 297 -21.23 23.57 5.89
CA GLU D 297 -21.95 24.48 6.76
C GLU D 297 -22.58 23.72 7.93
N SER D 298 -23.11 22.53 7.68
CA SER D 298 -23.69 21.72 8.75
C SER D 298 -22.62 21.26 9.73
N PHE D 299 -21.43 20.93 9.24
CA PHE D 299 -20.33 20.57 10.13
C PHE D 299 -19.96 21.71 11.06
N VAL D 300 -19.82 22.92 10.50
CA VAL D 300 -19.48 24.07 11.34
C VAL D 300 -20.62 24.37 12.31
N SER D 301 -21.87 24.24 11.85
CA SER D 301 -23.01 24.51 12.73
C SER D 301 -23.09 23.50 13.87
N ASN D 302 -22.81 22.22 13.58
CA ASN D 302 -22.82 21.21 14.63
C ASN D 302 -21.70 21.47 15.64
N LEU D 303 -20.51 21.83 15.16
CA LEU D 303 -19.43 22.14 16.08
C LEU D 303 -19.80 23.34 16.95
N ASN D 304 -20.42 24.36 16.35
CA ASN D 304 -20.86 25.52 17.13
C ASN D 304 -21.91 25.15 18.15
N LYS D 305 -22.84 24.26 17.78
CA LYS D 305 -23.87 23.82 18.74
C LYS D 305 -23.23 23.07 19.91
N ILE D 306 -22.23 22.23 19.63
CA ILE D 306 -21.52 21.55 20.71
C ILE D 306 -20.81 22.57 21.58
N TYR D 307 -20.20 23.57 20.97
CA TYR D 307 -19.51 24.62 21.72
C TYR D 307 -20.47 25.38 22.63
N SER D 308 -21.65 25.73 22.13
CA SER D 308 -22.60 26.51 22.90
C SER D 308 -23.35 25.69 23.93
N LYS D 309 -23.49 24.38 23.71
CA LYS D 309 -24.24 23.54 24.64
C LYS D 309 -23.57 23.50 26.01
N PHE D 310 -22.25 23.43 26.04
CA PHE D 310 -21.49 23.34 27.28
C PHE D 310 -21.10 24.70 27.83
N LYS D 311 -21.52 25.78 27.20
CA LYS D 311 -21.14 27.13 27.64
C LYS D 311 -22.07 27.59 28.75
N LYS D 312 -21.48 28.03 29.87
CA LYS D 312 -22.22 28.60 30.98
C LYS D 312 -22.03 30.11 30.99
N THR D 313 -23.13 30.86 31.02
CA THR D 313 -23.07 32.32 31.01
C THR D 313 -24.30 32.84 31.74
N SER D 314 -24.11 33.26 32.99
CA SER D 314 -25.15 33.88 33.81
C SER D 314 -26.40 33.02 33.89
N GLU D 315 -27.41 33.35 33.09
CA GLU D 315 -28.68 32.62 33.13
C GLU D 315 -28.51 31.17 32.70
N LEU D 316 -27.65 30.92 31.72
CA LEU D 316 -27.41 29.57 31.22
C LEU D 316 -26.55 28.82 32.24
N SER D 317 -27.19 28.40 33.32
CA SER D 317 -26.52 27.67 34.39
C SER D 317 -27.32 26.42 34.75
N GLY D 318 -26.62 25.39 35.18
CA GLY D 318 -27.23 24.13 35.53
C GLY D 318 -26.44 22.95 35.02
N PRO D 319 -27.05 21.77 35.00
CA PRO D 319 -26.36 20.59 34.47
C PRO D 319 -26.04 20.77 32.98
N GLY D 320 -24.86 20.30 32.59
CA GLY D 320 -24.43 20.40 31.22
C GLY D 320 -23.80 21.72 30.84
N ARG D 321 -23.77 22.69 31.75
CA ARG D 321 -23.13 23.98 31.52
C ARG D 321 -21.84 24.05 32.33
N TYR D 322 -20.72 24.12 31.63
CA TYR D 322 -19.40 24.12 32.24
C TYR D 322 -18.65 25.40 31.88
N LYS D 323 -17.72 25.78 32.75
CA LYS D 323 -16.86 26.94 32.51
C LYS D 323 -15.45 26.54 32.09
N THR D 324 -15.25 25.27 31.74
CA THR D 324 -13.93 24.82 31.30
C THR D 324 -13.57 25.48 29.98
N PRO D 325 -12.38 26.07 29.85
CA PRO D 325 -11.99 26.67 28.57
C PRO D 325 -11.92 25.61 27.47
N TYR D 326 -12.34 26.01 26.26
CA TYR D 326 -12.41 25.09 25.15
C TYR D 326 -11.04 24.91 24.50
N PRO D 327 -10.77 23.73 23.95
CA PRO D 327 -9.49 23.51 23.28
C PRO D 327 -9.35 24.35 22.01
N ASN D 328 -8.12 24.69 21.68
CA ASN D 328 -7.85 25.42 20.45
C ASN D 328 -8.01 24.50 19.25
N ILE D 329 -8.67 25.00 18.22
CA ILE D 329 -8.93 24.26 17.00
C ILE D 329 -8.41 25.08 15.81
N PHE D 330 -7.60 24.46 14.97
CA PHE D 330 -7.07 25.08 13.77
C PHE D 330 -7.64 24.40 12.54
N TYR D 331 -8.06 25.20 11.57
CA TYR D 331 -8.58 24.71 10.30
C TYR D 331 -7.55 24.96 9.20
N SER D 332 -7.58 24.10 8.17
CA SER D 332 -6.89 24.36 6.92
C SER D 332 -7.93 24.24 5.82
N THR D 333 -8.62 25.34 5.53
CA THR D 333 -9.79 25.33 4.65
C THR D 333 -9.52 26.12 3.38
N HIS D 334 -10.03 25.61 2.27
CA HIS D 334 -10.06 26.33 1.00
C HIS D 334 -11.47 26.65 0.55
N SER D 335 -12.47 26.41 1.40
CA SER D 335 -13.87 26.60 1.06
C SER D 335 -14.43 27.84 1.73
N PRO D 336 -15.01 28.77 0.97
CA PRO D 336 -15.63 29.94 1.60
C PRO D 336 -16.80 29.60 2.51
N SER D 337 -17.41 28.43 2.37
CA SER D 337 -18.55 28.08 3.20
C SER D 337 -18.15 27.92 4.66
N ILE D 338 -17.07 27.18 4.91
CA ILE D 338 -16.61 26.97 6.29
C ILE D 338 -16.22 28.30 6.92
N LEU D 339 -15.50 29.14 6.17
CA LEU D 339 -15.09 30.44 6.69
C LEU D 339 -16.31 31.32 6.98
N LYS D 340 -17.29 31.32 6.09
CA LYS D 340 -18.50 32.11 6.31
C LYS D 340 -19.23 31.66 7.56
N GLN D 341 -19.38 30.35 7.74
CA GLN D 341 -20.09 29.85 8.90
C GLN D 341 -19.33 30.15 10.20
N THR D 342 -18.00 30.01 10.17
CA THR D 342 -17.20 30.33 11.36
C THR D 342 -17.32 31.80 11.72
N ILE D 343 -17.29 32.68 10.71
CA ILE D 343 -17.40 34.11 10.98
C ILE D 343 -18.78 34.46 11.51
N LYS D 344 -19.84 33.90 10.91
CA LYS D 344 -21.19 34.25 11.32
C LYS D 344 -21.53 33.70 12.70
N LEU D 345 -21.16 32.46 12.97
CA LEU D 345 -21.62 31.77 14.18
C LEU D 345 -20.74 32.09 15.39
N PHE D 346 -19.45 31.81 15.29
CA PHE D 346 -18.56 31.98 16.44
C PHE D 346 -18.40 33.45 16.81
N GLY D 347 -18.27 34.32 15.82
CA GLY D 347 -18.22 35.74 16.09
C GLY D 347 -16.87 36.22 16.60
N LYS D 348 -16.80 36.54 17.88
CA LYS D 348 -15.58 37.07 18.48
C LYS D 348 -14.61 35.98 18.91
N ASP D 349 -15.02 34.71 18.88
CA ASP D 349 -14.16 33.60 19.29
C ASP D 349 -13.56 32.87 18.09
N GLN D 350 -13.31 33.57 16.99
CA GLN D 350 -12.67 32.98 15.83
C GLN D 350 -11.62 33.94 15.28
N GLN D 351 -10.62 33.37 14.62
CA GLN D 351 -9.52 34.14 14.05
C GLN D 351 -9.21 33.59 12.66
N VAL D 352 -8.90 34.49 11.72
CA VAL D 352 -8.57 34.13 10.35
C VAL D 352 -7.14 34.53 10.08
N LEU D 353 -6.31 33.56 9.68
CA LEU D 353 -4.89 33.77 9.45
C LEU D 353 -4.58 33.60 7.96
N HIS D 354 -3.95 34.61 7.38
CA HIS D 354 -3.51 34.60 6.00
C HIS D 354 -1.99 34.51 5.97
N PHE D 355 -1.45 33.58 5.17
CA PHE D 355 -0.01 33.36 5.17
C PHE D 355 0.72 34.14 4.08
N SER D 356 0.39 33.88 2.82
CA SER D 356 1.07 34.51 1.68
C SER D 356 2.58 34.32 1.76
N LYS D 357 3.34 35.14 1.04
CA LYS D 357 4.80 35.03 1.03
C LYS D 357 5.40 36.42 0.98
N LYS D 358 6.73 36.47 1.03
CA LYS D 358 7.50 37.70 0.95
C LYS D 358 8.18 37.80 -0.41
N LYS D 359 8.95 38.88 -0.59
CA LYS D 359 9.58 39.14 -1.88
C LYS D 359 10.67 38.12 -2.17
N ASP D 360 11.55 37.88 -1.20
CA ASP D 360 12.63 36.92 -1.38
C ASP D 360 12.18 35.48 -1.19
N GLY D 361 10.97 35.27 -0.68
CA GLY D 361 10.45 33.94 -0.43
C GLY D 361 10.54 33.57 1.04
N SER D 362 9.43 33.79 1.76
CA SER D 362 9.33 33.49 3.17
C SER D 362 7.88 33.65 3.58
N THR D 363 7.39 32.70 4.39
CA THR D 363 5.98 32.69 4.75
C THR D 363 5.70 33.73 5.82
N ARG D 364 4.61 34.47 5.64
CA ARG D 364 4.12 35.42 6.62
C ARG D 364 2.93 34.83 7.36
N VAL D 365 2.53 35.50 8.44
CA VAL D 365 1.31 35.17 9.18
C VAL D 365 0.66 36.48 9.59
N ASN D 366 -0.51 36.77 9.03
CA ASN D 366 -1.25 37.97 9.34
C ASN D 366 -2.68 37.61 9.74
N LYS D 367 -3.29 38.49 10.51
CA LYS D 367 -4.67 38.30 10.96
C LYS D 367 -5.59 39.17 10.12
N ILE D 368 -6.61 38.54 9.53
CA ILE D 368 -7.60 39.24 8.71
C ILE D 368 -8.82 39.52 9.57
N ASN D 369 -9.36 40.73 9.45
CA ASN D 369 -10.50 41.16 10.26
C ASN D 369 -11.71 40.28 10.00
N SER D 370 -12.12 39.50 11.00
CA SER D 370 -13.29 38.64 10.89
C SER D 370 -14.36 38.97 11.92
N THR D 371 -14.11 39.93 12.81
CA THR D 371 -15.10 40.35 13.81
C THR D 371 -15.69 41.69 13.39
N TYR D 372 -17.01 41.76 13.37
CA TYR D 372 -17.73 42.94 12.91
C TYR D 372 -18.65 43.45 14.02
N SER D 373 -18.66 44.77 14.20
CA SER D 373 -19.50 45.39 15.22
C SER D 373 -20.94 45.60 14.75
N ASP D 374 -21.22 45.36 13.47
CA ASP D 374 -22.57 45.52 12.92
C ASP D 374 -23.22 44.15 12.84
N GLU D 375 -24.33 43.97 13.55
CA GLU D 375 -25.05 42.70 13.51
C GLU D 375 -25.72 42.48 12.17
N ARG D 376 -26.19 43.54 11.52
CA ARG D 376 -26.80 43.39 10.20
C ARG D 376 -25.80 42.85 9.19
N PHE D 377 -24.56 43.35 9.23
CA PHE D 377 -23.54 42.85 8.31
C PHE D 377 -23.23 41.38 8.61
N LEU D 378 -23.22 41.00 9.88
CA LEU D 378 -22.95 39.62 10.24
C LEU D 378 -24.06 38.70 9.74
N ASN D 379 -25.32 39.13 9.82
CA ASN D 379 -26.41 38.27 9.35
C ASN D 379 -26.47 38.23 7.82
N ILE D 380 -26.27 39.38 7.16
CA ILE D 380 -26.26 39.41 5.70
C ILE D 380 -25.07 38.66 5.13
N PHE D 381 -24.01 38.49 5.90
CA PHE D 381 -22.75 37.89 5.44
C PHE D 381 -23.00 36.65 4.60
N SER D 382 -22.55 36.69 3.35
CA SER D 382 -22.81 35.63 2.39
C SER D 382 -21.53 35.17 1.71
N ASP D 383 -21.66 34.35 0.67
CA ASP D 383 -20.49 33.83 -0.02
C ASP D 383 -19.67 34.94 -0.68
N ASN D 384 -20.32 36.03 -1.10
CA ASN D 384 -19.58 37.12 -1.72
C ASN D 384 -18.59 37.74 -0.73
N GLU D 385 -19.02 37.96 0.51
CA GLU D 385 -18.12 38.52 1.51
C GLU D 385 -17.00 37.54 1.86
N ALA D 386 -17.32 36.26 1.99
CA ALA D 386 -16.30 35.25 2.29
C ALA D 386 -15.33 35.03 1.15
N ARG D 387 -15.73 35.37 -0.08
CA ARG D 387 -14.83 35.23 -1.22
C ARG D 387 -13.72 36.28 -1.17
N LEU D 388 -13.96 37.41 -0.51
CA LEU D 388 -12.94 38.44 -0.41
C LEU D 388 -11.72 37.96 0.37
N PHE D 389 -11.92 37.03 1.31
CA PHE D 389 -10.81 36.52 2.09
C PHE D 389 -9.86 35.70 1.24
N PHE D 390 -10.34 35.13 0.15
CA PHE D 390 -9.53 34.33 -0.76
C PHE D 390 -9.14 35.11 -2.01
N SER D 391 -8.89 36.41 -1.87
CA SER D 391 -8.63 37.29 -2.99
C SER D 391 -7.27 37.97 -2.81
N GLU D 392 -6.55 38.11 -3.91
CA GLU D 392 -5.25 38.79 -3.89
C GLU D 392 -5.35 40.27 -4.23
N TYR D 393 -6.52 40.75 -4.66
CA TYR D 393 -6.72 42.17 -4.92
C TYR D 393 -8.21 42.44 -5.00
N ILE D 394 -8.69 43.39 -4.20
CA ILE D 394 -10.10 43.74 -4.13
C ILE D 394 -10.27 45.16 -4.65
N VAL D 395 -11.23 45.35 -5.55
CA VAL D 395 -11.61 46.66 -6.05
C VAL D 395 -12.97 47.00 -5.44
N PHE D 396 -13.00 48.00 -4.57
CA PHE D 396 -14.22 48.40 -3.87
C PHE D 396 -14.93 49.49 -4.65
N VAL D 397 -16.21 49.26 -4.95
CA VAL D 397 -17.01 50.17 -5.76
C VAL D 397 -18.28 50.50 -4.98
N GLU D 398 -19.01 51.50 -5.48
CA GLU D 398 -20.16 52.04 -4.75
C GLU D 398 -21.49 51.74 -5.43
N GLY D 399 -21.51 51.32 -6.70
CA GLY D 399 -22.75 50.98 -7.35
C GLY D 399 -22.63 49.72 -8.18
N ALA D 400 -23.79 49.29 -8.71
CA ALA D 400 -23.86 48.10 -9.55
C ALA D 400 -23.31 48.36 -10.95
N THR D 401 -23.33 49.61 -11.40
CA THR D 401 -22.80 49.93 -12.73
C THR D 401 -21.31 49.63 -12.80
N GLU D 402 -20.57 49.93 -11.73
CA GLU D 402 -19.16 49.57 -11.67
C GLU D 402 -18.98 48.05 -11.72
N LEU D 403 -19.86 47.32 -11.03
CA LEU D 403 -19.80 45.86 -11.11
C LEU D 403 -20.01 45.36 -12.53
N GLU D 404 -20.97 45.96 -13.25
CA GLU D 404 -21.18 45.58 -14.64
C GLU D 404 -19.96 45.91 -15.49
N LEU D 405 -19.35 47.08 -15.26
CA LEU D 405 -18.22 47.50 -16.08
C LEU D 405 -16.99 46.61 -15.86
N PHE D 406 -16.62 46.39 -14.59
CA PHE D 406 -15.36 45.74 -14.28
C PHE D 406 -15.46 44.22 -14.27
N ARG D 407 -16.66 43.66 -14.39
CA ARG D 407 -16.84 42.21 -14.53
C ARG D 407 -17.14 41.81 -15.95
N ASN D 408 -16.97 42.71 -16.92
CA ASN D 408 -17.25 42.41 -18.31
C ASN D 408 -16.24 41.41 -18.84
N LEU D 409 -16.73 40.28 -19.36
CA LEU D 409 -15.85 39.21 -19.81
C LEU D 409 -15.00 39.65 -21.00
N SER D 410 -15.61 40.40 -21.94
CA SER D 410 -14.86 40.85 -23.11
C SER D 410 -13.72 41.78 -22.72
N LEU D 411 -13.96 42.68 -21.77
CA LEU D 411 -12.90 43.59 -21.32
C LEU D 411 -11.80 42.82 -20.59
N LEU D 412 -12.17 41.83 -19.77
CA LEU D 412 -11.19 41.07 -19.03
C LEU D 412 -10.40 40.11 -19.91
N ASN D 413 -10.94 39.73 -21.07
CA ASN D 413 -10.22 38.85 -21.97
C ASN D 413 -8.96 39.52 -22.50
N LEU D 414 -9.04 40.80 -22.82
CA LEU D 414 -7.90 41.55 -23.34
C LEU D 414 -6.91 41.96 -22.26
N TYR D 415 -7.29 41.85 -20.98
CA TYR D 415 -6.42 42.23 -19.86
C TYR D 415 -6.35 41.05 -18.90
N PRO D 416 -5.50 40.07 -19.18
CA PRO D 416 -5.41 38.89 -18.31
C PRO D 416 -4.59 39.16 -17.05
N ALA D 417 -4.84 40.30 -16.42
CA ALA D 417 -4.26 40.64 -15.13
C ALA D 417 -5.27 41.24 -14.16
N PHE D 418 -6.30 41.93 -14.63
CA PHE D 418 -7.37 42.45 -13.79
C PHE D 418 -8.39 41.40 -13.43
N SER D 419 -8.40 40.26 -14.13
CA SER D 419 -9.29 39.16 -13.79
C SER D 419 -8.87 38.43 -12.52
N LEU D 420 -7.65 38.66 -12.04
CA LEU D 420 -7.20 38.10 -10.77
C LEU D 420 -7.64 38.93 -9.58
N ALA D 421 -8.33 40.05 -9.82
CA ALA D 421 -8.84 40.92 -8.77
C ALA D 421 -10.36 40.87 -8.78
N ASP D 422 -10.96 40.76 -7.60
CA ASP D 422 -12.41 40.69 -7.47
C ASP D 422 -12.99 42.05 -7.11
N ILE D 423 -14.14 42.36 -7.69
CA ILE D 423 -14.80 43.65 -7.51
C ILE D 423 -15.96 43.47 -6.56
N TYR D 424 -16.01 44.29 -5.52
CA TYR D 424 -17.04 44.20 -4.49
C TYR D 424 -17.74 45.55 -4.35
N ASP D 425 -19.07 45.51 -4.33
CA ASP D 425 -19.89 46.71 -4.17
C ASP D 425 -20.08 46.96 -2.67
N ALA D 426 -19.50 48.05 -2.18
CA ALA D 426 -19.51 48.34 -0.75
C ALA D 426 -19.71 49.84 -0.54
N ASN D 427 -20.61 50.18 0.38
CA ASN D 427 -20.80 51.56 0.80
C ASN D 427 -19.82 51.87 1.94
N GLU D 428 -19.97 53.04 2.55
CA GLU D 428 -19.04 53.44 3.62
C GLU D 428 -19.22 52.56 4.85
N VAL D 429 -20.46 52.19 5.17
CA VAL D 429 -20.69 51.32 6.33
C VAL D 429 -20.08 49.95 6.10
N ILE D 430 -20.26 49.39 4.90
CA ILE D 430 -19.68 48.08 4.58
C ILE D 430 -18.16 48.15 4.61
N LEU D 431 -17.58 49.23 4.08
CA LEU D 431 -16.13 49.38 4.12
C LEU D 431 -15.63 49.49 5.55
N ALA D 432 -16.34 50.23 6.41
CA ALA D 432 -15.94 50.34 7.80
C ALA D 432 -16.02 49.00 8.52
N ASN D 433 -17.07 48.22 8.24
CA ASN D 433 -17.19 46.90 8.86
C ASN D 433 -16.09 45.96 8.38
N ILE D 434 -15.84 45.92 7.07
CA ILE D 434 -14.81 45.05 6.53
C ILE D 434 -13.43 45.48 7.02
N ASN D 435 -13.18 46.78 7.02
CA ASN D 435 -11.90 47.37 7.42
C ASN D 435 -10.77 46.79 6.57
N PRO D 436 -10.71 47.11 5.27
CA PRO D 436 -9.64 46.57 4.44
C PRO D 436 -8.25 46.99 4.87
N GLY D 437 -8.12 48.11 5.59
CA GLY D 437 -6.81 48.59 6.00
C GLY D 437 -6.10 47.69 7.00
N TYR D 438 -6.84 46.86 7.72
CA TYR D 438 -6.23 45.94 8.67
C TYR D 438 -5.35 44.93 7.95
N SER D 439 -5.90 44.27 6.94
CA SER D 439 -5.14 43.33 6.12
C SER D 439 -4.64 44.03 4.85
N LYS D 440 -3.91 45.12 5.05
CA LYS D 440 -3.39 45.89 3.92
C LYS D 440 -2.24 45.16 3.23
N ALA D 441 -1.31 44.61 4.01
CA ALA D 441 -0.16 43.92 3.45
C ALA D 441 -0.51 42.54 2.89
N SER D 442 -1.61 41.95 3.36
CA SER D 442 -2.01 40.63 2.89
C SER D 442 -2.90 40.70 1.65
N ILE D 443 -3.93 41.53 1.70
CA ILE D 443 -4.87 41.69 0.60
C ILE D 443 -4.84 43.15 0.16
N PRO D 444 -4.09 43.49 -0.89
CA PRO D 444 -4.13 44.86 -1.42
C PRO D 444 -5.52 45.19 -1.94
N PHE D 445 -5.89 46.46 -1.80
CA PHE D 445 -7.22 46.90 -2.17
C PHE D 445 -7.18 48.32 -2.69
N VAL D 446 -8.15 48.67 -3.52
CA VAL D 446 -8.34 50.02 -4.01
C VAL D 446 -9.83 50.37 -3.88
N ILE D 447 -10.13 51.54 -3.33
CA ILE D 447 -11.49 51.99 -3.16
C ILE D 447 -11.75 53.06 -4.21
N ILE D 448 -12.63 52.76 -5.16
CA ILE D 448 -12.95 53.68 -6.25
C ILE D 448 -14.23 54.40 -5.88
N LYS D 449 -14.18 55.74 -5.87
CA LYS D 449 -15.35 56.55 -5.57
C LYS D 449 -15.41 57.72 -6.53
N ASP D 450 -16.61 58.22 -6.75
CA ASP D 450 -16.79 59.44 -7.53
C ASP D 450 -16.43 60.66 -6.69
N ILE D 451 -16.11 61.75 -7.40
CA ILE D 451 -15.60 62.96 -6.75
C ILE D 451 -16.66 63.72 -5.98
N ASP D 452 -17.95 63.42 -6.19
CA ASP D 452 -19.00 64.11 -5.44
C ASP D 452 -18.90 63.84 -3.94
N THR D 453 -18.27 62.73 -3.55
CA THR D 453 -18.17 62.34 -2.15
C THR D 453 -17.21 63.23 -1.37
N LEU D 454 -16.55 64.18 -2.03
CA LEU D 454 -15.59 65.07 -1.40
C LEU D 454 -15.93 66.54 -1.57
N ILE D 455 -16.52 66.92 -2.69
CA ILE D 455 -16.83 68.31 -3.00
C ILE D 455 -18.33 68.46 -3.20
N ASP D 456 -18.83 69.66 -2.92
CA ASP D 456 -20.24 69.99 -3.09
C ASP D 456 -20.35 71.33 -3.78
N TYR D 457 -21.32 71.44 -4.69
CA TYR D 457 -21.51 72.63 -5.52
C TYR D 457 -22.98 73.01 -5.53
N SER D 458 -23.22 74.32 -5.59
CA SER D 458 -24.58 74.87 -5.69
C SER D 458 -24.63 75.84 -6.86
N ILE D 459 -25.59 75.63 -7.77
CA ILE D 459 -25.71 76.50 -8.93
C ILE D 459 -26.13 77.91 -8.51
N LYS D 460 -27.17 78.01 -7.68
CA LYS D 460 -27.65 79.33 -7.28
C LYS D 460 -26.68 80.00 -6.32
N THR D 461 -26.31 79.32 -5.24
CA THR D 461 -25.31 79.83 -4.29
C THR D 461 -23.94 79.33 -4.73
N GLU D 462 -23.37 80.01 -5.72
CA GLU D 462 -22.08 79.66 -6.28
C GLU D 462 -21.03 79.52 -5.17
N LYS D 463 -20.54 78.30 -4.95
CA LYS D 463 -19.64 78.01 -3.84
C LYS D 463 -19.17 76.56 -3.94
N PHE D 464 -18.11 76.27 -3.20
CA PHE D 464 -17.61 74.92 -2.99
C PHE D 464 -17.67 74.57 -1.52
N SER D 465 -18.11 73.35 -1.22
CA SER D 465 -18.19 72.86 0.15
C SER D 465 -17.44 71.55 0.24
N LEU D 466 -16.92 71.26 1.43
CA LEU D 466 -16.12 70.07 1.67
C LEU D 466 -16.93 69.06 2.47
N ARG D 467 -16.99 67.82 1.98
CA ARG D 467 -17.68 66.77 2.68
C ARG D 467 -16.89 66.37 3.93
N PRO D 468 -17.55 65.73 4.90
CA PRO D 468 -16.81 65.24 6.07
C PRO D 468 -15.74 64.22 5.71
N LEU D 469 -15.92 63.48 4.61
CA LEU D 469 -14.89 62.54 4.18
C LEU D 469 -13.61 63.27 3.78
N PHE D 470 -13.74 64.37 3.05
CA PHE D 470 -12.56 65.14 2.63
C PHE D 470 -11.86 65.74 3.85
N GLU D 471 -12.63 66.26 4.81
CA GLU D 471 -12.03 66.78 6.03
C GLU D 471 -11.32 65.69 6.81
N LYS D 472 -11.91 64.49 6.87
CA LYS D 472 -11.24 63.37 7.53
C LYS D 472 -9.95 63.00 6.82
N MET D 473 -9.95 63.01 5.48
CA MET D 473 -8.75 62.72 4.73
C MET D 473 -7.67 63.77 5.01
N ILE D 474 -8.06 65.04 5.07
CA ILE D 474 -7.09 66.10 5.38
C ILE D 474 -6.53 65.91 6.78
N LYS D 475 -7.40 65.58 7.74
CA LYS D 475 -6.95 65.40 9.12
C LYS D 475 -6.00 64.22 9.25
N GLU D 476 -6.28 63.11 8.56
CA GLU D 476 -5.42 61.94 8.63
C GLU D 476 -4.13 62.09 7.83
N LEU D 477 -4.05 63.08 6.94
CA LEU D 477 -2.84 63.36 6.18
C LEU D 477 -2.13 64.62 6.69
N THR D 478 -2.55 65.14 7.84
CA THR D 478 -1.90 66.29 8.45
C THR D 478 -0.86 65.79 9.45
N LYS D 479 0.41 66.13 9.20
CA LYS D 479 1.51 65.69 10.06
C LYS D 479 1.86 66.82 11.02
N GLU D 480 1.02 66.98 12.05
CA GLU D 480 1.27 68.03 13.04
C GLU D 480 2.46 67.70 13.93
N PHE D 481 2.69 66.43 14.23
CA PHE D 481 3.78 65.97 15.08
C PHE D 481 4.84 65.36 14.17
N ASP D 482 5.76 66.19 13.70
CA ASP D 482 6.75 65.74 12.73
C ASP D 482 7.96 66.65 12.79
N TYR D 483 9.08 66.13 12.25
CA TYR D 483 10.33 66.87 12.10
C TYR D 483 10.57 67.14 10.61
N TYR D 484 11.73 67.73 10.32
CA TYR D 484 12.09 68.05 8.94
C TYR D 484 12.87 66.87 8.37
N ASP D 485 12.26 66.16 7.43
CA ASP D 485 12.89 65.02 6.78
C ASP D 485 13.15 65.25 5.29
N THR D 486 12.12 65.62 4.53
CA THR D 486 12.24 65.88 3.11
C THR D 486 11.83 67.29 2.71
N GLY D 487 10.93 67.92 3.45
CA GLY D 487 10.48 69.26 3.14
C GLY D 487 9.01 69.47 3.44
N PHE D 488 8.70 70.57 4.12
CA PHE D 488 7.33 70.91 4.47
C PHE D 488 6.61 71.69 3.39
N GLY D 489 7.27 71.96 2.27
CA GLY D 489 6.70 72.72 1.17
C GLY D 489 5.92 71.90 0.16
N ARG D 490 5.73 70.60 0.40
CA ARG D 490 5.01 69.74 -0.53
C ARG D 490 3.69 69.23 0.06
N VAL D 491 3.75 68.54 1.20
CA VAL D 491 2.51 68.00 1.80
C VAL D 491 1.67 69.14 2.38
N ARG D 492 2.29 70.07 3.10
CA ARG D 492 1.54 71.18 3.67
C ARG D 492 1.01 72.09 2.57
N LYS D 493 1.78 72.28 1.50
CA LYS D 493 1.29 73.08 0.38
C LYS D 493 0.07 72.45 -0.26
N GLU D 494 0.09 71.12 -0.44
CA GLU D 494 -1.07 70.43 -0.99
C GLU D 494 -2.27 70.53 -0.05
N ILE D 495 -2.04 70.41 1.26
CA ILE D 495 -3.14 70.53 2.20
C ILE D 495 -3.75 71.93 2.14
N ASP D 496 -2.90 72.97 2.09
CA ASP D 496 -3.41 74.34 2.01
C ASP D 496 -4.15 74.58 0.71
N LEU D 497 -3.63 74.05 -0.40
CA LEU D 497 -4.29 74.24 -1.69
C LEU D 497 -5.61 73.49 -1.76
N PHE D 498 -5.74 72.37 -1.04
CA PHE D 498 -7.02 71.68 -0.96
C PHE D 498 -7.99 72.38 -0.02
N SER D 499 -7.47 73.06 1.01
CA SER D 499 -8.34 73.75 1.96
C SER D 499 -8.85 75.09 1.44
N ASP D 500 -8.05 75.79 0.62
CA ASP D 500 -8.40 77.16 0.23
C ASP D 500 -9.26 77.24 -1.02
N ILE D 501 -9.67 76.10 -1.59
CA ILE D 501 -10.55 76.09 -2.75
C ILE D 501 -11.96 76.48 -2.34
N GLN D 502 -12.16 76.80 -1.06
CA GLN D 502 -13.46 77.22 -0.54
C GLN D 502 -13.91 78.57 -1.10
N SER D 503 -13.14 79.22 -1.96
CA SER D 503 -13.57 80.49 -2.54
C SER D 503 -14.84 80.27 -3.36
N SER D 504 -15.85 81.10 -3.11
CA SER D 504 -17.16 80.93 -3.73
C SER D 504 -17.33 81.76 -4.99
N THR D 505 -16.36 81.69 -5.91
CA THR D 505 -16.51 82.36 -7.21
C THR D 505 -15.55 81.71 -8.20
N LYS D 506 -16.08 80.82 -9.04
CA LYS D 506 -15.33 80.31 -10.18
C LYS D 506 -16.00 80.63 -11.52
N LYS D 507 -17.22 80.16 -11.74
CA LYS D 507 -17.95 80.39 -12.98
C LYS D 507 -19.33 79.77 -12.87
N HIS D 508 -20.16 80.03 -13.89
CA HIS D 508 -21.44 79.36 -14.07
C HIS D 508 -21.54 78.66 -15.42
N MET D 509 -21.09 79.30 -16.50
CA MET D 509 -20.90 78.68 -17.81
C MET D 509 -22.19 78.01 -18.31
N ASP D 510 -23.15 78.87 -18.64
CA ASP D 510 -24.47 78.46 -19.14
C ASP D 510 -25.30 77.77 -18.05
N SER D 511 -25.45 78.47 -16.93
CA SER D 511 -26.39 78.09 -15.86
C SER D 511 -26.03 76.74 -15.24
N GLY D 512 -24.81 76.68 -14.68
CA GLY D 512 -24.39 75.52 -13.92
C GLY D 512 -24.30 74.19 -14.64
N LEU D 513 -23.70 74.18 -15.83
CA LEU D 513 -23.44 72.93 -16.55
C LEU D 513 -21.96 72.70 -16.77
N PHE D 514 -21.21 73.71 -17.22
CA PHE D 514 -19.79 73.59 -17.45
C PHE D 514 -19.04 74.56 -16.54
N PHE D 515 -17.72 74.63 -16.73
CA PHE D 515 -16.85 75.55 -16.02
C PHE D 515 -16.06 76.37 -17.03
N LYS D 516 -15.89 77.66 -16.74
CA LYS D 516 -15.17 78.54 -17.65
C LYS D 516 -13.66 78.41 -17.46
N ARG D 517 -13.17 78.66 -16.25
CA ARG D 517 -11.75 78.60 -15.95
C ARG D 517 -11.37 77.43 -15.05
N PHE D 518 -12.22 77.06 -14.10
CA PHE D 518 -11.92 75.96 -13.21
C PHE D 518 -11.93 74.64 -13.97
N SER D 519 -11.08 73.72 -13.55
CA SER D 519 -10.95 72.41 -14.17
C SER D 519 -10.97 71.33 -13.10
N LEU D 520 -11.96 70.44 -13.19
CA LEU D 520 -12.03 69.32 -12.25
C LEU D 520 -10.99 68.25 -12.53
N HIS D 521 -10.43 68.22 -13.75
CA HIS D 521 -9.44 67.20 -14.08
C HIS D 521 -8.18 67.37 -13.24
N ASN D 522 -7.67 68.59 -13.13
CA ASN D 522 -6.47 68.83 -12.34
C ASN D 522 -6.71 68.55 -10.86
N LEU D 523 -7.86 68.97 -10.33
CA LEU D 523 -8.17 68.71 -8.93
C LEU D 523 -8.30 67.22 -8.67
N SER D 524 -8.94 66.49 -9.58
CA SER D 524 -9.03 65.03 -9.44
C SER D 524 -7.67 64.38 -9.49
N SER D 525 -6.79 64.84 -10.39
CA SER D 525 -5.45 64.28 -10.46
C SER D 525 -4.67 64.53 -9.17
N ARG D 526 -4.79 65.74 -8.62
CA ARG D 526 -4.11 66.05 -7.36
C ARG D 526 -4.65 65.20 -6.21
N ILE D 527 -5.98 65.04 -6.15
CA ILE D 527 -6.57 64.21 -5.11
C ILE D 527 -6.11 62.76 -5.23
N ASN D 528 -6.06 62.24 -6.45
CA ASN D 528 -5.58 60.88 -6.65
C ASN D 528 -4.11 60.76 -6.25
N LYS D 529 -3.29 61.76 -6.58
CA LYS D 529 -1.89 61.71 -6.21
C LYS D 529 -1.71 61.70 -4.69
N VAL D 530 -2.50 62.51 -3.98
CA VAL D 530 -2.34 62.59 -2.53
C VAL D 530 -2.99 61.39 -1.82
N SER D 531 -3.98 60.74 -2.45
CA SER D 531 -4.69 59.64 -1.82
C SER D 531 -4.24 58.27 -2.31
N ARG D 532 -3.25 58.22 -3.21
CA ARG D 532 -2.69 56.92 -3.61
C ARG D 532 -2.18 56.16 -2.40
N LYS D 533 -1.56 56.85 -1.45
CA LYS D 533 -1.08 56.19 -0.24
C LYS D 533 -2.21 55.74 0.67
N LEU D 534 -3.42 56.26 0.45
CA LEU D 534 -4.59 55.86 1.23
C LEU D 534 -5.42 54.78 0.55
N ASN D 535 -4.92 54.23 -0.55
CA ASN D 535 -5.61 53.18 -1.31
C ASN D 535 -6.99 53.63 -1.76
N ARG D 536 -7.08 54.88 -2.21
CA ARG D 536 -8.33 55.44 -2.71
C ARG D 536 -8.11 56.10 -4.06
N TYR D 537 -9.05 55.90 -4.97
CA TYR D 537 -9.03 56.52 -6.29
C TYR D 537 -10.35 57.23 -6.51
N PHE D 538 -10.29 58.51 -6.83
CA PHE D 538 -11.47 59.34 -7.03
C PHE D 538 -11.59 59.70 -8.50
N MET D 539 -12.76 59.41 -9.07
CA MET D 539 -13.01 59.61 -10.49
C MET D 539 -13.49 61.04 -10.75
N THR D 540 -13.11 61.56 -11.93
CA THR D 540 -13.52 62.90 -12.31
C THR D 540 -15.05 62.98 -12.46
N THR D 541 -15.64 62.00 -13.11
CA THR D 541 -17.08 61.93 -13.28
C THR D 541 -17.59 60.56 -12.86
N THR D 542 -18.85 60.26 -13.15
CA THR D 542 -19.43 58.96 -12.82
C THR D 542 -18.97 57.93 -13.86
N ILE D 543 -19.49 56.71 -13.76
CA ILE D 543 -19.14 55.67 -14.72
C ILE D 543 -19.63 56.04 -16.11
N GLU D 544 -20.81 56.65 -16.20
CA GLU D 544 -21.33 57.07 -17.50
C GLU D 544 -20.39 58.08 -18.16
N GLY D 545 -19.86 59.02 -17.38
CA GLY D 545 -18.92 59.98 -17.93
C GLY D 545 -17.68 59.32 -18.49
N ALA D 546 -17.20 58.27 -17.82
CA ALA D 546 -16.03 57.56 -18.33
C ALA D 546 -16.36 56.70 -19.54
N LEU D 547 -17.61 56.23 -19.65
CA LEU D 547 -18.00 55.37 -20.76
C LEU D 547 -18.29 56.19 -22.01
N ILE D 548 -19.28 57.08 -21.94
CA ILE D 548 -19.68 57.90 -23.07
C ILE D 548 -19.00 59.26 -22.93
N ASN D 549 -17.99 59.50 -23.77
CA ASN D 549 -17.28 60.77 -23.79
C ASN D 549 -17.17 61.29 -25.22
N GLU D 550 -16.37 62.34 -25.42
CA GLU D 550 -16.22 62.91 -26.76
C GLU D 550 -15.60 61.91 -27.72
N GLN D 551 -14.62 61.13 -27.25
CA GLN D 551 -13.96 60.16 -28.11
C GLN D 551 -14.83 58.95 -28.41
N SER D 552 -15.81 58.66 -27.57
CA SER D 552 -16.68 57.50 -27.74
C SER D 552 -17.96 57.82 -28.49
N LEU D 553 -18.14 59.06 -28.94
CA LEU D 553 -19.35 59.42 -29.67
C LEU D 553 -19.54 58.63 -30.95
N PRO D 554 -18.53 58.43 -31.81
CA PRO D 554 -18.75 57.58 -33.00
C PRO D 554 -19.20 56.18 -32.65
N TYR D 555 -18.62 55.58 -31.62
CA TYR D 555 -18.98 54.21 -31.26
C TYR D 555 -20.34 54.15 -30.59
N PHE D 556 -20.68 55.15 -29.77
CA PHE D 556 -22.02 55.20 -29.20
C PHE D 556 -23.08 55.38 -30.28
N PHE D 557 -22.81 56.23 -31.26
CA PHE D 557 -23.74 56.41 -32.37
C PHE D 557 -23.86 55.13 -33.19
N ASN D 558 -22.76 54.42 -33.40
CA ASN D 558 -22.82 53.14 -34.10
C ASN D 558 -23.64 52.12 -33.32
N TRP D 559 -23.51 52.12 -31.99
CA TRP D 559 -24.32 51.22 -31.16
C TRP D 559 -25.80 51.55 -31.27
N ILE D 560 -26.13 52.85 -31.23
CA ILE D 560 -27.53 53.26 -31.36
C ILE D 560 -28.07 52.86 -32.73
N GLY D 561 -27.27 53.05 -33.78
CA GLY D 561 -27.70 52.64 -35.11
C GLY D 561 -27.88 51.14 -35.24
N ASP D 562 -26.99 50.37 -34.61
CA ASP D 562 -27.15 48.92 -34.62
C ASP D 562 -28.41 48.49 -33.90
N VAL D 563 -28.72 49.15 -32.78
CA VAL D 563 -29.96 48.85 -32.07
C VAL D 563 -31.16 49.18 -32.94
N ILE D 564 -31.12 50.32 -33.64
CA ILE D 564 -32.22 50.69 -34.53
C ILE D 564 -32.38 49.67 -35.65
N LEU D 565 -31.27 49.24 -36.24
CA LEU D 565 -31.33 48.34 -37.40
C LEU D 565 -31.74 46.93 -36.99
N THR D 566 -31.40 46.49 -35.78
CA THR D 566 -31.58 45.10 -35.39
C THR D 566 -32.69 44.88 -34.37
N GLN D 567 -32.75 45.69 -33.32
CA GLN D 567 -33.63 45.37 -32.18
C GLN D 567 -35.10 45.41 -32.60
N MET D 568 -35.52 46.47 -33.28
CA MET D 568 -36.92 46.65 -33.60
C MET D 568 -37.26 45.97 -34.93
N THR D 569 -38.54 45.63 -35.09
CA THR D 569 -39.05 44.96 -36.28
C THR D 569 -40.38 45.59 -36.64
N ILE D 570 -41.10 44.95 -37.56
CA ILE D 570 -42.38 45.45 -38.06
C ILE D 570 -43.50 44.87 -37.23
N ASN D 571 -44.37 45.74 -36.71
CA ASN D 571 -45.47 45.28 -35.88
C ASN D 571 -46.51 44.53 -36.70
N ASN D 572 -46.86 45.06 -37.87
CA ASN D 572 -47.90 44.44 -38.69
C ASN D 572 -47.40 43.11 -39.26
N PRO D 573 -48.24 42.08 -39.28
CA PRO D 573 -47.82 40.81 -39.88
C PRO D 573 -47.45 40.92 -41.34
N ASN D 574 -48.11 41.81 -42.10
CA ASN D 574 -47.77 42.02 -43.49
C ASN D 574 -46.96 43.31 -43.60
N PRO D 575 -45.66 43.25 -43.85
CA PRO D 575 -44.85 44.48 -43.83
C PRO D 575 -45.02 45.34 -45.07
N ASP D 576 -45.14 44.71 -46.24
CA ASP D 576 -45.19 45.47 -47.48
C ASP D 576 -46.46 46.32 -47.57
N LYS D 577 -47.62 45.71 -47.33
CA LYS D 577 -48.88 46.44 -47.41
C LYS D 577 -48.94 47.54 -46.36
N PHE D 578 -48.51 47.25 -45.13
CA PHE D 578 -48.53 48.26 -44.07
C PHE D 578 -47.61 49.43 -44.41
N ILE D 579 -46.40 49.13 -44.90
CA ILE D 579 -45.46 50.19 -45.25
C ILE D 579 -46.02 51.04 -46.38
N GLU D 580 -46.59 50.40 -47.40
CA GLU D 580 -47.17 51.16 -48.52
C GLU D 580 -48.31 52.04 -48.05
N ALA D 581 -49.18 51.51 -47.17
CA ALA D 581 -50.30 52.30 -46.67
C ALA D 581 -49.81 53.48 -45.85
N MET D 582 -48.80 53.28 -45.01
CA MET D 582 -48.28 54.38 -44.20
C MET D 582 -47.60 55.43 -45.07
N ARG D 583 -46.89 54.99 -46.11
CA ARG D 583 -46.27 55.96 -47.03
C ARG D 583 -47.32 56.76 -47.77
N ARG D 584 -48.40 56.12 -48.22
CA ARG D 584 -49.48 56.83 -48.88
C ARG D 584 -50.27 57.71 -47.92
N ARG D 585 -50.25 57.41 -46.63
CA ARG D 585 -50.98 58.18 -45.63
C ARG D 585 -50.11 59.21 -44.92
N TYR D 586 -48.90 58.83 -44.51
CA TYR D 586 -47.98 59.71 -43.82
C TYR D 586 -46.86 60.12 -44.76
N ASN D 587 -46.55 61.41 -44.77
CA ASN D 587 -45.47 61.91 -45.61
C ASN D 587 -44.13 61.37 -45.15
N ILE D 588 -43.26 61.05 -46.10
CA ILE D 588 -41.96 60.46 -45.80
C ILE D 588 -40.97 61.47 -45.23
N LYS D 589 -41.25 62.77 -45.35
CA LYS D 589 -40.34 63.81 -44.89
C LYS D 589 -40.88 64.59 -43.71
N SER D 590 -42.08 65.16 -43.83
CA SER D 590 -42.63 65.96 -42.74
C SER D 590 -43.11 65.09 -41.59
N GLN D 591 -43.73 63.95 -41.90
CA GLN D 591 -44.29 63.05 -40.90
C GLN D 591 -43.49 61.76 -40.81
N VAL D 592 -42.16 61.86 -40.93
CA VAL D 592 -41.32 60.68 -40.87
C VAL D 592 -41.29 60.08 -39.47
N VAL D 593 -41.21 60.94 -38.44
CA VAL D 593 -41.16 60.44 -37.07
C VAL D 593 -42.41 59.69 -36.66
N PRO D 594 -43.63 60.20 -36.90
CA PRO D 594 -44.83 59.40 -36.58
C PRO D 594 -44.87 58.07 -37.32
N LEU D 595 -44.45 58.06 -38.58
CA LEU D 595 -44.42 56.81 -39.35
C LEU D 595 -43.44 55.82 -38.72
N PHE D 596 -42.26 56.30 -38.33
CA PHE D 596 -41.27 55.43 -37.68
C PHE D 596 -41.81 54.89 -36.37
N LYS D 597 -42.49 55.73 -35.59
CA LYS D 597 -43.05 55.28 -34.32
C LYS D 597 -44.14 54.26 -34.52
N SER D 598 -45.00 54.45 -35.53
CA SER D 598 -46.15 53.58 -35.74
C SER D 598 -45.84 52.34 -36.57
N VAL D 599 -44.65 52.26 -37.17
CA VAL D 599 -44.28 51.12 -38.01
C VAL D 599 -43.33 50.17 -37.28
N PHE D 600 -42.26 50.71 -36.69
CA PHE D 600 -41.25 49.89 -36.03
C PHE D 600 -41.56 49.76 -34.55
N CYS D 601 -41.54 48.53 -34.05
CA CYS D 601 -41.80 48.24 -32.65
C CYS D 601 -40.76 47.28 -32.11
N ILE D 602 -40.56 47.33 -30.79
CA ILE D 602 -39.58 46.48 -30.14
C ILE D 602 -40.05 45.03 -30.18
N GLY D 603 -39.17 44.15 -30.65
CA GLY D 603 -39.50 42.74 -30.74
C GLY D 603 -38.28 41.83 -30.71
N LEU D 604 -38.33 40.78 -29.89
CA LEU D 604 -37.21 39.86 -29.79
C LEU D 604 -36.95 39.14 -31.10
N ASN D 605 -38.01 38.69 -31.77
CA ASN D 605 -37.87 37.99 -33.04
C ASN D 605 -37.50 38.97 -34.15
N HIS D 606 -36.74 38.48 -35.12
CA HIS D 606 -36.27 39.28 -36.26
C HIS D 606 -36.62 38.55 -37.55
N PRO D 607 -37.87 38.66 -37.99
CA PRO D 607 -38.27 37.97 -39.23
C PRO D 607 -37.58 38.55 -40.45
N VAL D 608 -37.42 37.72 -41.47
CA VAL D 608 -36.80 38.11 -42.74
C VAL D 608 -37.90 38.38 -43.75
N TYR D 609 -37.87 39.55 -44.36
CA TYR D 609 -38.89 39.98 -45.30
C TYR D 609 -38.42 39.76 -46.74
N SER D 610 -39.22 40.22 -47.70
CA SER D 610 -38.86 40.08 -49.10
C SER D 610 -37.76 41.08 -49.46
N SER D 611 -37.18 40.90 -50.65
CA SER D 611 -36.08 41.75 -51.09
C SER D 611 -36.52 43.21 -51.22
N ALA D 612 -37.67 43.44 -51.85
CA ALA D 612 -38.19 44.80 -51.95
C ALA D 612 -38.55 45.36 -50.57
N VAL D 613 -39.17 44.53 -49.73
CA VAL D 613 -39.52 44.97 -48.38
C VAL D 613 -38.27 45.28 -47.57
N ASP D 614 -37.24 44.42 -47.68
CA ASP D 614 -35.99 44.68 -46.98
C ASP D 614 -35.33 45.96 -47.47
N LYS D 615 -35.35 46.20 -48.78
CA LYS D 615 -34.77 47.43 -49.32
C LYS D 615 -35.52 48.65 -48.81
N GLN D 616 -36.85 48.60 -48.80
CA GLN D 616 -37.63 49.73 -48.31
C GLN D 616 -37.37 49.97 -46.82
N ALA D 617 -37.31 48.90 -46.03
CA ALA D 617 -37.03 49.05 -44.60
C ALA D 617 -35.64 49.63 -44.38
N LEU D 618 -34.65 49.18 -45.14
CA LEU D 618 -33.30 49.71 -45.02
C LEU D 618 -33.26 51.19 -45.38
N ARG D 619 -33.98 51.57 -46.45
CA ARG D 619 -34.03 52.98 -46.83
C ARG D 619 -34.67 53.83 -45.75
N ILE D 620 -35.77 53.34 -45.17
CA ILE D 620 -36.45 54.08 -44.10
C ILE D 620 -35.53 54.22 -42.88
N LYS D 621 -34.84 53.14 -42.52
CA LYS D 621 -33.94 53.19 -41.37
C LYS D 621 -32.78 54.14 -41.61
N LEU D 622 -32.22 54.14 -42.82
CA LEU D 622 -31.14 55.06 -43.14
C LEU D 622 -31.63 56.51 -43.11
N SER D 623 -32.84 56.76 -43.62
CA SER D 623 -33.39 58.11 -43.55
C SER D 623 -33.59 58.55 -42.10
N PHE D 624 -34.09 57.64 -41.25
CA PHE D 624 -34.27 57.98 -39.84
C PHE D 624 -32.94 58.25 -39.16
N LEU D 625 -31.92 57.45 -39.47
CA LEU D 625 -30.59 57.69 -38.90
C LEU D 625 -30.03 59.04 -39.33
N ASN D 626 -30.17 59.37 -40.62
CA ASN D 626 -29.72 60.67 -41.09
C ASN D 626 -30.47 61.80 -40.41
N TYR D 627 -31.79 61.65 -40.24
CA TYR D 627 -32.58 62.68 -39.59
C TYR D 627 -32.16 62.88 -38.14
N LEU D 628 -31.92 61.78 -37.41
CA LEU D 628 -31.52 61.91 -36.02
C LEU D 628 -30.12 62.50 -35.89
N LYS D 629 -29.20 62.12 -36.79
CA LYS D 629 -27.86 62.71 -36.76
C LYS D 629 -27.93 64.21 -37.04
N ARG D 630 -28.71 64.62 -38.04
CA ARG D 630 -28.86 66.05 -38.32
C ARG D 630 -29.49 66.78 -37.13
N LYS D 631 -30.50 66.17 -36.51
CA LYS D 631 -31.16 66.83 -35.39
C LYS D 631 -30.23 66.99 -34.20
N VAL D 632 -29.42 65.97 -33.90
CA VAL D 632 -28.51 66.09 -32.76
C VAL D 632 -27.37 67.05 -33.08
N TYR D 633 -26.94 67.12 -34.34
CA TYR D 633 -25.88 68.07 -34.71
C TYR D 633 -26.38 69.49 -34.84
N SER D 634 -27.69 69.69 -35.01
CA SER D 634 -28.25 71.03 -35.14
C SER D 634 -28.80 71.60 -33.84
N ASP D 635 -29.45 70.78 -33.01
CA ASP D 635 -29.98 71.26 -31.75
C ASP D 635 -28.86 71.72 -30.81
N PHE D 636 -27.77 70.95 -30.76
CA PHE D 636 -26.62 71.29 -29.95
C PHE D 636 -25.46 71.70 -30.86
N ASN D 637 -24.64 72.64 -30.38
CA ASN D 637 -23.64 73.29 -31.22
C ASN D 637 -22.21 72.90 -30.88
N ASN D 638 -21.79 73.02 -29.62
CA ASN D 638 -20.39 72.86 -29.26
C ASN D 638 -19.87 71.43 -29.43
N GLU D 639 -20.69 70.50 -29.91
CA GLU D 639 -20.33 69.12 -30.24
C GLU D 639 -20.00 68.29 -29.00
N LYS D 640 -19.99 68.89 -27.81
CA LYS D 640 -19.80 68.16 -26.58
C LYS D 640 -20.94 68.34 -25.58
N GLU D 641 -21.90 69.22 -25.85
CA GLU D 641 -23.11 69.26 -25.04
C GLU D 641 -23.94 68.01 -25.25
N ILE D 642 -23.83 67.37 -26.42
CA ILE D 642 -24.48 66.08 -26.64
C ILE D 642 -23.96 65.04 -25.65
N VAL D 643 -22.67 65.11 -25.32
CA VAL D 643 -22.10 64.17 -24.36
C VAL D 643 -22.77 64.33 -22.99
N LEU D 644 -22.91 65.57 -22.54
CA LEU D 644 -23.57 65.82 -21.26
C LEU D 644 -25.03 65.43 -21.32
N ALA D 645 -25.68 65.67 -22.46
CA ALA D 645 -27.08 65.27 -22.60
C ALA D 645 -27.25 63.77 -22.45
N LEU D 646 -26.39 63.00 -23.12
CA LEU D 646 -26.45 61.55 -22.98
C LEU D 646 -26.13 61.11 -21.56
N ARG D 647 -25.12 61.73 -20.94
CA ARG D 647 -24.75 61.34 -19.59
C ARG D 647 -25.89 61.58 -18.61
N LEU D 648 -26.56 62.73 -18.72
CA LEU D 648 -27.69 63.01 -17.85
C LEU D 648 -28.89 62.13 -18.19
N ALA D 649 -29.04 61.74 -19.46
CA ALA D 649 -30.11 60.84 -19.83
C ALA D 649 -29.91 59.47 -19.18
N PHE D 650 -28.68 58.99 -19.14
CA PHE D 650 -28.39 57.72 -18.49
C PHE D 650 -28.19 57.84 -16.98
N GLY D 651 -28.19 59.06 -16.45
CA GLY D 651 -28.08 59.25 -15.01
C GLY D 651 -26.68 59.56 -14.53
N GLY D 652 -25.95 60.37 -15.30
CA GLY D 652 -24.58 60.69 -14.96
C GLY D 652 -24.31 62.18 -14.82
N LYS D 653 -23.95 62.61 -13.63
CA LYS D 653 -23.59 64.00 -13.39
C LYS D 653 -22.23 64.31 -14.01
N THR D 654 -22.02 65.58 -14.32
CA THR D 654 -20.75 66.02 -14.90
C THR D 654 -20.48 67.46 -14.49
N GLU D 655 -19.20 67.77 -14.25
CA GLU D 655 -18.75 69.12 -13.97
C GLU D 655 -19.38 69.68 -12.70
N THR D 656 -20.57 70.27 -12.83
CA THR D 656 -21.23 70.92 -11.70
C THR D 656 -21.70 69.93 -10.65
N GLN D 657 -21.64 68.63 -10.93
CA GLN D 657 -22.12 67.58 -10.03
C GLN D 657 -23.61 67.76 -9.75
N TYR D 658 -24.39 67.75 -10.83
CA TYR D 658 -25.84 67.83 -10.75
C TYR D 658 -26.43 66.80 -11.70
N THR D 659 -27.36 65.99 -11.19
CA THR D 659 -28.10 65.06 -12.02
C THR D 659 -29.42 65.67 -12.47
N LEU D 660 -30.14 64.93 -13.33
CA LEU D 660 -31.43 65.42 -13.80
C LEU D 660 -32.43 65.55 -12.66
N ASP D 661 -32.43 64.60 -11.73
CA ASP D 661 -33.35 64.68 -10.59
C ASP D 661 -33.03 65.90 -9.72
N LYS D 662 -31.75 66.15 -9.46
CA LYS D 662 -31.38 67.28 -8.61
C LYS D 662 -31.63 68.60 -9.33
N LEU D 663 -31.40 68.64 -10.64
CA LEU D 663 -31.75 69.83 -11.41
C LEU D 663 -33.26 70.09 -11.37
N ARG D 664 -34.06 69.03 -11.48
CA ARG D 664 -35.51 69.19 -11.39
C ARG D 664 -35.92 69.69 -10.01
N LYS D 665 -35.29 69.16 -8.96
CA LYS D 665 -35.59 69.63 -7.60
C LYS D 665 -35.22 71.09 -7.43
N ASP D 666 -34.08 71.52 -7.97
CA ASP D 666 -33.61 72.89 -7.82
C ASP D 666 -34.16 73.80 -8.91
N GLY D 667 -33.88 73.49 -10.17
CA GLY D 667 -34.34 74.29 -11.28
C GLY D 667 -33.21 75.02 -11.99
N GLU D 668 -32.77 74.45 -13.11
CA GLU D 668 -31.68 75.03 -13.90
C GLU D 668 -31.67 74.36 -15.27
N ALA D 669 -31.17 75.08 -16.26
CA ALA D 669 -31.08 74.60 -17.64
C ALA D 669 -32.45 74.12 -18.13
N GLU D 670 -33.44 75.00 -18.03
CA GLU D 670 -34.80 74.62 -18.40
C GLU D 670 -34.89 74.28 -19.88
N LEU D 671 -34.20 75.05 -20.73
CA LEU D 671 -34.23 74.78 -22.16
C LEU D 671 -33.56 73.45 -22.48
N PHE D 672 -32.43 73.15 -21.84
CA PHE D 672 -31.75 71.89 -22.08
C PHE D 672 -32.55 70.71 -21.55
N ARG D 673 -33.23 70.90 -20.41
CA ARG D 673 -34.11 69.85 -19.90
C ARG D 673 -35.29 69.61 -20.84
N GLU D 674 -35.84 70.68 -21.43
CA GLU D 674 -36.90 70.52 -22.42
C GLU D 674 -36.38 69.77 -23.65
N LYS D 675 -35.16 70.07 -24.09
CA LYS D 675 -34.56 69.33 -25.20
C LYS D 675 -34.43 67.85 -24.86
N ILE D 676 -33.97 67.55 -23.63
CA ILE D 676 -33.82 66.16 -23.21
C ILE D 676 -35.17 65.46 -23.19
N LYS D 677 -36.20 66.12 -22.66
CA LYS D 677 -37.53 65.53 -22.63
C LYS D 677 -38.07 65.28 -24.03
N ASN D 678 -37.86 66.24 -24.94
CA ASN D 678 -38.32 66.07 -26.32
C ASN D 678 -37.61 64.89 -26.99
N TYR D 679 -36.30 64.78 -26.76
CA TYR D 679 -35.55 63.67 -27.36
C TYR D 679 -36.00 62.32 -26.78
N LYS D 680 -36.25 62.27 -25.47
CA LYS D 680 -36.57 61.00 -24.83
C LYS D 680 -38.00 60.55 -25.16
N ASN D 681 -38.96 61.49 -25.14
CA ASN D 681 -40.35 61.10 -25.32
C ASN D 681 -40.66 60.75 -26.77
N ASN D 682 -40.11 61.52 -27.72
CA ASN D 682 -40.38 61.24 -29.14
C ASN D 682 -39.14 61.61 -29.94
N GLU D 683 -38.26 60.61 -30.13
CA GLU D 683 -37.05 60.67 -30.94
C GLU D 683 -36.20 59.44 -30.63
N LEU D 684 -35.60 59.43 -29.44
CA LEU D 684 -34.87 58.27 -28.93
C LEU D 684 -35.75 57.37 -28.09
N PHE D 685 -37.08 57.44 -28.27
CA PHE D 685 -38.00 56.61 -27.51
C PHE D 685 -37.85 55.13 -27.84
N PHE D 686 -37.20 54.79 -28.94
CA PHE D 686 -36.96 53.39 -29.27
C PHE D 686 -36.11 52.71 -28.19
N LEU D 687 -35.24 53.46 -27.53
CA LEU D 687 -34.46 52.96 -26.40
C LEU D 687 -34.83 53.78 -25.17
N GLU D 688 -35.97 53.46 -24.58
CA GLU D 688 -36.38 53.97 -23.28
C GLU D 688 -35.86 53.14 -22.12
N PRO D 689 -36.04 51.81 -22.12
CA PRO D 689 -35.61 51.02 -20.94
C PRO D 689 -34.12 51.07 -20.68
N GLN D 690 -33.29 51.17 -21.70
CA GLN D 690 -31.85 51.18 -21.51
C GLN D 690 -31.35 52.56 -21.12
N MET D 691 -31.95 53.15 -20.08
CA MET D 691 -31.47 54.40 -19.53
C MET D 691 -31.42 54.40 -18.01
N THR D 692 -31.75 53.29 -17.36
CA THR D 692 -31.65 53.15 -15.92
C THR D 692 -30.31 52.50 -15.58
N LYS D 693 -29.89 52.63 -14.32
CA LYS D 693 -28.62 52.04 -13.92
C LYS D 693 -28.68 50.52 -13.93
N THR D 694 -29.80 49.95 -13.49
CA THR D 694 -29.98 48.50 -13.50
C THR D 694 -30.68 48.06 -14.78
N SER D 695 -30.13 48.50 -15.92
CA SER D 695 -30.68 48.16 -17.23
C SER D 695 -29.84 47.12 -17.95
N GLY D 696 -28.54 47.39 -18.12
CA GLY D 696 -27.66 46.49 -18.81
C GLY D 696 -27.00 47.13 -20.02
N TRP D 697 -27.23 48.43 -20.19
CA TRP D 697 -26.68 49.13 -21.35
C TRP D 697 -25.15 49.16 -21.31
N VAL D 698 -24.56 49.16 -20.12
CA VAL D 698 -23.11 49.17 -20.01
C VAL D 698 -22.51 47.92 -20.64
N THR D 699 -23.05 46.75 -20.29
CA THR D 699 -22.52 45.49 -20.82
C THR D 699 -22.67 45.42 -22.33
N THR D 700 -23.85 45.77 -22.84
CA THR D 700 -24.09 45.71 -24.28
C THR D 700 -23.18 46.69 -25.02
N PHE D 701 -23.06 47.90 -24.51
CA PHE D 701 -22.20 48.89 -25.17
C PHE D 701 -20.75 48.47 -25.17
N LEU D 702 -20.25 47.95 -24.04
CA LEU D 702 -18.88 47.50 -23.98
C LEU D 702 -18.65 46.34 -24.93
N ASN D 703 -19.57 45.38 -24.97
CA ASN D 703 -19.41 44.24 -25.87
C ASN D 703 -19.40 44.68 -27.33
N TYR D 704 -20.32 45.57 -27.70
CA TYR D 704 -20.38 46.04 -29.09
C TYR D 704 -19.12 46.82 -29.45
N THR D 705 -18.64 47.68 -28.56
CA THR D 705 -17.43 48.46 -28.84
C THR D 705 -16.22 47.54 -28.99
N ILE D 706 -16.08 46.55 -28.11
CA ILE D 706 -14.95 45.65 -28.18
C ILE D 706 -15.01 44.80 -29.44
N GLU D 707 -16.21 44.35 -29.81
CA GLU D 707 -16.35 43.58 -31.05
C GLU D 707 -15.99 44.41 -32.27
N LYS D 708 -16.45 45.66 -32.31
CA LYS D 708 -16.11 46.53 -33.44
C LYS D 708 -14.61 46.79 -33.51
N ILE D 709 -13.98 47.05 -32.36
CA ILE D 709 -12.55 47.35 -32.35
C ILE D 709 -11.75 46.12 -32.77
N THR D 710 -12.09 44.94 -32.26
CA THR D 710 -11.38 43.73 -32.66
C THR D 710 -11.69 43.34 -34.10
N SER D 711 -12.79 43.83 -34.66
CA SER D 711 -13.01 43.67 -36.10
C SER D 711 -12.12 44.60 -36.91
N GLU D 712 -11.98 45.86 -36.47
CA GLU D 712 -11.18 46.83 -37.22
C GLU D 712 -9.70 46.49 -37.16
N GLU D 713 -9.17 46.21 -35.97
CA GLU D 713 -7.76 45.90 -35.80
C GLU D 713 -7.57 44.38 -35.71
N SER D 714 -6.29 43.97 -35.77
CA SER D 714 -5.94 42.56 -35.72
C SER D 714 -5.16 42.21 -34.46
N ASP D 715 -4.05 42.90 -34.20
CA ASP D 715 -3.24 42.60 -33.04
C ASP D 715 -3.92 43.09 -31.76
N ASP D 716 -3.73 42.34 -30.67
CA ASP D 716 -4.37 42.68 -29.41
C ASP D 716 -3.81 43.97 -28.81
N ASP D 717 -2.53 44.24 -29.05
CA ASP D 717 -1.94 45.48 -28.54
C ASP D 717 -2.61 46.70 -29.16
N ARG D 718 -2.92 46.63 -30.46
CA ARG D 718 -3.65 47.72 -31.10
C ARG D 718 -5.03 47.88 -30.50
N ILE D 719 -5.70 46.77 -30.19
CA ILE D 719 -7.02 46.83 -29.57
C ILE D 719 -6.94 47.51 -28.20
N ARG D 720 -5.94 47.13 -27.40
CA ARG D 720 -5.77 47.75 -26.09
C ARG D 720 -5.44 49.22 -26.20
N GLN D 721 -4.61 49.61 -27.18
CA GLN D 721 -4.30 51.02 -27.39
C GLN D 721 -5.55 51.80 -27.79
N LYS D 722 -6.38 51.23 -28.67
CA LYS D 722 -7.62 51.89 -29.05
C LYS D 722 -8.56 52.03 -27.87
N LEU D 723 -8.64 50.99 -27.03
CA LEU D 723 -9.47 51.07 -25.83
C LEU D 723 -8.97 52.16 -24.88
N SER D 724 -7.65 52.27 -24.73
CA SER D 724 -7.09 53.34 -23.90
C SER D 724 -7.41 54.70 -24.47
N PHE D 725 -7.36 54.83 -25.80
CA PHE D 725 -7.70 56.09 -26.44
C PHE D 725 -9.16 56.45 -26.21
N ILE D 726 -10.06 55.47 -26.32
CA ILE D 726 -11.49 55.76 -26.21
C ILE D 726 -11.93 55.77 -24.76
N PHE D 727 -11.28 55.00 -23.90
CA PHE D 727 -11.65 54.90 -22.48
C PHE D 727 -10.38 55.19 -21.68
N PRO D 728 -10.03 56.46 -21.52
CA PRO D 728 -8.76 56.79 -20.85
C PRO D 728 -8.77 56.39 -19.38
N GLU D 729 -9.81 56.81 -18.66
CA GLU D 729 -9.82 56.66 -17.22
C GLU D 729 -9.99 55.19 -16.80
N ILE D 730 -10.90 54.48 -17.47
CA ILE D 730 -11.14 53.07 -17.13
C ILE D 730 -9.89 52.25 -17.39
N ILE D 731 -9.26 52.44 -18.55
CA ILE D 731 -8.06 51.70 -18.87
C ILE D 731 -6.92 52.09 -17.94
N SER D 732 -6.85 53.36 -17.54
CA SER D 732 -5.83 53.77 -16.58
C SER D 732 -6.02 53.05 -15.24
N ILE D 733 -7.27 52.95 -14.78
CA ILE D 733 -7.54 52.24 -13.53
C ILE D 733 -7.16 50.78 -13.65
N ILE D 734 -7.51 50.16 -14.79
CA ILE D 734 -7.19 48.75 -15.00
C ILE D 734 -5.69 48.54 -15.02
N GLU D 735 -4.96 49.43 -15.71
CA GLU D 735 -3.51 49.32 -15.78
C GLU D 735 -2.87 49.50 -14.41
N GLN D 736 -3.36 50.47 -13.62
CA GLN D 736 -2.82 50.66 -12.28
C GLN D 736 -3.05 49.43 -11.40
N ALA D 737 -4.26 48.86 -11.47
CA ALA D 737 -4.55 47.66 -10.69
C ALA D 737 -3.68 46.49 -11.14
N SER D 738 -3.48 46.34 -12.46
CA SER D 738 -2.65 45.27 -12.97
C SER D 738 -1.20 45.43 -12.53
N SER D 739 -0.69 46.66 -12.56
CA SER D 739 0.66 46.92 -12.09
C SER D 739 0.80 46.59 -10.60
N SER D 740 -0.20 46.97 -9.80
CA SER D 740 -0.17 46.66 -8.38
C SER D 740 -0.19 45.15 -8.15
N ILE D 741 -0.97 44.42 -8.96
CA ILE D 741 -1.04 42.97 -8.81
C ILE D 741 0.29 42.33 -9.19
N GLU D 742 0.86 42.73 -10.33
CA GLU D 742 2.11 42.13 -10.78
C GLU D 742 3.30 42.55 -9.94
N ALA D 743 3.21 43.65 -9.21
CA ALA D 743 4.29 44.02 -8.29
C ALA D 743 4.38 43.07 -7.10
N GLU D 744 3.29 42.35 -6.78
CA GLU D 744 3.27 41.39 -5.69
C GLU D 744 2.82 40.01 -6.19
N GLU D 745 3.09 39.71 -7.46
CA GLU D 745 2.72 38.41 -8.00
C GLU D 745 3.47 37.28 -7.31
N SER D 746 4.77 37.48 -7.05
CA SER D 746 5.58 36.45 -6.41
C SER D 746 5.21 36.23 -4.96
N SER D 747 4.42 37.12 -4.36
CA SER D 747 4.05 37.00 -2.96
C SER D 747 2.70 36.30 -2.78
N LEU D 748 1.68 36.79 -3.49
CA LEU D 748 0.32 36.23 -3.35
C LEU D 748 0.07 35.16 -4.41
N THR D 749 0.94 34.15 -4.41
CA THR D 749 0.81 33.03 -5.34
C THR D 749 1.63 31.86 -4.80
N GLY D 750 1.03 30.68 -4.78
CA GLY D 750 1.70 29.49 -4.30
C GLY D 750 2.71 28.94 -5.28
N ILE E 6 -2.39 -26.75 -35.93
CA ILE E 6 -1.22 -26.70 -36.81
C ILE E 6 -1.63 -26.15 -38.17
N LEU E 7 -0.63 -25.80 -38.98
CA LEU E 7 -0.85 -25.30 -40.32
C LEU E 7 -0.01 -26.11 -41.29
N VAL E 8 -0.59 -26.44 -42.44
CA VAL E 8 0.05 -27.26 -43.46
C VAL E 8 0.26 -26.42 -44.71
N ASP E 9 1.48 -26.45 -45.24
CA ASP E 9 1.86 -25.71 -46.43
C ASP E 9 2.42 -26.68 -47.48
N LYS E 10 2.96 -26.12 -48.56
CA LYS E 10 3.44 -26.94 -49.66
C LYS E 10 4.60 -27.85 -49.23
N VAL E 11 5.55 -27.32 -48.46
CA VAL E 11 6.68 -28.14 -48.04
C VAL E 11 6.21 -29.24 -47.10
N PHE E 12 5.10 -29.03 -46.40
CA PHE E 12 4.60 -30.06 -45.49
C PHE E 12 4.06 -31.23 -46.30
N TYR E 13 3.24 -30.94 -47.31
CA TYR E 13 2.64 -32.04 -48.04
C TYR E 13 3.74 -32.74 -48.85
N GLU E 14 4.67 -31.96 -49.39
CA GLU E 14 5.72 -32.51 -50.24
C GLU E 14 6.73 -33.34 -49.44
N LYS E 15 6.82 -33.15 -48.13
CA LYS E 15 7.86 -33.82 -47.36
C LYS E 15 7.31 -34.73 -46.27
N ILE E 16 6.38 -34.24 -45.45
CA ILE E 16 5.92 -35.01 -44.29
C ILE E 16 4.67 -35.84 -44.59
N LEU E 17 3.94 -35.53 -45.64
CA LEU E 17 2.67 -36.19 -45.94
C LEU E 17 2.76 -37.08 -47.18
N SER E 18 3.34 -36.57 -48.26
CA SER E 18 3.53 -37.36 -49.46
C SER E 18 5.01 -37.59 -49.75
N VAL E 19 5.74 -38.13 -48.77
CA VAL E 19 7.20 -38.28 -48.91
C VAL E 19 7.52 -39.01 -50.22
N GLU E 20 7.10 -40.27 -50.33
CA GLU E 20 7.42 -41.07 -51.50
C GLU E 20 6.27 -40.99 -52.50
N SER E 21 5.08 -41.41 -52.07
CA SER E 21 3.90 -41.43 -52.91
C SER E 21 3.59 -40.03 -53.43
N PHE E 22 2.91 -39.97 -54.58
CA PHE E 22 2.50 -38.71 -55.20
C PHE E 22 3.63 -37.68 -55.23
N LYS E 23 4.85 -38.17 -55.50
CA LYS E 23 5.97 -37.25 -55.72
C LYS E 23 6.09 -36.88 -57.19
N GLU E 24 5.97 -37.86 -58.10
CA GLU E 24 6.16 -37.58 -59.51
C GLU E 24 5.09 -36.64 -60.05
N ASN E 25 3.94 -36.56 -59.39
CA ASN E 25 2.86 -35.68 -59.86
C ASN E 25 3.19 -34.22 -59.61
N ILE E 26 3.84 -33.93 -58.47
CA ILE E 26 4.12 -32.53 -58.13
C ILE E 26 5.19 -31.95 -59.05
N ILE E 27 6.25 -32.71 -59.31
CA ILE E 27 7.32 -32.22 -60.17
C ILE E 27 6.85 -32.07 -61.60
N THR E 28 5.98 -32.97 -62.06
CA THR E 28 5.49 -32.95 -63.43
C THR E 28 4.30 -32.04 -63.63
N GLN E 29 3.84 -31.36 -62.57
CA GLN E 29 2.71 -30.42 -62.66
C GLN E 29 1.46 -31.11 -63.20
N SER E 30 1.22 -32.34 -62.74
CA SER E 30 0.05 -33.11 -63.14
C SER E 30 -0.96 -33.16 -62.00
N ALA E 31 -2.24 -33.21 -62.36
CA ALA E 31 -3.29 -33.21 -61.36
C ALA E 31 -3.23 -34.47 -60.50
N ILE E 32 -3.47 -34.29 -59.21
CA ILE E 32 -3.50 -35.41 -58.26
C ILE E 32 -4.74 -36.23 -58.54
N PRO E 33 -4.61 -37.52 -58.87
CA PRO E 33 -5.78 -38.33 -59.16
C PRO E 33 -6.62 -38.59 -57.91
N LYS E 34 -7.91 -38.77 -58.12
CA LYS E 34 -8.82 -39.15 -57.06
C LYS E 34 -8.72 -40.66 -56.85
N ILE E 35 -9.59 -41.21 -56.01
CA ILE E 35 -9.58 -42.64 -55.71
C ILE E 35 -10.51 -43.34 -56.69
N SER E 36 -9.94 -44.23 -57.51
CA SER E 36 -10.70 -44.92 -58.54
C SER E 36 -11.49 -46.07 -57.93
N ASN E 37 -12.47 -46.55 -58.69
CA ASN E 37 -13.31 -47.65 -58.23
C ASN E 37 -12.53 -48.95 -58.10
N LYS E 38 -11.48 -49.13 -58.90
CA LYS E 38 -10.70 -50.36 -58.87
C LYS E 38 -9.80 -50.46 -57.64
N GLU E 39 -9.62 -49.37 -56.90
CA GLU E 39 -8.76 -49.37 -55.72
C GLU E 39 -9.53 -49.54 -54.42
N VAL E 40 -10.85 -49.74 -54.49
CA VAL E 40 -11.71 -49.79 -53.31
C VAL E 40 -12.49 -51.09 -53.33
N ARG E 41 -12.32 -51.90 -52.31
CA ARG E 41 -13.21 -53.03 -52.06
C ARG E 41 -14.49 -52.54 -51.40
N LEU E 42 -15.59 -53.23 -51.72
CA LEU E 42 -16.93 -52.80 -51.35
C LEU E 42 -17.61 -53.81 -50.45
N ILE E 43 -16.92 -54.23 -49.38
CA ILE E 43 -17.41 -55.39 -48.64
C ILE E 43 -18.75 -55.06 -47.96
N SER E 44 -19.52 -56.10 -47.69
CA SER E 44 -20.88 -55.94 -47.17
C SER E 44 -21.06 -56.85 -45.95
N SER E 45 -21.47 -56.25 -44.84
CA SER E 45 -21.87 -56.98 -43.64
C SER E 45 -23.25 -56.49 -43.25
N GLY E 46 -24.27 -57.34 -43.42
CA GLY E 46 -25.62 -56.87 -43.24
C GLY E 46 -25.99 -55.84 -44.29
N SER E 47 -26.81 -54.88 -43.90
CA SER E 47 -27.16 -53.76 -44.77
C SER E 47 -26.21 -52.60 -44.58
N LYS E 48 -24.90 -52.88 -44.65
CA LYS E 48 -23.87 -51.88 -44.53
C LYS E 48 -22.81 -52.11 -45.59
N ILE E 49 -22.21 -51.01 -46.05
CA ILE E 49 -21.18 -51.04 -47.08
C ILE E 49 -19.91 -50.50 -46.47
N PHE E 50 -18.84 -51.29 -46.49
CA PHE E 50 -17.54 -50.89 -45.96
C PHE E 50 -16.56 -50.78 -47.13
N TYR E 51 -15.96 -49.60 -47.25
CA TYR E 51 -15.00 -49.31 -48.31
C TYR E 51 -13.60 -49.57 -47.79
N ALA E 52 -12.88 -50.48 -48.44
CA ALA E 52 -11.53 -50.86 -48.03
C ALA E 52 -10.54 -50.41 -49.09
N ILE E 53 -9.55 -49.64 -48.67
CA ILE E 53 -8.52 -49.15 -49.58
C ILE E 53 -7.36 -50.13 -49.62
N ASN E 54 -6.85 -50.38 -50.83
CA ASN E 54 -5.75 -51.32 -50.99
C ASN E 54 -4.49 -50.80 -50.32
N ASN E 55 -3.75 -51.71 -49.67
CA ASN E 55 -2.53 -51.32 -48.99
C ASN E 55 -1.48 -50.82 -49.98
N THR E 56 -1.38 -51.48 -51.13
CA THR E 56 -0.40 -51.11 -52.15
C THR E 56 -0.92 -49.95 -52.99
N SER E 57 -1.31 -48.85 -52.34
CA SER E 57 -1.80 -47.68 -53.02
C SER E 57 -1.20 -46.43 -52.38
N PRO E 58 -0.88 -45.40 -53.17
CA PRO E 58 -0.34 -44.16 -52.59
C PRO E 58 -1.29 -43.49 -51.63
N HIS E 59 -2.60 -43.59 -51.90
CA HIS E 59 -3.58 -42.95 -51.02
C HIS E 59 -3.56 -43.55 -49.63
N SER E 60 -3.21 -44.81 -49.52
CA SER E 60 -3.26 -45.40 -48.18
C SER E 60 -2.10 -44.82 -47.37
N HIS E 61 -1.01 -44.55 -48.08
CA HIS E 61 0.19 -44.04 -47.39
C HIS E 61 -0.03 -42.57 -47.06
N VAL E 62 -0.65 -41.81 -47.94
CA VAL E 62 -0.93 -40.40 -47.56
C VAL E 62 -1.87 -40.44 -46.34
N GLN E 63 -2.70 -41.47 -46.25
CA GLN E 63 -3.70 -41.53 -45.16
C GLN E 63 -2.99 -41.85 -43.86
N LEU E 64 -2.05 -42.76 -43.87
CA LEU E 64 -1.43 -43.15 -42.58
C LEU E 64 -0.64 -41.94 -42.07
N ARG E 65 -0.22 -41.08 -42.98
CA ARG E 65 0.60 -39.92 -42.57
C ARG E 65 -0.31 -38.74 -42.21
N LEU E 66 -1.50 -38.67 -42.79
CA LEU E 66 -2.47 -37.61 -42.42
C LEU E 66 -2.92 -37.87 -41.00
N ASN E 67 -3.09 -39.13 -40.62
CA ASN E 67 -3.62 -39.45 -39.27
C ASN E 67 -2.46 -39.43 -38.29
N ARG E 68 -1.29 -39.03 -38.78
CA ARG E 68 -0.11 -39.04 -37.90
C ARG E 68 0.48 -37.64 -37.71
N PHE E 69 0.37 -36.76 -38.71
CA PHE E 69 1.02 -35.44 -38.63
C PHE E 69 0.06 -34.31 -38.97
N PHE E 70 -1.25 -34.56 -39.04
CA PHE E 70 -2.23 -33.47 -39.26
C PHE E 70 -3.46 -33.77 -38.44
N LEU E 71 -4.22 -34.77 -38.84
CA LEU E 71 -5.49 -35.07 -38.15
C LEU E 71 -5.20 -35.78 -36.82
N SER E 72 -4.38 -35.19 -35.96
CA SER E 72 -4.08 -35.74 -34.62
C SER E 72 -3.61 -34.58 -33.76
N HIS E 73 -3.51 -33.41 -34.35
CA HIS E 73 -3.10 -32.19 -33.68
C HIS E 73 -4.17 -31.10 -33.75
N ILE E 74 -5.31 -31.39 -34.37
CA ILE E 74 -6.43 -30.44 -34.46
C ILE E 74 -7.25 -30.54 -33.18
N PRO E 75 -7.39 -29.45 -32.42
CA PRO E 75 -8.08 -29.51 -31.14
C PRO E 75 -9.49 -30.07 -31.27
N LEU E 76 -9.90 -30.81 -30.24
CA LEU E 76 -11.19 -31.48 -30.24
C LEU E 76 -11.92 -31.17 -28.93
N ASN E 77 -13.12 -31.71 -28.79
CA ASN E 77 -13.96 -31.51 -27.62
C ASN E 77 -13.86 -32.72 -26.70
N SER E 78 -13.86 -32.48 -25.40
CA SER E 78 -13.69 -33.57 -24.44
C SER E 78 -14.86 -34.55 -24.49
N ALA E 79 -16.03 -34.10 -24.92
CA ALA E 79 -17.18 -35.01 -25.01
C ALA E 79 -17.00 -36.07 -26.07
N ALA E 80 -16.05 -35.90 -26.98
CA ALA E 80 -15.74 -36.91 -27.99
C ALA E 80 -14.81 -37.94 -27.36
N LYS E 81 -15.38 -39.06 -26.93
CA LYS E 81 -14.63 -40.10 -26.23
C LYS E 81 -14.20 -41.22 -27.16
N ALA E 82 -14.39 -41.06 -28.47
CA ALA E 82 -14.08 -42.10 -29.44
C ALA E 82 -13.13 -41.56 -30.50
N PHE E 83 -12.41 -42.53 -31.07
CA PHE E 83 -11.45 -42.28 -32.16
C PHE E 83 -10.36 -41.31 -31.75
N VAL E 84 -10.14 -41.15 -30.46
CA VAL E 84 -9.19 -40.12 -29.96
C VAL E 84 -8.21 -40.81 -29.02
N ARG E 85 -7.00 -40.30 -28.93
CA ARG E 85 -5.98 -40.94 -28.08
C ARG E 85 -6.32 -40.67 -26.62
N GLY E 86 -6.67 -41.71 -25.89
CA GLY E 86 -7.01 -41.57 -24.46
C GLY E 86 -8.46 -41.85 -24.31
N GLY E 87 -9.12 -42.21 -25.40
CA GLY E 87 -10.56 -42.39 -25.37
C GLY E 87 -10.94 -43.82 -25.15
N SER E 88 -12.06 -44.03 -24.49
CA SER E 88 -12.49 -45.39 -24.17
C SER E 88 -14.00 -45.37 -23.95
N TYR E 89 -14.65 -46.51 -24.09
CA TYR E 89 -16.06 -46.57 -23.75
C TYR E 89 -16.28 -46.32 -22.27
N LEU E 90 -15.31 -46.77 -21.45
CA LEU E 90 -15.45 -46.62 -20.00
C LEU E 90 -15.44 -45.14 -19.62
N LYS E 91 -14.56 -44.36 -20.25
CA LYS E 91 -14.56 -42.92 -20.04
C LYS E 91 -15.81 -42.28 -20.63
N TYR E 92 -16.41 -42.91 -21.65
CA TYR E 92 -17.67 -42.42 -22.20
C TYR E 92 -18.80 -42.57 -21.20
N LEU E 93 -18.80 -43.66 -20.44
CA LEU E 93 -19.85 -43.90 -19.46
C LEU E 93 -19.54 -43.33 -18.07
N GLU E 94 -18.29 -42.95 -17.82
CA GLU E 94 -17.90 -42.49 -16.49
C GLU E 94 -18.62 -41.23 -16.02
N PRO E 95 -18.75 -40.16 -16.82
CA PRO E 95 -19.29 -38.91 -16.26
C PRO E 95 -20.72 -39.01 -15.79
N HIS E 96 -21.46 -40.03 -16.20
CA HIS E 96 -22.89 -40.11 -15.95
C HIS E 96 -23.23 -40.85 -14.65
N ILE E 97 -22.23 -41.26 -13.87
CA ILE E 97 -22.50 -41.87 -12.58
C ILE E 97 -23.12 -40.87 -11.61
N TYR E 98 -22.91 -39.57 -11.82
CA TYR E 98 -23.46 -38.55 -10.95
C TYR E 98 -24.91 -38.23 -11.23
N GLY E 99 -25.47 -38.74 -12.32
CA GLY E 99 -26.84 -38.44 -12.69
C GLY E 99 -27.84 -39.47 -12.20
N SER E 100 -29.11 -39.04 -12.16
CA SER E 100 -30.21 -39.89 -11.75
C SER E 100 -31.10 -40.33 -12.90
N SER E 101 -31.20 -39.53 -13.96
CA SER E 101 -31.95 -39.91 -15.15
C SER E 101 -30.99 -39.99 -16.34
N TYR E 102 -31.31 -40.87 -17.28
CA TYR E 102 -30.42 -41.13 -18.41
C TYR E 102 -31.21 -41.12 -19.71
N CYS E 103 -30.56 -40.65 -20.78
CA CYS E 103 -31.15 -40.58 -22.11
C CYS E 103 -30.07 -40.89 -23.14
N ARG E 104 -30.30 -41.92 -23.94
CA ARG E 104 -29.36 -42.36 -24.96
C ARG E 104 -29.99 -42.17 -26.34
N LEU E 105 -29.27 -41.47 -27.20
CA LEU E 105 -29.71 -41.17 -28.56
C LEU E 105 -28.63 -41.59 -29.54
N ASP E 106 -29.02 -41.68 -30.82
CA ASP E 106 -28.10 -42.09 -31.86
C ASP E 106 -28.35 -41.27 -33.12
N ILE E 107 -27.33 -41.18 -33.97
CA ILE E 107 -27.40 -40.47 -35.24
C ILE E 107 -27.51 -41.51 -36.35
N SER E 108 -28.49 -41.34 -37.23
CA SER E 108 -28.73 -42.29 -38.31
C SER E 108 -27.74 -42.04 -39.43
N SER E 109 -26.92 -43.05 -39.73
CA SER E 109 -25.92 -42.98 -40.80
C SER E 109 -25.00 -41.78 -40.61
N PHE E 110 -24.25 -41.81 -39.50
CA PHE E 110 -23.43 -40.66 -39.14
C PHE E 110 -22.36 -40.38 -40.18
N PHE E 111 -21.67 -41.42 -40.65
CA PHE E 111 -20.59 -41.23 -41.61
C PHE E 111 -21.13 -40.90 -43.00
N ASN E 112 -22.32 -41.41 -43.33
CA ASN E 112 -22.91 -41.15 -44.64
C ASN E 112 -23.58 -39.79 -44.74
N ASN E 113 -23.82 -39.12 -43.61
CA ASN E 113 -24.49 -37.82 -43.61
C ASN E 113 -23.52 -36.65 -43.41
N ILE E 114 -22.22 -36.92 -43.38
CA ILE E 114 -21.23 -35.86 -43.21
C ILE E 114 -20.99 -35.21 -44.58
N SER E 115 -21.40 -33.95 -44.72
CA SER E 115 -21.21 -33.23 -45.96
C SER E 115 -19.72 -32.95 -46.19
N PHE E 116 -19.28 -33.11 -47.43
CA PHE E 116 -17.88 -32.85 -47.75
C PHE E 116 -17.56 -31.36 -47.67
N ASP E 117 -18.55 -30.50 -47.91
CA ASP E 117 -18.34 -29.07 -47.73
C ASP E 117 -18.06 -28.73 -46.27
N ASP E 118 -18.74 -29.41 -45.34
CA ASP E 118 -18.44 -29.23 -43.93
C ASP E 118 -17.02 -29.65 -43.60
N VAL E 119 -16.56 -30.76 -44.20
CA VAL E 119 -15.18 -31.21 -43.99
C VAL E 119 -14.20 -30.17 -44.51
N LYS E 120 -14.47 -29.64 -45.70
CA LYS E 120 -13.59 -28.61 -46.27
C LYS E 120 -13.54 -27.38 -45.39
N GLN E 121 -14.70 -26.93 -44.90
CA GLN E 121 -14.73 -25.76 -44.02
C GLN E 121 -14.00 -26.03 -42.71
N SER E 122 -14.15 -27.22 -42.15
CA SER E 122 -13.50 -27.54 -40.89
C SER E 122 -11.98 -27.61 -41.06
N LEU E 123 -11.51 -28.17 -42.16
CA LEU E 123 -10.07 -28.32 -42.37
C LEU E 123 -9.42 -27.11 -43.02
N SER E 124 -10.19 -26.14 -43.49
CA SER E 124 -9.58 -24.95 -44.08
C SER E 124 -8.70 -24.15 -43.13
N PRO E 125 -9.07 -23.90 -41.86
CA PRO E 125 -8.18 -23.08 -41.02
C PRO E 125 -6.79 -23.68 -40.81
N TYR E 126 -6.66 -25.00 -40.92
CA TYR E 126 -5.40 -25.67 -40.69
C TYR E 126 -4.62 -25.96 -41.97
N ILE E 127 -5.12 -25.52 -43.11
CA ILE E 127 -4.47 -25.71 -44.40
C ILE E 127 -4.35 -24.37 -45.10
N LYS E 128 -3.14 -24.04 -45.56
CA LYS E 128 -2.91 -22.74 -46.17
C LYS E 128 -3.64 -22.63 -47.50
N ASP E 129 -4.15 -21.43 -47.79
CA ASP E 129 -4.88 -21.17 -49.03
C ASP E 129 -3.85 -20.85 -50.11
N GLU E 130 -3.35 -21.91 -50.76
CA GLU E 130 -2.38 -21.76 -51.82
C GLU E 130 -2.51 -22.92 -52.79
N TYR E 131 -2.04 -22.71 -54.01
CA TYR E 131 -2.10 -23.72 -55.06
C TYR E 131 -0.88 -24.64 -54.96
N LEU E 132 -1.13 -25.95 -54.86
CA LEU E 132 -0.03 -26.90 -54.80
C LEU E 132 0.62 -27.08 -56.17
N ILE E 133 -0.20 -27.18 -57.21
CA ILE E 133 0.27 -27.50 -58.57
C ILE E 133 -0.25 -26.43 -59.53
N GLY E 134 0.64 -25.52 -59.92
CA GLY E 134 0.30 -24.48 -60.89
C GLY E 134 -0.84 -23.62 -60.38
N THR E 135 -1.94 -23.60 -61.14
CA THR E 135 -3.14 -22.88 -60.72
C THR E 135 -4.38 -23.73 -61.04
N GLU E 136 -4.25 -25.05 -61.01
CA GLU E 136 -5.35 -25.94 -61.31
C GLU E 136 -5.96 -26.61 -60.10
N GLN E 137 -5.16 -26.94 -59.09
CA GLN E 137 -5.66 -27.52 -57.85
C GLN E 137 -5.04 -26.80 -56.66
N LYS E 138 -5.81 -26.71 -55.58
CA LYS E 138 -5.32 -26.13 -54.34
C LYS E 138 -4.81 -27.23 -53.41
N LEU E 139 -4.10 -26.82 -52.37
CA LEU E 139 -3.58 -27.78 -51.40
C LEU E 139 -4.71 -28.49 -50.66
N ILE E 140 -5.77 -27.74 -50.32
CA ILE E 140 -6.88 -28.33 -49.58
C ILE E 140 -7.62 -29.34 -50.43
N ASP E 141 -7.81 -29.05 -51.72
CA ASP E 141 -8.44 -30.03 -52.60
C ASP E 141 -7.58 -31.29 -52.74
N ALA E 142 -6.27 -31.11 -52.86
CA ALA E 142 -5.38 -32.26 -53.00
C ALA E 142 -5.39 -33.13 -51.74
N ILE E 143 -5.39 -32.49 -50.56
CA ILE E 143 -5.39 -33.26 -49.32
C ILE E 143 -6.75 -33.92 -49.09
N LEU E 144 -7.84 -33.28 -49.52
CA LEU E 144 -9.15 -33.88 -49.36
C LEU E 144 -9.38 -35.02 -50.35
N ASN E 145 -8.69 -35.00 -51.48
CA ASN E 145 -8.80 -36.09 -52.45
C ASN E 145 -8.32 -37.42 -51.88
N SER E 146 -7.45 -37.39 -50.87
CA SER E 146 -6.96 -38.62 -50.25
C SER E 146 -7.91 -39.17 -49.19
N VAL E 147 -8.89 -38.39 -48.73
CA VAL E 147 -9.78 -38.79 -47.66
C VAL E 147 -11.23 -38.88 -48.13
N GLY E 148 -11.48 -38.73 -49.44
CA GLY E 148 -12.82 -38.77 -49.96
C GLY E 148 -12.94 -39.81 -51.06
N TYR E 149 -14.19 -40.17 -51.34
CA TYR E 149 -14.48 -41.19 -52.36
C TYR E 149 -15.92 -41.02 -52.82
N GLU E 150 -16.11 -40.98 -54.14
CA GLU E 150 -17.44 -40.93 -54.72
C GLU E 150 -18.03 -42.34 -54.77
N SER E 151 -19.12 -42.55 -54.04
CA SER E 151 -19.70 -43.88 -53.91
C SER E 151 -20.54 -44.21 -55.13
N PRO E 152 -20.20 -45.26 -55.89
CA PRO E 152 -21.03 -45.62 -57.05
C PRO E 152 -22.45 -46.03 -56.70
N ILE E 153 -22.65 -46.69 -55.56
CA ILE E 153 -23.99 -47.15 -55.19
C ILE E 153 -24.88 -45.96 -54.85
N ARG E 154 -24.31 -44.92 -54.23
CA ARG E 154 -25.04 -43.72 -53.85
C ARG E 154 -25.09 -42.69 -54.98
N LYS E 155 -24.95 -43.12 -56.23
CA LYS E 155 -24.99 -42.28 -57.43
C LYS E 155 -24.13 -41.02 -57.31
N ASP E 156 -24.44 -39.98 -58.08
CA ASP E 156 -23.64 -38.77 -58.09
C ASP E 156 -24.14 -37.77 -57.03
N LYS E 157 -24.15 -38.25 -55.79
CA LYS E 157 -24.55 -37.43 -54.65
C LYS E 157 -23.40 -36.60 -54.08
N GLY E 158 -22.20 -36.73 -54.65
CA GLY E 158 -21.05 -35.98 -54.18
C GLY E 158 -19.94 -36.87 -53.66
N MET E 159 -19.01 -36.30 -52.92
CA MET E 159 -17.89 -37.04 -52.35
C MET E 159 -18.20 -37.35 -50.89
N ILE E 160 -18.42 -38.63 -50.59
CA ILE E 160 -18.82 -39.08 -49.27
C ILE E 160 -17.60 -39.59 -48.53
N ILE E 161 -17.57 -39.36 -47.21
CA ILE E 161 -16.57 -39.97 -46.34
C ILE E 161 -16.89 -41.44 -46.18
N PRO E 162 -16.11 -42.34 -46.78
CA PRO E 162 -16.43 -43.77 -46.70
C PRO E 162 -16.24 -44.31 -45.30
N MET E 163 -17.03 -45.33 -44.97
CA MET E 163 -16.95 -46.01 -43.67
C MET E 163 -15.97 -47.17 -43.80
N GLY E 164 -14.74 -46.96 -43.35
CA GLY E 164 -13.73 -47.99 -43.45
C GLY E 164 -12.33 -47.46 -43.74
N PHE E 165 -12.23 -46.18 -44.07
CA PHE E 165 -10.94 -45.57 -44.31
C PHE E 165 -10.25 -45.23 -42.99
N ARG E 166 -8.93 -45.07 -43.05
CA ARG E 166 -8.15 -44.79 -41.86
C ARG E 166 -8.44 -43.39 -41.31
N THR E 167 -8.60 -42.41 -42.19
CA THR E 167 -8.74 -41.02 -41.76
C THR E 167 -10.17 -40.65 -41.35
N SER E 168 -11.16 -41.47 -41.69
CA SER E 168 -12.55 -41.13 -41.40
C SER E 168 -12.85 -40.96 -39.91
N PRO E 169 -12.38 -41.82 -38.99
CA PRO E 169 -12.74 -41.61 -37.57
C PRO E 169 -12.29 -40.27 -37.02
N ALA E 170 -11.11 -39.78 -37.41
CA ALA E 170 -10.65 -38.49 -36.90
C ALA E 170 -11.40 -37.33 -37.54
N ILE E 171 -11.65 -37.42 -38.85
CA ILE E 171 -12.39 -36.37 -39.55
C ILE E 171 -13.80 -36.25 -38.99
N SER E 172 -14.39 -37.37 -38.56
CA SER E 172 -15.72 -37.32 -37.96
C SER E 172 -15.74 -36.39 -36.75
N ASN E 173 -14.80 -36.58 -35.82
CA ASN E 173 -14.74 -35.73 -34.64
C ASN E 173 -14.36 -34.30 -35.00
N ILE E 174 -13.46 -34.13 -35.97
CA ILE E 174 -13.06 -32.77 -36.37
C ILE E 174 -14.25 -32.00 -36.90
N VAL E 175 -15.08 -32.64 -37.72
CA VAL E 175 -16.28 -32.00 -38.24
C VAL E 175 -17.30 -31.77 -37.15
N PHE E 176 -17.46 -32.75 -36.25
CA PHE E 176 -18.52 -32.70 -35.25
C PHE E 176 -18.13 -31.93 -33.99
N ARG E 177 -16.94 -31.34 -33.95
CA ARG E 177 -16.58 -30.49 -32.82
C ARG E 177 -17.59 -29.36 -32.62
N LYS E 178 -18.05 -28.74 -33.71
CA LYS E 178 -19.02 -27.65 -33.61
C LYS E 178 -20.32 -28.12 -32.96
N MET E 179 -20.85 -29.25 -33.44
CA MET E 179 -22.10 -29.76 -32.88
C MET E 179 -21.92 -30.22 -31.44
N ASP E 180 -20.75 -30.78 -31.12
CA ASP E 180 -20.46 -31.14 -29.73
C ASP E 180 -20.47 -29.91 -28.85
N LEU E 181 -19.86 -28.81 -29.31
CA LEU E 181 -19.87 -27.58 -28.53
C LEU E 181 -21.29 -27.06 -28.34
N LEU E 182 -22.11 -27.09 -29.39
CA LEU E 182 -23.47 -26.58 -29.28
C LEU E 182 -24.29 -27.42 -28.30
N ILE E 183 -24.23 -28.75 -28.44
CA ILE E 183 -25.00 -29.62 -27.56
C ILE E 183 -24.49 -29.52 -26.13
N GLN E 184 -23.17 -29.40 -25.94
CA GLN E 184 -22.61 -29.27 -24.61
C GLN E 184 -23.05 -27.98 -23.94
N ASP E 185 -23.08 -26.88 -24.71
CA ASP E 185 -23.56 -25.61 -24.16
C ASP E 185 -25.04 -25.70 -23.78
N PHE E 186 -25.85 -26.33 -24.64
CA PHE E 186 -27.27 -26.48 -24.32
C PHE E 186 -27.46 -27.30 -23.06
N CYS E 187 -26.74 -28.41 -22.93
CA CYS E 187 -26.86 -29.26 -21.76
C CYS E 187 -26.36 -28.56 -20.51
N ALA E 188 -25.29 -27.77 -20.62
CA ALA E 188 -24.81 -27.00 -19.49
C ALA E 188 -25.84 -25.99 -19.03
N LYS E 189 -26.50 -25.32 -19.98
CA LYS E 189 -27.59 -24.42 -19.61
C LYS E 189 -28.72 -25.19 -18.93
N LYS E 190 -28.98 -26.41 -19.39
CA LYS E 190 -30.00 -27.26 -18.78
C LYS E 190 -29.48 -28.12 -17.64
N GLY E 191 -28.19 -28.03 -17.32
CA GLY E 191 -27.61 -28.83 -16.26
C GLY E 191 -27.58 -30.32 -16.55
N VAL E 192 -27.17 -30.71 -17.75
CA VAL E 192 -27.14 -32.11 -18.18
C VAL E 192 -25.70 -32.46 -18.55
N ILE E 193 -25.24 -33.62 -18.10
CA ILE E 193 -23.92 -34.12 -18.48
C ILE E 193 -24.04 -34.83 -19.82
N TYR E 194 -23.18 -34.47 -20.76
CA TYR E 194 -23.24 -34.96 -22.13
C TYR E 194 -21.94 -35.64 -22.51
N SER E 195 -22.05 -36.82 -23.11
CA SER E 195 -20.89 -37.51 -23.67
C SER E 195 -21.28 -38.12 -25.01
N ARG E 196 -20.28 -38.32 -25.86
CA ARG E 196 -20.52 -38.87 -27.19
C ARG E 196 -19.43 -39.87 -27.54
N TYR E 197 -19.86 -41.02 -28.07
CA TYR E 197 -18.95 -42.04 -28.60
C TYR E 197 -19.38 -42.30 -30.04
N ALA E 198 -18.57 -41.81 -30.99
CA ALA E 198 -18.90 -41.86 -32.40
C ALA E 198 -20.23 -41.16 -32.66
N ASP E 199 -21.31 -41.93 -32.82
CA ASP E 199 -22.64 -41.38 -33.07
C ASP E 199 -23.63 -41.74 -31.97
N ASP E 200 -23.15 -42.16 -30.81
CA ASP E 200 -24.00 -42.50 -29.67
C ASP E 200 -23.84 -41.42 -28.62
N MET E 201 -24.93 -40.72 -28.31
CA MET E 201 -24.94 -39.63 -27.36
C MET E 201 -25.60 -40.08 -26.07
N LEU E 202 -24.95 -39.81 -24.94
CA LEU E 202 -25.49 -40.13 -23.63
C LEU E 202 -25.63 -38.85 -22.82
N PHE E 203 -26.83 -38.66 -22.25
CA PHE E 203 -27.15 -37.50 -21.44
C PHE E 203 -27.59 -37.97 -20.06
N SER E 204 -27.11 -37.31 -19.03
CA SER E 204 -27.43 -37.66 -17.66
C SER E 204 -27.87 -36.43 -16.89
N ASN E 205 -28.94 -36.58 -16.12
CA ASN E 205 -29.49 -35.49 -15.31
C ASN E 205 -29.43 -35.90 -13.84
N PRO E 206 -28.65 -35.20 -13.01
CA PRO E 206 -28.60 -35.55 -11.58
C PRO E 206 -29.79 -35.04 -10.78
N ARG E 207 -30.47 -33.99 -11.24
CA ARG E 207 -31.60 -33.45 -10.51
C ARG E 207 -32.85 -34.29 -10.72
N GLU E 208 -33.80 -34.14 -9.81
CA GLU E 208 -35.05 -34.89 -9.86
C GLU E 208 -36.02 -34.16 -10.80
N SER E 209 -35.70 -34.24 -12.09
CA SER E 209 -36.48 -33.60 -13.13
C SER E 209 -36.73 -34.58 -14.27
N LYS E 210 -37.81 -34.36 -15.01
CA LYS E 210 -38.20 -35.22 -16.12
C LYS E 210 -37.83 -34.61 -17.47
N LEU E 211 -36.74 -33.87 -17.53
CA LEU E 211 -36.33 -33.24 -18.78
C LEU E 211 -35.91 -34.27 -19.82
N LEU E 212 -35.17 -35.30 -19.40
CA LEU E 212 -34.67 -36.29 -20.35
C LEU E 212 -35.78 -37.17 -20.91
N MET E 213 -36.83 -37.40 -20.14
CA MET E 213 -37.98 -38.17 -20.61
C MET E 213 -38.97 -37.34 -21.41
N SER E 214 -38.76 -36.03 -21.51
CA SER E 214 -39.68 -35.15 -22.21
C SER E 214 -39.34 -35.09 -23.69
N ASP E 215 -40.34 -34.71 -24.50
CA ASP E 215 -40.14 -34.54 -25.93
C ASP E 215 -39.32 -33.29 -26.24
N TYR E 216 -39.28 -32.32 -25.32
CA TYR E 216 -38.55 -31.08 -25.57
C TYR E 216 -37.07 -31.34 -25.77
N PHE E 217 -36.48 -32.23 -24.97
CA PHE E 217 -35.05 -32.52 -25.10
C PHE E 217 -34.74 -33.13 -26.45
N ILE E 218 -35.55 -34.10 -26.89
CA ILE E 218 -35.35 -34.73 -28.18
C ILE E 218 -35.52 -33.70 -29.30
N ASP E 219 -36.53 -32.85 -29.19
CA ASP E 219 -36.74 -31.83 -30.22
C ASP E 219 -35.57 -30.87 -30.30
N GLU E 220 -35.03 -30.46 -29.15
CA GLU E 220 -33.89 -29.54 -29.16
C GLU E 220 -32.65 -30.21 -29.75
N ILE E 221 -32.39 -31.47 -29.40
CA ILE E 221 -31.24 -32.16 -29.97
C ILE E 221 -31.40 -32.31 -31.47
N SER E 222 -32.61 -32.64 -31.94
CA SER E 222 -32.86 -32.75 -33.37
C SER E 222 -32.67 -31.41 -34.08
N SER E 223 -33.15 -30.32 -33.46
CA SER E 223 -32.99 -29.00 -34.06
C SER E 223 -31.52 -28.62 -34.16
N LEU E 224 -30.74 -28.91 -33.11
CA LEU E 224 -29.31 -28.64 -33.17
C LEU E 224 -28.64 -29.47 -34.26
N LEU E 225 -28.97 -30.76 -34.34
CA LEU E 225 -28.35 -31.62 -35.34
C LEU E 225 -28.76 -31.24 -36.75
N SER E 226 -29.93 -30.61 -36.92
CA SER E 226 -30.39 -30.23 -38.24
C SER E 226 -29.53 -29.14 -38.87
N ILE E 227 -28.69 -28.46 -38.09
CA ILE E 227 -27.81 -27.45 -38.64
C ILE E 227 -26.83 -28.07 -39.62
N MET E 228 -26.25 -29.21 -39.25
CA MET E 228 -25.32 -29.93 -40.10
C MET E 228 -25.98 -31.07 -40.87
N GLY E 229 -27.29 -31.22 -40.76
CA GLY E 229 -28.01 -32.23 -41.51
C GLY E 229 -28.18 -33.57 -40.83
N PHE E 230 -27.63 -33.75 -39.64
CA PHE E 230 -27.75 -35.02 -38.94
C PHE E 230 -29.14 -35.19 -38.36
N ASN E 231 -29.60 -36.43 -38.34
CA ASN E 231 -30.90 -36.81 -37.78
C ASN E 231 -30.70 -37.68 -36.54
N ILE E 232 -31.82 -38.10 -35.96
CA ILE E 232 -31.82 -38.94 -34.76
C ILE E 232 -32.55 -40.23 -35.08
N ASN E 233 -31.91 -41.36 -34.77
CA ASN E 233 -32.53 -42.67 -34.95
C ASN E 233 -33.53 -42.87 -33.82
N GLN E 234 -34.83 -42.83 -34.15
CA GLN E 234 -35.86 -42.97 -33.14
C GLN E 234 -36.03 -44.40 -32.65
N SER E 235 -35.41 -45.37 -33.31
CA SER E 235 -35.52 -46.77 -32.90
C SER E 235 -34.58 -47.12 -31.76
N LYS E 236 -33.59 -46.27 -31.46
CA LYS E 236 -32.61 -46.56 -30.41
C LYS E 236 -32.56 -45.43 -29.37
N TYR E 237 -33.66 -44.72 -29.20
CA TYR E 237 -33.78 -43.71 -28.16
C TYR E 237 -34.26 -44.37 -26.87
N ILE E 238 -33.44 -44.31 -25.82
CA ILE E 238 -33.76 -44.98 -24.56
C ILE E 238 -33.66 -43.96 -23.43
N SER E 239 -34.78 -43.70 -22.76
CA SER E 239 -34.80 -42.79 -21.62
C SER E 239 -35.27 -43.57 -20.39
N ARG E 240 -34.47 -43.52 -19.32
CA ARG E 240 -34.75 -44.30 -18.13
C ARG E 240 -34.37 -43.50 -16.88
N GLU E 241 -34.75 -44.05 -15.73
CA GLU E 241 -34.48 -43.43 -14.43
C GLU E 241 -33.76 -44.42 -13.54
N LYS E 242 -32.70 -43.95 -12.88
CA LYS E 242 -32.01 -44.65 -11.80
C LYS E 242 -31.25 -45.90 -12.26
N GLU E 243 -31.38 -46.25 -13.54
CA GLU E 243 -30.67 -47.41 -14.08
C GLU E 243 -30.75 -47.42 -15.60
N ILE E 244 -29.62 -47.61 -16.27
CA ILE E 244 -29.58 -47.70 -17.73
C ILE E 244 -28.60 -48.79 -18.14
N SER E 245 -29.00 -49.59 -19.13
CA SER E 245 -28.16 -50.64 -19.68
C SER E 245 -27.81 -50.29 -21.12
N ILE E 246 -26.52 -50.16 -21.40
CA ILE E 246 -26.01 -49.83 -22.73
C ILE E 246 -25.02 -50.93 -23.12
N ASN E 247 -25.46 -51.83 -24.00
CA ASN E 247 -24.61 -52.91 -24.49
C ASN E 247 -24.01 -53.74 -23.36
N GLY E 248 -24.83 -53.98 -22.32
CA GLY E 248 -24.40 -54.74 -21.18
C GLY E 248 -23.80 -53.92 -20.05
N TYR E 249 -23.41 -52.67 -20.33
CA TYR E 249 -22.87 -51.80 -19.29
C TYR E 249 -24.04 -51.18 -18.53
N VAL E 250 -24.14 -51.51 -17.25
CA VAL E 250 -25.24 -51.04 -16.41
C VAL E 250 -24.73 -49.91 -15.52
N ILE E 251 -25.36 -48.74 -15.66
CA ILE E 251 -25.11 -47.59 -14.80
C ILE E 251 -26.30 -47.47 -13.85
N GLU E 252 -26.03 -47.50 -12.56
CA GLU E 252 -27.07 -47.49 -11.54
C GLU E 252 -26.80 -46.36 -10.55
N ASN E 253 -27.85 -45.60 -10.23
CA ASN E 253 -27.73 -44.52 -9.27
C ASN E 253 -29.09 -44.31 -8.63
N LYS E 254 -29.24 -44.75 -7.38
CA LYS E 254 -30.50 -44.62 -6.65
C LYS E 254 -30.36 -43.49 -5.63
N GLY E 255 -31.27 -42.54 -5.69
CA GLY E 255 -31.27 -41.42 -4.77
C GLY E 255 -30.59 -40.20 -5.36
N GLY E 256 -31.03 -39.02 -4.91
CA GLY E 256 -30.49 -37.76 -5.36
C GLY E 256 -29.66 -37.07 -4.29
N ASN E 257 -29.40 -35.78 -4.54
CA ASN E 257 -28.62 -34.93 -3.65
C ASN E 257 -27.23 -35.53 -3.40
N GLY E 258 -26.45 -35.59 -4.47
CA GLY E 258 -25.07 -36.04 -4.38
C GLY E 258 -24.93 -37.52 -4.09
N SER E 259 -25.34 -38.36 -5.03
CA SER E 259 -25.22 -39.81 -4.92
C SER E 259 -24.28 -40.31 -6.01
N ILE E 260 -23.31 -41.12 -5.61
CA ILE E 260 -22.33 -41.67 -6.55
C ILE E 260 -22.91 -42.92 -7.18
N GLY E 261 -22.92 -42.97 -8.51
CA GLY E 261 -23.41 -44.13 -9.22
C GLY E 261 -22.37 -45.23 -9.33
N THR E 262 -22.81 -46.36 -9.87
CA THR E 262 -21.95 -47.52 -10.06
C THR E 262 -22.09 -48.04 -11.48
N ILE E 263 -20.99 -48.53 -12.03
CA ILE E 263 -20.94 -49.11 -13.37
C ILE E 263 -20.55 -50.58 -13.25
N ARG E 264 -21.36 -51.45 -13.84
CA ARG E 264 -21.09 -52.89 -13.82
C ARG E 264 -21.38 -53.46 -15.20
N LEU E 265 -21.12 -54.75 -15.37
CA LEU E 265 -21.46 -55.48 -16.57
C LEU E 265 -22.50 -56.54 -16.24
N SER E 266 -23.56 -56.61 -17.03
CA SER E 266 -24.63 -57.55 -16.78
C SER E 266 -24.21 -58.98 -17.14
N LYS E 267 -24.98 -59.94 -16.63
CA LYS E 267 -24.74 -61.34 -16.97
C LYS E 267 -24.94 -61.62 -18.44
N SER E 268 -25.74 -60.81 -19.14
CA SER E 268 -25.95 -61.03 -20.57
C SER E 268 -24.64 -60.88 -21.34
N LYS E 269 -23.83 -59.89 -20.96
CA LYS E 269 -22.54 -59.69 -21.62
C LYS E 269 -21.52 -60.73 -21.19
N LEU E 270 -21.70 -61.33 -20.02
CA LEU E 270 -20.77 -62.29 -19.46
C LEU E 270 -21.12 -63.74 -19.83
N ASN E 271 -22.12 -63.94 -20.69
CA ASN E 271 -22.53 -65.30 -21.05
C ASN E 271 -21.45 -66.04 -21.81
N THR E 272 -20.78 -65.38 -22.75
CA THR E 272 -19.84 -66.09 -23.62
C THR E 272 -18.64 -66.62 -22.83
N VAL E 273 -18.04 -65.79 -21.98
CA VAL E 273 -16.87 -66.23 -21.23
C VAL E 273 -17.25 -67.31 -20.22
N LEU E 274 -18.41 -67.16 -19.57
CA LEU E 274 -18.83 -68.19 -18.61
C LEU E 274 -19.11 -69.50 -19.32
N LYS E 275 -19.70 -69.46 -20.52
CA LYS E 275 -19.94 -70.66 -21.29
C LYS E 275 -18.62 -71.32 -21.71
N VAL E 276 -17.65 -70.52 -22.14
CA VAL E 276 -16.34 -71.08 -22.51
C VAL E 276 -15.67 -71.71 -21.31
N THR E 277 -15.71 -71.04 -20.16
CA THR E 277 -15.10 -71.57 -18.95
C THR E 277 -15.78 -72.87 -18.52
N HIS E 278 -17.11 -72.92 -18.60
CA HIS E 278 -17.83 -74.14 -18.22
C HIS E 278 -17.52 -75.28 -19.19
N ALA E 279 -17.44 -74.97 -20.49
CA ALA E 279 -17.12 -76.00 -21.47
C ALA E 279 -15.69 -76.50 -21.32
N LEU E 280 -14.78 -75.65 -20.83
CA LEU E 280 -13.43 -76.12 -20.52
C LEU E 280 -13.40 -76.93 -19.23
N ALA E 281 -14.26 -76.60 -18.27
CA ALA E 281 -14.32 -77.39 -17.03
C ALA E 281 -14.87 -78.78 -17.32
N GLN E 282 -15.97 -78.87 -18.05
CA GLN E 282 -16.52 -80.14 -18.52
C GLN E 282 -15.83 -80.47 -19.83
N ASN E 283 -14.73 -81.21 -19.75
CA ASN E 283 -13.79 -81.39 -20.85
C ASN E 283 -14.48 -81.70 -22.18
N ILE E 284 -14.27 -80.83 -23.15
CA ILE E 284 -14.86 -80.90 -24.50
C ILE E 284 -13.75 -80.59 -25.49
N PRO E 285 -13.71 -81.23 -26.66
CA PRO E 285 -12.69 -80.89 -27.65
C PRO E 285 -12.76 -79.42 -28.03
N TYR E 286 -11.57 -78.82 -28.22
CA TYR E 286 -11.48 -77.39 -28.47
C TYR E 286 -12.13 -76.98 -29.80
N LYS E 287 -12.34 -77.93 -30.71
CA LYS E 287 -13.00 -77.61 -31.96
C LYS E 287 -14.43 -77.14 -31.73
N ASN E 288 -15.15 -77.83 -30.84
CA ASN E 288 -16.53 -77.44 -30.54
C ASN E 288 -16.60 -76.05 -29.93
N ILE E 289 -15.72 -75.75 -28.97
CA ILE E 289 -15.71 -74.43 -28.35
C ILE E 289 -15.35 -73.36 -29.36
N CYS E 290 -14.35 -73.64 -30.20
CA CYS E 290 -13.93 -72.66 -31.20
C CYS E 290 -15.03 -72.37 -32.21
N ASN E 291 -15.73 -73.42 -32.67
CA ASN E 291 -16.76 -73.22 -33.69
C ASN E 291 -18.05 -72.65 -33.12
N LYS E 292 -18.39 -72.98 -31.87
CA LYS E 292 -19.69 -72.59 -31.31
C LYS E 292 -19.60 -71.27 -30.54
N TYR E 293 -18.78 -71.24 -29.49
CA TYR E 293 -18.72 -70.10 -28.60
C TYR E 293 -17.86 -68.97 -29.14
N ILE E 294 -17.04 -69.24 -30.15
CA ILE E 294 -16.18 -68.21 -30.73
C ILE E 294 -16.53 -68.10 -32.21
N LYS E 295 -16.21 -66.94 -32.80
CA LYS E 295 -16.55 -66.63 -34.19
C LYS E 295 -15.35 -66.78 -35.12
N VAL E 296 -14.47 -67.75 -34.85
CA VAL E 296 -13.32 -68.02 -35.69
C VAL E 296 -13.37 -69.47 -36.12
N ARG E 297 -13.23 -69.70 -37.43
CA ARG E 297 -13.26 -71.03 -38.01
C ARG E 297 -12.19 -71.13 -39.08
N LEU E 298 -11.57 -72.30 -39.20
CA LEU E 298 -10.52 -72.53 -40.19
C LEU E 298 -11.09 -73.36 -41.33
N LYS E 299 -11.43 -72.70 -42.42
CA LYS E 299 -11.93 -73.39 -43.59
C LYS E 299 -10.77 -74.04 -44.35
N GLU E 300 -11.12 -74.99 -45.22
CA GLU E 300 -10.11 -75.68 -46.01
C GLU E 300 -9.43 -74.76 -47.02
N LYS E 301 -10.08 -73.66 -47.40
CA LYS E 301 -9.49 -72.76 -48.39
C LYS E 301 -8.27 -72.03 -47.82
N ASN E 302 -8.30 -71.69 -46.53
CA ASN E 302 -7.20 -70.94 -45.93
C ASN E 302 -5.93 -71.76 -45.84
N ILE E 303 -6.03 -73.08 -45.87
CA ILE E 303 -4.86 -73.96 -45.83
C ILE E 303 -4.40 -74.12 -47.27
N LYS E 304 -3.56 -73.17 -47.73
CA LYS E 304 -3.12 -73.19 -49.12
C LYS E 304 -2.08 -74.28 -49.37
N TYR E 305 -1.32 -74.65 -48.34
CA TYR E 305 -0.29 -75.68 -48.47
C TYR E 305 -0.63 -76.85 -47.56
N GLU E 306 -0.57 -78.06 -48.11
CA GLU E 306 -0.94 -79.25 -47.35
C GLU E 306 0.18 -79.67 -46.40
N SER E 307 1.33 -80.04 -46.96
CA SER E 307 2.50 -80.53 -46.22
C SER E 307 2.04 -81.61 -45.24
N LYS E 308 2.45 -81.56 -43.98
CA LYS E 308 1.90 -82.46 -42.98
C LYS E 308 0.59 -81.91 -42.41
N LYS E 309 -0.39 -82.78 -42.27
CA LYS E 309 -1.75 -82.42 -41.88
C LYS E 309 -2.12 -83.03 -40.53
N ASP E 310 -3.28 -82.59 -40.02
CA ASP E 310 -3.95 -82.96 -38.78
C ASP E 310 -3.37 -82.34 -37.50
N GLU E 311 -2.28 -81.57 -37.57
CA GLU E 311 -1.85 -80.82 -36.40
C GLU E 311 -1.96 -79.31 -36.59
N PHE E 312 -1.95 -78.83 -37.83
CA PHE E 312 -2.16 -77.40 -38.06
C PHE E 312 -3.55 -76.98 -37.59
N GLU E 313 -4.56 -77.81 -37.84
CA GLU E 313 -5.90 -77.50 -37.35
C GLU E 313 -5.94 -77.47 -35.84
N LYS E 314 -5.30 -78.44 -35.18
CA LYS E 314 -5.29 -78.46 -33.71
C LYS E 314 -4.55 -77.26 -33.15
N LYS E 315 -3.40 -76.92 -33.73
CA LYS E 315 -2.67 -75.74 -33.27
C LYS E 315 -3.48 -74.47 -33.47
N TYR E 316 -4.18 -74.36 -34.60
CA TYR E 316 -5.00 -73.19 -34.87
C TYR E 316 -6.12 -73.07 -33.84
N TYR E 317 -6.83 -74.18 -33.60
CA TYR E 317 -7.95 -74.12 -32.67
C TYR E 317 -7.51 -74.02 -31.22
N ARG E 318 -6.24 -74.32 -30.92
CA ARG E 318 -5.73 -74.09 -29.57
C ARG E 318 -5.25 -72.66 -29.37
N ASP E 319 -4.44 -72.14 -30.31
CA ASP E 319 -3.91 -70.79 -30.10
C ASP E 319 -4.97 -69.72 -30.31
N GLN E 320 -5.96 -69.95 -31.18
CA GLN E 320 -7.05 -68.98 -31.27
C GLN E 320 -7.82 -68.90 -29.96
N LEU E 321 -8.06 -70.06 -29.33
CA LEU E 321 -8.74 -70.06 -28.03
C LEU E 321 -7.91 -69.36 -26.98
N ILE E 322 -6.59 -69.62 -26.95
CA ILE E 322 -5.76 -68.98 -25.94
C ILE E 322 -5.70 -67.47 -26.18
N ASN E 323 -5.71 -67.04 -27.45
CA ASN E 323 -5.74 -65.63 -27.77
C ASN E 323 -7.06 -65.00 -27.31
N TYR E 324 -8.18 -65.70 -27.52
CA TYR E 324 -9.45 -65.17 -27.04
C TYR E 324 -9.47 -65.02 -25.53
N LEU E 325 -8.99 -66.02 -24.80
CA LEU E 325 -8.95 -65.92 -23.35
C LEU E 325 -8.03 -64.78 -22.90
N GLY E 326 -6.86 -64.64 -23.52
CA GLY E 326 -5.98 -63.55 -23.17
C GLY E 326 -6.57 -62.19 -23.45
N GLY E 327 -7.26 -62.05 -24.59
CA GLY E 327 -7.89 -60.78 -24.93
C GLY E 327 -9.02 -60.42 -24.00
N TYR E 328 -9.86 -61.40 -23.65
CA TYR E 328 -10.94 -61.12 -22.71
C TYR E 328 -10.40 -60.80 -21.32
N ARG E 329 -9.30 -61.47 -20.92
CA ARG E 329 -8.62 -61.11 -19.69
C ARG E 329 -8.12 -59.67 -19.75
N SER E 330 -7.58 -59.26 -20.89
CA SER E 330 -7.14 -57.89 -21.07
C SER E 330 -8.31 -56.92 -20.91
N TYR E 331 -9.47 -57.29 -21.46
CA TYR E 331 -10.66 -56.46 -21.32
C TYR E 331 -11.07 -56.32 -19.85
N LEU E 332 -11.09 -57.44 -19.12
CA LEU E 332 -11.49 -57.38 -17.71
C LEU E 332 -10.51 -56.57 -16.88
N ILE E 333 -9.21 -56.72 -17.16
CA ILE E 333 -8.24 -55.97 -16.36
C ILE E 333 -8.18 -54.51 -16.78
N SER E 334 -8.55 -54.19 -18.02
CA SER E 334 -8.79 -52.79 -18.37
C SER E 334 -9.93 -52.22 -17.55
N LEU E 335 -10.99 -53.01 -17.36
CA LEU E 335 -12.09 -52.55 -16.52
C LEU E 335 -11.63 -52.31 -15.09
N VAL E 336 -10.84 -53.23 -14.53
CA VAL E 336 -10.42 -53.04 -13.13
C VAL E 336 -9.44 -51.88 -13.02
N LYS E 337 -8.59 -51.65 -14.03
CA LYS E 337 -7.72 -50.48 -14.00
C LYS E 337 -8.53 -49.19 -14.09
N PHE E 338 -9.59 -49.19 -14.89
CA PHE E 338 -10.49 -48.04 -14.94
C PHE E 338 -11.13 -47.81 -13.58
N HIS E 339 -11.52 -48.88 -12.89
CA HIS E 339 -12.06 -48.75 -11.54
C HIS E 339 -11.04 -48.15 -10.59
N SER E 340 -9.79 -48.62 -10.67
CA SER E 340 -8.74 -48.09 -9.81
C SER E 340 -8.49 -46.62 -10.10
N GLU E 341 -8.62 -46.21 -11.36
CA GLU E 341 -8.36 -44.82 -11.73
C GLU E 341 -9.50 -43.89 -11.30
N TYR E 342 -10.76 -44.37 -11.38
CA TYR E 342 -11.90 -43.51 -11.14
C TYR E 342 -12.75 -43.88 -9.93
N LYS E 343 -12.65 -45.11 -9.42
CA LYS E 343 -13.39 -45.54 -8.23
C LYS E 343 -14.90 -45.38 -8.41
N CYS E 344 -15.43 -46.10 -9.40
CA CYS E 344 -16.86 -46.08 -9.68
C CYS E 344 -17.48 -47.45 -9.89
N VAL E 345 -16.69 -48.48 -10.16
CA VAL E 345 -17.23 -49.81 -10.43
C VAL E 345 -17.68 -50.45 -9.12
N ASN E 346 -18.78 -51.19 -9.17
CA ASN E 346 -19.34 -51.81 -7.97
C ASN E 346 -18.38 -52.84 -7.40
N SER E 347 -18.33 -52.92 -6.07
CA SER E 347 -17.40 -53.82 -5.40
C SER E 347 -17.73 -55.28 -5.67
N ASP E 348 -19.02 -55.63 -5.65
CA ASP E 348 -19.42 -57.01 -5.92
C ASP E 348 -19.01 -57.44 -7.32
N PHE E 349 -19.18 -56.55 -8.30
CA PHE E 349 -18.73 -56.84 -9.65
C PHE E 349 -17.21 -56.97 -9.71
N ILE E 350 -16.49 -56.19 -8.89
CA ILE E 350 -15.04 -56.33 -8.82
C ILE E 350 -14.65 -57.71 -8.32
N ILE E 351 -15.34 -58.19 -7.27
CA ILE E 351 -15.07 -59.53 -6.76
C ILE E 351 -15.36 -60.58 -7.82
N GLN E 352 -16.49 -60.42 -8.52
CA GLN E 352 -16.87 -61.39 -9.55
C GLN E 352 -15.84 -61.43 -10.67
N ILE E 353 -15.38 -60.26 -11.13
CA ILE E 353 -14.41 -60.26 -12.21
C ILE E 353 -13.05 -60.76 -11.74
N ASN E 354 -12.72 -60.55 -10.45
CA ASN E 354 -11.50 -61.16 -9.92
C ASN E 354 -11.59 -62.68 -9.97
N GLY E 355 -12.74 -63.24 -9.58
CA GLY E 355 -12.93 -64.67 -9.68
C GLY E 355 -12.84 -65.17 -11.12
N ILE E 356 -13.47 -64.43 -12.04
CA ILE E 356 -13.44 -64.82 -13.44
C ILE E 356 -12.02 -64.77 -13.99
N LEU E 357 -11.25 -63.75 -13.58
CA LEU E 357 -9.86 -63.64 -13.99
C LEU E 357 -9.03 -64.80 -13.46
N ASN E 358 -9.26 -65.19 -12.20
CA ASN E 358 -8.56 -66.35 -11.67
C ASN E 358 -8.90 -67.61 -12.46
N ASP E 359 -10.17 -67.80 -12.79
CA ASP E 359 -10.56 -68.96 -13.58
C ASP E 359 -9.91 -68.93 -14.96
N ILE E 360 -9.87 -67.76 -15.59
CA ILE E 360 -9.26 -67.63 -16.92
C ILE E 360 -7.77 -67.94 -16.86
N GLN E 361 -7.08 -67.44 -15.82
CA GLN E 361 -5.66 -67.73 -15.67
C GLN E 361 -5.42 -69.21 -15.46
N ASN E 362 -6.26 -69.86 -14.65
CA ASN E 362 -6.12 -71.30 -14.44
C ASN E 362 -6.33 -72.07 -15.74
N HIS E 363 -7.32 -71.68 -16.53
CA HIS E 363 -7.58 -72.37 -17.79
C HIS E 363 -6.46 -72.12 -18.81
N ILE E 364 -5.89 -70.91 -18.81
CA ILE E 364 -4.75 -70.64 -19.69
C ILE E 364 -3.55 -71.49 -19.28
N GLN E 365 -3.31 -71.61 -17.98
CA GLN E 365 -2.23 -72.48 -17.51
C GLN E 365 -2.48 -73.93 -17.91
N LYS E 366 -3.72 -74.39 -17.81
CA LYS E 366 -4.06 -75.74 -18.25
C LYS E 366 -3.79 -75.93 -19.74
N ILE E 367 -4.18 -74.94 -20.56
CA ILE E 367 -3.93 -75.02 -21.99
C ILE E 367 -2.45 -75.09 -22.27
N LYS E 368 -1.66 -74.26 -21.59
CA LYS E 368 -0.21 -74.27 -21.80
C LYS E 368 0.40 -75.60 -21.39
N LYS E 369 -0.06 -76.17 -20.26
CA LYS E 369 0.45 -77.46 -19.83
C LYS E 369 0.10 -78.56 -20.83
N ASN E 370 -1.13 -78.54 -21.35
CA ASN E 370 -1.53 -79.52 -22.36
C ASN E 370 -0.86 -79.29 -23.71
N ARG E 371 -0.25 -78.13 -23.92
CA ARG E 371 0.43 -77.84 -25.18
C ARG E 371 1.74 -78.59 -25.29
N ILE F 6 22.06 -5.18 38.61
CA ILE F 6 21.43 -6.06 39.58
C ILE F 6 21.07 -5.27 40.84
N LEU F 7 20.17 -5.84 41.64
CA LEU F 7 19.76 -5.24 42.90
C LEU F 7 19.96 -6.26 44.01
N VAL F 8 20.58 -5.82 45.11
CA VAL F 8 20.86 -6.68 46.25
C VAL F 8 19.96 -6.25 47.40
N ASP F 9 19.12 -7.16 47.85
CA ASP F 9 18.25 -6.93 48.99
C ASP F 9 18.81 -7.66 50.22
N LYS F 10 18.06 -7.62 51.32
CA LYS F 10 18.55 -8.21 52.57
C LYS F 10 18.76 -9.73 52.42
N VAL F 11 17.82 -10.41 51.77
CA VAL F 11 17.91 -11.86 51.63
C VAL F 11 19.13 -12.24 50.80
N PHE F 12 19.47 -11.42 49.79
CA PHE F 12 20.67 -11.70 48.99
C PHE F 12 21.92 -11.66 49.85
N TYR F 13 22.02 -10.67 50.74
CA TYR F 13 23.17 -10.60 51.64
C TYR F 13 23.12 -11.64 52.74
N GLU F 14 21.93 -12.21 53.01
CA GLU F 14 21.82 -13.21 54.07
C GLU F 14 22.64 -14.45 53.77
N LYS F 15 22.59 -14.96 52.53
CA LYS F 15 23.16 -16.26 52.24
C LYS F 15 23.94 -16.32 50.94
N ILE F 16 24.43 -15.19 50.43
CA ILE F 16 25.29 -15.15 49.25
C ILE F 16 26.61 -14.43 49.56
N LEU F 17 26.52 -13.19 50.05
CA LEU F 17 27.71 -12.42 50.38
C LEU F 17 28.19 -12.63 51.80
N SER F 18 27.31 -13.06 52.70
CA SER F 18 27.67 -13.32 54.10
C SER F 18 27.06 -14.65 54.54
N VAL F 19 27.26 -15.69 53.72
CA VAL F 19 26.60 -16.97 53.98
C VAL F 19 27.07 -17.57 55.31
N GLU F 20 28.37 -17.51 55.59
CA GLU F 20 28.91 -18.08 56.81
C GLU F 20 29.69 -17.09 57.66
N SER F 21 30.41 -16.16 57.04
CA SER F 21 31.27 -15.24 57.77
C SER F 21 30.46 -14.32 58.68
N PHE F 22 29.68 -13.42 58.09
CA PHE F 22 28.88 -12.47 58.86
C PHE F 22 27.45 -12.99 59.04
N LYS F 23 27.35 -14.17 59.65
CA LYS F 23 26.05 -14.76 59.97
C LYS F 23 25.71 -14.63 61.44
N GLU F 24 26.66 -14.92 62.32
CA GLU F 24 26.41 -14.81 63.76
C GLU F 24 26.03 -13.38 64.15
N ASN F 25 26.56 -12.39 63.43
CA ASN F 25 26.18 -11.01 63.70
C ASN F 25 24.76 -10.71 63.24
N ILE F 26 24.31 -11.36 62.15
CA ILE F 26 22.99 -11.07 61.63
C ILE F 26 21.90 -11.60 62.55
N ILE F 27 22.07 -12.84 63.05
CA ILE F 27 21.03 -13.47 63.85
C ILE F 27 20.88 -12.77 65.19
N THR F 28 21.99 -12.50 65.86
CA THR F 28 21.93 -11.93 67.21
C THR F 28 22.00 -10.41 67.20
N GLN F 29 21.19 -9.79 66.34
CA GLN F 29 20.99 -8.34 66.28
C GLN F 29 22.27 -7.57 66.51
N SER F 30 23.33 -7.96 65.82
CA SER F 30 24.65 -7.37 65.98
C SER F 30 25.05 -6.61 64.73
N ALA F 31 25.38 -5.34 64.91
CA ALA F 31 25.84 -4.52 63.79
C ALA F 31 27.19 -5.02 63.29
N ILE F 32 27.34 -5.07 61.96
CA ILE F 32 28.57 -5.56 61.34
C ILE F 32 29.70 -4.58 61.66
N PRO F 33 30.79 -5.04 62.26
CA PRO F 33 31.86 -4.12 62.65
C PRO F 33 32.68 -3.68 61.44
N LYS F 34 33.46 -2.62 61.66
CA LYS F 34 34.37 -2.10 60.65
C LYS F 34 35.65 -2.96 60.64
N ILE F 35 36.65 -2.50 59.91
CA ILE F 35 37.93 -3.22 59.82
C ILE F 35 38.88 -2.64 60.84
N SER F 36 39.35 -3.49 61.75
CA SER F 36 40.25 -3.05 62.82
C SER F 36 41.66 -2.82 62.27
N ASN F 37 42.44 -2.04 63.03
CA ASN F 37 43.80 -1.74 62.62
C ASN F 37 44.67 -2.99 62.61
N LYS F 38 44.48 -3.87 63.59
CA LYS F 38 45.30 -5.08 63.69
C LYS F 38 44.92 -6.13 62.66
N GLU F 39 43.83 -5.94 61.92
CA GLU F 39 43.37 -6.91 60.93
C GLU F 39 43.99 -6.68 59.55
N VAL F 40 44.82 -5.66 59.40
CA VAL F 40 45.44 -5.33 58.12
C VAL F 40 46.94 -5.13 58.32
N ARG F 41 47.69 -5.36 57.25
CA ARG F 41 49.10 -5.06 57.18
C ARG F 41 49.33 -3.84 56.30
N LEU F 42 50.47 -3.18 56.53
CA LEU F 42 50.73 -1.85 55.99
C LEU F 42 51.99 -1.85 55.16
N ILE F 43 52.12 -2.79 54.21
CA ILE F 43 53.41 -2.98 53.54
C ILE F 43 53.76 -1.74 52.72
N SER F 44 55.06 -1.58 52.47
CA SER F 44 55.58 -0.39 51.82
C SER F 44 56.48 -0.78 50.65
N SER F 45 56.35 -0.02 49.55
CA SER F 45 57.22 -0.19 48.39
C SER F 45 57.40 1.19 47.79
N GLY F 46 58.58 1.78 47.98
CA GLY F 46 58.74 3.17 47.60
C GLY F 46 57.92 4.07 48.49
N SER F 47 57.44 5.17 47.92
CA SER F 47 56.52 6.06 48.64
C SER F 47 55.07 5.65 48.40
N LYS F 48 54.78 4.37 48.61
CA LYS F 48 53.45 3.82 48.44
C LYS F 48 53.16 2.89 49.62
N ILE F 49 51.91 2.91 50.07
CA ILE F 49 51.46 2.08 51.19
C ILE F 49 50.37 1.16 50.68
N PHE F 50 50.56 -0.14 50.86
CA PHE F 50 49.61 -1.16 50.44
C PHE F 50 48.98 -1.80 51.66
N TYR F 51 47.66 -1.78 51.71
CA TYR F 51 46.90 -2.37 52.82
C TYR F 51 46.54 -3.80 52.44
N ALA F 52 47.12 -4.76 53.17
CA ALA F 52 46.90 -6.18 52.90
C ALA F 52 45.98 -6.74 53.97
N ILE F 53 44.79 -7.18 53.56
CA ILE F 53 43.85 -7.76 54.51
C ILE F 53 44.25 -9.19 54.84
N ASN F 54 43.99 -9.59 56.09
CA ASN F 54 44.32 -10.93 56.53
C ASN F 54 43.52 -11.96 55.73
N ASN F 55 44.20 -13.03 55.32
CA ASN F 55 43.55 -14.06 54.52
C ASN F 55 42.44 -14.76 55.30
N THR F 56 42.69 -15.05 56.58
CA THR F 56 41.71 -15.70 57.44
C THR F 56 40.93 -14.62 58.19
N SER F 57 39.92 -14.08 57.51
CA SER F 57 39.10 -13.02 58.08
C SER F 57 37.76 -13.01 57.38
N PRO F 58 36.66 -12.72 58.09
CA PRO F 58 35.36 -12.65 57.42
C PRO F 58 35.29 -11.61 56.31
N HIS F 59 35.98 -10.47 56.49
CA HIS F 59 35.93 -9.41 55.49
C HIS F 59 36.53 -9.86 54.17
N SER F 60 37.57 -10.70 54.21
CA SER F 60 38.16 -11.21 52.98
C SER F 60 37.16 -12.07 52.20
N HIS F 61 36.42 -12.93 52.91
CA HIS F 61 35.41 -13.75 52.26
C HIS F 61 34.29 -12.88 51.70
N VAL F 62 33.87 -11.86 52.46
CA VAL F 62 32.84 -10.96 51.97
C VAL F 62 33.31 -10.24 50.71
N GLN F 63 34.57 -9.82 50.68
CA GLN F 63 35.12 -9.16 49.50
C GLN F 63 35.17 -10.10 48.30
N LEU F 64 35.57 -11.36 48.53
CA LEU F 64 35.57 -12.33 47.44
C LEU F 64 34.16 -12.54 46.88
N ARG F 65 33.17 -12.65 47.76
CA ARG F 65 31.81 -12.85 47.29
C ARG F 65 31.28 -11.61 46.58
N LEU F 66 31.64 -10.43 47.06
CA LEU F 66 31.25 -9.19 46.38
C LEU F 66 31.86 -9.12 44.97
N ASN F 67 33.14 -9.49 44.85
CA ASN F 67 33.79 -9.42 43.54
C ASN F 67 33.29 -10.50 42.60
N ARG F 68 32.83 -11.62 43.14
CA ARG F 68 32.35 -12.70 42.28
C ARG F 68 30.90 -12.49 41.85
N PHE F 69 30.04 -11.99 42.75
CA PHE F 69 28.61 -11.91 42.50
C PHE F 69 28.09 -10.50 42.34
N PHE F 70 28.54 -9.55 43.16
CA PHE F 70 27.99 -8.20 43.14
C PHE F 70 28.76 -7.28 42.21
N LEU F 71 30.07 -7.15 42.42
CA LEU F 71 30.89 -6.26 41.59
C LEU F 71 31.38 -6.97 40.33
N SER F 72 30.45 -7.60 39.62
CA SER F 72 30.73 -8.19 38.32
C SER F 72 29.59 -8.01 37.33
N HIS F 73 28.46 -7.44 37.76
CA HIS F 73 27.31 -7.23 36.90
C HIS F 73 26.96 -5.75 36.71
N ILE F 74 27.54 -4.87 37.48
CA ILE F 74 27.28 -3.43 37.32
C ILE F 74 27.89 -2.96 35.99
N PRO F 75 27.12 -2.30 35.13
CA PRO F 75 27.67 -1.87 33.83
C PRO F 75 28.82 -0.89 34.00
N LEU F 76 29.80 -0.99 33.11
CA LEU F 76 30.96 -0.10 33.06
C LEU F 76 31.05 0.56 31.69
N ASN F 77 32.03 1.45 31.55
CA ASN F 77 32.27 2.16 30.31
C ASN F 77 33.32 1.41 29.49
N SER F 78 33.12 1.39 28.17
CA SER F 78 34.01 0.65 27.29
C SER F 78 35.43 1.20 27.30
N ALA F 79 35.62 2.46 27.66
CA ALA F 79 36.96 3.04 27.71
C ALA F 79 37.78 2.49 28.87
N ALA F 80 37.15 1.85 29.85
CA ALA F 80 37.86 1.26 30.98
C ALA F 80 38.41 -0.09 30.54
N LYS F 81 39.70 -0.13 30.22
CA LYS F 81 40.35 -1.34 29.71
C LYS F 81 41.12 -2.09 30.79
N ALA F 82 40.97 -1.71 32.06
CA ALA F 82 41.71 -2.33 33.14
C ALA F 82 40.75 -2.83 34.20
N PHE F 83 41.15 -3.92 34.87
CA PHE F 83 40.39 -4.51 35.98
C PHE F 83 39.03 -5.04 35.54
N VAL F 84 38.84 -5.26 34.24
CA VAL F 84 37.58 -5.72 33.68
C VAL F 84 37.82 -7.05 33.00
N ARG F 85 36.89 -8.00 33.20
CA ARG F 85 36.98 -9.29 32.54
C ARG F 85 36.98 -9.12 31.04
N GLY F 86 38.10 -9.45 30.40
CA GLY F 86 38.28 -9.23 28.98
C GLY F 86 39.15 -8.05 28.63
N GLY F 87 39.42 -7.16 29.58
CA GLY F 87 40.27 -6.01 29.31
C GLY F 87 41.74 -6.34 29.43
N SER F 88 42.55 -5.59 28.69
CA SER F 88 43.99 -5.78 28.69
C SER F 88 44.67 -4.50 28.25
N TYR F 89 45.98 -4.42 28.52
CA TYR F 89 46.75 -3.26 28.09
C TYR F 89 46.82 -3.17 26.58
N LEU F 90 46.87 -4.32 25.90
CA LEU F 90 46.87 -4.32 24.44
C LEU F 90 45.57 -3.73 23.90
N LYS F 91 44.44 -4.07 24.52
CA LYS F 91 43.18 -3.44 24.15
C LYS F 91 43.14 -1.97 24.54
N TYR F 92 43.91 -1.58 25.55
CA TYR F 92 44.00 -0.17 25.92
C TYR F 92 44.78 0.63 24.88
N LEU F 93 45.76 0.01 24.23
CA LEU F 93 46.56 0.70 23.22
C LEU F 93 46.03 0.52 21.81
N GLU F 94 45.14 -0.45 21.58
CA GLU F 94 44.67 -0.75 20.23
C GLU F 94 43.93 0.41 19.56
N PRO F 95 42.96 1.08 20.20
CA PRO F 95 42.15 2.06 19.45
C PRO F 95 42.94 3.24 18.90
N HIS F 96 44.14 3.49 19.41
CA HIS F 96 44.91 4.67 19.04
C HIS F 96 45.74 4.49 17.78
N ILE F 97 45.68 3.31 17.15
CA ILE F 97 46.42 3.11 15.91
C ILE F 97 45.91 4.00 14.79
N TYR F 98 44.66 4.45 14.87
CA TYR F 98 44.06 5.28 13.83
C TYR F 98 44.43 6.75 13.94
N GLY F 99 45.12 7.14 15.02
CA GLY F 99 45.43 8.54 15.26
C GLY F 99 46.84 8.92 14.86
N SER F 100 47.03 10.21 14.60
CA SER F 100 48.32 10.77 14.24
C SER F 100 49.00 11.49 15.40
N SER F 101 48.24 12.10 16.30
CA SER F 101 48.78 12.76 17.48
C SER F 101 48.35 12.00 18.74
N TYR F 102 49.21 11.98 19.74
CA TYR F 102 48.97 11.21 20.95
C TYR F 102 49.23 12.05 22.19
N CYS F 103 48.40 11.84 23.21
CA CYS F 103 48.53 12.52 24.49
C CYS F 103 48.30 11.54 25.62
N ARG F 104 49.16 11.61 26.63
CA ARG F 104 49.12 10.73 27.79
C ARG F 104 49.01 11.59 29.04
N LEU F 105 48.06 11.23 29.92
CA LEU F 105 47.80 11.89 31.19
C LEU F 105 47.66 10.85 32.29
N ASP F 106 47.95 11.24 33.52
CA ASP F 106 47.84 10.34 34.66
C ASP F 106 47.19 11.04 35.83
N ILE F 107 46.21 10.37 36.44
CA ILE F 107 45.54 10.89 37.62
C ILE F 107 46.42 10.64 38.83
N SER F 108 46.66 11.69 39.62
CA SER F 108 47.56 11.59 40.76
C SER F 108 46.83 10.98 41.96
N SER F 109 47.39 9.90 42.50
CA SER F 109 46.82 9.19 43.66
C SER F 109 45.35 8.85 43.41
N PHE F 110 45.14 8.01 42.41
CA PHE F 110 43.77 7.72 41.95
C PHE F 110 42.95 7.06 43.04
N PHE F 111 43.53 6.05 43.72
CA PHE F 111 42.76 5.33 44.74
C PHE F 111 42.57 6.16 46.00
N ASN F 112 43.55 6.98 46.36
CA ASN F 112 43.44 7.79 47.58
C ASN F 112 42.52 8.98 47.42
N ASN F 113 42.23 9.40 46.20
CA ASN F 113 41.38 10.56 45.94
C ASN F 113 39.92 10.20 45.70
N ILE F 114 39.56 8.92 45.78
CA ILE F 114 38.18 8.50 45.58
C ILE F 114 37.42 8.72 46.88
N SER F 115 36.52 9.69 46.90
CA SER F 115 35.72 9.95 48.08
C SER F 115 34.73 8.82 48.33
N PHE F 116 34.53 8.49 49.61
CA PHE F 116 33.63 7.40 49.96
C PHE F 116 32.18 7.74 49.66
N ASP F 117 31.83 9.04 49.67
CA ASP F 117 30.47 9.44 49.33
C ASP F 117 30.16 9.11 47.88
N ASP F 118 31.13 9.30 46.98
CA ASP F 118 30.92 8.93 45.58
C ASP F 118 30.69 7.44 45.44
N VAL F 119 31.45 6.62 46.17
CA VAL F 119 31.24 5.17 46.13
C VAL F 119 29.86 4.81 46.64
N LYS F 120 29.44 5.45 47.74
CA LYS F 120 28.12 5.17 48.28
C LYS F 120 27.02 5.54 47.29
N GLN F 121 27.13 6.70 46.64
CA GLN F 121 26.11 7.12 45.68
C GLN F 121 26.15 6.29 44.41
N SER F 122 27.30 5.73 44.06
CA SER F 122 27.38 4.87 42.88
C SER F 122 26.79 3.48 43.17
N LEU F 123 27.00 2.97 44.38
CA LEU F 123 26.47 1.65 44.75
C LEU F 123 25.04 1.70 45.27
N SER F 124 24.51 2.89 45.54
CA SER F 124 23.14 2.98 46.03
C SER F 124 22.10 2.42 45.06
N PRO F 125 22.14 2.71 43.76
CA PRO F 125 21.10 2.16 42.87
C PRO F 125 21.07 0.65 42.82
N TYR F 126 22.18 -0.03 43.10
CA TYR F 126 22.26 -1.48 42.99
C TYR F 126 22.07 -2.18 44.34
N ILE F 127 21.82 -1.44 45.41
CA ILE F 127 21.58 -2.02 46.73
C ILE F 127 20.31 -1.40 47.29
N LYS F 128 19.39 -2.25 47.74
CA LYS F 128 18.12 -1.77 48.27
C LYS F 128 18.32 -0.97 49.55
N ASP F 129 17.61 0.14 49.66
CA ASP F 129 17.74 1.06 50.79
C ASP F 129 16.86 0.58 51.93
N GLU F 130 17.27 -0.53 52.55
CA GLU F 130 16.55 -1.12 53.65
C GLU F 130 17.52 -1.45 54.78
N TYR F 131 17.01 -1.35 56.01
CA TYR F 131 17.83 -1.64 57.18
C TYR F 131 18.12 -3.14 57.27
N LEU F 132 19.36 -3.47 57.64
CA LEU F 132 19.79 -4.86 57.76
C LEU F 132 19.69 -5.38 59.19
N ILE F 133 20.42 -4.76 60.12
CA ILE F 133 20.44 -5.21 61.51
C ILE F 133 19.54 -4.24 62.29
N GLY F 134 18.26 -4.60 62.39
CA GLY F 134 17.31 -3.79 63.10
C GLY F 134 17.22 -2.39 62.50
N THR F 135 16.80 -1.44 63.33
CA THR F 135 16.85 -0.03 62.95
C THR F 135 18.14 0.61 63.45
N GLU F 136 19.26 -0.05 63.12
CA GLU F 136 20.58 0.42 63.52
C GLU F 136 21.48 0.69 62.33
N GLN F 137 21.57 -0.24 61.39
CA GLN F 137 22.46 -0.12 60.24
C GLN F 137 21.73 -0.55 58.98
N LYS F 138 21.93 0.19 57.90
CA LYS F 138 21.29 -0.12 56.63
C LYS F 138 22.05 -1.23 55.92
N LEU F 139 21.73 -1.47 54.65
CA LEU F 139 22.42 -2.47 53.85
C LEU F 139 23.56 -1.89 53.05
N ILE F 140 23.45 -0.61 52.64
CA ILE F 140 24.51 0.00 51.86
C ILE F 140 25.78 0.18 52.68
N ASP F 141 25.65 0.69 53.92
CA ASP F 141 26.82 0.87 54.76
C ASP F 141 27.39 -0.47 55.22
N ALA F 142 26.55 -1.49 55.37
CA ALA F 142 27.06 -2.82 55.70
C ALA F 142 27.97 -3.35 54.60
N ILE F 143 27.57 -3.14 53.33
CA ILE F 143 28.43 -3.51 52.22
C ILE F 143 29.69 -2.66 52.21
N LEU F 144 29.54 -1.35 52.44
CA LEU F 144 30.69 -0.45 52.36
C LEU F 144 31.73 -0.73 53.45
N ASN F 145 31.29 -1.24 54.60
CA ASN F 145 32.23 -1.49 55.69
C ASN F 145 33.27 -2.54 55.31
N SER F 146 32.93 -3.44 54.38
CA SER F 146 33.87 -4.45 53.93
C SER F 146 34.73 -3.99 52.77
N VAL F 147 34.46 -2.81 52.22
CA VAL F 147 35.18 -2.29 51.06
C VAL F 147 36.25 -1.29 51.48
N GLY F 148 35.88 -0.31 52.31
CA GLY F 148 36.81 0.74 52.71
C GLY F 148 37.53 0.42 54.01
N TYR F 149 38.40 1.35 54.40
CA TYR F 149 39.20 1.22 55.62
C TYR F 149 39.69 2.59 56.04
N GLU F 150 39.54 2.91 57.32
CA GLU F 150 40.04 4.18 57.83
C GLU F 150 41.56 4.12 57.94
N SER F 151 42.23 4.96 57.17
CA SER F 151 43.69 4.93 57.11
C SER F 151 44.27 5.76 58.25
N PRO F 152 45.01 5.16 59.18
CA PRO F 152 45.67 5.96 60.22
C PRO F 152 46.71 6.92 59.66
N ILE F 153 47.35 6.56 58.54
CA ILE F 153 48.35 7.44 57.94
C ILE F 153 47.70 8.73 57.46
N ARG F 154 46.54 8.63 56.82
CA ARG F 154 45.83 9.79 56.30
C ARG F 154 44.94 10.44 57.34
N LYS F 155 45.18 10.18 58.63
CA LYS F 155 44.41 10.76 59.73
C LYS F 155 42.92 10.46 59.62
N ASP F 156 42.09 11.23 60.30
CA ASP F 156 40.64 11.03 60.28
C ASP F 156 40.01 11.81 59.12
N LYS F 157 40.41 11.43 57.91
CA LYS F 157 39.92 12.04 56.69
C LYS F 157 38.81 11.23 56.03
N GLY F 158 38.31 10.21 56.69
CA GLY F 158 37.26 9.35 56.15
C GLY F 158 37.80 7.98 55.79
N MET F 159 36.89 7.16 55.26
CA MET F 159 37.22 5.80 54.85
C MET F 159 37.86 5.85 53.47
N ILE F 160 39.18 5.81 53.42
CA ILE F 160 39.91 5.80 52.16
C ILE F 160 39.94 4.38 51.61
N ILE F 161 39.66 4.23 50.31
CA ILE F 161 39.72 2.92 49.67
C ILE F 161 41.18 2.47 49.65
N PRO F 162 41.49 1.32 50.25
CA PRO F 162 42.89 0.86 50.25
C PRO F 162 43.38 0.49 48.86
N MET F 163 44.68 0.64 48.67
CA MET F 163 45.31 0.31 47.40
C MET F 163 45.63 -1.18 47.28
N GLY F 164 45.44 -1.95 48.35
CA GLY F 164 45.78 -3.36 48.33
C GLY F 164 44.60 -4.30 48.45
N PHE F 165 43.42 -3.76 48.75
CA PHE F 165 42.24 -4.59 48.88
C PHE F 165 41.81 -5.15 47.53
N ARG F 166 41.26 -6.37 47.56
CA ARG F 166 40.84 -7.03 46.33
C ARG F 166 39.60 -6.40 45.72
N THR F 167 38.80 -5.69 46.50
CA THR F 167 37.61 -5.03 46.01
C THR F 167 37.88 -3.63 45.46
N SER F 168 39.10 -3.11 45.64
CA SER F 168 39.40 -1.75 45.22
C SER F 168 39.28 -1.54 43.71
N PRO F 169 39.84 -2.40 42.84
CA PRO F 169 39.78 -2.09 41.40
C PRO F 169 38.37 -2.01 40.83
N ALA F 170 37.50 -2.95 41.18
CA ALA F 170 36.13 -2.92 40.68
C ALA F 170 35.38 -1.69 41.17
N ILE F 171 35.55 -1.34 42.45
CA ILE F 171 34.91 -0.15 42.99
C ILE F 171 35.41 1.09 42.28
N SER F 172 36.71 1.15 42.02
CA SER F 172 37.28 2.31 41.33
C SER F 172 36.70 2.45 39.92
N ASN F 173 36.63 1.32 39.18
CA ASN F 173 36.09 1.38 37.83
C ASN F 173 34.60 1.74 37.83
N ILE F 174 33.86 1.27 38.83
CA ILE F 174 32.44 1.62 38.91
C ILE F 174 32.26 3.08 39.23
N VAL F 175 33.02 3.61 40.20
CA VAL F 175 32.85 5.01 40.60
C VAL F 175 33.36 5.94 39.49
N PHE F 176 34.34 5.50 38.71
CA PHE F 176 34.84 6.32 37.60
C PHE F 176 34.11 6.01 36.31
N ARG F 177 32.78 6.03 36.36
CA ARG F 177 31.95 5.87 35.18
C ARG F 177 31.34 7.17 34.70
N LYS F 178 30.91 8.03 35.61
CA LYS F 178 30.46 9.37 35.23
C LYS F 178 31.57 10.14 34.56
N MET F 179 32.78 10.09 35.14
CA MET F 179 33.91 10.80 34.55
C MET F 179 34.31 10.19 33.22
N ASP F 180 34.26 8.87 33.11
CA ASP F 180 34.54 8.23 31.83
C ASP F 180 33.56 8.68 30.77
N LEU F 181 32.27 8.73 31.10
CA LEU F 181 31.27 9.18 30.13
C LEU F 181 31.50 10.64 29.75
N LEU F 182 31.81 11.50 30.72
CA LEU F 182 32.02 12.91 30.42
C LEU F 182 33.23 13.11 29.51
N ILE F 183 34.34 12.46 29.84
CA ILE F 183 35.55 12.59 29.03
C ILE F 183 35.33 12.00 27.64
N GLN F 184 34.63 10.86 27.56
CA GLN F 184 34.37 10.25 26.26
C GLN F 184 33.49 11.13 25.39
N ASP F 185 32.47 11.76 25.99
CA ASP F 185 31.63 12.67 25.23
C ASP F 185 32.41 13.89 24.77
N PHE F 186 33.24 14.45 25.66
CA PHE F 186 34.04 15.62 25.28
C PHE F 186 34.99 15.29 24.14
N CYS F 187 35.63 14.12 24.20
CA CYS F 187 36.54 13.73 23.12
C CYS F 187 35.78 13.40 21.84
N ALA F 188 34.57 12.85 21.97
CA ALA F 188 33.76 12.56 20.79
C ALA F 188 33.36 13.85 20.08
N LYS F 189 33.03 14.90 20.83
CA LYS F 189 32.69 16.16 20.21
C LYS F 189 33.84 16.77 19.43
N LYS F 190 35.07 16.30 19.67
CA LYS F 190 36.25 16.83 18.99
C LYS F 190 37.01 15.78 18.20
N GLY F 191 36.42 14.59 18.01
CA GLY F 191 37.08 13.55 17.24
C GLY F 191 38.34 13.00 17.86
N VAL F 192 38.32 12.73 19.16
CA VAL F 192 39.49 12.21 19.87
C VAL F 192 39.11 10.86 20.46
N ILE F 193 39.98 9.86 20.25
CA ILE F 193 39.78 8.53 20.79
C ILE F 193 40.38 8.49 22.19
N TYR F 194 39.58 8.05 23.16
CA TYR F 194 39.96 8.06 24.57
C TYR F 194 39.95 6.64 25.11
N SER F 195 41.04 6.26 25.79
CA SER F 195 41.11 4.96 26.44
C SER F 195 41.81 5.09 27.79
N ARG F 196 41.27 4.43 28.80
CA ARG F 196 41.79 4.55 30.16
C ARG F 196 42.18 3.18 30.69
N TYR F 197 43.37 3.09 31.26
CA TYR F 197 43.84 1.91 31.98
C TYR F 197 44.19 2.33 33.40
N ALA F 198 43.39 1.89 34.37
CA ALA F 198 43.53 2.32 35.76
C ALA F 198 43.38 3.82 35.87
N ASP F 199 44.51 4.55 35.87
CA ASP F 199 44.47 6.00 35.93
C ASP F 199 45.28 6.66 34.80
N ASP F 200 45.76 5.88 33.83
CA ASP F 200 46.42 6.44 32.65
C ASP F 200 45.38 6.63 31.55
N MET F 201 45.25 7.88 31.09
CA MET F 201 44.32 8.24 30.04
C MET F 201 45.13 8.55 28.78
N LEU F 202 44.82 7.85 27.70
CA LEU F 202 45.48 8.02 26.41
C LEU F 202 44.47 8.55 25.41
N PHE F 203 44.84 9.64 24.74
CA PHE F 203 44.01 10.32 23.77
C PHE F 203 44.72 10.33 22.43
N SER F 204 43.98 10.01 21.37
CA SER F 204 44.54 9.93 20.04
C SER F 204 43.71 10.80 19.09
N ASN F 205 44.40 11.56 18.23
CA ASN F 205 43.76 12.43 17.28
C ASN F 205 44.20 12.04 15.87
N PRO F 206 43.29 11.57 15.01
CA PRO F 206 43.68 11.20 13.64
C PRO F 206 43.88 12.40 12.73
N ARG F 207 43.18 13.50 13.01
CA ARG F 207 43.25 14.67 12.16
C ARG F 207 44.54 15.44 12.39
N GLU F 208 44.90 16.25 11.39
CA GLU F 208 46.11 17.07 11.45
C GLU F 208 45.79 18.34 12.24
N SER F 209 45.76 18.20 13.56
CA SER F 209 45.47 19.31 14.45
C SER F 209 46.36 19.23 15.67
N LYS F 210 46.56 20.38 16.31
CA LYS F 210 47.38 20.48 17.52
C LYS F 210 46.52 20.55 18.78
N LEU F 211 45.37 19.90 18.78
CA LEU F 211 44.50 19.93 19.95
C LEU F 211 45.13 19.22 21.14
N LEU F 212 45.80 18.09 20.90
CA LEU F 212 46.35 17.32 22.00
C LEU F 212 47.58 17.97 22.60
N MET F 213 48.34 18.73 21.80
CA MET F 213 49.51 19.44 22.29
C MET F 213 49.17 20.82 22.86
N SER F 214 47.91 21.22 22.82
CA SER F 214 47.48 22.51 23.32
C SER F 214 47.13 22.44 24.80
N ASP F 215 47.28 23.58 25.48
CA ASP F 215 46.93 23.66 26.89
C ASP F 215 45.43 23.56 27.12
N TYR F 216 44.62 23.84 26.09
CA TYR F 216 43.17 23.78 26.24
C TYR F 216 42.71 22.37 26.58
N PHE F 217 43.30 21.36 25.95
CA PHE F 217 42.92 19.98 26.22
C PHE F 217 43.20 19.61 27.67
N ILE F 218 44.39 19.97 28.16
CA ILE F 218 44.74 19.68 29.56
C ILE F 218 43.79 20.42 30.49
N ASP F 219 43.48 21.67 30.19
CA ASP F 219 42.57 22.45 31.04
C ASP F 219 41.19 21.82 31.07
N GLU F 220 40.70 21.36 29.93
CA GLU F 220 39.38 20.73 29.89
C GLU F 220 39.36 19.42 30.66
N ILE F 221 40.41 18.60 30.51
CA ILE F 221 40.47 17.35 31.26
C ILE F 221 40.51 17.62 32.77
N SER F 222 41.30 18.63 33.17
CA SER F 222 41.37 18.98 34.59
C SER F 222 40.03 19.49 35.10
N SER F 223 39.34 20.31 34.30
CA SER F 223 38.05 20.83 34.72
C SER F 223 37.03 19.71 34.87
N LEU F 224 37.04 18.75 33.94
CA LEU F 224 36.15 17.60 34.07
C LEU F 224 36.47 16.79 35.32
N LEU F 225 37.76 16.48 35.53
CA LEU F 225 38.16 15.67 36.67
C LEU F 225 37.91 16.37 37.99
N SER F 226 37.86 17.70 38.01
CA SER F 226 37.64 18.45 39.25
C SER F 226 36.23 18.25 39.80
N ILE F 227 35.31 17.68 39.03
CA ILE F 227 33.96 17.43 39.52
C ILE F 227 33.99 16.44 40.68
N MET F 228 34.77 15.37 40.55
CA MET F 228 34.90 14.35 41.59
C MET F 228 36.18 14.51 42.39
N GLY F 229 36.94 15.58 42.18
CA GLY F 229 38.12 15.86 42.98
C GLY F 229 39.40 15.22 42.51
N PHE F 230 39.49 14.84 41.24
CA PHE F 230 40.69 14.21 40.69
C PHE F 230 41.56 15.24 40.01
N ASN F 231 42.86 15.15 40.24
CA ASN F 231 43.87 15.98 39.59
C ASN F 231 44.75 15.13 38.70
N ILE F 232 45.53 15.79 37.84
CA ILE F 232 46.50 15.13 36.98
C ILE F 232 47.86 15.77 37.22
N ASN F 233 48.88 14.94 37.40
CA ASN F 233 50.23 15.44 37.61
C ASN F 233 50.87 15.78 36.27
N GLN F 234 51.60 16.90 36.25
CA GLN F 234 52.27 17.35 35.04
C GLN F 234 53.62 16.66 34.83
N SER F 235 54.04 15.80 35.76
CA SER F 235 55.31 15.11 35.62
C SER F 235 55.30 14.15 34.43
N LYS F 236 54.18 13.46 34.22
CA LYS F 236 54.11 12.46 33.15
C LYS F 236 53.03 12.79 32.13
N TYR F 237 52.97 14.06 31.72
CA TYR F 237 52.13 14.50 30.62
C TYR F 237 52.95 14.42 29.34
N ILE F 238 52.53 13.58 28.39
CA ILE F 238 53.30 13.37 27.18
C ILE F 238 52.43 13.68 25.97
N SER F 239 52.85 14.63 25.15
CA SER F 239 52.13 14.96 23.91
C SER F 239 53.10 14.88 22.75
N ARG F 240 52.87 13.93 21.85
CA ARG F 240 53.78 13.71 20.73
C ARG F 240 52.98 13.49 19.45
N GLU F 241 53.71 13.42 18.34
CA GLU F 241 53.13 13.26 17.02
C GLU F 241 53.78 12.08 16.30
N LYS F 242 52.96 11.28 15.64
CA LYS F 242 53.39 10.23 14.71
C LYS F 242 54.08 9.06 15.40
N GLU F 243 54.31 9.16 16.70
CA GLU F 243 54.96 8.10 17.46
C GLU F 243 54.84 8.40 18.94
N ILE F 244 54.53 7.37 19.73
CA ILE F 244 54.46 7.51 21.18
C ILE F 244 54.91 6.20 21.82
N SER F 245 55.68 6.33 22.90
CA SER F 245 56.15 5.18 23.66
C SER F 245 55.49 5.19 25.04
N ILE F 246 54.74 4.14 25.34
CA ILE F 246 54.08 3.97 26.63
C ILE F 246 54.64 2.69 27.24
N ASN F 247 55.57 2.85 28.19
CA ASN F 247 56.15 1.71 28.93
C ASN F 247 56.73 0.67 27.98
N GLY F 248 57.39 1.14 26.92
CA GLY F 248 57.99 0.27 25.95
C GLY F 248 57.12 -0.06 24.76
N TYR F 249 55.81 0.13 24.87
CA TYR F 249 54.90 -0.11 23.76
C TYR F 249 54.92 1.10 22.83
N VAL F 250 55.38 0.90 21.60
CA VAL F 250 55.53 1.98 20.64
C VAL F 250 54.35 1.93 19.66
N ILE F 251 53.59 3.02 19.62
CA ILE F 251 52.51 3.20 18.64
C ILE F 251 53.02 4.20 17.61
N GLU F 252 53.05 3.79 16.36
CA GLU F 252 53.61 4.60 15.28
C GLU F 252 52.62 4.69 14.13
N ASN F 253 52.32 5.92 13.70
CA ASN F 253 51.47 6.17 12.56
C ASN F 253 52.12 7.25 11.70
N LYS F 254 52.47 6.91 10.46
CA LYS F 254 53.15 7.85 9.59
C LYS F 254 52.30 9.06 9.23
N GLY F 255 50.99 8.99 9.44
CA GLY F 255 50.10 10.09 9.15
C GLY F 255 49.40 9.93 7.81
N GLY F 256 48.36 10.72 7.63
CA GLY F 256 47.59 10.68 6.41
C GLY F 256 46.13 10.98 6.70
N ASN F 257 45.26 10.49 5.82
CA ASN F 257 43.82 10.67 5.93
C ASN F 257 43.12 9.33 6.13
N GLY F 258 43.67 8.48 6.99
CA GLY F 258 43.09 7.17 7.20
C GLY F 258 44.12 6.05 7.24
N SER F 259 45.39 6.42 7.32
CA SER F 259 46.45 5.43 7.42
C SER F 259 46.34 4.65 8.73
N ILE F 260 46.76 3.39 8.69
CA ILE F 260 46.67 2.48 9.82
C ILE F 260 48.01 2.49 10.55
N GLY F 261 47.96 2.71 11.88
CA GLY F 261 49.16 2.68 12.68
C GLY F 261 49.55 1.26 13.07
N THR F 262 50.70 1.17 13.72
CA THR F 262 51.26 -0.11 14.14
C THR F 262 51.71 -0.03 15.59
N ILE F 263 51.65 -1.17 16.27
CA ILE F 263 52.05 -1.30 17.66
C ILE F 263 53.19 -2.32 17.74
N ARG F 264 54.29 -1.92 18.38
CA ARG F 264 55.44 -2.80 18.55
C ARG F 264 55.98 -2.63 19.96
N LEU F 265 57.04 -3.36 20.28
CA LEU F 265 57.73 -3.23 21.56
C LEU F 265 59.19 -2.88 21.30
N SER F 266 59.67 -1.86 21.98
CA SER F 266 61.05 -1.40 21.78
C SER F 266 62.04 -2.36 22.39
N LYS F 267 63.31 -2.23 21.97
CA LYS F 267 64.37 -3.09 22.48
C LYS F 267 64.58 -2.91 23.98
N SER F 268 64.19 -1.76 24.53
CA SER F 268 64.30 -1.58 25.98
C SER F 268 63.38 -2.55 26.72
N LYS F 269 62.19 -2.79 26.18
CA LYS F 269 61.25 -3.70 26.83
C LYS F 269 61.75 -5.13 26.80
N LEU F 270 62.39 -5.53 25.69
CA LEU F 270 62.88 -6.89 25.51
C LEU F 270 64.37 -7.04 25.84
N ASN F 271 64.98 -6.05 26.47
CA ASN F 271 66.40 -6.14 26.77
C ASN F 271 66.69 -7.26 27.77
N THR F 272 65.83 -7.42 28.77
CA THR F 272 66.08 -8.40 29.83
C THR F 272 66.06 -9.83 29.30
N VAL F 273 65.08 -10.16 28.46
CA VAL F 273 65.00 -11.52 27.93
C VAL F 273 66.17 -11.81 27.00
N LEU F 274 66.59 -10.82 26.20
CA LEU F 274 67.77 -11.02 25.36
C LEU F 274 69.02 -11.22 26.21
N LYS F 275 69.15 -10.48 27.31
CA LYS F 275 70.29 -10.69 28.21
C LYS F 275 70.26 -12.09 28.81
N VAL F 276 69.09 -12.56 29.23
CA VAL F 276 68.97 -13.90 29.80
C VAL F 276 69.33 -14.95 28.76
N THR F 277 68.84 -14.81 27.54
CA THR F 277 69.15 -15.78 26.49
C THR F 277 70.64 -15.77 26.16
N HIS F 278 71.25 -14.58 26.10
CA HIS F 278 72.67 -14.50 25.84
C HIS F 278 73.48 -15.15 26.95
N ALA F 279 73.07 -14.93 28.21
CA ALA F 279 73.76 -15.57 29.32
C ALA F 279 73.63 -17.09 29.26
N LEU F 280 72.44 -17.59 28.90
CA LEU F 280 72.26 -19.02 28.72
C LEU F 280 73.13 -19.56 27.60
N ALA F 281 73.29 -18.76 26.53
CA ALA F 281 74.16 -19.17 25.42
C ALA F 281 75.61 -19.27 25.86
N GLN F 282 76.06 -18.35 26.72
CA GLN F 282 77.43 -18.34 27.21
C GLN F 282 77.66 -19.32 28.35
N ASN F 283 76.71 -20.22 28.61
CA ASN F 283 76.83 -21.24 29.65
C ASN F 283 77.10 -20.63 31.03
N ILE F 284 76.49 -19.48 31.28
CA ILE F 284 76.62 -18.84 32.59
C ILE F 284 75.92 -19.70 33.62
N PRO F 285 76.51 -19.94 34.80
CA PRO F 285 75.83 -20.73 35.81
C PRO F 285 74.55 -20.05 36.29
N TYR F 286 73.58 -20.87 36.69
CA TYR F 286 72.28 -20.36 37.09
C TYR F 286 72.30 -19.61 38.42
N LYS F 287 73.42 -19.64 39.14
CA LYS F 287 73.52 -18.91 40.40
C LYS F 287 73.38 -17.41 40.18
N ASN F 288 74.06 -16.86 39.19
CA ASN F 288 74.07 -15.43 38.95
C ASN F 288 73.18 -14.99 37.78
N ILE F 289 72.40 -15.89 37.19
CA ILE F 289 71.49 -15.48 36.13
C ILE F 289 70.10 -15.15 36.68
N CYS F 290 69.80 -15.58 37.90
CA CYS F 290 68.51 -15.30 38.52
C CYS F 290 68.58 -14.28 39.64
N ASN F 291 69.72 -14.18 40.33
CA ASN F 291 69.88 -13.18 41.38
C ASN F 291 70.24 -11.80 40.83
N LYS F 292 70.49 -11.68 39.53
CA LYS F 292 70.86 -10.42 38.90
C LYS F 292 69.83 -9.97 37.87
N TYR F 293 69.39 -10.87 37.00
CA TYR F 293 68.45 -10.54 35.94
C TYR F 293 67.00 -10.73 36.38
N ILE F 294 66.70 -11.84 37.05
CA ILE F 294 65.33 -12.20 37.37
C ILE F 294 64.89 -11.67 38.73
N LYS F 295 65.79 -10.97 39.44
CA LYS F 295 65.58 -10.43 40.78
C LYS F 295 64.81 -11.38 41.70
N VAL F 296 65.16 -12.67 41.63
CA VAL F 296 64.61 -13.69 42.52
C VAL F 296 65.77 -14.33 43.25
N ARG F 297 65.71 -14.36 44.59
CA ARG F 297 66.83 -14.83 45.39
C ARG F 297 66.31 -15.45 46.68
N LEU F 298 67.01 -16.50 47.13
CA LEU F 298 66.68 -17.13 48.39
C LEU F 298 66.95 -16.20 49.56
N LYS F 299 66.07 -16.23 50.56
CA LYS F 299 66.27 -15.45 51.76
C LYS F 299 67.21 -16.20 52.71
N GLU F 300 67.66 -15.49 53.75
CA GLU F 300 68.51 -16.12 54.76
C GLU F 300 67.78 -17.24 55.48
N LYS F 301 66.50 -17.04 55.79
CA LYS F 301 65.69 -18.08 56.43
C LYS F 301 65.31 -19.13 55.40
N ASN F 302 66.33 -19.83 54.91
CA ASN F 302 66.12 -20.88 53.93
C ASN F 302 65.53 -22.12 54.61
N ILE F 303 65.00 -23.03 53.79
CA ILE F 303 64.37 -24.29 54.20
C ILE F 303 63.59 -24.18 55.51
N LYS F 304 63.00 -23.01 55.76
CA LYS F 304 62.16 -22.77 56.94
C LYS F 304 62.89 -23.09 58.26
N TYR F 305 64.23 -23.15 58.22
CA TYR F 305 65.04 -23.44 59.41
C TYR F 305 64.67 -24.78 60.04
N GLU F 306 64.20 -25.73 59.25
CA GLU F 306 63.78 -27.03 59.77
C GLU F 306 64.48 -28.22 59.13
N SER F 307 64.72 -28.18 57.83
CA SER F 307 65.38 -29.30 57.17
C SER F 307 66.89 -29.25 57.37
N LYS F 308 67.56 -30.31 56.93
CA LYS F 308 69.01 -30.41 56.98
C LYS F 308 69.64 -30.85 55.66
N LYS F 309 68.85 -31.32 54.69
CA LYS F 309 69.38 -31.79 53.42
C LYS F 309 69.95 -30.65 52.56
N ASP F 310 69.32 -29.48 52.61
CA ASP F 310 69.72 -28.30 51.82
C ASP F 310 69.66 -28.73 50.35
N GLU F 311 70.57 -28.24 49.49
CA GLU F 311 70.63 -28.52 48.07
C GLU F 311 69.37 -28.11 47.31
N PHE F 312 68.48 -27.34 47.94
CA PHE F 312 67.30 -26.84 47.24
C PHE F 312 67.59 -25.66 46.35
N GLU F 313 68.78 -25.06 46.46
CA GLU F 313 69.11 -23.90 45.64
C GLU F 313 69.14 -24.25 44.15
N LYS F 314 69.73 -25.40 43.80
CA LYS F 314 69.84 -25.78 42.40
C LYS F 314 68.47 -26.01 41.77
N LYS F 315 67.59 -26.73 42.48
CA LYS F 315 66.27 -26.99 41.93
C LYS F 315 65.41 -25.74 41.92
N TYR F 316 65.61 -24.85 42.89
CA TYR F 316 64.91 -23.57 42.89
C TYR F 316 65.32 -22.74 41.68
N TYR F 317 66.62 -22.66 41.40
CA TYR F 317 67.12 -21.91 40.27
C TYR F 317 66.83 -22.58 38.94
N ARG F 318 66.43 -23.85 38.94
CA ARG F 318 65.90 -24.45 37.72
C ARG F 318 64.43 -24.10 37.55
N ASP F 319 63.65 -24.32 38.61
CA ASP F 319 62.20 -24.08 38.57
C ASP F 319 61.88 -22.64 38.21
N GLN F 320 62.41 -21.68 38.99
CA GLN F 320 62.08 -20.29 38.76
C GLN F 320 62.52 -19.80 37.39
N LEU F 321 63.65 -20.31 36.89
CA LEU F 321 64.06 -19.94 35.53
C LEU F 321 63.10 -20.49 34.49
N ILE F 322 62.65 -21.74 34.67
CA ILE F 322 61.66 -22.30 33.76
C ILE F 322 60.37 -21.48 33.80
N ASN F 323 59.95 -21.10 35.01
CA ASN F 323 58.74 -20.32 35.16
C ASN F 323 58.86 -18.95 34.50
N TYR F 324 60.01 -18.29 34.65
CA TYR F 324 60.20 -16.99 34.00
C TYR F 324 60.17 -17.13 32.49
N LEU F 325 60.86 -18.14 31.94
CA LEU F 325 60.86 -18.32 30.50
C LEU F 325 59.45 -18.62 29.98
N GLY F 326 58.71 -19.47 30.68
CA GLY F 326 57.35 -19.77 30.28
C GLY F 326 56.43 -18.57 30.37
N GLY F 327 56.58 -17.76 31.42
CA GLY F 327 55.75 -16.58 31.54
C GLY F 327 56.03 -15.54 30.46
N TYR F 328 57.31 -15.31 30.15
CA TYR F 328 57.61 -14.35 29.10
C TYR F 328 57.19 -14.89 27.73
N ARG F 329 57.29 -16.21 27.54
CA ARG F 329 56.73 -16.83 26.33
C ARG F 329 55.23 -16.59 26.24
N SER F 330 54.52 -16.73 27.37
CA SER F 330 53.09 -16.46 27.39
C SER F 330 52.81 -15.00 27.02
N TYR F 331 53.64 -14.08 27.52
CA TYR F 331 53.50 -12.68 27.18
C TYR F 331 53.65 -12.45 25.67
N LEU F 332 54.70 -13.05 25.08
CA LEU F 332 54.94 -12.85 23.65
C LEU F 332 53.82 -13.47 22.81
N ILE F 333 53.35 -14.66 23.19
CA ILE F 333 52.29 -15.27 22.40
C ILE F 333 50.94 -14.61 22.64
N SER F 334 50.75 -13.96 23.79
CA SER F 334 49.60 -13.09 23.95
C SER F 334 49.68 -11.92 22.99
N LEU F 335 50.87 -11.36 22.81
CA LEU F 335 51.06 -10.30 21.81
C LEU F 335 50.72 -10.80 20.41
N VAL F 336 51.20 -11.99 20.04
CA VAL F 336 50.96 -12.45 18.68
C VAL F 336 49.49 -12.81 18.47
N LYS F 337 48.82 -13.33 19.50
CA LYS F 337 47.38 -13.60 19.39
C LYS F 337 46.59 -12.31 19.28
N PHE F 338 47.01 -11.27 20.01
CA PHE F 338 46.40 -9.96 19.84
C PHE F 338 46.57 -9.45 18.42
N HIS F 339 47.76 -9.66 17.84
CA HIS F 339 47.97 -9.30 16.45
C HIS F 339 47.04 -10.07 15.51
N SER F 340 46.88 -11.37 15.77
CA SER F 340 46.00 -12.18 14.93
C SER F 340 44.55 -11.70 15.04
N GLU F 341 44.15 -11.26 16.23
CA GLU F 341 42.77 -10.82 16.44
C GLU F 341 42.51 -9.45 15.84
N TYR F 342 43.50 -8.54 15.89
CA TYR F 342 43.28 -7.15 15.49
C TYR F 342 44.10 -6.69 14.31
N LYS F 343 45.22 -7.35 13.98
CA LYS F 343 46.07 -6.97 12.86
C LYS F 343 46.56 -5.52 12.98
N CYS F 344 47.29 -5.26 14.07
CA CYS F 344 47.84 -3.93 14.32
C CYS F 344 49.25 -4.00 14.88
N VAL F 345 50.02 -5.01 14.49
CA VAL F 345 51.39 -5.20 14.98
C VAL F 345 52.33 -5.29 13.79
N ASN F 346 53.52 -4.69 13.92
CA ASN F 346 54.48 -4.67 12.84
C ASN F 346 54.91 -6.09 12.46
N SER F 347 55.09 -6.31 11.15
CA SER F 347 55.49 -7.62 10.66
C SER F 347 56.91 -7.98 11.11
N ASP F 348 57.84 -7.02 11.05
CA ASP F 348 59.19 -7.29 11.49
C ASP F 348 59.25 -7.60 12.98
N PHE F 349 58.44 -6.89 13.78
CA PHE F 349 58.33 -7.23 15.19
C PHE F 349 57.76 -8.63 15.37
N ILE F 350 56.82 -9.02 14.51
CA ILE F 350 56.23 -10.36 14.60
C ILE F 350 57.29 -11.42 14.34
N ILE F 351 58.11 -11.24 13.30
CA ILE F 351 59.12 -12.25 13.01
C ILE F 351 60.20 -12.24 14.10
N GLN F 352 60.51 -11.07 14.64
CA GLN F 352 61.48 -11.00 15.74
C GLN F 352 60.99 -11.76 16.97
N ILE F 353 59.72 -11.57 17.33
CA ILE F 353 59.22 -12.27 18.51
C ILE F 353 59.04 -13.74 18.22
N ASN F 354 58.79 -14.12 16.97
CA ASN F 354 58.79 -15.54 16.62
C ASN F 354 60.17 -16.16 16.83
N GLY F 355 61.22 -15.48 16.40
CA GLY F 355 62.57 -15.97 16.65
C GLY F 355 62.90 -16.04 18.13
N ILE F 356 62.48 -15.03 18.89
CA ILE F 356 62.73 -15.02 20.33
C ILE F 356 61.97 -16.17 21.01
N LEU F 357 60.75 -16.44 20.55
CA LEU F 357 59.98 -17.56 21.09
C LEU F 357 60.66 -18.89 20.78
N ASN F 358 61.20 -19.04 19.57
CA ASN F 358 61.93 -20.25 19.23
C ASN F 358 63.15 -20.41 20.15
N ASP F 359 63.88 -19.32 20.38
CA ASP F 359 65.05 -19.39 21.26
C ASP F 359 64.64 -19.76 22.68
N ILE F 360 63.53 -19.19 23.18
CA ILE F 360 63.06 -19.50 24.52
C ILE F 360 62.66 -20.96 24.63
N GLN F 361 61.97 -21.48 23.61
CA GLN F 361 61.59 -22.89 23.61
C GLN F 361 62.82 -23.79 23.63
N ASN F 362 63.83 -23.43 22.82
CA ASN F 362 65.06 -24.22 22.80
C ASN F 362 65.75 -24.21 24.16
N HIS F 363 65.80 -23.04 24.80
CA HIS F 363 66.45 -22.95 26.10
C HIS F 363 65.68 -23.71 27.17
N ILE F 364 64.34 -23.67 27.12
CA ILE F 364 63.54 -24.45 28.05
C ILE F 364 63.78 -25.94 27.85
N GLN F 365 63.84 -26.39 26.60
CA GLN F 365 64.14 -27.78 26.32
C GLN F 365 65.51 -28.16 26.87
N LYS F 366 66.52 -27.29 26.68
CA LYS F 366 67.85 -27.56 27.19
C LYS F 366 67.84 -27.69 28.72
N ILE F 367 67.14 -26.76 29.39
CA ILE F 367 67.09 -26.78 30.85
C ILE F 367 66.40 -28.05 31.34
N LYS F 368 65.30 -28.44 30.69
CA LYS F 368 64.59 -29.65 31.12
C LYS F 368 65.40 -30.91 30.83
N LYS F 369 66.20 -30.90 29.76
CA LYS F 369 67.11 -32.02 29.50
C LYS F 369 68.18 -32.10 30.57
N ASN F 370 68.72 -30.95 30.98
CA ASN F 370 69.73 -30.94 32.03
C ASN F 370 69.20 -31.45 33.37
N ARG F 371 67.89 -31.37 33.59
CA ARG F 371 67.30 -31.87 34.82
C ARG F 371 66.57 -33.18 34.57
N ILE G 6 -43.98 -5.11 2.88
CA ILE G 6 -45.17 -4.79 3.66
C ILE G 6 -45.79 -6.05 4.28
N LEU G 7 -46.04 -5.98 5.58
CA LEU G 7 -46.68 -7.05 6.32
C LEU G 7 -47.80 -6.46 7.15
N VAL G 8 -48.94 -7.16 7.21
CA VAL G 8 -50.12 -6.68 7.91
C VAL G 8 -50.43 -7.59 9.09
N ASP G 9 -50.99 -6.99 10.13
CA ASP G 9 -51.43 -7.68 11.34
C ASP G 9 -52.90 -7.41 11.58
N LYS G 10 -53.40 -7.91 12.71
CA LYS G 10 -54.78 -7.64 13.09
C LYS G 10 -54.99 -6.15 13.37
N VAL G 11 -54.03 -5.53 14.07
CA VAL G 11 -54.15 -4.10 14.38
C VAL G 11 -54.14 -3.28 13.11
N PHE G 12 -53.26 -3.62 12.16
CA PHE G 12 -53.22 -2.90 10.89
C PHE G 12 -54.51 -3.07 10.12
N TYR G 13 -55.07 -4.29 10.12
CA TYR G 13 -56.32 -4.53 9.41
C TYR G 13 -57.46 -3.73 10.02
N GLU G 14 -57.52 -3.68 11.35
CA GLU G 14 -58.64 -3.01 12.00
C GLU G 14 -58.52 -1.49 11.92
N LYS G 15 -57.31 -0.94 12.11
CA LYS G 15 -57.13 0.49 12.22
C LYS G 15 -56.90 1.19 10.89
N ILE G 16 -56.66 0.44 9.81
CA ILE G 16 -56.37 1.06 8.52
C ILE G 16 -57.35 0.56 7.46
N LEU G 17 -57.42 -0.77 7.31
CA LEU G 17 -58.24 -1.35 6.25
C LEU G 17 -59.71 -1.33 6.63
N SER G 18 -60.09 -2.06 7.66
CA SER G 18 -61.47 -2.09 8.15
C SER G 18 -61.66 -1.08 9.29
N VAL G 19 -61.47 0.19 8.94
CA VAL G 19 -61.54 1.26 9.93
C VAL G 19 -62.96 1.40 10.51
N GLU G 20 -64.01 1.35 9.68
CA GLU G 20 -65.37 1.31 10.24
C GLU G 20 -66.28 0.27 9.59
N SER G 21 -65.99 -0.18 8.37
CA SER G 21 -66.93 -1.05 7.65
C SER G 21 -67.16 -2.36 8.41
N PHE G 22 -66.11 -3.16 8.57
CA PHE G 22 -66.22 -4.43 9.29
C PHE G 22 -65.71 -4.26 10.73
N LYS G 23 -66.33 -3.32 11.44
CA LYS G 23 -65.99 -3.10 12.84
C LYS G 23 -66.85 -3.90 13.80
N GLU G 24 -68.09 -4.18 13.44
CA GLU G 24 -68.97 -4.98 14.30
C GLU G 24 -68.58 -6.44 14.31
N ASN G 25 -67.90 -6.93 13.26
CA ASN G 25 -67.54 -8.34 13.20
C ASN G 25 -66.41 -8.66 14.17
N ILE G 26 -65.41 -7.79 14.28
CA ILE G 26 -64.26 -8.07 15.13
C ILE G 26 -64.65 -8.05 16.60
N ILE G 27 -65.47 -7.08 17.01
CA ILE G 27 -65.80 -6.95 18.42
C ILE G 27 -66.69 -8.11 18.89
N THR G 28 -67.74 -8.41 18.14
CA THR G 28 -68.67 -9.46 18.55
C THR G 28 -68.34 -10.81 17.94
N GLN G 29 -67.07 -11.20 18.02
CA GLN G 29 -66.58 -12.53 17.63
C GLN G 29 -67.30 -13.08 16.40
N SER G 30 -67.42 -12.24 15.38
CA SER G 30 -68.16 -12.59 14.17
C SER G 30 -67.20 -12.71 13.00
N ALA G 31 -67.23 -13.86 12.32
CA ALA G 31 -66.38 -14.08 11.16
C ALA G 31 -66.79 -13.18 10.01
N ILE G 32 -65.81 -12.82 9.19
CA ILE G 32 -66.06 -11.93 8.05
C ILE G 32 -66.91 -12.67 7.03
N PRO G 33 -68.08 -12.17 6.68
CA PRO G 33 -68.91 -12.82 5.68
C PRO G 33 -68.32 -12.69 4.29
N LYS G 34 -68.67 -13.65 3.43
CA LYS G 34 -68.25 -13.60 2.04
C LYS G 34 -69.13 -12.61 1.28
N ILE G 35 -68.92 -12.53 -0.03
CA ILE G 35 -69.66 -11.60 -0.88
C ILE G 35 -70.86 -12.33 -1.47
N SER G 36 -72.05 -11.84 -1.15
CA SER G 36 -73.29 -12.47 -1.60
C SER G 36 -73.70 -11.94 -2.97
N ASN G 37 -74.63 -12.66 -3.60
CA ASN G 37 -75.13 -12.28 -4.92
C ASN G 37 -75.94 -11.00 -4.89
N LYS G 38 -76.44 -10.60 -3.72
CA LYS G 38 -77.30 -9.42 -3.65
C LYS G 38 -76.52 -8.14 -3.87
N GLU G 39 -75.27 -8.09 -3.41
CA GLU G 39 -74.46 -6.88 -3.46
C GLU G 39 -73.60 -6.80 -4.72
N VAL G 40 -73.69 -7.77 -5.62
CA VAL G 40 -72.95 -7.77 -6.87
C VAL G 40 -73.93 -7.88 -8.03
N ARG G 41 -73.81 -6.96 -8.99
CA ARG G 41 -74.65 -6.96 -10.17
C ARG G 41 -73.81 -7.25 -11.42
N LEU G 42 -74.42 -7.91 -12.38
CA LEU G 42 -73.73 -8.37 -13.58
C LEU G 42 -74.07 -7.49 -14.76
N ILE G 43 -73.05 -7.05 -15.49
CA ILE G 43 -73.21 -6.21 -16.67
C ILE G 43 -72.67 -6.99 -17.86
N SER G 44 -73.46 -7.07 -18.93
CA SER G 44 -73.10 -7.84 -20.11
C SER G 44 -72.65 -6.91 -21.23
N SER G 45 -71.51 -7.22 -21.84
CA SER G 45 -71.02 -6.49 -23.00
C SER G 45 -70.45 -7.52 -23.97
N GLY G 46 -71.15 -7.75 -25.08
CA GLY G 46 -70.74 -8.81 -25.99
C GLY G 46 -70.78 -10.16 -25.29
N SER G 47 -69.68 -10.90 -25.40
CA SER G 47 -69.53 -12.17 -24.71
C SER G 47 -68.88 -12.01 -23.34
N LYS G 48 -68.60 -10.77 -22.92
CA LYS G 48 -67.94 -10.51 -21.65
C LYS G 48 -68.96 -10.12 -20.60
N ILE G 49 -68.66 -10.47 -19.35
CA ILE G 49 -69.47 -10.08 -18.21
C ILE G 49 -68.59 -9.37 -17.20
N PHE G 50 -69.20 -8.45 -16.45
CA PHE G 50 -68.49 -7.68 -15.43
C PHE G 50 -69.31 -7.69 -14.15
N TYR G 51 -68.61 -7.65 -13.02
CA TYR G 51 -69.23 -7.67 -11.70
C TYR G 51 -69.01 -6.32 -11.05
N ALA G 52 -70.11 -5.69 -10.64
CA ALA G 52 -70.08 -4.40 -9.97
C ALA G 52 -70.58 -4.56 -8.53
N ILE G 53 -69.80 -4.07 -7.58
CA ILE G 53 -70.16 -4.14 -6.16
C ILE G 53 -70.76 -2.81 -5.74
N ASN G 54 -71.89 -2.86 -5.04
CA ASN G 54 -72.55 -1.65 -4.59
C ASN G 54 -71.65 -0.87 -3.63
N ASN G 55 -71.69 0.45 -3.73
CA ASN G 55 -70.85 1.29 -2.89
C ASN G 55 -71.23 1.19 -1.42
N THR G 56 -72.51 0.97 -1.13
CA THR G 56 -72.97 0.87 0.26
C THR G 56 -72.43 -0.38 0.95
N SER G 57 -71.98 -1.38 0.19
CA SER G 57 -71.48 -2.60 0.80
C SER G 57 -70.14 -2.34 1.49
N PRO G 58 -69.94 -2.90 2.69
CA PRO G 58 -68.63 -2.73 3.36
C PRO G 58 -67.47 -3.31 2.58
N HIS G 59 -67.73 -4.33 1.75
CA HIS G 59 -66.65 -4.94 0.99
C HIS G 59 -66.03 -3.96 0.01
N SER G 60 -66.84 -3.10 -0.60
CA SER G 60 -66.31 -2.12 -1.54
C SER G 60 -65.34 -1.17 -0.84
N HIS G 61 -65.72 -0.67 0.34
CA HIS G 61 -64.84 0.23 1.08
C HIS G 61 -63.57 -0.48 1.54
N VAL G 62 -63.71 -1.70 2.05
CA VAL G 62 -62.53 -2.41 2.56
C VAL G 62 -61.58 -2.75 1.43
N GLN G 63 -62.10 -3.09 0.24
CA GLN G 63 -61.22 -3.37 -0.88
C GLN G 63 -60.61 -2.11 -1.46
N LEU G 64 -61.34 -0.98 -1.41
CA LEU G 64 -60.75 0.29 -1.81
C LEU G 64 -59.56 0.63 -0.91
N ARG G 65 -59.72 0.47 0.39
CA ARG G 65 -58.62 0.78 1.30
C ARG G 65 -57.50 -0.26 1.17
N LEU G 66 -57.84 -1.51 0.86
CA LEU G 66 -56.82 -2.53 0.59
C LEU G 66 -55.98 -2.15 -0.61
N ASN G 67 -56.62 -1.68 -1.69
CA ASN G 67 -55.89 -1.23 -2.87
C ASN G 67 -55.06 0.01 -2.56
N ARG G 68 -55.58 0.91 -1.73
CA ARG G 68 -54.88 2.16 -1.47
C ARG G 68 -53.69 1.99 -0.54
N PHE G 69 -53.75 1.07 0.42
CA PHE G 69 -52.73 0.97 1.45
C PHE G 69 -51.89 -0.30 1.39
N PHE G 70 -52.40 -1.39 0.84
CA PHE G 70 -51.72 -2.67 0.88
C PHE G 70 -51.20 -3.13 -0.47
N LEU G 71 -52.06 -3.19 -1.49
CA LEU G 71 -51.65 -3.73 -2.78
C LEU G 71 -50.64 -2.84 -3.51
N SER G 72 -50.60 -1.55 -3.20
CA SER G 72 -49.70 -0.65 -3.89
C SER G 72 -48.26 -0.77 -3.42
N HIS G 73 -48.03 -1.36 -2.25
CA HIS G 73 -46.68 -1.47 -1.69
C HIS G 73 -46.01 -2.80 -2.00
N ILE G 74 -46.71 -3.74 -2.60
CA ILE G 74 -46.12 -5.04 -2.95
C ILE G 74 -45.27 -4.86 -4.20
N PRO G 75 -44.01 -5.27 -4.19
CA PRO G 75 -43.15 -5.10 -5.37
C PRO G 75 -43.66 -5.88 -6.56
N LEU G 76 -43.49 -5.29 -7.76
CA LEU G 76 -43.89 -5.89 -9.02
C LEU G 76 -42.68 -6.00 -9.96
N ASN G 77 -42.96 -6.42 -11.19
CA ASN G 77 -41.95 -6.57 -12.23
C ASN G 77 -42.05 -5.41 -13.20
N SER G 78 -40.89 -4.92 -13.65
CA SER G 78 -40.85 -3.74 -14.51
C SER G 78 -41.54 -3.99 -15.85
N ALA G 79 -41.62 -5.24 -16.30
CA ALA G 79 -42.27 -5.55 -17.56
C ALA G 79 -43.78 -5.35 -17.51
N ALA G 80 -44.37 -5.21 -16.32
CA ALA G 80 -45.80 -4.95 -16.19
C ALA G 80 -46.03 -3.44 -16.31
N LYS G 81 -46.54 -3.01 -17.46
CA LYS G 81 -46.77 -1.61 -17.74
C LYS G 81 -48.22 -1.19 -17.55
N ALA G 82 -49.05 -2.04 -16.98
CA ALA G 82 -50.48 -1.79 -16.85
C ALA G 82 -50.89 -1.84 -15.38
N PHE G 83 -51.88 -1.02 -15.04
CA PHE G 83 -52.48 -0.99 -13.70
C PHE G 83 -51.46 -0.62 -12.63
N VAL G 84 -50.45 0.16 -13.00
CA VAL G 84 -49.40 0.56 -12.08
C VAL G 84 -49.20 2.06 -12.17
N ARG G 85 -48.84 2.67 -11.03
CA ARG G 85 -48.52 4.09 -11.01
C ARG G 85 -47.32 4.36 -11.91
N GLY G 86 -47.51 5.26 -12.88
CA GLY G 86 -46.49 5.54 -13.87
C GLY G 86 -46.54 4.67 -15.09
N GLY G 87 -47.37 3.62 -15.09
CA GLY G 87 -47.48 2.76 -16.25
C GLY G 87 -48.45 3.31 -17.29
N SER G 88 -48.13 3.05 -18.56
CA SER G 88 -48.97 3.52 -19.65
C SER G 88 -48.73 2.63 -20.87
N TYR G 89 -49.65 2.72 -21.82
CA TYR G 89 -49.51 1.97 -23.07
C TYR G 89 -48.30 2.46 -23.87
N LEU G 90 -48.02 3.76 -23.81
CA LEU G 90 -46.84 4.29 -24.49
C LEU G 90 -45.57 3.69 -23.93
N LYS G 91 -45.49 3.53 -22.61
CA LYS G 91 -44.35 2.84 -22.01
C LYS G 91 -44.37 1.35 -22.30
N TYR G 92 -45.54 0.78 -22.60
CA TYR G 92 -45.62 -0.61 -23.02
C TYR G 92 -45.05 -0.79 -24.42
N LEU G 93 -45.16 0.22 -25.28
CA LEU G 93 -44.64 0.13 -26.64
C LEU G 93 -43.23 0.70 -26.79
N GLU G 94 -42.77 1.50 -25.84
CA GLU G 94 -41.47 2.18 -25.98
C GLU G 94 -40.29 1.22 -26.11
N PRO G 95 -40.13 0.19 -25.28
CA PRO G 95 -38.88 -0.58 -25.32
C PRO G 95 -38.62 -1.29 -26.64
N HIS G 96 -39.63 -1.44 -27.48
CA HIS G 96 -39.52 -2.25 -28.69
C HIS G 96 -39.07 -1.45 -29.91
N ILE G 97 -38.71 -0.18 -29.73
CA ILE G 97 -38.18 0.60 -30.84
C ILE G 97 -36.81 0.10 -31.28
N TYR G 98 -36.10 -0.62 -30.41
CA TYR G 98 -34.76 -1.11 -30.71
C TYR G 98 -34.77 -2.45 -31.46
N GLY G 99 -35.95 -3.05 -31.65
CA GLY G 99 -36.05 -4.35 -32.28
C GLY G 99 -36.41 -4.28 -33.75
N SER G 100 -35.99 -5.30 -34.50
CA SER G 100 -36.30 -5.41 -35.92
C SER G 100 -37.46 -6.35 -36.22
N SER G 101 -37.69 -7.36 -35.37
CA SER G 101 -38.81 -8.26 -35.51
C SER G 101 -39.75 -8.09 -34.32
N TYR G 102 -41.04 -8.29 -34.54
CA TYR G 102 -42.05 -8.08 -33.51
C TYR G 102 -42.97 -9.28 -33.44
N CYS G 103 -43.39 -9.62 -32.21
CA CYS G 103 -44.32 -10.71 -31.96
C CYS G 103 -45.27 -10.31 -30.85
N ARG G 104 -46.56 -10.27 -31.16
CA ARG G 104 -47.60 -9.93 -30.20
C ARG G 104 -48.45 -11.16 -29.90
N LEU G 105 -48.58 -11.49 -28.62
CA LEU G 105 -49.37 -12.62 -28.15
C LEU G 105 -50.40 -12.12 -27.14
N ASP G 106 -51.46 -12.91 -26.97
CA ASP G 106 -52.49 -12.61 -26.00
C ASP G 106 -52.83 -13.86 -25.21
N ILE G 107 -53.02 -13.69 -23.90
CA ILE G 107 -53.50 -14.76 -23.03
C ILE G 107 -54.99 -14.93 -23.28
N SER G 108 -55.56 -16.03 -22.78
CA SER G 108 -57.00 -16.24 -22.83
C SER G 108 -57.65 -15.37 -21.77
N SER G 109 -58.92 -15.63 -21.43
CA SER G 109 -59.58 -14.83 -20.41
C SER G 109 -58.71 -14.80 -19.16
N PHE G 110 -58.14 -13.62 -18.87
CA PHE G 110 -57.05 -13.53 -17.91
C PHE G 110 -57.58 -13.62 -16.47
N PHE G 111 -58.47 -12.71 -16.09
CA PHE G 111 -58.99 -12.72 -14.73
C PHE G 111 -59.81 -13.96 -14.42
N ASN G 112 -60.29 -14.68 -15.45
CA ASN G 112 -61.04 -15.90 -15.22
C ASN G 112 -60.14 -17.10 -14.98
N ASN G 113 -58.92 -17.08 -15.52
CA ASN G 113 -57.99 -18.19 -15.39
C ASN G 113 -57.04 -18.04 -14.21
N ILE G 114 -57.15 -16.97 -13.44
CA ILE G 114 -56.30 -16.77 -12.27
C ILE G 114 -56.88 -17.60 -11.12
N SER G 115 -56.17 -18.65 -10.74
CA SER G 115 -56.64 -19.51 -9.66
C SER G 115 -56.53 -18.79 -8.33
N PHE G 116 -57.52 -19.02 -7.46
CA PHE G 116 -57.53 -18.36 -6.15
C PHE G 116 -56.41 -18.88 -5.26
N ASP G 117 -56.00 -20.14 -5.45
CA ASP G 117 -54.89 -20.69 -4.67
C ASP G 117 -53.59 -19.94 -4.97
N ASP G 118 -53.36 -19.60 -6.25
CA ASP G 118 -52.18 -18.82 -6.60
C ASP G 118 -52.23 -17.44 -5.97
N VAL G 119 -53.42 -16.82 -5.92
CA VAL G 119 -53.56 -15.52 -5.26
C VAL G 119 -53.23 -15.64 -3.78
N LYS G 120 -53.74 -16.69 -3.12
CA LYS G 120 -53.45 -16.90 -1.71
C LYS G 120 -51.95 -17.09 -1.48
N GLN G 121 -51.31 -17.87 -2.34
CA GLN G 121 -49.87 -18.09 -2.19
C GLN G 121 -49.08 -16.81 -2.42
N SER G 122 -49.49 -16.00 -3.40
CA SER G 122 -48.77 -14.76 -3.69
C SER G 122 -48.94 -13.75 -2.57
N LEU G 123 -50.13 -13.66 -1.98
CA LEU G 123 -50.40 -12.69 -0.92
C LEU G 123 -50.02 -13.20 0.47
N SER G 124 -49.67 -14.48 0.59
CA SER G 124 -49.30 -15.02 1.90
C SER G 124 -48.05 -14.37 2.49
N PRO G 125 -46.96 -14.15 1.77
CA PRO G 125 -45.77 -13.56 2.40
C PRO G 125 -45.99 -12.17 2.97
N TYR G 126 -46.96 -11.41 2.45
CA TYR G 126 -47.21 -10.05 2.89
C TYR G 126 -48.31 -9.95 3.94
N ILE G 127 -48.89 -11.07 4.37
CA ILE G 127 -49.93 -11.08 5.38
C ILE G 127 -49.53 -12.07 6.46
N LYS G 128 -49.61 -11.66 7.71
CA LYS G 128 -49.19 -12.52 8.81
C LYS G 128 -50.12 -13.72 8.94
N ASP G 129 -49.53 -14.89 9.22
CA ASP G 129 -50.28 -16.13 9.37
C ASP G 129 -50.81 -16.21 10.80
N GLU G 130 -51.95 -15.56 11.02
CA GLU G 130 -52.56 -15.55 12.34
C GLU G 130 -54.07 -15.52 12.19
N TYR G 131 -54.75 -16.01 13.23
CA TYR G 131 -56.21 -16.04 13.24
C TYR G 131 -56.78 -14.68 13.60
N LEU G 132 -57.86 -14.30 12.94
CA LEU G 132 -58.51 -13.02 13.18
C LEU G 132 -59.73 -13.12 14.09
N ILE G 133 -60.69 -13.97 13.75
CA ILE G 133 -61.92 -14.12 14.53
C ILE G 133 -61.79 -15.43 15.30
N GLY G 134 -61.24 -15.34 16.52
CA GLY G 134 -61.04 -16.53 17.33
C GLY G 134 -60.19 -17.55 16.61
N THR G 135 -60.40 -18.82 16.95
CA THR G 135 -59.79 -19.91 16.19
C THR G 135 -60.78 -20.42 15.14
N GLU G 136 -61.28 -19.49 14.32
CA GLU G 136 -62.26 -19.81 13.28
C GLU G 136 -61.76 -19.48 11.89
N GLN G 137 -61.32 -18.25 11.66
CA GLN G 137 -60.92 -17.79 10.33
C GLN G 137 -59.61 -17.04 10.43
N LYS G 138 -58.68 -17.34 9.52
CA LYS G 138 -57.40 -16.66 9.48
C LYS G 138 -57.51 -15.30 8.80
N LEU G 139 -56.47 -14.50 8.95
CA LEU G 139 -56.43 -13.19 8.29
C LEU G 139 -56.37 -13.34 6.78
N ILE G 140 -55.74 -14.41 6.29
CA ILE G 140 -55.69 -14.66 4.85
C ILE G 140 -57.09 -14.75 4.26
N ASP G 141 -57.93 -15.58 4.86
CA ASP G 141 -59.29 -15.75 4.36
C ASP G 141 -60.10 -14.47 4.52
N ALA G 142 -59.92 -13.76 5.63
CA ALA G 142 -60.67 -12.53 5.86
C ALA G 142 -60.35 -11.49 4.79
N ILE G 143 -59.06 -11.34 4.44
CA ILE G 143 -58.69 -10.39 3.40
C ILE G 143 -59.15 -10.87 2.03
N LEU G 144 -58.99 -12.17 1.76
CA LEU G 144 -59.34 -12.71 0.44
C LEU G 144 -60.84 -12.70 0.18
N ASN G 145 -61.67 -12.71 1.22
CA ASN G 145 -63.11 -12.64 1.00
C ASN G 145 -63.56 -11.29 0.48
N SER G 146 -62.70 -10.27 0.54
CA SER G 146 -63.03 -8.94 0.03
C SER G 146 -62.58 -8.73 -1.41
N VAL G 147 -61.93 -9.71 -2.02
CA VAL G 147 -61.39 -9.55 -3.36
C VAL G 147 -61.97 -10.55 -4.36
N GLY G 148 -62.52 -11.68 -3.92
CA GLY G 148 -63.07 -12.68 -4.80
C GLY G 148 -64.59 -12.70 -4.79
N TYR G 149 -65.13 -13.56 -5.65
CA TYR G 149 -66.57 -13.72 -5.76
C TYR G 149 -66.88 -15.12 -6.25
N GLU G 150 -67.79 -15.81 -5.56
CA GLU G 150 -68.26 -17.12 -5.97
C GLU G 150 -69.22 -16.94 -7.13
N SER G 151 -68.71 -17.05 -8.35
CA SER G 151 -69.52 -16.79 -9.53
C SER G 151 -70.59 -17.87 -9.69
N PRO G 152 -71.82 -17.50 -10.06
CA PRO G 152 -72.87 -18.49 -10.28
C PRO G 152 -72.74 -19.26 -11.59
N ILE G 153 -71.70 -19.01 -12.37
CA ILE G 153 -71.52 -19.71 -13.65
C ILE G 153 -70.23 -20.52 -13.59
N ARG G 154 -69.89 -21.17 -14.70
CA ARG G 154 -68.71 -22.03 -14.81
C ARG G 154 -68.77 -23.18 -13.81
N LYS G 155 -69.98 -23.70 -13.57
CA LYS G 155 -70.21 -24.89 -12.75
C LYS G 155 -69.79 -24.70 -11.30
N ASP G 156 -69.63 -23.46 -10.85
CA ASP G 156 -69.26 -23.15 -9.47
C ASP G 156 -67.97 -23.86 -9.07
N LYS G 157 -66.89 -23.42 -9.72
CA LYS G 157 -65.57 -24.03 -9.55
C LYS G 157 -64.69 -23.27 -8.58
N GLY G 158 -65.29 -22.71 -7.53
CA GLY G 158 -64.55 -21.95 -6.53
C GLY G 158 -64.56 -20.46 -6.80
N MET G 159 -63.91 -19.74 -5.89
CA MET G 159 -63.84 -18.29 -5.99
C MET G 159 -63.02 -17.87 -7.20
N ILE G 160 -63.52 -16.86 -7.91
CA ILE G 160 -62.90 -16.37 -9.14
C ILE G 160 -62.75 -14.86 -9.03
N ILE G 161 -61.59 -14.36 -9.46
CA ILE G 161 -61.35 -12.92 -9.50
C ILE G 161 -62.25 -12.31 -10.56
N PRO G 162 -63.15 -11.39 -10.19
CA PRO G 162 -64.04 -10.80 -11.18
C PRO G 162 -63.34 -9.74 -12.03
N MET G 163 -63.97 -9.43 -13.15
CA MET G 163 -63.41 -8.50 -14.12
C MET G 163 -63.79 -7.05 -13.86
N GLY G 164 -64.59 -6.78 -12.83
CA GLY G 164 -65.06 -5.43 -12.60
C GLY G 164 -64.87 -4.90 -11.20
N PHE G 165 -63.93 -5.45 -10.45
CA PHE G 165 -63.63 -4.97 -9.11
C PHE G 165 -62.41 -4.07 -9.11
N ARG G 166 -62.34 -3.19 -8.11
CA ARG G 166 -61.24 -2.25 -7.99
C ARG G 166 -59.96 -2.88 -7.47
N THR G 167 -60.03 -4.12 -6.99
CA THR G 167 -58.86 -4.83 -6.48
C THR G 167 -58.32 -5.88 -7.44
N SER G 168 -59.04 -6.15 -8.54
CA SER G 168 -58.62 -7.20 -9.46
C SER G 168 -57.29 -6.92 -10.16
N PRO G 169 -57.06 -5.74 -10.76
CA PRO G 169 -55.83 -5.56 -11.55
C PRO G 169 -54.54 -5.69 -10.74
N ALA G 170 -54.49 -5.09 -9.55
CA ALA G 170 -53.28 -5.16 -8.74
C ALA G 170 -52.99 -6.61 -8.33
N ILE G 171 -54.03 -7.35 -7.94
CA ILE G 171 -53.84 -8.75 -7.57
C ILE G 171 -53.40 -9.57 -8.78
N SER G 172 -53.92 -9.24 -9.96
CA SER G 172 -53.52 -9.93 -11.19
C SER G 172 -52.03 -9.72 -11.46
N ASN G 173 -51.56 -8.48 -11.33
CA ASN G 173 -50.14 -8.21 -11.53
C ASN G 173 -49.29 -8.91 -10.48
N ILE G 174 -49.75 -8.92 -9.23
CA ILE G 174 -48.99 -9.57 -8.16
C ILE G 174 -48.86 -11.06 -8.43
N VAL G 175 -49.96 -11.70 -8.84
CA VAL G 175 -49.91 -13.14 -9.08
C VAL G 175 -49.20 -13.47 -10.38
N PHE G 176 -49.12 -12.54 -11.33
CA PHE G 176 -48.42 -12.78 -12.58
C PHE G 176 -46.97 -12.30 -12.55
N ARG G 177 -46.52 -11.77 -11.41
CA ARG G 177 -45.11 -11.39 -11.29
C ARG G 177 -44.17 -12.56 -11.54
N LYS G 178 -44.54 -13.76 -11.06
CA LYS G 178 -43.68 -14.92 -11.28
C LYS G 178 -43.58 -15.25 -12.77
N MET G 179 -44.71 -15.24 -13.47
CA MET G 179 -44.69 -15.53 -14.90
C MET G 179 -43.94 -14.46 -15.67
N ASP G 180 -44.07 -13.19 -15.25
CA ASP G 180 -43.31 -12.13 -15.86
C ASP G 180 -41.81 -12.36 -15.69
N LEU G 181 -41.40 -12.76 -14.49
CA LEU G 181 -39.98 -13.05 -14.26
C LEU G 181 -39.50 -14.19 -15.13
N LEU G 182 -40.28 -15.27 -15.22
CA LEU G 182 -39.86 -16.42 -16.04
C LEU G 182 -39.74 -16.04 -17.51
N ILE G 183 -40.75 -15.36 -18.04
CA ILE G 183 -40.74 -14.99 -19.45
C ILE G 183 -39.61 -13.99 -19.73
N GLN G 184 -39.39 -13.04 -18.82
CA GLN G 184 -38.32 -12.08 -19.00
C GLN G 184 -36.96 -12.76 -18.98
N ASP G 185 -36.77 -13.73 -18.09
CA ASP G 185 -35.51 -14.47 -18.07
C ASP G 185 -35.31 -15.25 -19.36
N PHE G 186 -36.36 -15.91 -19.85
CA PHE G 186 -36.25 -16.65 -21.10
C PHE G 186 -35.90 -15.72 -22.26
N CYS G 187 -36.57 -14.57 -22.35
CA CYS G 187 -36.31 -13.64 -23.43
C CYS G 187 -34.92 -13.03 -23.33
N ALA G 188 -34.45 -12.77 -22.11
CA ALA G 188 -33.09 -12.26 -21.92
C ALA G 188 -32.06 -13.29 -22.37
N LYS G 189 -32.30 -14.57 -22.06
CA LYS G 189 -31.43 -15.62 -22.58
C LYS G 189 -31.48 -15.66 -24.11
N LYS G 190 -32.65 -15.42 -24.69
CA LYS G 190 -32.80 -15.39 -26.14
C LYS G 190 -32.56 -14.01 -26.74
N GLY G 191 -32.24 -13.01 -25.91
CA GLY G 191 -32.03 -11.66 -26.41
C GLY G 191 -33.26 -10.99 -26.98
N VAL G 192 -34.39 -11.10 -26.29
CA VAL G 192 -35.66 -10.54 -26.75
C VAL G 192 -36.16 -9.55 -25.70
N ILE G 193 -36.57 -8.36 -26.15
CA ILE G 193 -37.17 -7.37 -25.27
C ILE G 193 -38.63 -7.73 -25.06
N TYR G 194 -39.06 -7.82 -23.80
CA TYR G 194 -40.39 -8.27 -23.44
C TYR G 194 -41.12 -7.19 -22.65
N SER G 195 -42.38 -6.95 -23.00
CA SER G 195 -43.24 -6.06 -22.25
C SER G 195 -44.64 -6.65 -22.19
N ARG G 196 -45.40 -6.25 -21.17
CA ARG G 196 -46.74 -6.78 -20.98
C ARG G 196 -47.68 -5.66 -20.53
N TYR G 197 -48.86 -5.63 -21.14
CA TYR G 197 -49.94 -4.74 -20.72
C TYR G 197 -51.16 -5.60 -20.46
N ALA G 198 -51.56 -5.71 -19.20
CA ALA G 198 -52.64 -6.58 -18.77
C ALA G 198 -52.35 -8.02 -19.17
N ASP G 199 -52.88 -8.45 -20.31
CA ASP G 199 -52.65 -9.80 -20.81
C ASP G 199 -52.03 -9.83 -22.20
N ASP G 200 -51.74 -8.68 -22.80
CA ASP G 200 -51.09 -8.63 -24.10
C ASP G 200 -49.58 -8.56 -23.90
N MET G 201 -48.86 -9.50 -24.52
CA MET G 201 -47.41 -9.58 -24.42
C MET G 201 -46.80 -9.17 -25.75
N LEU G 202 -45.81 -8.28 -25.70
CA LEU G 202 -45.10 -7.82 -26.87
C LEU G 202 -43.63 -8.20 -26.74
N PHE G 203 -43.09 -8.81 -27.80
CA PHE G 203 -41.71 -9.24 -27.85
C PHE G 203 -41.04 -8.63 -29.06
N SER G 204 -39.81 -8.15 -28.88
CA SER G 204 -39.08 -7.48 -29.93
C SER G 204 -37.68 -8.09 -30.03
N ASN G 205 -37.26 -8.40 -31.24
CA ASN G 205 -35.94 -8.96 -31.49
C ASN G 205 -35.11 -7.97 -32.30
N PRO G 206 -34.03 -7.43 -31.72
CA PRO G 206 -33.19 -6.51 -32.49
C PRO G 206 -32.34 -7.20 -33.55
N ARG G 207 -32.00 -8.46 -33.35
CA ARG G 207 -31.13 -9.17 -34.26
C ARG G 207 -31.91 -9.71 -35.46
N GLU G 208 -31.20 -9.94 -36.56
CA GLU G 208 -31.80 -10.44 -37.78
C GLU G 208 -31.96 -11.96 -37.65
N SER G 209 -32.97 -12.36 -36.90
CA SER G 209 -33.29 -13.76 -36.68
C SER G 209 -34.78 -13.98 -36.82
N LYS G 210 -35.16 -15.20 -37.17
CA LYS G 210 -36.55 -15.59 -37.33
C LYS G 210 -37.11 -16.26 -36.08
N LEU G 211 -36.57 -15.91 -34.90
CA LEU G 211 -37.02 -16.55 -33.67
C LEU G 211 -38.47 -16.19 -33.36
N LEU G 212 -38.85 -14.93 -33.58
CA LEU G 212 -40.22 -14.50 -33.27
C LEU G 212 -41.23 -15.03 -34.29
N MET G 213 -40.78 -15.41 -35.48
CA MET G 213 -41.65 -16.00 -36.49
C MET G 213 -41.66 -17.52 -36.45
N SER G 214 -40.96 -18.12 -35.50
CA SER G 214 -40.87 -19.57 -35.39
C SER G 214 -41.88 -20.11 -34.38
N ASP G 215 -42.18 -21.39 -34.51
CA ASP G 215 -43.10 -22.06 -33.58
C ASP G 215 -42.45 -22.31 -32.24
N TYR G 216 -41.13 -22.30 -32.16
CA TYR G 216 -40.44 -22.58 -30.90
C TYR G 216 -40.76 -21.52 -29.86
N PHE G 217 -40.80 -20.25 -30.26
CA PHE G 217 -41.13 -19.18 -29.32
C PHE G 217 -42.54 -19.36 -28.77
N ILE G 218 -43.50 -19.67 -29.65
CA ILE G 218 -44.88 -19.87 -29.22
C ILE G 218 -44.96 -21.05 -28.25
N ASP G 219 -44.27 -22.13 -28.57
CA ASP G 219 -44.28 -23.31 -27.71
C ASP G 219 -43.68 -23.00 -26.35
N GLU G 220 -42.57 -22.26 -26.31
CA GLU G 220 -41.94 -21.93 -25.04
C GLU G 220 -42.84 -21.03 -24.20
N ILE G 221 -43.47 -20.02 -24.81
CA ILE G 221 -44.36 -19.14 -24.06
C ILE G 221 -45.55 -19.92 -23.53
N SER G 222 -46.11 -20.82 -24.35
CA SER G 222 -47.22 -21.65 -23.90
C SER G 222 -46.81 -22.56 -22.74
N SER G 223 -45.62 -23.16 -22.84
CA SER G 223 -45.15 -24.04 -21.78
C SER G 223 -44.93 -23.28 -20.49
N LEU G 224 -44.37 -22.07 -20.57
CA LEU G 224 -44.21 -21.26 -19.37
C LEU G 224 -45.56 -20.88 -18.78
N LEU G 225 -46.51 -20.47 -19.61
CA LEU G 225 -47.83 -20.09 -19.11
C LEU G 225 -48.58 -21.27 -18.54
N SER G 226 -48.29 -22.48 -19.00
CA SER G 226 -48.98 -23.67 -18.51
C SER G 226 -48.66 -23.98 -17.05
N ILE G 227 -47.63 -23.35 -16.48
CA ILE G 227 -47.32 -23.57 -15.07
C ILE G 227 -48.48 -23.09 -14.19
N MET G 228 -49.02 -21.92 -14.50
CA MET G 228 -50.15 -21.36 -13.77
C MET G 228 -51.48 -21.55 -14.50
N GLY G 229 -51.50 -22.34 -15.57
CA GLY G 229 -52.73 -22.65 -16.26
C GLY G 229 -53.15 -21.69 -17.33
N PHE G 230 -52.34 -20.68 -17.64
CA PHE G 230 -52.70 -19.72 -18.68
C PHE G 230 -52.43 -20.29 -20.06
N ASN G 231 -53.30 -19.95 -21.00
CA ASN G 231 -53.19 -20.35 -22.39
C ASN G 231 -52.87 -19.14 -23.27
N ILE G 232 -52.78 -19.37 -24.57
CA ILE G 232 -52.49 -18.32 -25.55
C ILE G 232 -53.63 -18.27 -26.54
N ASN G 233 -54.17 -17.07 -26.76
CA ASN G 233 -55.22 -16.85 -27.75
C ASN G 233 -54.57 -16.88 -29.12
N GLN G 234 -54.76 -17.98 -29.86
CA GLN G 234 -54.18 -18.11 -31.18
C GLN G 234 -54.87 -17.24 -32.23
N SER G 235 -56.04 -16.70 -31.93
CA SER G 235 -56.75 -15.86 -32.89
C SER G 235 -56.14 -14.48 -33.04
N LYS G 236 -55.34 -14.02 -32.07
CA LYS G 236 -54.72 -12.71 -32.10
C LYS G 236 -53.21 -12.82 -32.05
N TYR G 237 -52.66 -13.78 -32.77
CA TYR G 237 -51.22 -13.96 -32.90
C TYR G 237 -50.69 -13.07 -34.01
N ILE G 238 -49.70 -12.23 -33.68
CA ILE G 238 -49.08 -11.35 -34.64
C ILE G 238 -47.58 -11.61 -34.64
N SER G 239 -46.99 -11.73 -35.83
CA SER G 239 -45.55 -11.92 -35.95
C SER G 239 -45.12 -11.25 -37.25
N ARG G 240 -44.48 -10.08 -37.14
CA ARG G 240 -44.12 -9.29 -38.31
C ARG G 240 -42.66 -8.86 -38.20
N GLU G 241 -42.18 -8.25 -39.28
CA GLU G 241 -40.80 -7.78 -39.37
C GLU G 241 -40.77 -6.36 -39.90
N LYS G 242 -39.94 -5.52 -39.26
CA LYS G 242 -39.63 -4.16 -39.71
C LYS G 242 -40.79 -3.19 -39.52
N GLU G 243 -41.96 -3.69 -39.11
CA GLU G 243 -43.11 -2.83 -38.86
C GLU G 243 -44.20 -3.65 -38.19
N ILE G 244 -44.90 -3.02 -37.24
CA ILE G 244 -46.02 -3.65 -36.56
C ILE G 244 -47.07 -2.59 -36.26
N SER G 245 -48.33 -3.00 -36.26
CA SER G 245 -49.46 -2.12 -35.96
C SER G 245 -50.29 -2.76 -34.86
N ILE G 246 -50.31 -2.13 -33.69
CA ILE G 246 -51.01 -2.62 -32.52
C ILE G 246 -52.08 -1.59 -32.15
N ASN G 247 -53.33 -1.87 -32.48
CA ASN G 247 -54.46 -1.02 -32.14
C ASN G 247 -54.25 0.41 -32.63
N GLY G 248 -53.71 0.55 -33.83
CA GLY G 248 -53.46 1.84 -34.41
C GLY G 248 -52.11 2.44 -34.08
N TYR G 249 -51.35 1.85 -33.17
CA TYR G 249 -50.01 2.31 -32.85
C TYR G 249 -49.02 1.58 -33.74
N VAL G 250 -48.32 2.32 -34.59
CA VAL G 250 -47.40 1.75 -35.55
C VAL G 250 -45.98 1.91 -35.02
N ILE G 251 -45.28 0.79 -34.87
CA ILE G 251 -43.87 0.77 -34.52
C ILE G 251 -43.10 0.36 -35.77
N GLU G 252 -42.18 1.21 -36.20
CA GLU G 252 -41.47 1.02 -37.46
C GLU G 252 -39.97 1.10 -37.22
N ASN G 253 -39.24 0.10 -37.73
CA ASN G 253 -37.78 0.09 -37.63
C ASN G 253 -37.25 -0.66 -38.84
N LYS G 254 -36.81 0.08 -39.85
CA LYS G 254 -36.28 -0.50 -41.08
C LYS G 254 -34.75 -0.41 -41.04
N GLY G 255 -34.16 -1.40 -40.40
CA GLY G 255 -32.72 -1.46 -40.29
C GLY G 255 -32.30 -2.48 -39.26
N GLY G 256 -30.97 -2.56 -39.08
CA GLY G 256 -30.38 -3.45 -38.13
C GLY G 256 -29.05 -2.89 -37.65
N ASN G 257 -28.45 -3.59 -36.69
CA ASN G 257 -27.17 -3.19 -36.08
C ASN G 257 -27.28 -1.77 -35.49
N GLY G 258 -28.12 -1.65 -34.47
CA GLY G 258 -28.27 -0.40 -33.76
C GLY G 258 -29.03 0.66 -34.52
N SER G 259 -30.31 0.40 -34.78
CA SER G 259 -31.18 1.33 -35.48
C SER G 259 -32.33 1.74 -34.56
N ILE G 260 -32.61 3.04 -34.51
CA ILE G 260 -33.65 3.58 -33.66
C ILE G 260 -34.99 3.51 -34.40
N GLY G 261 -35.98 2.89 -33.77
CA GLY G 261 -37.31 2.82 -34.32
C GLY G 261 -38.14 4.06 -33.99
N THR G 262 -39.34 4.09 -34.55
CA THR G 262 -40.27 5.20 -34.37
C THR G 262 -41.65 4.67 -34.05
N ILE G 263 -42.39 5.44 -33.25
CA ILE G 263 -43.75 5.10 -32.85
C ILE G 263 -44.67 6.23 -33.30
N ARG G 264 -45.73 5.87 -34.02
CA ARG G 264 -46.70 6.84 -34.51
C ARG G 264 -48.09 6.24 -34.39
N LEU G 265 -49.09 7.01 -34.82
CA LEU G 265 -50.48 6.55 -34.86
C LEU G 265 -50.97 6.60 -36.31
N SER G 266 -51.62 5.52 -36.74
CA SER G 266 -52.12 5.45 -38.10
C SER G 266 -53.32 6.36 -38.29
N LYS G 267 -53.64 6.62 -39.56
CA LYS G 267 -54.79 7.46 -39.88
C LYS G 267 -56.11 6.86 -39.42
N SER G 268 -56.14 5.53 -39.24
CA SER G 268 -57.35 4.90 -38.72
C SER G 268 -57.62 5.33 -37.29
N LYS G 269 -56.56 5.47 -36.49
CA LYS G 269 -56.74 5.88 -35.10
C LYS G 269 -57.28 7.30 -35.00
N LEU G 270 -56.81 8.20 -35.87
CA LEU G 270 -57.20 9.60 -35.85
C LEU G 270 -58.39 9.91 -36.76
N ASN G 271 -58.99 8.88 -37.38
CA ASN G 271 -60.04 9.12 -38.36
C ASN G 271 -61.28 9.76 -37.72
N THR G 272 -61.65 9.30 -36.52
CA THR G 272 -62.86 9.81 -35.88
C THR G 272 -62.73 11.30 -35.56
N VAL G 273 -61.60 11.73 -35.02
CA VAL G 273 -61.42 13.13 -34.68
C VAL G 273 -61.34 13.99 -35.94
N LEU G 274 -60.71 13.48 -36.99
CA LEU G 274 -60.69 14.20 -38.25
C LEU G 274 -62.11 14.38 -38.79
N LYS G 275 -62.94 13.33 -38.68
CA LYS G 275 -64.33 13.45 -39.10
C LYS G 275 -65.08 14.47 -38.26
N VAL G 276 -64.84 14.49 -36.94
CA VAL G 276 -65.51 15.45 -36.07
C VAL G 276 -65.12 16.87 -36.45
N THR G 277 -63.83 17.10 -36.68
CA THR G 277 -63.37 18.44 -37.05
C THR G 277 -63.93 18.85 -38.41
N HIS G 278 -63.98 17.92 -39.37
CA HIS G 278 -64.53 18.23 -40.67
C HIS G 278 -66.02 18.57 -40.57
N ALA G 279 -66.76 17.83 -39.75
CA ALA G 279 -68.17 18.12 -39.56
C ALA G 279 -68.38 19.48 -38.89
N LEU G 280 -67.53 19.82 -37.91
CA LEU G 280 -67.60 21.13 -37.30
C LEU G 280 -67.30 22.23 -38.30
N ALA G 281 -66.35 21.98 -39.21
CA ALA G 281 -66.05 22.95 -40.26
C ALA G 281 -67.19 23.10 -41.26
N GLN G 282 -68.11 22.13 -41.31
CA GLN G 282 -69.26 22.19 -42.19
C GLN G 282 -70.51 22.71 -41.49
N ASN G 283 -70.37 23.22 -40.26
CA ASN G 283 -71.48 23.81 -39.51
C ASN G 283 -72.60 22.81 -39.25
N ILE G 284 -72.26 21.54 -39.15
CA ILE G 284 -73.25 20.50 -38.88
C ILE G 284 -73.79 20.67 -37.46
N PRO G 285 -75.09 20.51 -37.23
CA PRO G 285 -75.61 20.60 -35.86
C PRO G 285 -74.97 19.58 -34.94
N TYR G 286 -74.78 19.98 -33.68
CA TYR G 286 -74.07 19.15 -32.72
C TYR G 286 -74.80 17.85 -32.41
N LYS G 287 -76.11 17.79 -32.68
CA LYS G 287 -76.86 16.57 -32.41
C LYS G 287 -76.34 15.39 -33.22
N ASN G 288 -76.08 15.62 -34.51
CA ASN G 288 -75.58 14.56 -35.37
C ASN G 288 -74.21 14.07 -34.92
N ILE G 289 -73.32 15.01 -34.58
CA ILE G 289 -71.98 14.63 -34.14
C ILE G 289 -72.04 13.84 -32.84
N CYS G 290 -72.86 14.31 -31.89
CA CYS G 290 -72.98 13.61 -30.61
C CYS G 290 -73.58 12.22 -30.77
N ASN G 291 -74.61 12.09 -31.62
CA ASN G 291 -75.29 10.81 -31.75
C ASN G 291 -74.61 9.84 -32.71
N LYS G 292 -73.67 10.31 -33.53
CA LYS G 292 -73.02 9.47 -34.52
C LYS G 292 -71.54 9.27 -34.24
N TYR G 293 -70.78 10.35 -34.13
CA TYR G 293 -69.32 10.23 -34.01
C TYR G 293 -68.88 9.82 -32.61
N ILE G 294 -69.60 10.26 -31.58
CA ILE G 294 -69.21 9.98 -30.21
C ILE G 294 -70.11 8.96 -29.52
N LYS G 295 -71.31 8.71 -30.06
CA LYS G 295 -72.25 7.74 -29.49
C LYS G 295 -72.66 8.13 -28.06
N VAL G 296 -73.18 9.35 -27.95
CA VAL G 296 -73.73 9.86 -26.69
C VAL G 296 -75.12 10.41 -26.96
N ARG G 297 -76.10 9.95 -26.17
CA ARG G 297 -77.48 10.38 -26.33
C ARG G 297 -78.11 10.59 -24.96
N LEU G 298 -79.26 11.27 -24.97
CA LEU G 298 -80.10 11.38 -23.78
C LEU G 298 -81.02 10.16 -23.73
N LYS G 299 -80.64 9.17 -22.93
CA LYS G 299 -81.33 7.89 -22.94
C LYS G 299 -82.73 8.03 -22.35
N GLU G 300 -83.73 7.52 -23.09
CA GLU G 300 -85.14 7.49 -22.74
C GLU G 300 -85.63 8.79 -22.11
N LYS G 301 -85.07 9.91 -22.54
CA LYS G 301 -85.48 11.24 -22.05
C LYS G 301 -85.43 11.33 -20.53
N ASN G 302 -84.37 10.80 -19.93
CA ASN G 302 -84.25 10.84 -18.48
C ASN G 302 -83.92 12.25 -18.02
N ILE G 303 -84.90 13.16 -18.14
CA ILE G 303 -84.72 14.52 -17.68
C ILE G 303 -85.15 14.69 -16.22
N LYS G 304 -85.92 13.73 -15.68
CA LYS G 304 -86.36 13.76 -14.29
C LYS G 304 -87.19 15.01 -14.01
N TYR G 305 -86.52 16.13 -13.76
CA TYR G 305 -87.20 17.39 -13.48
C TYR G 305 -87.97 17.85 -14.71
N GLU G 306 -89.09 18.51 -14.47
CA GLU G 306 -89.89 19.12 -15.53
C GLU G 306 -89.48 20.58 -15.64
N SER G 307 -88.81 20.92 -16.73
CA SER G 307 -88.26 22.25 -16.92
C SER G 307 -88.06 22.47 -18.42
N LYS G 308 -87.25 23.47 -18.76
CA LYS G 308 -86.94 23.77 -20.16
C LYS G 308 -85.99 22.70 -20.72
N LYS G 309 -86.58 21.65 -21.30
CA LYS G 309 -85.80 20.48 -21.71
C LYS G 309 -84.91 20.79 -22.90
N ASP G 310 -85.34 21.67 -23.80
CA ASP G 310 -84.55 21.98 -24.98
C ASP G 310 -83.22 22.64 -24.62
N GLU G 311 -83.25 23.58 -23.69
CA GLU G 311 -82.02 24.25 -23.27
C GLU G 311 -81.05 23.27 -22.62
N PHE G 312 -81.56 22.38 -21.76
CA PHE G 312 -80.69 21.39 -21.14
C PHE G 312 -80.13 20.42 -22.17
N GLU G 313 -80.94 20.03 -23.15
CA GLU G 313 -80.45 19.14 -24.21
C GLU G 313 -79.34 19.80 -25.01
N LYS G 314 -79.52 21.08 -25.37
CA LYS G 314 -78.48 21.79 -26.11
C LYS G 314 -77.21 21.93 -25.27
N LYS G 315 -77.36 22.23 -23.98
CA LYS G 315 -76.20 22.36 -23.10
C LYS G 315 -75.45 21.03 -22.99
N TYR G 316 -76.19 19.93 -22.89
CA TYR G 316 -75.55 18.62 -22.81
C TYR G 316 -74.83 18.28 -24.11
N TYR G 317 -75.47 18.52 -25.25
CA TYR G 317 -74.83 18.20 -26.52
C TYR G 317 -73.68 19.15 -26.84
N ARG G 318 -73.59 20.29 -26.16
CA ARG G 318 -72.41 21.14 -26.31
C ARG G 318 -71.28 20.73 -25.37
N ASP G 319 -71.58 20.56 -24.08
CA ASP G 319 -70.51 20.27 -23.12
C ASP G 319 -69.94 18.88 -23.31
N GLN G 320 -70.74 17.90 -23.75
CA GLN G 320 -70.17 16.58 -24.01
C GLN G 320 -69.17 16.64 -25.17
N LEU G 321 -69.47 17.42 -26.20
CA LEU G 321 -68.50 17.64 -27.27
C LEU G 321 -67.26 18.35 -26.74
N ILE G 322 -67.46 19.32 -25.85
CA ILE G 322 -66.32 19.99 -25.20
C ILE G 322 -65.44 18.96 -24.49
N ASN G 323 -66.07 18.06 -23.74
CA ASN G 323 -65.33 17.05 -22.99
C ASN G 323 -64.59 16.11 -23.94
N TYR G 324 -65.23 15.71 -25.03
CA TYR G 324 -64.57 14.83 -25.99
C TYR G 324 -63.35 15.50 -26.61
N LEU G 325 -63.50 16.76 -27.03
CA LEU G 325 -62.37 17.47 -27.63
C LEU G 325 -61.24 17.65 -26.62
N GLY G 326 -61.58 18.02 -25.39
CA GLY G 326 -60.56 18.16 -24.36
C GLY G 326 -59.85 16.85 -24.05
N GLY G 327 -60.60 15.76 -24.00
CA GLY G 327 -59.98 14.47 -23.74
C GLY G 327 -59.05 14.04 -24.85
N TYR G 328 -59.45 14.23 -26.10
CA TYR G 328 -58.58 13.83 -27.19
C TYR G 328 -57.36 14.73 -27.31
N ARG G 329 -57.51 16.03 -27.03
CA ARG G 329 -56.33 16.87 -27.02
C ARG G 329 -55.40 16.52 -25.85
N SER G 330 -55.95 16.10 -24.72
CA SER G 330 -55.12 15.60 -23.62
C SER G 330 -54.38 14.34 -24.03
N TYR G 331 -55.05 13.45 -24.76
CA TYR G 331 -54.39 12.25 -25.27
C TYR G 331 -53.23 12.60 -26.20
N LEU G 332 -53.48 13.52 -27.14
CA LEU G 332 -52.44 13.90 -28.09
C LEU G 332 -51.25 14.57 -27.38
N ILE G 333 -51.53 15.45 -26.43
CA ILE G 333 -50.41 16.11 -25.74
C ILE G 333 -49.73 15.15 -24.77
N SER G 334 -50.43 14.13 -24.28
CA SER G 334 -49.74 13.07 -23.55
C SER G 334 -48.76 12.35 -24.47
N LEU G 335 -49.17 12.09 -25.71
CA LEU G 335 -48.26 11.48 -26.67
C LEU G 335 -47.05 12.37 -26.93
N VAL G 336 -47.26 13.68 -27.08
CA VAL G 336 -46.11 14.54 -27.38
C VAL G 336 -45.20 14.67 -26.16
N LYS G 337 -45.77 14.66 -24.96
CA LYS G 337 -44.95 14.65 -23.75
C LYS G 337 -44.13 13.36 -23.65
N PHE G 338 -44.74 12.23 -24.02
CA PHE G 338 -44.00 10.97 -24.08
C PHE G 338 -42.86 11.06 -25.09
N HIS G 339 -43.11 11.70 -26.23
CA HIS G 339 -42.04 11.91 -27.21
C HIS G 339 -40.93 12.77 -26.62
N SER G 340 -41.28 13.84 -25.93
CA SER G 340 -40.26 14.69 -25.32
C SER G 340 -39.46 13.94 -24.27
N GLU G 341 -40.10 13.00 -23.58
CA GLU G 341 -39.40 12.24 -22.54
C GLU G 341 -38.50 11.17 -23.14
N TYR G 342 -38.90 10.55 -24.25
CA TYR G 342 -38.17 9.41 -24.78
C TYR G 342 -37.61 9.60 -26.19
N LYS G 343 -38.15 10.53 -26.97
CA LYS G 343 -37.66 10.81 -28.33
C LYS G 343 -37.75 9.56 -29.23
N CYS G 344 -38.97 9.04 -29.34
CA CYS G 344 -39.24 7.86 -30.17
C CYS G 344 -40.53 8.02 -30.95
N VAL G 345 -40.76 9.21 -31.49
CA VAL G 345 -41.95 9.50 -32.29
C VAL G 345 -41.51 10.20 -33.57
N ASN G 346 -42.16 9.85 -34.68
CA ASN G 346 -41.83 10.45 -35.97
C ASN G 346 -42.01 11.96 -35.94
N SER G 347 -41.07 12.68 -36.55
CA SER G 347 -41.18 14.14 -36.65
C SER G 347 -42.40 14.54 -37.47
N ASP G 348 -42.65 13.83 -38.58
CA ASP G 348 -43.82 14.13 -39.39
C ASP G 348 -45.10 13.93 -38.60
N PHE G 349 -45.16 12.86 -37.80
CA PHE G 349 -46.33 12.65 -36.95
C PHE G 349 -46.44 13.73 -35.88
N ILE G 350 -45.31 14.24 -35.39
CA ILE G 350 -45.34 15.35 -34.44
C ILE G 350 -45.96 16.59 -35.10
N ILE G 351 -45.55 16.87 -36.35
CA ILE G 351 -46.14 18.00 -37.07
C ILE G 351 -47.64 17.79 -37.26
N GLN G 352 -48.04 16.57 -37.63
CA GLN G 352 -49.45 16.29 -37.86
C GLN G 352 -50.27 16.46 -36.59
N ILE G 353 -49.76 15.97 -35.45
CA ILE G 353 -50.52 16.10 -34.21
C ILE G 353 -50.51 17.55 -33.74
N ASN G 354 -49.46 18.31 -34.02
CA ASN G 354 -49.49 19.74 -33.71
C ASN G 354 -50.57 20.45 -34.50
N GLY G 355 -50.68 20.13 -35.79
CA GLY G 355 -51.75 20.71 -36.60
C GLY G 355 -53.13 20.31 -36.10
N ILE G 356 -53.30 19.04 -35.74
CA ILE G 356 -54.59 18.58 -35.24
C ILE G 356 -54.92 19.27 -33.92
N LEU G 357 -53.93 19.45 -33.05
CA LEU G 357 -54.14 20.14 -31.80
C LEU G 357 -54.55 21.59 -32.03
N ASN G 358 -53.89 22.27 -32.97
CA ASN G 358 -54.26 23.64 -33.30
C ASN G 358 -55.70 23.71 -33.81
N ASP G 359 -56.09 22.77 -34.68
CA ASP G 359 -57.45 22.75 -35.19
C ASP G 359 -58.45 22.51 -34.07
N ILE G 360 -58.15 21.58 -33.15
CA ILE G 360 -59.06 21.28 -32.06
C ILE G 360 -59.19 22.48 -31.13
N GLN G 361 -58.08 23.17 -30.84
CA GLN G 361 -58.14 24.36 -30.00
C GLN G 361 -58.97 25.45 -30.66
N ASN G 362 -58.79 25.66 -31.97
CA ASN G 362 -59.59 26.66 -32.67
C ASN G 362 -61.08 26.30 -32.62
N HIS G 363 -61.40 25.02 -32.84
CA HIS G 363 -62.81 24.62 -32.85
C HIS G 363 -63.43 24.76 -31.46
N ILE G 364 -62.70 24.39 -30.41
CA ILE G 364 -63.25 24.50 -29.06
C ILE G 364 -63.40 25.96 -28.66
N GLN G 365 -62.46 26.82 -29.08
CA GLN G 365 -62.64 28.26 -28.86
C GLN G 365 -63.88 28.77 -29.58
N LYS G 366 -64.07 28.34 -30.82
CA LYS G 366 -65.24 28.78 -31.59
C LYS G 366 -66.53 28.36 -30.91
N ILE G 367 -66.61 27.10 -30.47
CA ILE G 367 -67.84 26.61 -29.87
C ILE G 367 -68.08 27.23 -28.50
N LYS G 368 -67.01 27.53 -27.75
CA LYS G 368 -67.19 28.25 -26.49
C LYS G 368 -67.67 29.67 -26.74
N LYS G 369 -67.16 30.32 -27.79
CA LYS G 369 -67.65 31.65 -28.15
C LYS G 369 -69.12 31.61 -28.53
N ASN G 370 -69.53 30.59 -29.29
CA ASN G 370 -70.93 30.45 -29.67
C ASN G 370 -71.83 30.15 -28.48
N ARG G 371 -71.27 29.68 -27.37
CA ARG G 371 -72.05 29.37 -26.18
C ARG G 371 -72.53 30.65 -25.50
N ILE H 6 24.72 36.26 -5.90
CA ILE H 6 25.00 37.48 -6.65
C ILE H 6 26.42 37.48 -7.19
N LEU H 7 26.55 37.68 -8.49
CA LEU H 7 27.84 37.75 -9.17
C LEU H 7 27.98 39.09 -9.87
N VAL H 8 29.20 39.59 -9.92
CA VAL H 8 29.53 40.84 -10.60
C VAL H 8 30.57 40.53 -11.68
N ASP H 9 30.25 40.91 -12.91
CA ASP H 9 31.14 40.73 -14.06
C ASP H 9 31.51 42.10 -14.62
N LYS H 10 32.17 42.08 -15.78
CA LYS H 10 32.65 43.32 -16.39
C LYS H 10 31.50 44.27 -16.69
N VAL H 11 30.43 43.76 -17.29
CA VAL H 11 29.31 44.61 -17.69
C VAL H 11 28.62 45.20 -16.46
N PHE H 12 28.53 44.42 -15.37
CA PHE H 12 27.88 44.91 -14.16
C PHE H 12 28.64 46.11 -13.59
N TYR H 13 29.96 46.05 -13.58
CA TYR H 13 30.73 47.20 -13.09
C TYR H 13 30.73 48.33 -14.11
N GLU H 14 30.58 48.01 -15.40
CA GLU H 14 30.64 49.04 -16.42
C GLU H 14 29.37 49.89 -16.45
N LYS H 15 28.20 49.26 -16.34
CA LYS H 15 26.95 49.98 -16.56
C LYS H 15 25.96 49.88 -15.40
N ILE H 16 26.37 49.36 -14.24
CA ILE H 16 25.48 49.32 -13.08
C ILE H 16 26.16 49.99 -11.89
N LEU H 17 27.36 49.51 -11.55
CA LEU H 17 28.03 50.04 -10.37
C LEU H 17 28.60 51.43 -10.62
N SER H 18 29.19 51.66 -11.79
CA SER H 18 29.77 52.95 -12.16
C SER H 18 29.23 53.32 -13.53
N VAL H 19 28.06 53.96 -13.56
CA VAL H 19 27.46 54.37 -14.82
C VAL H 19 28.31 55.43 -15.52
N GLU H 20 28.79 56.42 -14.75
CA GLU H 20 29.62 57.47 -15.33
C GLU H 20 30.82 57.83 -14.48
N SER H 21 30.98 57.24 -13.28
CA SER H 21 32.07 57.63 -12.39
C SER H 21 33.42 57.20 -12.95
N PHE H 22 33.53 55.94 -13.37
CA PHE H 22 34.79 55.41 -13.89
C PHE H 22 34.66 54.93 -15.34
N LYS H 23 33.67 55.45 -16.08
CA LYS H 23 33.54 55.11 -17.49
C LYS H 23 34.74 55.62 -18.28
N GLU H 24 35.22 56.81 -17.96
CA GLU H 24 36.38 57.36 -18.65
C GLU H 24 37.62 56.50 -18.44
N ASN H 25 37.80 56.00 -17.22
CA ASN H 25 38.96 55.15 -16.93
C ASN H 25 38.91 53.85 -17.73
N ILE H 26 37.73 53.25 -17.84
CA ILE H 26 37.60 52.00 -18.60
C ILE H 26 37.80 52.26 -20.09
N ILE H 27 37.24 53.35 -20.60
CA ILE H 27 37.40 53.68 -22.02
C ILE H 27 38.86 53.93 -22.34
N THR H 28 39.55 54.70 -21.50
CA THR H 28 40.95 55.04 -21.74
C THR H 28 41.90 53.90 -21.40
N GLN H 29 41.40 52.79 -20.85
CA GLN H 29 42.22 51.64 -20.50
C GLN H 29 43.31 52.02 -19.49
N SER H 30 42.94 52.87 -18.53
CA SER H 30 43.86 53.32 -17.49
C SER H 30 43.42 52.76 -16.15
N ALA H 31 44.40 52.41 -15.32
CA ALA H 31 44.10 51.81 -14.02
C ALA H 31 43.31 52.76 -13.14
N ILE H 32 42.34 52.20 -12.40
CA ILE H 32 41.50 52.99 -11.52
C ILE H 32 42.34 53.46 -10.33
N PRO H 33 42.44 54.77 -10.10
CA PRO H 33 43.26 55.25 -8.98
C PRO H 33 42.60 54.96 -7.64
N LYS H 34 43.43 54.87 -6.61
CA LYS H 34 42.94 54.72 -5.25
C LYS H 34 42.48 56.08 -4.70
N ILE H 35 42.03 56.08 -3.46
CA ILE H 35 41.56 57.30 -2.83
C ILE H 35 42.76 58.10 -2.34
N SER H 36 42.88 59.33 -2.81
CA SER H 36 44.00 60.19 -2.45
C SER H 36 43.77 60.82 -1.08
N ASN H 37 44.85 61.36 -0.51
CA ASN H 37 44.76 62.00 0.81
C ASN H 37 43.88 63.24 0.75
N LYS H 38 44.00 64.03 -0.31
CA LYS H 38 43.21 65.25 -0.45
C LYS H 38 41.74 64.97 -0.74
N GLU H 39 41.38 63.74 -1.07
CA GLU H 39 40.00 63.39 -1.36
C GLU H 39 39.23 62.93 -0.12
N VAL H 40 39.89 62.82 1.03
CA VAL H 40 39.27 62.31 2.24
C VAL H 40 39.61 63.24 3.39
N ARG H 41 38.64 63.47 4.27
CA ARG H 41 38.83 64.29 5.45
C ARG H 41 39.30 63.44 6.63
N LEU H 42 39.68 64.12 7.71
CA LEU H 42 40.22 63.49 8.91
C LEU H 42 39.49 63.99 10.15
N ILE H 43 38.15 63.94 10.09
CA ILE H 43 37.34 64.43 11.21
C ILE H 43 37.68 63.67 12.47
N SER H 44 37.81 64.39 13.59
CA SER H 44 38.18 63.83 14.86
C SER H 44 37.14 64.19 15.91
N SER H 45 36.79 63.22 16.77
CA SER H 45 35.87 63.45 17.87
C SER H 45 36.28 62.52 19.00
N GLY H 46 37.08 63.02 19.94
CA GLY H 46 37.65 62.16 20.96
C GLY H 46 38.91 61.46 20.45
N SER H 47 39.19 60.31 21.05
CA SER H 47 40.34 59.50 20.63
C SER H 47 39.95 58.53 19.52
N LYS H 48 39.35 59.08 18.46
CA LYS H 48 38.97 58.30 17.29
C LYS H 48 38.99 59.20 16.07
N ILE H 49 39.30 58.62 14.92
CA ILE H 49 39.46 59.36 13.67
C ILE H 49 38.38 58.90 12.70
N PHE H 50 37.63 59.86 12.17
CA PHE H 50 36.57 59.60 11.20
C PHE H 50 37.02 60.06 9.82
N TYR H 51 36.89 59.18 8.84
CA TYR H 51 37.29 59.48 7.46
C TYR H 51 36.04 59.82 6.67
N ALA H 52 36.03 61.00 6.04
CA ALA H 52 34.89 61.45 5.26
C ALA H 52 35.34 61.66 3.82
N ILE H 53 34.56 61.12 2.89
CA ILE H 53 34.85 61.23 1.46
C ILE H 53 33.99 62.33 0.86
N ASN H 54 34.61 63.19 0.05
CA ASN H 54 33.89 64.31 -0.54
C ASN H 54 32.78 63.81 -1.46
N ASN H 55 31.64 64.51 -1.42
CA ASN H 55 30.50 64.13 -2.24
C ASN H 55 30.82 64.24 -3.72
N THR H 56 31.52 65.29 -4.12
CA THR H 56 31.92 65.50 -5.52
C THR H 56 33.15 64.65 -5.82
N SER H 57 32.92 63.34 -5.88
CA SER H 57 33.98 62.38 -6.15
C SER H 57 33.37 61.13 -6.75
N PRO H 58 34.01 60.52 -7.76
CA PRO H 58 33.45 59.28 -8.33
C PRO H 58 33.33 58.15 -7.33
N HIS H 59 34.27 58.06 -6.38
CA HIS H 59 34.26 56.96 -5.43
C HIS H 59 33.03 57.01 -4.53
N SER H 60 32.55 58.20 -4.19
CA SER H 60 31.34 58.29 -3.36
C SER H 60 30.14 57.71 -4.10
N HIS H 61 29.98 58.05 -5.38
CA HIS H 61 28.89 57.49 -6.16
C HIS H 61 29.04 55.98 -6.33
N VAL H 62 30.27 55.51 -6.53
CA VAL H 62 30.52 54.08 -6.63
C VAL H 62 30.11 53.38 -5.33
N GLN H 63 30.44 54.00 -4.19
CA GLN H 63 30.06 53.43 -2.90
C GLN H 63 28.55 53.41 -2.73
N LEU H 64 27.86 54.48 -3.15
CA LEU H 64 26.40 54.50 -3.06
C LEU H 64 25.78 53.37 -3.88
N ARG H 65 26.28 53.18 -5.12
CA ARG H 65 25.70 52.15 -5.96
C ARG H 65 26.09 50.75 -5.49
N LEU H 66 27.26 50.61 -4.87
CA LEU H 66 27.64 49.33 -4.27
C LEU H 66 26.71 48.99 -3.10
N ASN H 67 26.44 49.97 -2.24
CA ASN H 67 25.57 49.74 -1.09
C ASN H 67 24.14 49.47 -1.52
N ARG H 68 23.69 50.10 -2.61
CA ARG H 68 22.31 49.92 -3.06
C ARG H 68 22.11 48.71 -3.94
N PHE H 69 23.17 48.20 -4.58
CA PHE H 69 23.02 47.10 -5.53
C PHE H 69 23.82 45.86 -5.14
N PHE H 70 25.10 46.02 -4.78
CA PHE H 70 25.97 44.86 -4.56
C PHE H 70 25.98 44.42 -3.10
N LEU H 71 26.34 45.31 -2.19
CA LEU H 71 26.45 44.93 -0.79
C LEU H 71 25.10 44.99 -0.09
N SER H 72 24.08 44.39 -0.71
CA SER H 72 22.77 44.26 -0.09
C SER H 72 22.26 42.83 -0.20
N HIS H 73 22.60 42.17 -1.31
CA HIS H 73 22.13 40.82 -1.57
C HIS H 73 23.04 39.73 -1.02
N ILE H 74 24.20 40.09 -0.48
CA ILE H 74 25.11 39.11 0.10
C ILE H 74 24.49 38.61 1.41
N PRO H 75 24.31 37.29 1.57
CA PRO H 75 23.66 36.78 2.78
C PRO H 75 24.45 37.11 4.04
N LEU H 76 23.72 37.36 5.11
CA LEU H 76 24.29 37.69 6.40
C LEU H 76 23.83 36.67 7.45
N ASN H 77 24.25 36.90 8.69
CA ASN H 77 23.86 36.06 9.81
C ASN H 77 22.79 36.78 10.63
N SER H 78 21.80 36.02 11.11
CA SER H 78 20.69 36.62 11.83
C SER H 78 21.13 37.28 13.14
N ALA H 79 22.25 36.83 13.72
CA ALA H 79 22.74 37.45 14.95
C ALA H 79 23.23 38.88 14.72
N ALA H 80 23.48 39.26 13.47
CA ALA H 80 23.88 40.64 13.14
C ALA H 80 22.63 41.50 13.09
N LYS H 81 22.40 42.28 14.14
CA LYS H 81 21.21 43.11 14.25
C LYS H 81 21.47 44.56 13.88
N ALA H 82 22.63 44.87 13.32
CA ALA H 82 23.00 46.24 13.00
C ALA H 82 23.38 46.36 11.53
N PHE H 83 23.20 47.56 10.99
CA PHE H 83 23.63 47.92 9.64
C PHE H 83 22.93 47.10 8.56
N VAL H 84 21.77 46.52 8.87
CA VAL H 84 21.05 45.68 7.93
C VAL H 84 19.59 46.13 7.94
N ARG H 85 18.90 45.85 6.83
CA ARG H 85 17.47 46.16 6.75
C ARG H 85 16.70 45.37 7.80
N GLY H 86 15.84 46.06 8.53
CA GLY H 86 15.09 45.45 9.61
C GLY H 86 15.85 45.30 10.91
N GLY H 87 17.12 45.70 10.95
CA GLY H 87 17.92 45.58 12.15
C GLY H 87 17.76 46.78 13.06
N SER H 88 17.73 46.53 14.36
CA SER H 88 17.57 47.60 15.34
C SER H 88 18.14 47.13 16.67
N TYR H 89 18.40 48.10 17.55
CA TYR H 89 18.88 47.78 18.89
C TYR H 89 17.82 47.02 19.68
N LEU H 90 16.54 47.34 19.46
CA LEU H 90 15.47 46.62 20.13
C LEU H 90 15.48 45.14 19.75
N LYS H 91 15.67 44.84 18.47
CA LYS H 91 15.81 43.46 18.04
C LYS H 91 17.12 42.84 18.52
N TYR H 92 18.13 43.67 18.79
CA TYR H 92 19.37 43.18 19.38
C TYR H 92 19.18 42.76 20.83
N LEU H 93 18.26 43.41 21.54
CA LEU H 93 17.99 43.07 22.94
C LEU H 93 16.85 42.07 23.11
N GLU H 94 16.00 41.91 22.10
CA GLU H 94 14.81 41.07 22.25
C GLU H 94 15.11 39.61 22.58
N PRO H 95 16.03 38.91 21.91
CA PRO H 95 16.17 37.46 22.16
C PRO H 95 16.61 37.11 23.57
N HIS H 96 17.11 38.06 24.35
CA HIS H 96 17.69 37.78 25.66
C HIS H 96 16.67 37.86 26.79
N ILE H 97 15.40 38.08 26.48
CA ILE H 97 14.38 38.11 27.52
C ILE H 97 14.15 36.74 28.13
N TYR H 98 14.54 35.67 27.43
CA TYR H 98 14.33 34.31 27.89
C TYR H 98 15.45 33.82 28.81
N GLY H 99 16.50 34.59 29.01
CA GLY H 99 17.65 34.16 29.77
C GLY H 99 17.70 34.75 31.17
N SER H 100 18.34 34.01 32.08
CA SER H 100 18.51 34.45 33.45
C SER H 100 19.88 35.05 33.73
N SER H 101 20.89 34.76 32.92
CA SER H 101 22.21 35.34 33.06
C SER H 101 22.58 36.11 31.80
N TYR H 102 23.31 37.21 31.96
CA TYR H 102 23.66 38.07 30.84
C TYR H 102 25.15 38.37 30.85
N CYS H 103 25.72 38.47 29.65
CA CYS H 103 27.15 38.76 29.48
C CYS H 103 27.33 39.65 28.25
N ARG H 104 27.89 40.84 28.46
CA ARG H 104 28.13 41.80 27.39
C ARG H 104 29.62 42.00 27.20
N LEU H 105 30.08 41.80 25.96
CA LEU H 105 31.47 41.97 25.56
C LEU H 105 31.54 42.95 24.39
N ASP H 106 32.76 43.43 24.14
CA ASP H 106 32.98 44.35 23.03
C ASP H 106 34.28 43.98 22.33
N ILE H 107 34.36 44.36 21.05
CA ILE H 107 35.57 44.17 20.24
C ILE H 107 36.30 45.50 20.17
N SER H 108 37.59 45.49 20.49
CA SER H 108 38.40 46.70 20.51
C SER H 108 38.78 47.08 19.08
N SER H 109 38.38 48.28 18.66
CA SER H 109 38.69 48.81 17.33
C SER H 109 38.25 47.83 16.24
N PHE H 110 36.93 47.61 16.17
CA PHE H 110 36.40 46.60 15.26
C PHE H 110 36.69 46.96 13.81
N PHE H 111 36.47 48.22 13.43
CA PHE H 111 36.66 48.63 12.04
C PHE H 111 38.13 48.81 11.67
N ASN H 112 39.02 48.93 12.66
CA ASN H 112 40.44 49.10 12.37
C ASN H 112 41.19 47.79 12.38
N ASN H 113 40.63 46.74 12.96
CA ASN H 113 41.27 45.43 13.02
C ASN H 113 40.83 44.50 11.88
N ILE H 114 39.95 44.97 11.00
CA ILE H 114 39.51 44.16 9.87
C ILE H 114 40.59 44.22 8.79
N SER H 115 41.25 43.08 8.54
CA SER H 115 42.28 43.03 7.53
C SER H 115 41.67 43.09 6.14
N PHE H 116 42.37 43.76 5.21
CA PHE H 116 41.87 43.86 3.85
C PHE H 116 41.86 42.51 3.14
N ASP H 117 42.77 41.61 3.53
CA ASP H 117 42.77 40.28 2.94
C ASP H 117 41.49 39.52 3.28
N ASP H 118 40.99 39.68 4.51
CA ASP H 118 39.72 39.06 4.87
C ASP H 118 38.58 39.61 4.02
N VAL H 119 38.57 40.93 3.79
CA VAL H 119 37.54 41.51 2.94
C VAL H 119 37.62 40.96 1.52
N LYS H 120 38.84 40.85 0.99
CA LYS H 120 39.02 40.32 -0.36
C LYS H 120 38.53 38.88 -0.45
N GLN H 121 38.87 38.05 0.55
CA GLN H 121 38.43 36.66 0.54
C GLN H 121 36.92 36.55 0.69
N SER H 122 36.31 37.42 1.51
CA SER H 122 34.87 37.37 1.71
C SER H 122 34.11 37.81 0.46
N LEU H 123 34.61 38.82 -0.23
CA LEU H 123 33.95 39.32 -1.43
C LEU H 123 34.36 38.58 -2.69
N SER H 124 35.35 37.69 -2.61
CA SER H 124 35.78 36.95 -3.80
C SER H 124 34.68 36.07 -4.39
N PRO H 125 33.92 35.28 -3.62
CA PRO H 125 32.92 34.40 -4.26
C PRO H 125 31.85 35.16 -5.03
N TYR H 126 31.58 36.41 -4.68
CA TYR H 126 30.53 37.18 -5.33
C TYR H 126 31.05 38.07 -6.46
N ILE H 127 32.34 38.00 -6.77
CA ILE H 127 32.95 38.79 -7.83
C ILE H 127 33.71 37.85 -8.76
N LYS H 128 33.46 37.96 -10.06
CA LYS H 128 34.11 37.08 -11.02
C LYS H 128 35.60 37.39 -11.10
N ASP H 129 36.41 36.33 -11.20
CA ASP H 129 37.87 36.46 -11.23
C ASP H 129 38.30 36.71 -12.68
N GLU H 130 38.09 37.94 -13.14
CA GLU H 130 38.46 38.35 -14.47
C GLU H 130 39.05 39.76 -14.42
N TYR H 131 39.96 40.04 -15.35
CA TYR H 131 40.58 41.35 -15.41
C TYR H 131 39.60 42.38 -15.97
N LEU H 132 39.47 43.51 -15.28
CA LEU H 132 38.59 44.57 -15.76
C LEU H 132 39.17 45.23 -17.01
N ILE H 133 40.45 45.58 -16.98
CA ILE H 133 41.12 46.25 -18.08
C ILE H 133 42.47 45.59 -18.34
N GLY H 134 42.69 45.18 -19.58
CA GLY H 134 43.95 44.56 -19.95
C GLY H 134 44.20 43.30 -19.14
N THR H 135 45.44 43.16 -18.64
CA THR H 135 45.83 42.04 -17.80
C THR H 135 46.62 42.49 -16.59
N GLU H 136 46.38 43.71 -16.11
CA GLU H 136 47.14 44.27 -15.00
C GLU H 136 46.32 44.48 -13.73
N GLN H 137 45.03 44.80 -13.85
CA GLN H 137 44.17 45.02 -12.70
C GLN H 137 42.93 44.15 -12.83
N LYS H 138 42.61 43.43 -11.76
CA LYS H 138 41.43 42.58 -11.73
C LYS H 138 40.20 43.38 -11.30
N LEU H 139 39.03 42.81 -11.57
CA LEU H 139 37.78 43.46 -11.19
C LEU H 139 37.65 43.56 -9.67
N ILE H 140 38.07 42.51 -8.96
CA ILE H 140 37.96 42.53 -7.50
C ILE H 140 38.87 43.61 -6.90
N ASP H 141 40.07 43.77 -7.44
CA ASP H 141 40.94 44.85 -6.97
C ASP H 141 40.32 46.22 -7.27
N ALA H 142 39.73 46.37 -8.45
CA ALA H 142 39.13 47.65 -8.82
C ALA H 142 37.97 47.99 -7.90
N ILE H 143 37.12 47.01 -7.59
CA ILE H 143 35.98 47.27 -6.70
C ILE H 143 36.45 47.50 -5.27
N LEU H 144 37.54 46.82 -4.85
CA LEU H 144 38.04 47.02 -3.49
C LEU H 144 38.73 48.36 -3.32
N ASN H 145 39.27 48.92 -4.42
CA ASN H 145 39.93 50.22 -4.32
C ASN H 145 38.98 51.33 -3.90
N SER H 146 37.68 51.17 -4.14
CA SER H 146 36.69 52.19 -3.80
C SER H 146 36.11 52.02 -2.41
N VAL H 147 36.46 50.95 -1.70
CA VAL H 147 35.87 50.67 -0.39
C VAL H 147 36.90 50.70 0.74
N GLY H 148 38.19 50.72 0.43
CA GLY H 148 39.22 50.81 1.44
C GLY H 148 39.98 52.13 1.36
N TYR H 149 40.93 52.29 2.28
CA TYR H 149 41.71 53.52 2.32
C TYR H 149 43.05 53.24 2.97
N GLU H 150 44.10 53.89 2.45
CA GLU H 150 45.44 53.79 3.03
C GLU H 150 45.59 54.90 4.05
N SER H 151 45.48 54.54 5.33
CA SER H 151 45.52 55.53 6.40
C SER H 151 46.95 56.01 6.61
N PRO H 152 47.21 57.32 6.48
CA PRO H 152 48.57 57.82 6.73
C PRO H 152 48.95 57.85 8.21
N ILE H 153 47.99 57.65 9.12
CA ILE H 153 48.26 57.71 10.55
C ILE H 153 48.25 56.34 11.22
N ARG H 154 47.77 55.30 10.54
CA ARG H 154 47.73 53.97 11.11
C ARG H 154 49.00 53.18 10.78
N LYS H 155 50.16 53.79 11.05
CA LYS H 155 51.49 53.21 10.87
C LYS H 155 51.76 52.79 9.43
N ASP H 156 50.90 53.17 8.47
CA ASP H 156 51.05 52.79 7.07
C ASP H 156 51.20 51.28 6.92
N LYS H 157 50.40 50.53 7.67
CA LYS H 157 50.48 49.07 7.70
C LYS H 157 49.52 48.40 6.73
N GLY H 158 49.18 49.05 5.62
CA GLY H 158 48.33 48.48 4.61
C GLY H 158 47.06 49.30 4.42
N MET H 159 46.16 48.77 3.59
CA MET H 159 44.90 49.42 3.29
C MET H 159 43.84 48.91 4.25
N ILE H 160 43.28 49.81 5.04
CA ILE H 160 42.32 49.45 6.08
C ILE H 160 40.92 49.78 5.59
N ILE H 161 39.94 49.16 6.24
CA ILE H 161 38.53 49.52 6.05
C ILE H 161 38.28 50.81 6.81
N PRO H 162 37.90 51.88 6.13
CA PRO H 162 37.73 53.17 6.80
C PRO H 162 36.57 53.16 7.79
N MET H 163 36.66 54.05 8.77
CA MET H 163 35.68 54.19 9.83
C MET H 163 34.94 55.51 9.59
N GLY H 164 33.88 55.44 8.80
CA GLY H 164 33.12 56.63 8.45
C GLY H 164 32.62 56.64 7.03
N PHE H 165 33.06 55.67 6.23
CA PHE H 165 32.61 55.58 4.85
C PHE H 165 31.24 54.89 4.78
N ARG H 166 30.63 54.98 3.59
CA ARG H 166 29.28 54.45 3.40
C ARG H 166 29.26 52.93 3.41
N THR H 167 30.25 52.30 2.76
CA THR H 167 30.25 50.85 2.58
C THR H 167 30.89 50.10 3.74
N SER H 168 31.44 50.81 4.73
CA SER H 168 32.11 50.14 5.84
C SER H 168 31.20 49.22 6.64
N PRO H 169 29.98 49.61 7.04
CA PRO H 169 29.17 48.70 7.88
C PRO H 169 28.79 47.39 7.20
N ALA H 170 28.32 47.45 5.96
CA ALA H 170 27.94 46.24 5.25
C ALA H 170 29.14 45.33 5.04
N ILE H 171 30.29 45.90 4.69
CA ILE H 171 31.50 45.10 4.55
C ILE H 171 31.89 44.46 5.87
N SER H 172 31.74 45.20 6.97
CA SER H 172 32.04 44.64 8.29
C SER H 172 31.17 43.44 8.59
N ASN H 173 29.86 43.57 8.33
CA ASN H 173 28.96 42.45 8.57
C ASN H 173 29.29 41.25 7.69
N ILE H 174 29.59 41.50 6.42
CA ILE H 174 29.90 40.41 5.50
C ILE H 174 31.17 39.68 5.94
N VAL H 175 32.19 40.44 6.35
CA VAL H 175 33.43 39.83 6.83
C VAL H 175 33.19 39.06 8.11
N PHE H 176 32.39 39.61 9.02
CA PHE H 176 32.17 38.99 10.33
C PHE H 176 31.10 37.91 10.30
N ARG H 177 30.51 37.63 9.13
CA ARG H 177 29.59 36.52 9.01
C ARG H 177 30.20 35.21 9.51
N LYS H 178 31.45 34.95 9.14
CA LYS H 178 32.12 33.71 9.56
C LYS H 178 32.27 33.64 11.07
N MET H 179 32.70 34.75 11.68
CA MET H 179 32.89 34.75 13.13
C MET H 179 31.55 34.65 13.85
N ASP H 180 30.52 35.27 13.29
CA ASP H 180 29.18 35.13 13.86
C ASP H 180 28.72 33.68 13.81
N LEU H 181 28.98 32.99 12.68
CA LEU H 181 28.63 31.58 12.58
C LEU H 181 29.38 30.75 13.62
N LEU H 182 30.68 31.01 13.78
CA LEU H 182 31.47 30.25 14.75
C LEU H 182 30.96 30.47 16.16
N ILE H 183 30.72 31.72 16.53
CA ILE H 183 30.28 32.03 17.90
C ILE H 183 28.88 31.48 18.14
N GLN H 184 28.00 31.57 17.14
CA GLN H 184 26.65 31.03 17.29
C GLN H 184 26.68 29.52 17.44
N ASP H 185 27.54 28.84 16.68
CA ASP H 185 27.67 27.39 16.82
C ASP H 185 28.22 27.02 18.20
N PHE H 186 29.19 27.79 18.69
CA PHE H 186 29.73 27.53 20.02
C PHE H 186 28.67 27.73 21.10
N CYS H 187 27.87 28.80 20.98
CA CYS H 187 26.88 29.10 22.00
C CYS H 187 25.67 28.16 21.93
N ALA H 188 25.40 27.61 20.74
CA ALA H 188 24.28 26.67 20.62
C ALA H 188 24.51 25.42 21.46
N LYS H 189 25.75 24.91 21.47
CA LYS H 189 26.05 23.72 22.26
C LYS H 189 25.89 23.99 23.75
N LYS H 190 26.24 25.20 24.19
CA LYS H 190 26.11 25.59 25.58
C LYS H 190 24.72 26.10 25.93
N GLY H 191 23.82 26.19 24.96
CA GLY H 191 22.50 26.76 25.21
C GLY H 191 22.51 28.23 25.53
N VAL H 192 23.28 29.02 24.79
CA VAL H 192 23.43 30.45 25.03
C VAL H 192 22.91 31.20 23.81
N ILE H 193 22.04 32.18 24.05
CA ILE H 193 21.53 33.04 22.98
C ILE H 193 22.54 34.15 22.73
N TYR H 194 22.92 34.31 21.46
CA TYR H 194 23.95 35.26 21.06
C TYR H 194 23.38 36.29 20.10
N SER H 195 23.64 37.56 20.37
CA SER H 195 23.27 38.64 19.45
C SER H 195 24.43 39.62 19.35
N ARG H 196 24.52 40.29 18.21
CA ARG H 196 25.61 41.24 17.97
C ARG H 196 25.07 42.49 17.30
N TYR H 197 25.53 43.64 17.79
CA TYR H 197 25.26 44.94 17.18
C TYR H 197 26.60 45.60 16.92
N ALA H 198 26.96 45.74 15.64
CA ALA H 198 28.27 46.22 15.23
C ALA H 198 29.36 45.34 15.84
N ASP H 199 29.93 45.78 16.97
CA ASP H 199 30.92 45.01 17.68
C ASP H 199 30.48 44.56 19.06
N ASP H 200 29.44 45.17 19.62
CA ASP H 200 28.93 44.75 20.92
C ASP H 200 28.27 43.38 20.81
N MET H 201 28.61 42.48 21.72
CA MET H 201 28.07 41.13 21.74
C MET H 201 27.33 40.91 23.06
N LEU H 202 26.13 40.36 22.96
CA LEU H 202 25.31 40.07 24.13
C LEU H 202 24.99 38.57 24.13
N PHE H 203 25.24 37.93 25.28
CA PHE H 203 24.99 36.51 25.47
C PHE H 203 24.04 36.34 26.65
N SER H 204 23.06 35.46 26.48
CA SER H 204 22.06 35.21 27.50
C SER H 204 21.95 33.72 27.77
N ASN H 205 21.87 33.35 29.04
CA ASN H 205 21.78 31.97 29.46
C ASN H 205 20.47 31.76 30.22
N PRO H 206 19.55 30.95 29.70
CA PRO H 206 18.28 30.69 30.39
C PRO H 206 18.33 29.63 31.47
N ARG H 207 19.51 29.11 31.81
CA ARG H 207 19.66 28.06 32.80
C ARG H 207 20.42 28.59 34.01
N GLU H 208 20.17 27.98 35.17
CA GLU H 208 20.83 28.38 36.40
C GLU H 208 22.25 27.82 36.42
N SER H 209 23.09 28.43 35.59
CA SER H 209 24.50 28.07 35.49
C SER H 209 25.35 29.33 35.48
N LYS H 210 26.59 29.19 35.94
CA LYS H 210 27.53 30.31 36.02
C LYS H 210 28.50 30.35 34.84
N LEU H 211 28.06 29.87 33.67
CA LEU H 211 28.93 29.86 32.51
C LEU H 211 29.28 31.27 32.05
N LEU H 212 28.30 32.18 32.06
CA LEU H 212 28.55 33.54 31.60
C LEU H 212 29.36 34.34 32.61
N MET H 213 29.35 33.95 33.88
CA MET H 213 30.16 34.59 34.91
C MET H 213 31.47 33.84 35.17
N SER H 214 32.03 33.21 34.14
CA SER H 214 33.22 32.39 34.28
C SER H 214 34.25 32.82 33.25
N ASP H 215 35.52 32.54 33.56
CA ASP H 215 36.60 32.87 32.65
C ASP H 215 36.61 32.01 31.40
N TYR H 216 35.99 30.83 31.46
CA TYR H 216 36.00 29.92 30.30
C TYR H 216 35.28 30.54 29.11
N PHE H 217 34.15 31.20 29.35
CA PHE H 217 33.42 31.82 28.24
C PHE H 217 34.24 32.92 27.59
N ILE H 218 34.89 33.76 28.39
CA ILE H 218 35.74 34.82 27.86
C ILE H 218 36.89 34.21 27.05
N ASP H 219 37.52 33.17 27.59
CA ASP H 219 38.64 32.53 26.89
C ASP H 219 38.19 31.96 25.56
N GLU H 220 37.03 31.31 25.53
CA GLU H 220 36.54 30.71 24.29
C GLU H 220 36.21 31.78 23.26
N ILE H 221 35.54 32.86 23.68
CA ILE H 221 35.21 33.93 22.74
C ILE H 221 36.48 34.58 22.21
N SER H 222 37.46 34.80 23.08
CA SER H 222 38.73 35.38 22.64
C SER H 222 39.45 34.46 21.66
N SER H 223 39.44 33.16 21.93
CA SER H 223 40.09 32.21 21.04
C SER H 223 39.41 32.18 19.68
N LEU H 224 38.08 32.22 19.66
CA LEU H 224 37.36 32.28 18.39
C LEU H 224 37.68 33.56 17.64
N LEU H 225 37.69 34.70 18.33
CA LEU H 225 37.97 35.97 17.68
C LEU H 225 39.40 36.06 17.18
N SER H 226 40.32 35.33 17.83
CA SER H 226 41.72 35.35 17.42
C SER H 226 41.96 34.74 16.04
N ILE H 227 40.98 34.02 15.50
CA ILE H 227 41.13 33.46 14.16
C ILE H 227 41.25 34.58 13.13
N MET H 228 40.42 35.61 13.24
CA MET H 228 40.47 36.75 12.35
C MET H 228 41.27 37.91 12.91
N GLY H 229 41.79 37.79 14.13
CA GLY H 229 42.61 38.82 14.72
C GLY H 229 41.91 39.78 15.64
N PHE H 230 40.64 39.54 15.97
CA PHE H 230 39.90 40.44 16.84
C PHE H 230 40.19 40.13 18.31
N ASN H 231 40.13 41.17 19.13
CA ASN H 231 40.34 41.08 20.57
C ASN H 231 39.06 41.47 21.29
N ILE H 232 39.10 41.42 22.63
CA ILE H 232 37.97 41.75 23.48
C ILE H 232 38.37 42.90 24.38
N ASN H 233 37.55 43.95 24.40
CA ASN H 233 37.76 45.09 25.29
C ASN H 233 37.39 44.69 26.72
N GLN H 234 38.38 44.51 27.58
CA GLN H 234 38.14 44.08 28.94
C GLN H 234 37.49 45.17 29.79
N SER H 235 37.52 46.43 29.34
CA SER H 235 36.92 47.52 30.10
C SER H 235 35.41 47.53 30.03
N LYS H 236 34.80 46.82 29.09
CA LYS H 236 33.36 46.78 28.91
C LYS H 236 32.82 45.36 29.00
N TYR H 237 33.41 44.57 29.88
CA TYR H 237 32.94 43.21 30.16
C TYR H 237 31.96 43.27 31.33
N ILE H 238 30.69 42.95 31.06
CA ILE H 238 29.65 42.99 32.08
C ILE H 238 29.00 41.62 32.19
N SER H 239 29.13 40.99 33.35
CA SER H 239 28.49 39.71 33.61
C SER H 239 27.56 39.86 34.80
N ARG H 240 26.27 39.60 34.59
CA ARG H 240 25.28 39.80 35.64
C ARG H 240 24.25 38.68 35.59
N GLU H 241 23.43 38.61 36.64
CA GLU H 241 22.41 37.59 36.80
C GLU H 241 21.09 38.24 37.16
N LYS H 242 20.02 37.82 36.49
CA LYS H 242 18.63 38.20 36.73
C LYS H 242 18.34 39.66 36.40
N GLU H 243 19.34 40.44 35.99
CA GLU H 243 19.16 41.86 35.72
C GLU H 243 20.34 42.42 34.93
N ILE H 244 20.08 43.03 33.77
CA ILE H 244 21.14 43.65 32.99
C ILE H 244 20.69 45.06 32.61
N SER H 245 21.62 46.00 32.63
CA SER H 245 21.34 47.40 32.30
C SER H 245 22.45 47.90 31.39
N ILE H 246 22.16 47.97 30.09
CA ILE H 246 23.14 48.36 29.08
C ILE H 246 22.57 49.50 28.25
N ASN H 247 23.31 50.61 28.18
CA ASN H 247 22.93 51.78 27.40
C ASN H 247 21.54 52.30 27.77
N GLY H 248 21.19 52.19 29.05
CA GLY H 248 19.91 52.64 29.53
C GLY H 248 18.77 51.67 29.34
N TYR H 249 19.01 50.53 28.70
CA TYR H 249 18.00 49.50 28.53
C TYR H 249 18.18 48.45 29.62
N VAL H 250 17.10 48.13 30.33
CA VAL H 250 17.13 47.18 31.44
C VAL H 250 16.31 45.96 31.03
N ILE H 251 16.96 44.79 31.06
CA ILE H 251 16.30 43.52 30.82
C ILE H 251 16.30 42.74 32.12
N GLU H 252 15.13 42.28 32.55
CA GLU H 252 15.00 41.55 33.80
C GLU H 252 14.30 40.21 33.55
N ASN H 253 14.71 39.20 34.33
CA ASN H 253 14.07 37.90 34.32
C ASN H 253 14.24 37.31 35.72
N LYS H 254 13.23 37.52 36.56
CA LYS H 254 13.30 37.08 37.95
C LYS H 254 13.07 35.58 38.08
N GLY H 255 12.23 34.99 37.22
CA GLY H 255 11.87 33.60 37.33
C GLY H 255 12.98 32.67 36.86
N GLY H 256 12.69 31.38 36.91
CA GLY H 256 13.65 30.37 36.53
C GLY H 256 13.28 29.64 35.25
N ASN H 257 12.74 28.44 35.38
CA ASN H 257 12.42 27.61 34.22
C ASN H 257 11.17 28.14 33.55
N GLY H 258 11.29 28.50 32.27
CA GLY H 258 10.16 28.91 31.47
C GLY H 258 9.72 30.35 31.64
N SER H 259 10.38 31.11 32.51
CA SER H 259 10.00 32.50 32.72
C SER H 259 10.48 33.38 31.58
N ILE H 260 9.74 34.46 31.33
CA ILE H 260 10.04 35.40 30.27
C ILE H 260 10.28 36.77 30.90
N GLY H 261 11.43 37.37 30.61
CA GLY H 261 11.76 38.67 31.15
C GLY H 261 11.12 39.80 30.37
N THR H 262 11.43 41.03 30.81
CA THR H 262 10.88 42.21 30.17
C THR H 262 11.99 43.25 30.01
N ILE H 263 11.78 44.16 29.05
CA ILE H 263 12.73 45.19 28.69
C ILE H 263 12.08 46.55 28.94
N ARG H 264 12.81 47.43 29.63
CA ARG H 264 12.34 48.77 29.92
C ARG H 264 13.51 49.74 29.76
N LEU H 265 13.24 51.03 29.96
CA LEU H 265 14.27 52.06 29.95
C LEU H 265 14.36 52.67 31.33
N SER H 266 15.59 52.83 31.82
CA SER H 266 15.81 53.39 33.15
C SER H 266 15.50 54.88 33.16
N LYS H 267 15.34 55.43 34.38
CA LYS H 267 15.12 56.86 34.52
C LYS H 267 16.31 57.67 34.00
N SER H 268 17.50 57.08 34.01
CA SER H 268 18.65 57.77 33.42
C SER H 268 18.44 57.99 31.93
N LYS H 269 17.91 56.99 31.24
CA LYS H 269 17.58 57.13 29.83
C LYS H 269 16.47 58.16 29.63
N LEU H 270 15.46 58.14 30.50
CA LEU H 270 14.34 59.07 30.44
C LEU H 270 14.61 60.28 31.35
N ASN H 271 15.69 61.00 31.05
CA ASN H 271 16.09 62.13 31.88
C ASN H 271 16.12 63.44 31.10
N THR H 272 16.74 63.46 29.91
CA THR H 272 16.81 64.69 29.14
C THR H 272 15.42 65.17 28.71
N VAL H 273 14.56 64.25 28.29
CA VAL H 273 13.21 64.62 27.89
C VAL H 273 12.42 65.17 29.06
N LEU H 274 12.56 64.55 30.24
CA LEU H 274 11.85 65.04 31.41
C LEU H 274 12.34 66.44 31.78
N LYS H 275 13.64 66.68 31.67
CA LYS H 275 14.17 68.02 31.93
C LYS H 275 13.62 69.04 30.94
N VAL H 276 13.55 68.68 29.65
CA VAL H 276 13.01 69.59 28.65
C VAL H 276 11.55 69.89 28.92
N THR H 277 10.76 68.86 29.24
CA THR H 277 9.34 69.08 29.54
C THR H 277 9.16 69.94 30.78
N HIS H 278 9.96 69.70 31.82
CA HIS H 278 9.86 70.51 33.03
C HIS H 278 10.24 71.96 32.76
N ALA H 279 11.28 72.19 31.95
CA ALA H 279 11.67 73.54 31.61
C ALA H 279 10.59 74.24 30.79
N LEU H 280 9.96 73.52 29.85
CA LEU H 280 8.85 74.10 29.11
C LEU H 280 7.67 74.41 30.02
N ALA H 281 7.43 73.59 31.03
CA ALA H 281 6.37 73.86 32.00
C ALA H 281 6.66 75.09 32.84
N GLN H 282 7.92 75.52 32.91
CA GLN H 282 8.30 76.71 33.67
C GLN H 282 8.44 77.94 32.78
N ASN H 283 8.02 77.86 31.51
CA ASN H 283 8.05 78.98 30.59
C ASN H 283 9.46 79.52 30.37
N ILE H 284 10.45 78.65 30.45
CA ILE H 284 11.85 79.06 30.21
C ILE H 284 12.01 79.40 28.73
N PRO H 285 12.74 80.45 28.39
CA PRO H 285 12.96 80.76 26.97
C PRO H 285 13.69 79.63 26.26
N TYR H 286 13.34 79.43 24.99
CA TYR H 286 13.83 78.29 24.23
C TYR H 286 15.33 78.34 24.01
N LYS H 287 15.96 79.51 24.14
CA LYS H 287 17.40 79.62 23.93
C LYS H 287 18.16 78.77 24.94
N ASN H 288 17.77 78.84 26.22
CA ASN H 288 18.45 78.07 27.25
C ASN H 288 18.29 76.57 27.01
N ILE H 289 17.09 76.13 26.66
CA ILE H 289 16.85 74.71 26.41
C ILE H 289 17.67 74.23 25.22
N CYS H 290 17.69 75.02 24.15
CA CYS H 290 18.46 74.64 22.97
C CYS H 290 19.96 74.59 23.25
N ASN H 291 20.48 75.56 24.00
CA ASN H 291 21.91 75.64 24.24
C ASN H 291 22.40 74.75 25.36
N LYS H 292 21.50 74.23 26.20
CA LYS H 292 21.89 73.39 27.32
C LYS H 292 21.41 71.95 27.15
N TYR H 293 20.11 71.73 26.98
CA TYR H 293 19.57 70.38 26.95
C TYR H 293 19.80 69.72 25.59
N ILE H 294 19.28 70.33 24.53
CA ILE H 294 19.38 69.74 23.20
C ILE H 294 20.79 69.81 22.64
N LYS H 295 21.63 70.69 23.18
CA LYS H 295 23.01 70.88 22.71
C LYS H 295 23.03 71.27 21.23
N VAL H 296 22.29 72.35 20.92
CA VAL H 296 22.24 72.92 19.59
C VAL H 296 22.46 74.42 19.70
N ARG H 297 23.33 74.95 18.83
CA ARG H 297 23.70 76.36 18.90
C ARG H 297 24.23 76.78 17.53
N LEU H 298 23.95 78.02 17.15
CA LEU H 298 24.40 78.58 15.88
C LEU H 298 25.61 79.44 16.14
N LYS H 299 26.74 79.09 15.51
CA LYS H 299 27.96 79.86 15.69
C LYS H 299 27.89 81.22 14.99
N GLU H 300 27.56 81.22 13.70
CA GLU H 300 27.52 82.46 12.93
C GLU H 300 26.72 82.21 11.66
N LYS H 301 25.88 83.18 11.31
CA LYS H 301 25.02 83.08 10.13
C LYS H 301 25.66 83.86 8.98
N ASN H 302 25.58 83.29 7.78
CA ASN H 302 26.16 83.90 6.59
C ASN H 302 25.23 84.91 5.93
N ILE H 303 24.03 85.11 6.45
CA ILE H 303 23.04 86.00 5.85
C ILE H 303 22.65 87.06 6.88
N LYS H 304 22.50 88.30 6.42
CA LYS H 304 22.12 89.41 7.27
C LYS H 304 20.72 89.23 7.84
N TYR H 305 20.29 90.17 8.69
CA TYR H 305 19.02 90.07 9.39
C TYR H 305 17.83 90.53 8.56
N GLU H 306 17.98 90.60 7.24
CA GLU H 306 16.89 91.06 6.38
C GLU H 306 15.72 90.08 6.43
N SER H 307 14.52 90.63 6.62
CA SER H 307 13.29 89.84 6.69
C SER H 307 13.39 88.74 7.74
N LYS H 308 13.94 89.08 8.90
CA LYS H 308 14.11 88.13 9.99
C LYS H 308 13.62 88.74 11.28
N LYS H 309 13.12 87.88 12.17
CA LYS H 309 12.63 88.35 13.47
C LYS H 309 13.79 88.84 14.34
N ASP H 310 14.72 87.95 14.66
CA ASP H 310 15.90 88.27 15.44
C ASP H 310 17.15 87.73 14.76
N GLU H 311 17.24 87.98 13.45
CA GLU H 311 18.31 87.45 12.61
C GLU H 311 18.36 85.92 12.68
N PHE H 312 17.21 85.30 12.41
CA PHE H 312 17.02 83.85 12.30
C PHE H 312 17.19 83.12 13.63
N GLU H 313 17.47 83.84 14.72
CA GLU H 313 17.77 83.18 15.99
C GLU H 313 16.55 82.48 16.57
N LYS H 314 15.42 83.18 16.67
CA LYS H 314 14.25 82.60 17.31
C LYS H 314 13.64 81.50 16.46
N LYS H 315 13.61 81.69 15.14
CA LYS H 315 13.08 80.66 14.25
C LYS H 315 13.92 79.40 14.32
N TYR H 316 15.24 79.53 14.36
CA TYR H 316 16.10 78.37 14.48
C TYR H 316 15.90 77.65 15.80
N TYR H 317 15.88 78.40 16.92
CA TYR H 317 15.71 77.75 18.21
C TYR H 317 14.30 77.19 18.41
N ARG H 318 13.34 77.61 17.59
CA ARG H 318 12.02 76.99 17.67
C ARG H 318 11.96 75.74 16.80
N ASP H 319 12.44 75.84 15.56
CA ASP H 319 12.42 74.71 14.64
C ASP H 319 13.21 73.54 15.21
N GLN H 320 14.42 73.80 15.73
CA GLN H 320 15.26 72.71 16.22
C GLN H 320 14.61 72.01 17.42
N LEU H 321 13.99 72.78 18.33
CA LEU H 321 13.28 72.17 19.44
C LEU H 321 12.10 71.33 18.96
N ILE H 322 11.35 71.84 17.97
CA ILE H 322 10.25 71.06 17.40
C ILE H 322 10.78 69.75 16.83
N ASN H 323 11.90 69.82 16.10
CA ASN H 323 12.48 68.62 15.51
C ASN H 323 12.91 67.63 16.59
N TYR H 324 13.51 68.13 17.67
CA TYR H 324 13.96 67.25 18.75
C TYR H 324 12.78 66.52 19.38
N LEU H 325 11.71 67.27 19.69
CA LEU H 325 10.53 66.63 20.31
C LEU H 325 9.90 65.63 19.36
N GLY H 326 9.76 65.98 18.08
CA GLY H 326 9.20 65.04 17.13
C GLY H 326 10.02 63.78 16.97
N GLY H 327 11.35 63.93 16.90
CA GLY H 327 12.20 62.76 16.77
C GLY H 327 12.17 61.86 18.00
N TYR H 328 12.20 62.46 19.19
CA TYR H 328 12.16 61.65 20.40
C TYR H 328 10.80 60.95 20.54
N ARG H 329 9.73 61.63 20.13
CA ARG H 329 8.42 61.00 20.09
C ARG H 329 8.42 59.82 19.12
N SER H 330 9.06 59.99 17.96
CA SER H 330 9.16 58.89 17.00
C SER H 330 9.92 57.72 17.61
N TYR H 331 10.96 58.01 18.41
CA TYR H 331 11.75 56.94 19.01
C TYR H 331 10.96 56.21 20.10
N LEU H 332 10.04 56.91 20.77
CA LEU H 332 9.31 56.21 21.82
C LEU H 332 8.11 55.49 21.26
N ILE H 333 7.49 56.00 20.20
CA ILE H 333 6.42 55.22 19.60
C ILE H 333 7.00 54.07 18.77
N SER H 334 8.26 54.19 18.34
CA SER H 334 8.96 53.01 17.79
C SER H 334 9.12 51.94 18.85
N LEU H 335 9.46 52.36 20.08
CA LEU H 335 9.51 51.38 21.17
C LEU H 335 8.13 50.78 21.42
N VAL H 336 7.08 51.60 21.32
CA VAL H 336 5.71 51.10 21.51
C VAL H 336 5.37 50.07 20.44
N LYS H 337 5.71 50.35 19.18
CA LYS H 337 5.43 49.41 18.11
C LYS H 337 6.25 48.13 18.26
N PHE H 338 7.49 48.24 18.76
CA PHE H 338 8.27 47.06 19.06
C PHE H 338 7.59 46.21 20.13
N HIS H 339 7.05 46.86 21.16
CA HIS H 339 6.29 46.12 22.17
C HIS H 339 5.06 45.44 21.57
N SER H 340 4.35 46.15 20.69
CA SER H 340 3.18 45.57 20.06
C SER H 340 3.56 44.36 19.20
N GLU H 341 4.73 44.40 18.57
CA GLU H 341 5.15 43.31 17.71
C GLU H 341 5.65 42.10 18.51
N TYR H 342 6.33 42.34 19.64
CA TYR H 342 6.98 41.26 20.36
C TYR H 342 6.45 41.02 21.77
N LYS H 343 5.77 41.98 22.38
CA LYS H 343 5.21 41.83 23.73
C LYS H 343 6.29 41.48 24.75
N CYS H 344 7.30 42.33 24.83
CA CYS H 344 8.41 42.13 25.77
C CYS H 344 8.79 43.45 26.43
N VAL H 345 7.81 44.28 26.76
CA VAL H 345 8.03 45.55 27.43
C VAL H 345 7.10 45.63 28.64
N ASN H 346 7.64 46.11 29.76
CA ASN H 346 6.89 46.16 31.01
C ASN H 346 5.67 47.07 30.86
N SER H 347 4.56 46.65 31.47
CA SER H 347 3.31 47.42 31.38
C SER H 347 3.45 48.77 32.06
N ASP H 348 4.12 48.82 33.22
CA ASP H 348 4.31 50.10 33.90
C ASP H 348 5.13 51.05 33.04
N PHE H 349 6.17 50.54 32.39
CA PHE H 349 6.93 51.37 31.46
C PHE H 349 6.06 51.80 30.28
N ILE H 350 5.14 50.95 29.84
CA ILE H 350 4.26 51.31 28.74
C ILE H 350 3.36 52.48 29.13
N ILE H 351 2.76 52.43 30.31
CA ILE H 351 1.90 53.53 30.73
C ILE H 351 2.72 54.79 30.97
N GLN H 352 3.95 54.64 31.50
CA GLN H 352 4.80 55.80 31.71
C GLN H 352 5.15 56.48 30.39
N ILE H 353 5.49 55.69 29.36
CA ILE H 353 5.84 56.30 28.08
C ILE H 353 4.60 56.83 27.39
N ASN H 354 3.42 56.25 27.65
CA ASN H 354 2.19 56.84 27.14
C ASN H 354 1.97 58.23 27.74
N GLY H 355 2.17 58.37 29.05
CA GLY H 355 2.06 59.68 29.67
C GLY H 355 3.09 60.66 29.13
N ILE H 356 4.32 60.19 28.93
CA ILE H 356 5.37 61.06 28.39
C ILE H 356 5.02 61.50 26.97
N LEU H 357 4.47 60.58 26.17
CA LEU H 357 4.05 60.91 24.82
C LEU H 357 2.93 61.94 24.83
N ASN H 358 1.97 61.79 25.75
CA ASN H 358 0.91 62.79 25.86
C ASN H 358 1.46 64.16 26.23
N ASP H 359 2.40 64.20 27.17
CA ASP H 359 3.02 65.47 27.55
C ASP H 359 3.78 66.09 26.37
N ILE H 360 4.50 65.26 25.62
CA ILE H 360 5.25 65.76 24.47
C ILE H 360 4.31 66.31 23.41
N GLN H 361 3.20 65.61 23.15
CA GLN H 361 2.22 66.09 22.18
C GLN H 361 1.62 67.42 22.63
N ASN H 362 1.29 67.54 23.91
CA ASN H 362 0.75 68.80 24.41
C ASN H 362 1.77 69.93 24.26
N HIS H 363 3.03 69.66 24.58
CA HIS H 363 4.05 70.71 24.49
C HIS H 363 4.32 71.12 23.04
N ILE H 364 4.33 70.15 22.13
CA ILE H 364 4.58 70.49 20.73
C ILE H 364 3.39 71.24 20.14
N GLN H 365 2.17 70.88 20.54
CA GLN H 365 1.01 71.68 20.14
C GLN H 365 1.11 73.10 20.68
N LYS H 366 1.54 73.24 21.93
CA LYS H 366 1.68 74.57 22.53
C LYS H 366 2.69 75.41 21.76
N ILE H 367 3.86 74.83 21.45
CA ILE H 367 4.90 75.60 20.76
C ILE H 367 4.45 75.92 19.34
N LYS H 368 3.73 75.01 18.68
CA LYS H 368 3.26 75.27 17.33
C LYS H 368 2.21 76.38 17.32
N LYS H 369 1.30 76.38 18.29
CA LYS H 369 0.28 77.43 18.34
C LYS H 369 0.83 78.76 18.81
N ASN H 370 1.93 78.76 19.57
CA ASN H 370 2.54 80.02 19.97
C ASN H 370 3.19 80.74 18.79
N ARG H 371 3.62 80.00 17.78
CA ARG H 371 4.23 80.60 16.59
C ARG H 371 3.17 81.24 15.71
#